data_3MUU
#
_entry.id   3MUU
#
_cell.length_a   67.482
_cell.length_b   158.430
_cell.length_c   160.676
_cell.angle_alpha   60.42
_cell.angle_beta   89.80
_cell.angle_gamma   89.65
#
_symmetry.space_group_name_H-M   'P 1'
#
loop_
_entity.id
_entity.type
_entity.pdbx_description
1 polymer 'Structural polyprotein'
2 branched alpha-D-mannopyranose-(1-3)-beta-D-mannopyranose-(1-4)-2-acetamido-2-deoxy-beta-D-glucopyranose-(1-4)-2-acetamido-2-deoxy-beta-D-glucopyranose
3 branched alpha-D-mannopyranose-(1-3)-[alpha-D-mannopyranose-(1-6)]beta-D-mannopyranose-(1-4)-2-acetamido-2-deoxy-beta-D-glucopyranose-(1-4)-2-acetamido-2-deoxy-beta-D-glucopyranose
4 branched beta-D-mannopyranose-(1-4)-2-acetamido-2-deoxy-beta-D-glucopyranose-(1-4)-2-acetamido-2-deoxy-beta-D-glucopyranose
#
_entity_poly.entity_id   1
_entity_poly.type   'polypeptide(L)'
_entity_poly.pdbx_seq_one_letter_code
;SVIDDFTLTSPYLGTCSYCHHTVPCFSPVKIEQVWDEADDNTIRIQTSAQFGYDQSGAASANKYRY(MSE)SLKQDHTVK
EGT(MSE)DDIKISTSGPCRRLSYKGYFLLAKCPPGDSVTVSIVSSNSATSCTLARKIKPKFVGREKYDLPPVHGKKIPC
TVYDRLKETTAGYIT(MSE)HRPRPHAYTSYLEESSGKVYAKPPSGKNITYECKCGDYKTGTVSTRTEITGCTAIKQCVA
YKSDQTKWVFNSPDLIRHDDHTAQGKLHLPFKLIPSTC(MSE)VPVAHAPNVIHGFKHISLQLDTDHLTLLTTRRLGANP
EPTTEWIVGKTVRNFTVDRDGLEYIWGNHEPVRVYAQESAGGGSWSHPQFEKGGGGYEHATTVPNVPQIPYKALVERAGY
APLNLEITV(MSE)SSEVLPSTNQEYITCKFTTVVPSPKIKCCGSLECQPAAHAGYTCKVFGGVYPF(MSE)WGGAQCFC
DSENSQ(MSE)SEAYVELSADCASDHAQAIKVHTAA(MSE)KVGLRIVYGNTTSFLDVYVNGVTPGTSKDLKVIAGPISA
SFTPFDHKVVIHRGLVYNYDFPEYGA(MSE)KPGAFGDIQATSLTSKDLIASTDIRLLKPSAKNVHVPYTQASSGFE
(MSE)WKNNSGRPLQETAPFGCKIAVNPLRAVDCSYGNIPISIDIPNAAFIRTSDAPLVSTVKCEVSECTYSADFGG
(MSE)ATLQYVSDREGQCPVHSHSSTATLQESTVHVLEKGAVTVHFSTASPQANFIVSLCGKKTTCNAECKPPAHHHHHH
;
_entity_poly.pdbx_strand_id   A,B,C,D,E,F
#
loop_
_chem_comp.id
_chem_comp.type
_chem_comp.name
_chem_comp.formula
BMA D-saccharide, beta linking beta-D-mannopyranose 'C6 H12 O6'
MAN D-saccharide, alpha linking alpha-D-mannopyranose 'C6 H12 O6'
NAG D-saccharide, beta linking 2-acetamido-2-deoxy-beta-D-glucopyranose 'C8 H15 N O6'
#
# COMPACT_ATOMS: atom_id res chain seq x y z
N PHE A 6 46.23 -33.16 57.04
CA PHE A 6 46.82 -32.08 56.25
C PHE A 6 46.62 -32.34 54.76
N THR A 7 46.66 -31.28 53.95
CA THR A 7 46.39 -31.43 52.52
C THR A 7 47.65 -31.40 51.66
N LEU A 8 47.55 -32.02 50.49
CA LEU A 8 48.67 -32.11 49.56
C LEU A 8 48.29 -31.39 48.27
N THR A 9 47.05 -30.89 48.24
CA THR A 9 46.54 -30.20 47.05
C THR A 9 45.79 -28.92 47.47
N SER A 10 45.72 -27.95 46.58
CA SER A 10 45.14 -26.64 46.92
C SER A 10 43.96 -26.22 46.03
N PRO A 11 43.17 -25.23 46.50
CA PRO A 11 41.99 -24.75 45.75
C PRO A 11 42.39 -24.19 44.39
N TYR A 12 41.61 -24.48 43.35
CA TYR A 12 41.90 -23.97 42.01
C TYR A 12 40.83 -23.00 41.50
N LEU A 13 40.99 -22.52 40.27
CA LEU A 13 40.00 -21.65 39.64
C LEU A 13 39.37 -22.33 38.42
N GLY A 14 38.08 -22.10 38.21
CA GLY A 14 37.39 -22.76 37.11
C GLY A 14 36.37 -21.88 36.42
N THR A 15 36.21 -22.09 35.12
CA THR A 15 35.24 -21.34 34.34
C THR A 15 33.82 -21.63 34.81
N CYS A 16 33.06 -20.58 35.14
CA CYS A 16 31.66 -20.72 35.51
C CYS A 16 30.79 -19.96 34.50
N SER A 17 29.49 -20.23 34.50
CA SER A 17 28.60 -19.60 33.54
C SER A 17 27.73 -18.49 34.11
N TYR A 18 27.68 -18.39 35.43
CA TYR A 18 26.92 -17.35 36.09
C TYR A 18 27.61 -16.96 37.40
N CYS A 19 28.05 -15.71 37.52
CA CYS A 19 28.84 -15.28 38.67
C CYS A 19 28.43 -13.93 39.28
N HIS A 20 27.32 -13.92 40.04
CA HIS A 20 26.84 -12.70 40.67
C HIS A 20 26.38 -11.68 39.63
N HIS A 21 26.97 -11.79 38.44
CA HIS A 21 26.48 -11.11 37.27
C HIS A 21 26.26 -12.22 36.25
N THR A 22 25.11 -12.20 35.60
CA THR A 22 24.75 -13.29 34.71
C THR A 22 25.86 -13.70 33.72
N VAL A 23 26.90 -12.88 33.61
CA VAL A 23 28.01 -13.14 32.68
C VAL A 23 28.92 -14.25 33.20
N PRO A 24 29.28 -15.21 32.32
CA PRO A 24 30.22 -16.30 32.63
C PRO A 24 31.59 -15.77 33.05
N CYS A 25 32.18 -16.36 34.09
CA CYS A 25 33.43 -15.84 34.62
C CYS A 25 34.45 -16.93 34.79
N PHE A 26 35.44 -16.65 35.62
CA PHE A 26 36.57 -17.55 35.80
C PHE A 26 36.90 -17.52 37.28
N SER A 27 35.92 -17.90 38.11
CA SER A 27 36.04 -17.72 39.56
C SER A 27 36.38 -19.00 40.33
N PRO A 28 36.75 -18.85 41.61
CA PRO A 28 36.87 -20.03 42.48
C PRO A 28 35.45 -20.50 42.75
N VAL A 29 35.28 -21.46 43.65
CA VAL A 29 33.94 -21.93 43.98
C VAL A 29 33.23 -22.43 42.71
N LYS A 30 34.01 -22.85 41.73
CA LYS A 30 33.45 -23.37 40.49
C LYS A 30 32.77 -24.69 40.77
N ILE A 31 31.52 -24.81 40.38
CA ILE A 31 30.79 -26.05 40.59
C ILE A 31 31.06 -27.03 39.44
N GLU A 32 31.61 -28.19 39.77
CA GLU A 32 32.01 -29.16 38.77
C GLU A 32 30.95 -30.25 38.57
N GLN A 33 30.45 -30.77 39.69
CA GLN A 33 29.34 -31.74 39.67
C GLN A 33 28.45 -31.56 40.88
N VAL A 34 27.36 -32.31 40.90
CA VAL A 34 26.44 -32.30 42.02
C VAL A 34 25.71 -33.65 42.07
N TRP A 35 25.37 -34.10 43.27
CA TRP A 35 24.66 -35.37 43.41
C TRP A 35 23.28 -35.23 44.08
N ASP A 36 22.28 -35.75 43.38
CA ASP A 36 20.89 -35.64 43.78
C ASP A 36 20.31 -37.03 43.67
N GLU A 37 20.69 -37.90 44.60
CA GLU A 37 20.34 -39.31 44.50
C GLU A 37 19.76 -39.86 45.80
N ALA A 38 19.98 -39.15 46.90
CA ALA A 38 19.47 -39.58 48.18
C ALA A 38 17.93 -39.67 48.16
N ASP A 39 17.38 -40.52 49.01
CA ASP A 39 15.93 -40.55 49.24
C ASP A 39 15.65 -39.35 50.13
N ASP A 40 16.63 -39.06 50.99
CA ASP A 40 16.61 -37.86 51.79
C ASP A 40 16.64 -36.65 50.86
N ASN A 41 16.24 -35.50 51.38
CA ASN A 41 16.25 -34.28 50.58
C ASN A 41 17.61 -33.58 50.59
N THR A 42 18.69 -34.35 50.59
CA THR A 42 20.04 -33.80 50.73
C THR A 42 20.82 -33.73 49.40
N ILE A 43 21.84 -32.89 49.38
CA ILE A 43 22.63 -32.62 48.17
C ILE A 43 24.14 -32.70 48.42
N ARG A 44 24.87 -33.27 47.46
CA ARG A 44 26.32 -33.24 47.51
C ARG A 44 26.87 -32.35 46.39
N ILE A 45 27.67 -31.36 46.79
CA ILE A 45 28.22 -30.36 45.87
C ILE A 45 29.73 -30.47 45.74
N GLN A 46 30.24 -30.39 44.52
CA GLN A 46 31.68 -30.46 44.32
C GLN A 46 32.23 -29.14 43.78
N THR A 47 32.86 -28.37 44.66
CA THR A 47 33.39 -27.06 44.29
C THR A 47 34.89 -27.09 44.04
N SER A 48 35.45 -25.91 43.77
CA SER A 48 36.86 -25.78 43.45
C SER A 48 37.65 -25.26 44.64
N ALA A 49 36.94 -24.86 45.70
CA ALA A 49 37.58 -24.30 46.88
C ALA A 49 37.75 -25.33 48.00
N GLN A 50 38.81 -25.18 48.79
CA GLN A 50 39.06 -26.06 49.91
C GLN A 50 38.53 -25.51 51.23
N PHE A 51 37.97 -26.40 52.05
CA PHE A 51 37.42 -26.05 53.35
C PHE A 51 38.16 -26.83 54.44
N GLY A 52 38.17 -26.31 55.66
CA GLY A 52 38.79 -26.99 56.79
C GLY A 52 40.26 -26.67 56.98
N TYR A 53 40.78 -25.78 56.14
CA TYR A 53 42.19 -25.42 56.16
C TYR A 53 42.39 -23.92 56.03
N ASP A 54 43.48 -23.41 56.61
CA ASP A 54 43.77 -21.97 56.57
C ASP A 54 44.64 -21.55 55.38
N GLN A 55 45.87 -21.12 55.66
CA GLN A 55 46.80 -20.79 54.60
C GLN A 55 47.42 -22.08 54.05
N SER A 56 47.86 -22.93 54.97
CA SER A 56 48.34 -24.28 54.64
C SER A 56 47.23 -25.30 54.86
N GLY A 57 47.54 -26.56 54.53
CA GLY A 57 46.57 -27.63 54.71
C GLY A 57 46.47 -28.07 56.16
N ALA A 58 45.87 -27.22 56.99
CA ALA A 58 45.92 -27.45 58.42
C ALA A 58 44.60 -27.96 58.98
N ALA A 59 44.36 -27.72 60.26
CA ALA A 59 43.16 -28.29 60.88
C ALA A 59 42.31 -27.19 61.47
N SER A 60 41.76 -26.36 60.58
CA SER A 60 40.87 -25.32 61.00
C SER A 60 39.42 -25.75 60.77
N ALA A 61 38.79 -26.15 61.86
CA ALA A 61 37.40 -26.60 61.83
C ALA A 61 36.51 -25.59 61.13
N ASN A 62 36.86 -24.31 61.21
CA ASN A 62 36.00 -23.27 60.67
C ASN A 62 36.76 -22.28 59.76
N LYS A 63 37.49 -22.83 58.80
CA LYS A 63 38.24 -22.02 57.85
C LYS A 63 38.31 -22.68 56.48
N TYR A 64 38.30 -21.87 55.44
CA TYR A 64 38.44 -22.35 54.07
C TYR A 64 39.54 -21.57 53.39
N ARG A 65 39.93 -22.02 52.21
CA ARG A 65 40.88 -21.26 51.41
C ARG A 65 40.54 -21.40 49.93
N TYR A 66 41.04 -20.47 49.12
CA TYR A 66 40.64 -20.37 47.74
C TYR A 66 41.72 -19.63 46.94
N MSE A 67 41.61 -19.68 45.62
CA MSE A 67 42.50 -18.87 44.79
C MSE A 67 42.13 -17.41 44.92
O MSE A 67 41.17 -17.07 45.61
CB MSE A 67 42.42 -19.31 43.33
CG MSE A 67 43.07 -20.64 43.06
SE MSE A 67 44.95 -20.45 42.68
CE MSE A 67 44.89 -20.62 40.76
N SER A 68 42.89 -16.53 44.27
CA SER A 68 42.67 -15.11 44.45
C SER A 68 41.69 -14.53 43.45
N LEU A 69 41.30 -13.29 43.68
CA LEU A 69 40.40 -12.57 42.78
C LEU A 69 41.17 -12.40 41.50
N LYS A 70 42.48 -12.20 41.65
CA LYS A 70 43.36 -12.06 40.50
C LYS A 70 43.84 -13.45 40.03
N GLN A 71 45.15 -13.70 40.06
CA GLN A 71 45.66 -15.03 39.67
C GLN A 71 47.09 -15.24 40.17
N ASP A 72 47.48 -14.44 41.16
CA ASP A 72 48.87 -14.42 41.62
C ASP A 72 49.26 -15.70 42.35
N HIS A 73 48.41 -16.70 42.27
CA HIS A 73 48.60 -17.94 43.02
C HIS A 73 48.50 -17.62 44.51
N THR A 74 48.03 -16.41 44.81
CA THR A 74 47.79 -16.02 46.18
C THR A 74 46.62 -16.83 46.71
N VAL A 75 46.90 -17.82 47.56
CA VAL A 75 45.86 -18.63 48.15
C VAL A 75 45.44 -18.05 49.51
N LYS A 76 44.71 -16.95 49.47
CA LYS A 76 44.26 -16.31 50.70
C LYS A 76 43.11 -17.09 51.33
N GLU A 77 42.83 -16.81 52.59
CA GLU A 77 41.91 -17.60 53.38
C GLU A 77 40.81 -16.75 53.98
N GLY A 78 39.71 -17.40 54.35
CA GLY A 78 38.64 -16.77 55.10
C GLY A 78 38.12 -17.68 56.19
N THR A 79 37.01 -17.29 56.80
CA THR A 79 36.37 -18.10 57.81
C THR A 79 35.18 -18.84 57.20
N MSE A 80 35.15 -20.16 57.44
CA MSE A 80 34.06 -21.01 56.97
C MSE A 80 32.71 -20.46 57.41
O MSE A 80 31.66 -21.06 57.17
CB MSE A 80 34.21 -22.42 57.54
CG MSE A 80 35.17 -23.29 56.78
SE MSE A 80 34.36 -23.89 55.14
CE MSE A 80 32.58 -23.16 55.33
N ASP A 81 32.77 -19.31 58.04
CA ASP A 81 31.61 -18.65 58.60
C ASP A 81 30.82 -17.92 57.51
N ASP A 82 31.51 -17.43 56.49
CA ASP A 82 30.89 -16.56 55.50
C ASP A 82 30.63 -17.24 54.15
N ILE A 83 30.61 -18.57 54.15
CA ILE A 83 30.29 -19.32 52.94
C ILE A 83 28.89 -19.91 53.03
N LYS A 84 28.03 -19.49 52.11
CA LYS A 84 26.64 -19.91 52.17
C LYS A 84 26.18 -20.47 50.84
N ILE A 85 25.34 -21.50 50.92
CA ILE A 85 24.77 -22.11 49.73
C ILE A 85 23.34 -21.61 49.50
N SER A 86 22.88 -21.70 48.27
CA SER A 86 21.51 -21.34 47.95
C SER A 86 21.14 -21.96 46.62
N THR A 87 19.86 -22.28 46.46
CA THR A 87 19.36 -22.75 45.17
C THR A 87 18.31 -21.77 44.66
N SER A 88 17.14 -21.76 45.30
CA SER A 88 16.15 -20.73 45.06
C SER A 88 15.68 -20.19 46.40
N GLY A 89 16.46 -20.47 47.44
CA GLY A 89 16.15 -19.98 48.76
C GLY A 89 17.33 -20.20 49.69
N PRO A 90 17.07 -20.24 51.00
CA PRO A 90 18.18 -20.51 51.91
C PRO A 90 18.69 -21.93 51.67
N CYS A 91 19.89 -22.24 52.16
CA CYS A 91 20.38 -23.61 52.19
C CYS A 91 21.27 -23.72 53.40
N ARG A 92 21.05 -24.75 54.20
CA ARG A 92 21.90 -24.94 55.37
C ARG A 92 22.83 -26.12 55.14
N ARG A 93 24.16 -25.85 55.18
CA ARG A 93 25.18 -26.92 55.07
C ARG A 93 25.06 -27.87 56.23
N LEU A 94 25.75 -28.99 56.08
CA LEU A 94 25.89 -29.90 57.19
C LEU A 94 27.35 -30.25 57.43
N SER A 95 28.06 -30.56 56.34
CA SER A 95 29.44 -30.98 56.45
C SER A 95 30.34 -30.35 55.38
N TYR A 96 31.61 -30.17 55.72
CA TYR A 96 32.62 -29.71 54.79
C TYR A 96 33.62 -30.84 54.56
N LYS A 97 33.90 -31.15 53.30
CA LYS A 97 34.87 -32.20 53.01
C LYS A 97 35.93 -31.72 52.03
N GLY A 98 36.73 -30.75 52.44
CA GLY A 98 37.79 -30.25 51.58
C GLY A 98 37.24 -29.53 50.36
N TYR A 99 37.04 -30.26 49.27
CA TYR A 99 36.49 -29.69 48.05
C TYR A 99 34.98 -29.79 47.98
N PHE A 100 34.39 -30.55 48.91
CA PHE A 100 32.99 -30.92 48.83
C PHE A 100 32.10 -30.21 49.84
N LEU A 101 30.87 -29.94 49.43
CA LEU A 101 29.82 -29.43 50.31
C LEU A 101 28.68 -30.43 50.39
N LEU A 102 27.85 -30.28 51.42
CA LEU A 102 26.69 -31.15 51.54
C LEU A 102 25.63 -30.40 52.34
N ALA A 103 24.52 -30.12 51.68
CA ALA A 103 23.46 -29.31 52.28
C ALA A 103 22.08 -29.84 51.93
N LYS A 104 21.08 -29.30 52.60
CA LYS A 104 19.69 -29.55 52.28
C LYS A 104 19.15 -28.26 51.67
N CYS A 105 18.68 -28.37 50.44
CA CYS A 105 18.19 -27.21 49.71
C CYS A 105 16.76 -27.43 49.26
N PRO A 106 16.05 -26.34 48.95
CA PRO A 106 14.61 -26.39 48.72
C PRO A 106 14.14 -26.76 47.31
N PRO A 107 14.00 -25.78 46.40
CA PRO A 107 13.26 -26.09 45.18
C PRO A 107 14.07 -27.01 44.28
N GLY A 108 14.98 -26.40 43.51
CA GLY A 108 15.89 -27.14 42.65
C GLY A 108 15.90 -26.72 41.20
N ASP A 109 16.05 -25.42 40.94
CA ASP A 109 16.22 -24.95 39.56
C ASP A 109 17.69 -24.78 39.17
N SER A 110 18.48 -24.19 40.05
CA SER A 110 19.93 -24.14 39.88
C SER A 110 20.60 -24.23 41.24
N VAL A 111 21.92 -24.19 41.26
CA VAL A 111 22.64 -24.25 42.53
C VAL A 111 23.71 -23.17 42.55
N THR A 112 23.75 -22.41 43.64
CA THR A 112 24.64 -21.27 43.73
C THR A 112 25.49 -21.30 44.98
N VAL A 113 26.79 -21.47 44.81
CA VAL A 113 27.70 -21.42 45.94
C VAL A 113 28.48 -20.11 45.90
N SER A 114 28.47 -19.37 47.01
CA SER A 114 29.07 -18.05 47.03
C SER A 114 29.72 -17.68 48.35
N ILE A 115 30.58 -16.68 48.29
CA ILE A 115 31.21 -16.15 49.49
C ILE A 115 30.74 -14.72 49.69
N VAL A 116 30.19 -14.42 50.87
CA VAL A 116 29.72 -13.08 51.18
C VAL A 116 30.57 -12.43 52.29
N SER A 117 31.88 -12.45 52.10
CA SER A 117 32.82 -11.98 53.12
C SER A 117 32.74 -10.48 53.36
N SER A 118 33.86 -9.77 53.18
CA SER A 118 33.94 -8.33 53.45
C SER A 118 33.62 -7.46 52.22
N ASN A 119 32.39 -7.58 51.73
CA ASN A 119 31.92 -6.79 50.56
C ASN A 119 32.23 -7.41 49.19
N SER A 120 33.38 -8.08 49.08
CA SER A 120 33.74 -8.82 47.87
C SER A 120 32.89 -10.08 47.73
N ALA A 121 32.11 -10.17 46.66
CA ALA A 121 31.15 -11.25 46.50
C ALA A 121 31.34 -12.03 45.20
N THR A 122 32.00 -13.18 45.31
CA THR A 122 32.09 -14.09 44.18
C THR A 122 31.09 -15.24 44.39
N SER A 123 30.46 -15.69 43.30
CA SER A 123 29.50 -16.79 43.39
C SER A 123 29.39 -17.51 42.05
N CYS A 124 29.71 -18.79 42.02
CA CYS A 124 29.40 -19.60 40.85
C CYS A 124 28.05 -20.25 41.06
N THR A 125 27.30 -20.42 39.98
CA THR A 125 26.03 -21.14 40.06
C THR A 125 25.87 -22.09 38.88
N LEU A 126 25.19 -23.21 39.12
CA LEU A 126 25.11 -24.26 38.12
C LEU A 126 23.66 -24.55 37.71
N ALA A 127 23.50 -24.93 36.46
CA ALA A 127 22.19 -25.15 35.90
C ALA A 127 21.74 -26.58 36.10
N ARG A 128 21.66 -27.01 37.34
CA ARG A 128 21.15 -28.35 37.62
C ARG A 128 19.77 -28.31 38.25
N LYS A 129 18.97 -29.34 38.01
CA LYS A 129 17.59 -29.36 38.46
C LYS A 129 17.38 -30.37 39.59
N ILE A 130 17.07 -29.86 40.78
CA ILE A 130 16.72 -30.70 41.92
C ILE A 130 15.21 -30.84 42.01
N LYS A 131 14.76 -32.00 42.44
CA LYS A 131 13.32 -32.25 42.53
C LYS A 131 12.91 -32.53 43.96
N PRO A 132 11.66 -32.19 44.30
CA PRO A 132 11.16 -32.47 45.64
C PRO A 132 11.16 -33.98 45.90
N LYS A 133 11.92 -34.41 46.90
CA LYS A 133 12.01 -35.83 47.21
C LYS A 133 11.31 -36.17 48.51
N PHE A 134 10.32 -37.06 48.43
CA PHE A 134 9.77 -37.67 49.64
C PHE A 134 9.67 -39.18 49.45
N VAL A 135 10.21 -39.89 50.43
CA VAL A 135 10.36 -41.34 50.33
C VAL A 135 9.06 -42.11 50.55
N GLY A 136 8.33 -41.80 51.61
CA GLY A 136 7.14 -42.59 51.96
C GLY A 136 6.11 -42.77 50.88
N ARG A 137 4.99 -43.39 51.23
CA ARG A 137 3.79 -43.34 50.40
C ARG A 137 2.95 -42.16 50.87
N GLU A 138 3.54 -41.35 51.74
CA GLU A 138 2.89 -40.14 52.22
C GLU A 138 3.76 -38.92 51.98
N LYS A 139 3.16 -37.95 51.29
CA LYS A 139 3.80 -36.70 50.92
C LYS A 139 4.09 -35.84 52.15
N TYR A 140 5.34 -35.43 52.30
CA TYR A 140 5.73 -34.55 53.37
C TYR A 140 6.80 -33.57 52.89
N ASP A 141 6.90 -32.43 53.57
CA ASP A 141 7.85 -31.40 53.17
C ASP A 141 8.87 -31.28 54.28
N LEU A 142 8.63 -32.02 55.35
CA LEU A 142 9.52 -32.06 56.50
C LEU A 142 9.30 -33.34 57.27
N PRO A 143 10.40 -34.00 57.68
CA PRO A 143 10.29 -35.21 58.49
C PRO A 143 9.51 -34.88 59.75
N PRO A 144 8.48 -35.69 60.06
CA PRO A 144 7.67 -35.43 61.25
C PRO A 144 8.41 -35.70 62.56
N VAL A 145 8.07 -34.95 63.61
CA VAL A 145 8.55 -35.24 64.96
C VAL A 145 7.98 -36.60 65.32
N HIS A 146 6.91 -36.93 64.62
CA HIS A 146 6.08 -38.09 64.89
C HIS A 146 6.44 -39.20 63.91
N GLY A 147 5.52 -40.13 63.69
CA GLY A 147 5.61 -41.05 62.57
C GLY A 147 6.65 -42.15 62.60
N LYS A 148 6.66 -42.90 61.50
CA LYS A 148 7.32 -44.20 61.36
C LYS A 148 8.78 -44.09 60.95
N LYS A 149 9.54 -45.16 61.17
CA LYS A 149 10.89 -45.27 60.60
C LYS A 149 10.90 -46.23 59.40
N ILE A 150 11.51 -45.79 58.31
CA ILE A 150 11.47 -46.54 57.06
C ILE A 150 12.87 -46.73 56.46
N PRO A 151 13.05 -47.81 55.68
CA PRO A 151 14.32 -47.97 54.97
C PRO A 151 14.46 -46.86 53.97
N CYS A 152 15.61 -46.21 53.97
CA CYS A 152 15.94 -45.19 52.97
C CYS A 152 17.47 -45.10 52.86
N THR A 153 17.95 -44.44 51.82
CA THR A 153 19.38 -44.17 51.74
C THR A 153 19.62 -42.67 51.86
N VAL A 154 20.83 -42.29 52.26
CA VAL A 154 21.16 -40.88 52.48
C VAL A 154 22.68 -40.67 52.56
N TYR A 155 23.13 -39.43 52.42
CA TYR A 155 24.56 -39.13 52.45
C TYR A 155 25.10 -39.11 53.87
N ASP A 156 26.32 -39.61 54.03
CA ASP A 156 27.00 -39.63 55.32
C ASP A 156 27.30 -38.23 55.83
N ARG A 157 27.77 -38.13 57.08
CA ARG A 157 28.14 -36.85 57.65
C ARG A 157 29.38 -37.00 58.52
N LEU A 255 38.55 -40.66 42.42
CA LEU A 255 38.33 -41.79 43.32
C LEU A 255 37.45 -41.43 44.55
N HIS A 256 37.50 -42.28 45.57
CA HIS A 256 36.67 -42.17 46.78
C HIS A 256 37.13 -41.12 47.80
N LEU A 257 36.48 -39.95 47.76
CA LEU A 257 36.67 -38.91 48.76
C LEU A 257 35.37 -38.15 49.16
N PRO A 258 34.22 -38.50 48.57
CA PRO A 258 33.06 -37.67 48.89
C PRO A 258 32.38 -38.08 50.20
N PHE A 259 31.13 -37.68 50.37
CA PHE A 259 30.26 -38.20 51.44
C PHE A 259 29.46 -39.39 50.91
N LYS A 260 29.87 -40.60 51.29
CA LYS A 260 29.31 -41.82 50.69
C LYS A 260 27.80 -41.97 50.91
N LEU A 261 27.19 -42.85 50.12
CA LEU A 261 25.74 -43.04 50.19
C LEU A 261 25.38 -44.32 50.93
N ILE A 262 25.05 -44.18 52.21
CA ILE A 262 24.71 -45.33 53.04
C ILE A 262 23.20 -45.51 53.15
N PRO A 263 22.72 -46.78 53.19
CA PRO A 263 21.31 -47.02 53.50
C PRO A 263 21.08 -46.83 55.00
N SER A 264 19.93 -46.28 55.37
CA SER A 264 19.58 -46.13 56.78
C SER A 264 18.07 -45.96 56.98
N THR A 265 17.70 -45.13 57.96
CA THR A 265 16.29 -45.00 58.29
C THR A 265 15.80 -43.56 58.19
N CYS A 266 14.66 -43.39 57.51
CA CYS A 266 14.02 -42.09 57.40
C CYS A 266 12.63 -42.11 57.99
N MSE A 267 12.23 -40.98 58.58
CA MSE A 267 10.94 -40.88 59.23
C MSE A 267 9.85 -40.35 58.29
O MSE A 267 9.86 -39.18 57.91
CB MSE A 267 11.06 -39.96 60.45
CG MSE A 267 10.48 -40.57 61.72
SE MSE A 267 11.05 -39.54 63.27
CE MSE A 267 10.20 -40.59 64.66
N VAL A 268 8.93 -41.24 57.94
CA VAL A 268 7.77 -40.85 57.15
C VAL A 268 6.60 -40.65 58.11
N PRO A 269 5.63 -39.81 57.72
CA PRO A 269 4.45 -39.67 58.57
C PRO A 269 3.52 -40.85 58.38
N VAL A 270 2.64 -41.09 59.34
CA VAL A 270 1.64 -42.14 59.18
C VAL A 270 0.26 -41.51 59.10
N ALA A 271 -0.55 -41.99 58.18
CA ALA A 271 -1.80 -41.33 57.83
C ALA A 271 -2.89 -41.54 58.87
N HIS A 272 -3.91 -40.69 58.85
CA HIS A 272 -5.02 -40.77 59.79
C HIS A 272 -5.93 -41.97 59.51
N ALA A 273 -5.72 -43.05 60.26
CA ALA A 273 -6.49 -44.28 60.08
C ALA A 273 -7.87 -44.04 59.49
N PRO A 274 -8.15 -44.66 58.34
CA PRO A 274 -9.45 -44.53 57.70
C PRO A 274 -10.54 -45.11 58.57
N ASN A 275 -11.61 -44.36 58.80
CA ASN A 275 -12.78 -44.92 59.44
C ASN A 275 -13.51 -45.87 58.47
N VAL A 276 -13.36 -47.18 58.71
CA VAL A 276 -13.83 -48.19 57.79
C VAL A 276 -15.22 -48.68 58.14
N ILE A 277 -15.95 -49.10 57.11
CA ILE A 277 -17.31 -49.58 57.32
C ILE A 277 -17.57 -50.82 56.51
N HIS A 278 -17.73 -51.94 57.20
CA HIS A 278 -17.95 -53.22 56.54
C HIS A 278 -19.42 -53.35 56.24
N GLY A 279 -19.73 -54.04 55.14
CA GLY A 279 -21.11 -54.21 54.72
C GLY A 279 -21.27 -55.49 53.95
N PHE A 280 -22.34 -55.60 53.17
CA PHE A 280 -22.55 -56.78 52.36
C PHE A 280 -21.57 -56.81 51.21
N LYS A 281 -20.55 -57.66 51.32
CA LYS A 281 -19.50 -57.75 50.30
C LYS A 281 -19.00 -56.35 49.96
N HIS A 282 -18.72 -55.57 50.99
CA HIS A 282 -18.63 -54.13 50.87
C HIS A 282 -17.61 -53.54 51.83
N ILE A 283 -16.81 -52.59 51.36
CA ILE A 283 -15.99 -51.79 52.28
C ILE A 283 -15.90 -50.34 51.83
N SER A 284 -16.68 -49.47 52.45
CA SER A 284 -16.48 -48.05 52.23
C SER A 284 -15.34 -47.59 53.12
N LEU A 285 -14.46 -46.76 52.57
CA LEU A 285 -13.30 -46.32 53.32
C LEU A 285 -13.28 -44.81 53.47
N GLN A 286 -13.90 -44.32 54.54
CA GLN A 286 -13.92 -42.90 54.80
C GLN A 286 -12.52 -42.39 55.15
N LEU A 287 -11.99 -41.51 54.31
CA LEU A 287 -10.60 -41.09 54.42
C LEU A 287 -10.52 -39.59 54.63
N ASP A 288 -9.50 -39.14 55.36
CA ASP A 288 -9.40 -37.73 55.72
C ASP A 288 -7.97 -37.34 55.95
N THR A 289 -7.23 -37.06 54.89
CA THR A 289 -5.82 -36.72 55.07
C THR A 289 -5.44 -35.29 54.81
N ASP A 290 -4.75 -34.76 55.79
CA ASP A 290 -4.04 -33.51 55.70
C ASP A 290 -3.20 -33.39 54.42
N HIS A 291 -2.75 -34.52 53.88
CA HIS A 291 -1.75 -34.51 52.80
C HIS A 291 -2.01 -35.57 51.74
N LEU A 292 -1.05 -35.74 50.86
CA LEU A 292 -1.18 -36.71 49.77
C LEU A 292 -0.75 -38.11 50.20
N THR A 293 -1.73 -39.00 50.35
CA THR A 293 -1.45 -40.37 50.69
C THR A 293 -1.86 -41.32 49.57
N LEU A 294 -1.04 -42.35 49.39
CA LEU A 294 -1.30 -43.37 48.40
C LEU A 294 -2.22 -44.45 48.97
N LEU A 295 -3.22 -44.87 48.19
CA LEU A 295 -4.11 -45.93 48.64
C LEU A 295 -4.10 -47.06 47.63
N THR A 296 -3.52 -48.18 48.01
CA THR A 296 -3.48 -49.34 47.14
C THR A 296 -4.47 -50.41 47.53
N THR A 297 -4.88 -51.22 46.56
CA THR A 297 -5.72 -52.37 46.85
C THR A 297 -5.42 -53.48 45.87
N ARG A 298 -5.97 -54.66 46.15
CA ARG A 298 -5.88 -55.82 45.28
C ARG A 298 -6.76 -56.88 45.90
N ARG A 299 -7.40 -57.69 45.07
CA ARG A 299 -8.19 -58.80 45.58
C ARG A 299 -7.26 -59.94 45.96
N LEU A 300 -7.70 -60.81 46.86
CA LEU A 300 -6.85 -61.91 47.27
C LEU A 300 -7.19 -63.14 46.44
N GLY A 301 -8.18 -62.98 45.57
CA GLY A 301 -8.61 -64.04 44.68
C GLY A 301 -7.70 -64.15 43.48
N ALA A 302 -8.14 -64.89 42.47
CA ALA A 302 -7.33 -65.16 41.29
C ALA A 302 -7.08 -63.92 40.47
N ASN A 303 -8.16 -63.18 40.22
CA ASN A 303 -8.09 -61.93 39.49
C ASN A 303 -8.20 -60.78 40.48
N PRO A 304 -7.07 -60.08 40.75
CA PRO A 304 -6.94 -59.07 41.79
C PRO A 304 -7.35 -57.65 41.40
N GLU A 305 -7.37 -57.36 40.11
CA GLU A 305 -7.75 -56.04 39.62
C GLU A 305 -7.17 -54.93 40.50
N PRO A 306 -5.85 -54.91 40.63
CA PRO A 306 -5.14 -53.97 41.52
C PRO A 306 -5.55 -52.55 41.21
N THR A 307 -5.51 -51.68 42.22
CA THR A 307 -6.00 -50.32 42.07
C THR A 307 -5.31 -49.30 42.95
N THR A 308 -4.37 -48.57 42.36
CA THR A 308 -3.67 -47.52 43.07
C THR A 308 -4.30 -46.15 42.77
N GLU A 309 -4.18 -45.24 43.73
CA GLU A 309 -4.65 -43.85 43.66
C GLU A 309 -4.02 -43.06 44.79
N TRP A 310 -3.72 -41.78 44.56
CA TRP A 310 -3.29 -40.90 45.63
C TRP A 310 -4.48 -40.04 46.02
N ILE A 311 -4.77 -39.96 47.32
CA ILE A 311 -5.91 -39.18 47.78
C ILE A 311 -5.49 -38.00 48.65
N VAL A 312 -6.33 -36.96 48.69
CA VAL A 312 -6.15 -35.83 49.60
C VAL A 312 -7.46 -35.35 50.15
N GLY A 313 -7.40 -34.79 51.35
CA GLY A 313 -8.59 -34.24 51.97
C GLY A 313 -9.58 -35.33 52.30
N LYS A 314 -10.84 -35.14 51.92
CA LYS A 314 -11.90 -36.00 52.41
C LYS A 314 -12.67 -36.64 51.29
N THR A 315 -12.63 -37.96 51.24
CA THR A 315 -13.55 -38.68 50.38
C THR A 315 -13.92 -40.02 50.98
N VAL A 316 -14.73 -40.75 50.21
CA VAL A 316 -15.12 -42.10 50.54
C VAL A 316 -14.66 -42.97 49.38
N ARG A 317 -14.42 -44.25 49.67
CA ARG A 317 -13.95 -45.13 48.64
C ARG A 317 -14.44 -46.54 48.88
N ASN A 318 -15.55 -46.91 48.26
CA ASN A 318 -16.05 -48.26 48.41
C ASN A 318 -15.18 -49.23 47.60
N PHE A 319 -15.20 -50.51 48.00
CA PHE A 319 -14.58 -51.61 47.26
C PHE A 319 -15.41 -52.85 47.47
N THR A 320 -15.56 -53.62 46.40
CA THR A 320 -16.29 -54.87 46.47
C THR A 320 -15.48 -55.78 47.37
N VAL A 321 -16.09 -56.85 47.87
CA VAL A 321 -15.31 -57.89 48.54
C VAL A 321 -15.67 -59.26 48.01
N ASP A 322 -14.82 -59.76 47.11
CA ASP A 322 -15.18 -60.85 46.22
C ASP A 322 -15.35 -62.18 46.91
N ARG A 323 -15.61 -62.18 48.21
CA ARG A 323 -15.70 -63.43 48.96
C ARG A 323 -14.32 -63.95 49.38
N ASP A 324 -13.30 -63.63 48.58
CA ASP A 324 -11.93 -63.99 48.92
C ASP A 324 -11.28 -62.87 49.71
N GLY A 325 -12.06 -61.82 49.97
CA GLY A 325 -11.54 -60.65 50.66
C GLY A 325 -10.65 -59.81 49.77
N LEU A 326 -9.81 -58.98 50.39
CA LEU A 326 -8.93 -58.09 49.65
C LEU A 326 -8.02 -57.27 50.57
N GLU A 327 -6.80 -57.04 50.09
CA GLU A 327 -5.83 -56.31 50.87
C GLU A 327 -5.93 -54.85 50.50
N TYR A 328 -5.73 -53.98 51.47
CA TYR A 328 -5.55 -52.56 51.17
C TYR A 328 -4.44 -51.94 52.00
N ILE A 329 -3.45 -51.39 51.32
CA ILE A 329 -2.46 -50.56 51.98
C ILE A 329 -2.96 -49.13 51.90
N TRP A 330 -2.76 -48.35 52.96
CA TRP A 330 -3.18 -46.96 52.90
C TRP A 330 -2.16 -46.00 53.49
N GLY A 331 -1.18 -45.64 52.66
CA GLY A 331 -0.27 -44.57 52.99
C GLY A 331 0.78 -45.00 53.98
N ASN A 332 1.67 -45.87 53.54
CA ASN A 332 2.67 -46.46 54.44
C ASN A 332 2.13 -46.74 55.86
N HIS A 333 0.86 -47.14 55.91
CA HIS A 333 0.36 -47.91 57.02
C HIS A 333 0.83 -49.32 56.74
N GLU A 334 0.47 -50.26 57.60
CA GLU A 334 0.68 -51.67 57.29
C GLU A 334 -0.58 -52.22 56.61
N PRO A 335 -0.39 -53.23 55.78
CA PRO A 335 -1.36 -53.60 54.74
C PRO A 335 -2.52 -54.44 55.22
N VAL A 336 -3.46 -53.88 55.98
CA VAL A 336 -4.65 -54.64 56.40
C VAL A 336 -5.42 -55.25 55.24
N ARG A 337 -6.06 -56.39 55.50
CA ARG A 337 -6.94 -56.99 54.51
C ARG A 337 -8.24 -57.44 55.14
N VAL A 338 -9.32 -57.31 54.39
CA VAL A 338 -10.66 -57.56 54.90
C VAL A 338 -11.37 -58.62 54.08
N TYR A 339 -12.21 -59.41 54.73
CA TYR A 339 -12.89 -60.52 54.07
C TYR A 339 -14.41 -60.36 54.11
N ALA A 340 -15.10 -61.38 53.60
CA ALA A 340 -16.55 -61.35 53.50
C ALA A 340 -17.26 -62.42 54.37
N GLN A 341 -17.20 -62.37 55.69
CA GLN A 341 -18.02 -63.35 56.40
C GLN A 341 -19.46 -62.86 56.62
N GLU A 342 -19.65 -61.96 57.58
CA GLU A 342 -20.95 -61.31 57.76
C GLU A 342 -20.94 -59.96 57.02
N SER A 343 -19.77 -59.34 56.97
CA SER A 343 -19.59 -58.06 56.31
C SER A 343 -18.31 -58.02 55.47
N GLY A 359 6.74 -100.37 59.03
CA GLY A 359 6.46 -98.95 58.82
C GLY A 359 5.22 -98.45 59.53
N GLY A 360 4.19 -98.13 58.77
CA GLY A 360 2.96 -97.61 59.33
C GLY A 360 1.84 -97.54 58.30
N TYR A 361 0.82 -96.74 58.58
CA TYR A 361 -0.30 -96.59 57.66
C TYR A 361 -0.08 -95.44 56.68
N GLU A 362 -0.21 -95.73 55.39
CA GLU A 362 -0.06 -94.70 54.37
C GLU A 362 -1.43 -94.15 53.96
N HIS A 363 -1.65 -92.87 54.21
CA HIS A 363 -2.95 -92.22 54.01
C HIS A 363 -2.87 -91.12 52.96
N ALA A 364 -3.83 -91.13 52.03
CA ALA A 364 -3.83 -90.19 50.90
C ALA A 364 -5.00 -89.21 50.95
N THR A 365 -4.69 -87.94 51.24
CA THR A 365 -5.68 -86.88 51.19
C THR A 365 -5.22 -85.79 50.24
N THR A 366 -6.02 -84.74 50.13
CA THR A 366 -5.66 -83.57 49.36
C THR A 366 -6.02 -82.31 50.12
N VAL A 367 -5.00 -81.64 50.65
CA VAL A 367 -5.20 -80.44 51.45
C VAL A 367 -5.15 -79.16 50.62
N PRO A 368 -6.19 -78.33 50.72
CA PRO A 368 -6.17 -77.04 50.04
C PRO A 368 -5.00 -76.19 50.52
N ASN A 369 -4.30 -75.59 49.57
CA ASN A 369 -3.18 -74.71 49.86
C ASN A 369 -3.65 -73.34 50.33
N VAL A 370 -3.78 -73.19 51.65
CA VAL A 370 -4.22 -71.94 52.24
C VAL A 370 -3.65 -71.79 53.63
N PRO A 371 -2.71 -70.86 53.81
CA PRO A 371 -2.05 -70.69 55.11
C PRO A 371 -3.01 -70.68 56.29
N GLN A 372 -2.56 -71.25 57.41
CA GLN A 372 -3.20 -71.13 58.72
C GLN A 372 -4.54 -71.86 58.92
N ILE A 373 -5.16 -72.29 57.82
CA ILE A 373 -6.44 -72.99 57.90
C ILE A 373 -6.24 -74.49 57.99
N PRO A 374 -6.54 -75.07 59.16
CA PRO A 374 -6.41 -76.49 59.47
C PRO A 374 -7.39 -77.38 58.71
N TYR A 375 -6.93 -78.56 58.35
CA TYR A 375 -7.74 -79.52 57.62
C TYR A 375 -8.05 -80.69 58.52
N LYS A 376 -9.32 -80.85 58.88
CA LYS A 376 -9.71 -81.98 59.72
C LYS A 376 -10.14 -83.16 58.86
N ALA A 377 -9.59 -84.34 59.16
CA ALA A 377 -9.95 -85.57 58.44
C ALA A 377 -10.00 -86.77 59.38
N LEU A 378 -10.59 -87.87 58.92
CA LEU A 378 -10.67 -89.08 59.71
C LEU A 378 -9.96 -90.26 59.06
N VAL A 379 -8.98 -90.79 59.76
CA VAL A 379 -8.32 -91.98 59.28
C VAL A 379 -9.19 -93.20 59.59
N GLU A 380 -9.70 -93.84 58.52
CA GLU A 380 -10.55 -95.02 58.65
C GLU A 380 -9.77 -96.28 58.34
N ARG A 381 -9.50 -97.09 59.35
CA ARG A 381 -8.86 -98.37 59.11
C ARG A 381 -9.66 -99.50 59.75
N ALA A 382 -9.76 -100.62 59.03
CA ALA A 382 -10.51 -101.77 59.50
C ALA A 382 -10.07 -102.18 60.90
N GLY A 383 -11.04 -102.38 61.79
CA GLY A 383 -10.77 -102.89 63.12
C GLY A 383 -10.17 -101.85 64.06
N TYR A 384 -9.46 -100.89 63.49
CA TYR A 384 -8.85 -99.82 64.29
C TYR A 384 -9.85 -98.68 64.54
N ALA A 385 -9.59 -97.90 65.59
CA ALA A 385 -10.43 -96.77 65.97
C ALA A 385 -9.96 -95.49 65.30
N PRO A 386 -10.86 -94.84 64.53
CA PRO A 386 -10.61 -93.60 63.78
C PRO A 386 -9.58 -92.66 64.42
N LEU A 387 -8.79 -92.01 63.57
CA LEU A 387 -7.66 -91.21 64.03
C LEU A 387 -7.79 -89.69 63.84
N ASN A 388 -7.45 -88.99 64.92
CA ASN A 388 -7.29 -87.55 64.92
C ASN A 388 -6.29 -87.12 63.84
N LEU A 389 -6.77 -86.40 62.85
CA LEU A 389 -5.89 -85.87 61.81
C LEU A 389 -6.20 -84.44 61.41
N GLU A 390 -5.32 -83.52 61.77
CA GLU A 390 -5.43 -82.14 61.34
C GLU A 390 -4.11 -81.65 60.76
N ILE A 391 -4.17 -81.13 59.53
CA ILE A 391 -2.99 -80.66 58.84
C ILE A 391 -3.12 -79.18 58.61
N THR A 392 -2.12 -78.41 59.03
CA THR A 392 -2.12 -76.98 58.77
C THR A 392 -0.91 -76.58 57.93
N VAL A 393 -1.17 -76.17 56.70
CA VAL A 393 -0.12 -75.59 55.88
C VAL A 393 0.25 -74.25 56.50
N MSE A 394 1.18 -74.33 57.45
CA MSE A 394 1.61 -73.20 58.24
C MSE A 394 2.18 -72.10 57.36
O MSE A 394 1.99 -70.92 57.61
CB MSE A 394 2.68 -73.66 59.19
CG MSE A 394 2.40 -73.40 60.65
SE MSE A 394 4.13 -73.25 61.45
CE MSE A 394 4.95 -71.83 60.42
N SER A 395 2.90 -72.52 56.31
CA SER A 395 3.58 -71.58 55.41
C SER A 395 3.87 -72.20 54.05
N SER A 396 3.74 -71.40 53.00
CA SER A 396 4.13 -71.85 51.67
C SER A 396 5.15 -70.89 51.10
N GLU A 397 6.03 -71.41 50.24
CA GLU A 397 6.96 -70.59 49.48
C GLU A 397 6.99 -71.07 48.05
N VAL A 398 7.15 -70.14 47.13
CA VAL A 398 7.29 -70.48 45.73
C VAL A 398 8.63 -69.94 45.28
N LEU A 399 9.63 -70.82 45.26
CA LEU A 399 11.00 -70.42 44.99
C LEU A 399 11.40 -70.80 43.59
N PRO A 400 11.44 -69.81 42.69
CA PRO A 400 11.81 -70.00 41.30
C PRO A 400 13.30 -69.76 41.11
N SER A 401 13.85 -70.38 40.06
CA SER A 401 15.25 -70.30 39.73
C SER A 401 15.59 -68.96 39.10
N THR A 402 16.61 -68.30 39.64
CA THR A 402 16.95 -66.96 39.17
C THR A 402 18.32 -66.89 38.50
N ASN A 403 18.31 -66.54 37.21
CA ASN A 403 19.52 -66.19 36.47
C ASN A 403 19.70 -64.67 36.43
N GLN A 404 20.47 -64.12 37.36
CA GLN A 404 20.77 -62.69 37.27
C GLN A 404 21.47 -62.48 35.94
N GLU A 405 21.02 -61.47 35.21
CA GLU A 405 21.57 -61.15 33.90
C GLU A 405 22.60 -60.05 34.02
N TYR A 406 22.16 -58.85 34.40
CA TYR A 406 23.08 -57.75 34.63
C TYR A 406 22.64 -56.84 35.77
N ILE A 407 23.52 -55.91 36.08
CA ILE A 407 23.24 -54.80 36.96
C ILE A 407 22.93 -53.61 36.07
N THR A 408 22.30 -52.59 36.62
CA THR A 408 22.18 -51.32 35.91
C THR A 408 21.95 -50.19 36.90
N CYS A 409 22.37 -49.00 36.51
CA CYS A 409 22.21 -47.82 37.35
C CYS A 409 22.48 -46.50 36.61
N LYS A 410 22.49 -45.41 37.37
CA LYS A 410 22.79 -44.10 36.79
C LYS A 410 24.26 -44.14 36.36
N PHE A 411 24.50 -43.97 35.07
CA PHE A 411 25.85 -43.95 34.56
C PHE A 411 26.43 -42.55 34.79
N THR A 412 27.74 -42.43 34.61
CA THR A 412 28.38 -41.13 34.60
C THR A 412 29.14 -41.00 33.29
N THR A 413 29.10 -39.82 32.68
CA THR A 413 29.82 -39.63 31.42
C THR A 413 31.17 -38.94 31.64
N VAL A 414 32.24 -39.59 31.19
CA VAL A 414 33.58 -39.03 31.32
C VAL A 414 33.99 -38.36 30.01
N VAL A 415 34.51 -37.15 30.13
CA VAL A 415 34.94 -36.40 28.96
C VAL A 415 36.37 -35.93 29.11
N PRO A 416 37.31 -36.73 28.60
CA PRO A 416 38.74 -36.41 28.72
C PRO A 416 39.11 -35.24 27.82
N SER A 417 40.00 -34.38 28.28
CA SER A 417 40.43 -33.22 27.48
C SER A 417 40.74 -33.63 26.05
N PRO A 418 40.18 -32.88 25.10
CA PRO A 418 40.29 -33.26 23.69
C PRO A 418 41.73 -33.21 23.20
N LYS A 419 42.13 -34.20 22.43
CA LYS A 419 43.44 -34.19 21.80
C LYS A 419 43.35 -33.40 20.50
N ILE A 420 43.99 -32.24 20.47
CA ILE A 420 44.01 -31.39 19.28
C ILE A 420 45.40 -31.35 18.66
N LYS A 421 45.45 -31.52 17.34
CA LYS A 421 46.72 -31.52 16.61
C LYS A 421 46.85 -30.27 15.76
N CYS A 422 47.79 -29.41 16.12
CA CYS A 422 47.98 -28.15 15.40
C CYS A 422 48.51 -28.40 13.99
N CYS A 423 47.62 -28.26 13.01
CA CYS A 423 47.99 -28.31 11.59
C CYS A 423 48.12 -29.74 11.02
N GLY A 424 47.14 -30.59 11.34
CA GLY A 424 47.14 -31.93 10.79
C GLY A 424 45.79 -32.62 10.87
N SER A 425 45.73 -33.84 10.37
CA SER A 425 44.52 -34.66 10.42
C SER A 425 44.60 -35.67 11.57
N LEU A 426 43.50 -35.87 12.28
CA LEU A 426 43.48 -36.76 13.44
C LEU A 426 42.42 -37.84 13.31
N GLU A 427 42.66 -38.85 12.48
CA GLU A 427 41.67 -39.90 12.30
C GLU A 427 41.55 -40.83 13.52
N CYS A 428 40.50 -40.59 14.30
CA CYS A 428 40.27 -41.31 15.54
C CYS A 428 40.06 -42.80 15.35
N GLN A 429 40.46 -43.57 16.35
CA GLN A 429 40.46 -45.03 16.28
C GLN A 429 39.56 -45.65 17.35
N PRO A 430 38.80 -46.70 16.98
CA PRO A 430 37.92 -47.40 17.93
C PRO A 430 38.67 -47.83 19.18
N ALA A 431 38.59 -47.06 20.25
CA ALA A 431 39.20 -47.45 21.52
C ALA A 431 38.20 -48.21 22.40
N ALA A 432 38.13 -49.52 22.16
CA ALA A 432 37.14 -50.39 22.80
C ALA A 432 37.07 -50.26 24.31
N HIS A 433 36.00 -49.61 24.80
CA HIS A 433 35.65 -49.64 26.22
C HIS A 433 34.26 -49.02 26.52
N ALA A 434 33.84 -49.08 27.79
CA ALA A 434 32.48 -48.71 28.24
C ALA A 434 31.45 -48.33 27.18
N GLY A 435 31.00 -47.07 27.19
CA GLY A 435 30.19 -46.53 26.11
C GLY A 435 30.96 -45.51 25.29
N TYR A 436 32.02 -45.95 24.62
CA TYR A 436 32.96 -45.04 23.97
C TYR A 436 32.37 -44.42 22.71
N THR A 437 32.69 -43.15 22.49
CA THR A 437 32.39 -42.50 21.23
C THR A 437 33.36 -41.34 20.94
N CYS A 438 33.79 -41.27 19.69
CA CYS A 438 34.67 -40.19 19.26
C CYS A 438 34.06 -39.54 18.03
N LYS A 439 34.56 -38.36 17.70
CA LYS A 439 34.30 -37.78 16.39
C LYS A 439 35.45 -36.86 16.04
N VAL A 440 35.85 -36.90 14.78
CA VAL A 440 36.93 -36.06 14.28
C VAL A 440 36.36 -34.78 13.67
N PHE A 441 36.74 -33.64 14.23
CA PHE A 441 36.24 -32.35 13.74
C PHE A 441 37.34 -31.53 13.10
N GLY A 442 37.12 -31.12 11.86
CA GLY A 442 38.12 -30.41 11.11
C GLY A 442 37.91 -28.91 10.99
N GLY A 443 39.01 -28.19 10.77
CA GLY A 443 38.98 -26.75 10.69
C GLY A 443 38.44 -26.18 11.99
N VAL A 444 39.03 -26.61 13.09
CA VAL A 444 38.52 -26.23 14.40
C VAL A 444 38.87 -24.80 14.77
N TYR A 445 40.11 -24.59 15.21
CA TYR A 445 40.52 -23.29 15.73
C TYR A 445 41.46 -22.53 14.78
N PRO A 446 41.47 -21.18 14.85
CA PRO A 446 42.41 -20.34 14.08
C PRO A 446 43.85 -20.27 14.62
N PHE A 447 44.39 -19.06 14.73
CA PHE A 447 45.79 -18.85 15.13
C PHE A 447 45.92 -18.19 16.51
N MSE A 448 47.12 -18.29 17.09
CA MSE A 448 47.44 -17.73 18.40
C MSE A 448 46.36 -17.95 19.45
O MSE A 448 46.22 -19.06 19.98
CB MSE A 448 47.82 -16.25 18.32
CG MSE A 448 49.28 -15.99 18.02
SE MSE A 448 50.46 -17.09 19.14
CE MSE A 448 50.21 -16.21 20.86
N TRP A 449 45.59 -16.90 19.75
CA TRP A 449 44.63 -16.98 20.84
C TRP A 449 43.39 -17.77 20.48
N GLY A 450 42.68 -17.32 19.45
CA GLY A 450 41.49 -18.02 19.00
C GLY A 450 41.75 -19.51 18.85
N GLY A 451 41.53 -20.25 19.92
CA GLY A 451 41.60 -21.71 19.90
C GLY A 451 42.96 -22.37 20.02
N ALA A 452 43.53 -22.35 21.23
CA ALA A 452 44.62 -23.24 21.60
C ALA A 452 45.95 -23.10 20.85
N GLN A 453 46.46 -21.88 20.76
CA GLN A 453 47.85 -21.65 20.39
C GLN A 453 48.32 -22.37 19.12
N CYS A 454 47.45 -22.49 18.13
CA CYS A 454 47.84 -23.13 16.88
C CYS A 454 48.31 -22.07 15.89
N PHE A 455 48.77 -22.48 14.70
CA PHE A 455 49.17 -21.50 13.68
C PHE A 455 48.40 -21.59 12.37
N CYS A 456 47.84 -22.75 12.06
CA CYS A 456 47.07 -22.86 10.82
C CYS A 456 45.59 -22.57 11.09
N ASP A 457 44.86 -22.14 10.05
CA ASP A 457 43.46 -21.81 10.19
C ASP A 457 42.53 -22.98 9.83
N SER A 458 42.49 -23.32 8.56
CA SER A 458 41.62 -24.38 8.08
C SER A 458 42.34 -25.72 7.93
N GLU A 459 43.49 -25.83 8.59
CA GLU A 459 44.20 -27.11 8.64
C GLU A 459 44.29 -27.61 10.07
N ASN A 460 43.20 -27.45 10.82
CA ASN A 460 43.14 -27.91 12.21
C ASN A 460 42.18 -29.07 12.40
N SER A 461 42.35 -29.80 13.50
CA SER A 461 41.48 -30.93 13.79
C SER A 461 41.46 -31.28 15.28
N GLN A 462 40.26 -31.47 15.81
CA GLN A 462 40.08 -31.89 17.19
C GLN A 462 39.37 -33.23 17.21
N MSE A 463 39.76 -34.10 18.15
CA MSE A 463 39.08 -35.37 18.32
C MSE A 463 38.28 -35.35 19.63
O MSE A 463 38.85 -35.31 20.71
CB MSE A 463 40.07 -36.55 18.33
CG MSE A 463 39.40 -37.94 18.49
SE MSE A 463 40.65 -39.43 18.71
CE MSE A 463 41.83 -38.50 19.96
N SER A 464 36.97 -35.36 19.49
CA SER A 464 36.10 -35.36 20.66
C SER A 464 35.79 -36.78 21.07
N GLU A 465 36.24 -37.16 22.26
CA GLU A 465 35.97 -38.50 22.76
C GLU A 465 35.37 -38.45 24.16
N ALA A 466 34.45 -39.38 24.42
CA ALA A 466 33.81 -39.47 25.73
C ALA A 466 33.14 -40.82 25.91
N TYR A 467 32.99 -41.21 27.17
CA TYR A 467 32.45 -42.53 27.52
C TYR A 467 31.63 -42.46 28.80
N VAL A 468 31.12 -43.61 29.22
CA VAL A 468 30.31 -43.69 30.44
C VAL A 468 30.91 -44.67 31.43
N GLU A 469 30.69 -44.41 32.72
CA GLU A 469 31.07 -45.33 33.78
C GLU A 469 29.86 -45.58 34.66
N LEU A 470 30.10 -46.12 35.84
CA LEU A 470 29.04 -46.24 36.82
C LEU A 470 29.08 -45.02 37.70
N SER A 471 27.95 -44.68 38.31
CA SER A 471 27.97 -43.52 39.20
C SER A 471 28.75 -43.88 40.45
N ALA A 472 29.27 -42.86 41.11
CA ALA A 472 30.00 -43.04 42.35
C ALA A 472 29.10 -43.78 43.32
N ASP A 473 27.82 -43.81 43.01
CA ASP A 473 26.84 -44.34 43.92
C ASP A 473 26.05 -45.47 43.28
N CYS A 474 26.50 -45.92 42.11
CA CYS A 474 25.85 -47.04 41.44
C CYS A 474 25.57 -48.15 42.43
N ALA A 475 26.48 -48.35 43.36
CA ALA A 475 26.41 -49.48 44.27
C ALA A 475 25.22 -49.39 45.22
N SER A 476 24.98 -48.19 45.75
CA SER A 476 23.92 -47.95 46.73
C SER A 476 22.50 -47.93 46.12
N ASP A 477 22.40 -47.65 44.82
CA ASP A 477 21.10 -47.58 44.14
C ASP A 477 21.21 -48.11 42.73
N HIS A 478 20.89 -49.39 42.55
CA HIS A 478 20.87 -50.01 41.23
C HIS A 478 19.69 -50.95 41.14
N ALA A 479 19.67 -51.75 40.08
CA ALA A 479 18.58 -52.70 39.88
C ALA A 479 19.18 -53.98 39.38
N GLN A 480 18.36 -55.00 39.22
CA GLN A 480 18.88 -56.31 38.85
C GLN A 480 18.05 -57.02 37.80
N ALA A 481 18.55 -57.02 36.58
CA ALA A 481 17.87 -57.68 35.48
C ALA A 481 17.96 -59.15 35.79
N ILE A 482 16.83 -59.85 35.68
CA ILE A 482 16.75 -61.22 36.18
C ILE A 482 15.71 -62.08 35.47
N LYS A 483 16.16 -63.12 34.79
CA LYS A 483 15.23 -64.07 34.21
C LYS A 483 14.77 -64.98 35.32
N VAL A 484 13.57 -65.51 35.18
CA VAL A 484 12.99 -66.37 36.20
C VAL A 484 12.31 -67.57 35.57
N HIS A 485 12.94 -68.74 35.65
CA HIS A 485 12.28 -69.94 35.16
C HIS A 485 11.64 -70.75 36.28
N THR A 486 10.68 -71.60 35.91
CA THR A 486 9.78 -72.25 36.87
C THR A 486 10.46 -72.84 38.11
N ALA A 487 9.68 -72.93 39.18
CA ALA A 487 10.22 -73.04 40.52
C ALA A 487 10.10 -74.42 41.15
N ALA A 488 10.29 -74.41 42.46
CA ALA A 488 9.86 -75.48 43.34
C ALA A 488 9.13 -74.76 44.47
N MSE A 489 8.31 -75.49 45.21
CA MSE A 489 7.65 -74.88 46.36
C MSE A 489 7.71 -75.73 47.60
O MSE A 489 7.26 -76.88 47.61
CB MSE A 489 6.20 -74.52 46.03
CG MSE A 489 5.42 -75.58 45.30
SE MSE A 489 3.60 -74.95 45.10
CE MSE A 489 3.28 -74.82 46.99
N LYS A 490 8.28 -75.15 48.65
CA LYS A 490 8.35 -75.79 49.94
C LYS A 490 7.06 -75.46 50.70
N VAL A 491 6.78 -76.21 51.76
CA VAL A 491 5.60 -75.98 52.56
C VAL A 491 5.90 -76.30 54.02
N GLY A 492 5.45 -75.43 54.91
CA GLY A 492 5.50 -75.68 56.34
C GLY A 492 4.26 -76.43 56.79
N LEU A 493 4.33 -77.74 56.78
CA LEU A 493 3.20 -78.57 57.16
C LEU A 493 3.22 -78.91 58.64
N ARG A 494 2.12 -78.67 59.34
CA ARG A 494 1.99 -79.10 60.73
C ARG A 494 0.87 -80.11 60.90
N ILE A 495 1.25 -81.38 61.08
CA ILE A 495 0.28 -82.45 61.21
C ILE A 495 0.13 -82.93 62.65
N VAL A 496 -1.12 -83.22 63.03
CA VAL A 496 -1.42 -83.74 64.35
C VAL A 496 -2.18 -85.05 64.21
N TYR A 497 -1.68 -86.07 64.89
CA TYR A 497 -2.31 -87.38 64.90
C TYR A 497 -2.43 -87.89 66.33
N GLY A 498 -3.66 -88.07 66.80
CA GLY A 498 -3.88 -88.47 68.16
C GLY A 498 -3.23 -87.54 69.16
N ASN A 499 -2.48 -88.11 70.10
CA ASN A 499 -1.89 -87.35 71.21
C ASN A 499 -0.61 -86.59 70.83
N THR A 500 -0.16 -86.74 69.58
CA THR A 500 1.08 -86.11 69.15
C THR A 500 0.95 -85.22 67.90
N THR A 501 1.67 -84.10 67.91
CA THR A 501 1.66 -83.15 66.82
C THR A 501 3.08 -82.96 66.32
N SER A 502 3.27 -83.09 65.01
CA SER A 502 4.61 -82.95 64.44
C SER A 502 4.61 -81.98 63.27
N PHE A 503 5.80 -81.55 62.86
CA PHE A 503 5.90 -80.55 61.81
C PHE A 503 7.10 -80.73 60.86
N LEU A 504 6.84 -80.86 59.57
CA LEU A 504 7.89 -81.04 58.60
C LEU A 504 7.74 -80.04 57.45
N ASP A 505 8.86 -79.64 56.85
CA ASP A 505 8.83 -78.91 55.57
C ASP A 505 8.89 -79.92 54.44
N VAL A 506 8.21 -79.61 53.34
CA VAL A 506 8.23 -80.54 52.23
C VAL A 506 8.12 -79.84 50.90
N TYR A 507 9.05 -80.17 50.01
CA TYR A 507 8.95 -79.74 48.62
C TYR A 507 7.76 -80.41 47.96
N VAL A 508 7.04 -79.65 47.12
CA VAL A 508 5.83 -80.18 46.51
C VAL A 508 6.06 -80.77 45.12
N ASN A 509 6.51 -82.01 45.12
CA ASN A 509 6.65 -82.85 43.94
C ASN A 509 6.37 -84.28 44.38
N GLY A 510 6.00 -85.14 43.43
CA GLY A 510 5.63 -86.49 43.78
C GLY A 510 6.72 -87.32 44.46
N VAL A 511 7.85 -86.71 44.77
CA VAL A 511 9.00 -87.49 45.23
C VAL A 511 9.59 -87.14 46.60
N THR A 512 10.26 -85.99 46.73
CA THR A 512 11.06 -85.76 47.92
C THR A 512 10.23 -85.77 49.21
N PRO A 513 10.55 -86.71 50.10
CA PRO A 513 9.85 -86.89 51.37
C PRO A 513 10.39 -85.93 52.42
N GLY A 514 9.49 -85.36 53.23
CA GLY A 514 9.90 -84.43 54.27
C GLY A 514 10.55 -85.18 55.41
N THR A 515 11.88 -85.21 55.41
CA THR A 515 12.64 -86.01 56.40
C THR A 515 12.38 -85.62 57.85
N SER A 516 11.10 -85.57 58.20
CA SER A 516 10.70 -85.56 59.57
C SER A 516 11.02 -86.94 60.12
N LYS A 517 11.64 -86.99 61.29
CA LYS A 517 12.13 -88.26 61.81
C LYS A 517 11.01 -89.30 61.98
N ASP A 518 9.97 -88.95 62.74
CA ASP A 518 8.93 -89.92 63.05
C ASP A 518 7.78 -89.96 62.06
N LEU A 519 7.77 -89.03 61.09
CA LEU A 519 6.68 -88.98 60.12
C LEU A 519 7.15 -88.77 58.68
N LYS A 520 6.91 -89.76 57.84
CA LYS A 520 7.32 -89.67 56.44
C LYS A 520 6.20 -89.11 55.59
N VAL A 521 6.34 -87.84 55.20
CA VAL A 521 5.36 -87.23 54.31
C VAL A 521 5.96 -86.90 52.96
N ILE A 522 5.15 -87.11 51.92
CA ILE A 522 5.46 -86.67 50.56
C ILE A 522 4.27 -85.90 50.02
N ALA A 523 4.52 -84.66 49.59
CA ALA A 523 3.47 -83.79 49.07
C ALA A 523 3.45 -83.85 47.56
N GLY A 524 2.42 -84.49 47.01
CA GLY A 524 2.29 -84.68 45.58
C GLY A 524 2.38 -83.37 44.82
N PRO A 525 2.47 -83.45 43.48
CA PRO A 525 2.59 -82.28 42.63
C PRO A 525 1.38 -81.36 42.78
N ILE A 526 1.62 -80.08 43.03
CA ILE A 526 0.53 -79.12 43.22
C ILE A 526 -0.49 -79.23 42.07
N SER A 527 -1.74 -78.85 42.36
CA SER A 527 -2.84 -79.07 41.41
C SER A 527 -2.85 -78.13 40.20
N ALA A 528 -2.18 -76.99 40.32
CA ALA A 528 -2.10 -76.03 39.22
C ALA A 528 -0.84 -75.18 39.29
N SER A 529 0.05 -75.37 38.32
CA SER A 529 1.27 -74.58 38.27
C SER A 529 0.91 -73.11 38.13
N PHE A 530 1.19 -72.33 39.17
CA PHE A 530 0.99 -70.89 39.09
C PHE A 530 2.13 -70.09 39.67
N THR A 531 2.45 -68.98 39.00
CA THR A 531 3.51 -68.09 39.45
C THR A 531 3.08 -66.63 39.35
N PRO A 532 3.57 -65.81 40.27
CA PRO A 532 3.34 -64.37 40.26
C PRO A 532 4.25 -63.69 39.25
N PHE A 533 5.32 -64.37 38.86
CA PHE A 533 6.37 -63.75 38.05
C PHE A 533 6.33 -64.03 36.55
N ASP A 534 7.01 -63.19 35.79
CA ASP A 534 7.19 -63.36 34.35
C ASP A 534 8.59 -63.85 34.08
N HIS A 535 8.78 -64.41 32.90
CA HIS A 535 10.07 -64.93 32.49
C HIS A 535 11.19 -63.91 32.83
N LYS A 536 10.87 -62.64 32.74
CA LYS A 536 11.81 -61.57 33.03
C LYS A 536 11.32 -60.64 34.13
N VAL A 537 12.21 -60.32 35.08
CA VAL A 537 11.86 -59.54 36.26
C VAL A 537 12.96 -58.56 36.63
N VAL A 538 12.58 -57.38 37.12
CA VAL A 538 13.56 -56.47 37.67
C VAL A 538 13.40 -56.42 39.17
N ILE A 539 14.50 -56.29 39.88
CA ILE A 539 14.45 -56.06 41.31
C ILE A 539 15.16 -54.77 41.58
N HIS A 540 14.43 -53.77 42.07
CA HIS A 540 15.07 -52.53 42.49
C HIS A 540 15.61 -52.65 43.90
N ARG A 541 14.82 -52.23 44.88
CA ARG A 541 15.36 -52.22 46.23
C ARG A 541 15.02 -53.50 46.97
N GLY A 542 13.82 -53.57 47.50
CA GLY A 542 13.35 -54.85 48.00
C GLY A 542 12.23 -55.21 47.06
N LEU A 543 12.14 -54.44 45.98
CA LEU A 543 10.94 -54.47 45.17
C LEU A 543 11.19 -55.07 43.81
N VAL A 544 10.29 -55.97 43.44
CA VAL A 544 10.39 -56.68 42.19
C VAL A 544 9.24 -56.26 41.29
N TYR A 545 9.56 -56.03 40.02
CA TYR A 545 8.56 -55.70 39.03
C TYR A 545 8.71 -56.62 37.86
N ASN A 546 7.59 -57.09 37.31
CA ASN A 546 7.63 -57.79 36.04
C ASN A 546 7.89 -56.82 34.89
N TYR A 547 9.07 -56.94 34.29
CA TYR A 547 9.57 -55.96 33.32
C TYR A 547 10.41 -56.66 32.27
N ASP A 548 10.08 -56.44 31.00
CA ASP A 548 10.77 -57.13 29.91
C ASP A 548 12.09 -56.50 29.51
N PHE A 549 12.96 -56.27 30.48
CA PHE A 549 14.29 -55.69 30.24
C PHE A 549 15.00 -56.35 29.06
N PRO A 550 15.77 -55.56 28.31
CA PRO A 550 16.38 -56.10 27.08
C PRO A 550 17.50 -57.09 27.41
N GLU A 551 17.79 -58.00 26.49
CA GLU A 551 18.84 -59.00 26.71
C GLU A 551 20.18 -58.30 26.90
N TYR A 552 21.09 -58.94 27.62
CA TYR A 552 22.41 -58.37 27.78
C TYR A 552 22.98 -58.09 26.41
N GLY A 553 23.45 -56.87 26.20
CA GLY A 553 24.07 -56.49 24.95
C GLY A 553 23.09 -56.00 23.89
N ALA A 554 21.81 -56.08 24.18
CA ALA A 554 20.82 -55.60 23.24
C ALA A 554 20.19 -54.35 23.83
N MSE A 555 21.03 -53.38 24.13
CA MSE A 555 20.61 -52.20 24.85
C MSE A 555 20.04 -51.10 23.95
O MSE A 555 20.59 -50.80 22.89
CB MSE A 555 21.77 -51.66 25.68
CG MSE A 555 22.49 -52.73 26.43
SE MSE A 555 24.32 -52.59 25.96
CE MSE A 555 24.03 -52.31 24.08
N LYS A 556 18.94 -50.51 24.41
CA LYS A 556 18.38 -49.29 23.83
C LYS A 556 18.65 -48.20 24.85
N PRO A 557 18.98 -46.98 24.38
CA PRO A 557 19.43 -45.88 25.24
C PRO A 557 18.27 -45.09 25.82
N GLY A 558 18.46 -44.53 27.01
CA GLY A 558 17.39 -43.83 27.70
C GLY A 558 16.30 -44.76 28.23
N ALA A 559 16.17 -45.94 27.65
CA ALA A 559 15.26 -46.95 28.19
C ALA A 559 15.98 -47.74 29.27
N PHE A 560 15.25 -48.54 30.04
CA PHE A 560 15.86 -49.34 31.12
C PHE A 560 16.92 -50.25 30.57
N GLY A 561 18.01 -50.40 31.31
CA GLY A 561 19.08 -51.26 30.87
C GLY A 561 19.93 -50.59 29.79
N ASP A 562 19.87 -49.25 29.76
CA ASP A 562 20.72 -48.49 28.87
C ASP A 562 22.20 -48.90 29.03
N ILE A 563 22.64 -49.07 30.28
CA ILE A 563 23.96 -49.58 30.54
C ILE A 563 23.82 -50.85 31.34
N GLN A 564 24.76 -51.77 31.15
CA GLN A 564 24.70 -53.10 31.74
C GLN A 564 26.05 -53.51 32.32
N ALA A 565 26.02 -54.49 33.22
CA ALA A 565 27.21 -55.03 33.86
C ALA A 565 26.84 -56.28 34.63
N THR A 566 27.63 -57.34 34.47
CA THR A 566 27.39 -58.58 35.18
C THR A 566 27.52 -58.40 36.68
N SER A 567 28.29 -57.40 37.10
CA SER A 567 28.23 -56.96 38.48
C SER A 567 28.78 -55.56 38.73
N LEU A 568 28.87 -55.20 40.01
CA LEU A 568 29.17 -53.84 40.42
C LEU A 568 30.66 -53.59 40.29
N THR A 569 31.42 -54.68 40.24
CA THR A 569 32.86 -54.59 40.07
C THR A 569 33.18 -54.32 38.60
N SER A 570 32.29 -53.61 37.93
CA SER A 570 32.43 -53.27 36.52
C SER A 570 32.98 -54.44 35.70
N LYS A 571 32.26 -55.56 35.74
CA LYS A 571 32.63 -56.76 35.01
C LYS A 571 32.18 -56.66 33.56
N ASP A 572 32.96 -55.97 32.74
CA ASP A 572 32.62 -55.84 31.33
C ASP A 572 31.30 -55.09 31.16
N LEU A 573 31.30 -53.79 31.45
CA LEU A 573 30.09 -52.99 31.31
C LEU A 573 29.90 -52.45 29.90
N ILE A 574 28.75 -52.77 29.32
CA ILE A 574 28.45 -52.40 27.95
C ILE A 574 27.26 -51.41 27.89
N ALA A 575 27.53 -50.19 27.45
CA ALA A 575 26.49 -49.16 27.45
C ALA A 575 26.15 -48.62 26.07
N SER A 576 24.92 -48.11 25.94
CA SER A 576 24.47 -47.42 24.74
C SER A 576 23.66 -46.19 25.14
N THR A 577 24.31 -45.03 25.16
CA THR A 577 23.69 -43.83 25.71
C THR A 577 23.51 -42.68 24.70
N ASP A 578 23.43 -43.04 23.41
CA ASP A 578 23.25 -42.07 22.33
C ASP A 578 24.00 -40.77 22.55
N ILE A 579 25.30 -40.86 22.83
CA ILE A 579 26.10 -39.66 22.97
C ILE A 579 26.33 -39.05 21.61
N ARG A 580 26.23 -37.73 21.53
CA ARG A 580 26.42 -37.03 20.26
C ARG A 580 27.38 -35.86 20.41
N LEU A 581 28.57 -36.02 19.82
CA LEU A 581 29.61 -35.00 19.87
C LEU A 581 29.31 -33.83 18.95
N LEU A 582 29.66 -32.63 19.37
CA LEU A 582 29.34 -31.45 18.61
C LEU A 582 30.60 -30.68 18.24
N LYS A 583 30.62 -30.08 17.06
CA LYS A 583 31.75 -29.26 16.64
C LYS A 583 31.89 -28.10 17.61
N PRO A 584 33.03 -28.01 18.30
CA PRO A 584 33.29 -26.95 19.28
C PRO A 584 33.61 -25.61 18.61
N SER A 585 33.01 -24.53 19.11
CA SER A 585 33.28 -23.20 18.58
C SER A 585 34.59 -22.67 19.14
N ALA A 586 35.18 -21.70 18.45
CA ALA A 586 36.54 -21.30 18.73
C ALA A 586 36.69 -20.06 19.60
N LYS A 587 36.42 -20.20 20.89
CA LYS A 587 36.82 -19.17 21.84
C LYS A 587 37.44 -19.84 23.06
N ASN A 588 37.19 -21.13 23.19
CA ASN A 588 37.74 -21.94 24.28
C ASN A 588 37.84 -23.40 23.87
N VAL A 589 38.68 -24.16 24.57
CA VAL A 589 38.75 -25.60 24.35
C VAL A 589 37.74 -26.31 25.23
N HIS A 590 36.54 -26.46 24.70
CA HIS A 590 35.43 -27.03 25.44
C HIS A 590 34.78 -28.03 24.51
N VAL A 591 34.71 -29.29 24.93
CA VAL A 591 34.10 -30.31 24.10
C VAL A 591 32.63 -30.52 24.41
N PRO A 592 31.77 -30.14 23.46
CA PRO A 592 30.32 -30.17 23.60
C PRO A 592 29.76 -31.52 23.21
N TYR A 593 28.56 -31.81 23.71
CA TYR A 593 27.92 -33.08 23.40
C TYR A 593 26.52 -33.10 24.00
N THR A 594 25.59 -33.70 23.27
CA THR A 594 24.33 -34.08 23.86
C THR A 594 24.43 -35.55 24.25
N GLN A 595 23.34 -36.08 24.76
CA GLN A 595 23.29 -37.46 25.21
C GLN A 595 21.85 -37.83 25.53
N ALA A 596 21.59 -39.14 25.58
CA ALA A 596 20.27 -39.60 25.98
C ALA A 596 20.10 -39.50 27.49
N SER A 597 18.88 -39.74 27.96
CA SER A 597 18.53 -39.63 29.36
C SER A 597 18.91 -40.92 30.08
N SER A 598 18.91 -40.91 31.41
CA SER A 598 19.33 -42.10 32.15
C SER A 598 18.24 -43.17 32.23
N GLY A 599 18.31 -44.13 31.30
CA GLY A 599 17.35 -45.21 31.24
C GLY A 599 16.96 -45.75 32.60
N PHE A 600 17.87 -45.68 33.55
CA PHE A 600 17.56 -46.09 34.91
C PHE A 600 16.58 -45.11 35.53
N GLU A 601 17.10 -43.92 35.88
CA GLU A 601 16.25 -42.90 36.46
C GLU A 601 14.91 -42.83 35.76
N MSE A 602 14.93 -43.00 34.43
CA MSE A 602 13.70 -42.85 33.66
C MSE A 602 12.76 -43.98 34.00
O MSE A 602 11.55 -43.79 34.15
CB MSE A 602 13.98 -42.78 32.16
CG MSE A 602 14.59 -41.48 31.68
SE MSE A 602 13.28 -40.46 30.76
CE MSE A 602 12.12 -41.91 30.26
N TRP A 603 13.32 -45.17 34.15
CA TRP A 603 12.50 -46.30 34.52
C TRP A 603 12.07 -46.16 35.96
N LYS A 604 12.95 -45.65 36.81
CA LYS A 604 12.58 -45.40 38.19
C LYS A 604 11.32 -44.53 38.31
N ASN A 605 11.36 -43.32 37.75
CA ASN A 605 10.18 -42.42 37.78
C ASN A 605 8.98 -43.04 37.09
N ASN A 606 9.14 -44.26 36.60
CA ASN A 606 8.06 -44.88 35.86
C ASN A 606 7.93 -46.37 36.13
N SER A 607 8.66 -46.86 37.12
CA SER A 607 8.43 -48.21 37.61
C SER A 607 7.00 -48.24 38.10
N GLY A 608 6.33 -49.36 37.90
CA GLY A 608 4.95 -49.46 38.35
C GLY A 608 4.84 -49.59 39.86
N ARG A 609 3.66 -49.98 40.30
CA ARG A 609 3.52 -50.46 41.64
C ARG A 609 4.09 -51.89 41.69
N PRO A 610 5.00 -52.16 42.65
CA PRO A 610 5.67 -53.46 42.80
C PRO A 610 4.73 -54.66 42.72
N LEU A 611 5.33 -55.83 42.52
CA LEU A 611 4.57 -57.08 42.46
C LEU A 611 4.02 -57.39 43.85
N GLN A 612 4.78 -56.99 44.87
CA GLN A 612 4.39 -57.22 46.25
C GLN A 612 3.03 -56.59 46.49
N GLU A 613 2.62 -55.72 45.57
CA GLU A 613 1.35 -55.01 45.68
C GLU A 613 0.35 -55.37 44.58
N THR A 614 0.74 -56.22 43.63
CA THR A 614 -0.16 -56.55 42.52
C THR A 614 -0.39 -58.06 42.40
N ALA A 615 0.42 -58.83 43.12
CA ALA A 615 0.42 -60.31 43.07
C ALA A 615 -0.96 -60.98 43.16
N PRO A 616 -1.27 -61.79 42.15
CA PRO A 616 -2.59 -62.35 41.83
C PRO A 616 -3.18 -63.34 42.82
N PHE A 617 -2.53 -63.66 43.92
CA PHE A 617 -3.17 -64.60 44.85
C PHE A 617 -2.96 -64.27 46.30
N GLY A 618 -2.69 -63.01 46.58
CA GLY A 618 -2.42 -62.60 47.95
C GLY A 618 -1.05 -63.09 48.36
N CYS A 619 -0.20 -63.30 47.36
CA CYS A 619 1.19 -63.67 47.59
C CYS A 619 1.95 -62.53 48.25
N LYS A 620 2.92 -62.87 49.09
CA LYS A 620 3.73 -61.87 49.76
C LYS A 620 5.17 -61.91 49.24
N ILE A 621 5.34 -61.50 48.00
CA ILE A 621 6.64 -61.39 47.33
C ILE A 621 7.81 -60.93 48.20
N ALA A 622 8.88 -61.74 48.20
CA ALA A 622 10.05 -61.52 49.05
C ALA A 622 11.34 -61.56 48.26
N VAL A 623 12.32 -60.78 48.69
CA VAL A 623 13.53 -60.66 47.91
C VAL A 623 14.80 -60.78 48.68
N ASN A 624 15.39 -61.95 48.57
CA ASN A 624 16.83 -62.10 48.50
C ASN A 624 16.91 -63.42 47.80
N PRO A 625 16.41 -64.48 48.45
CA PRO A 625 15.77 -65.48 47.59
C PRO A 625 14.51 -64.84 47.01
N LEU A 626 14.35 -64.93 45.69
CA LEU A 626 13.13 -64.45 45.06
C LEU A 626 12.04 -65.47 45.38
N ARG A 627 10.94 -65.02 45.95
CA ARG A 627 9.95 -65.98 46.43
C ARG A 627 8.57 -65.36 46.57
N ALA A 628 7.55 -66.22 46.60
CA ALA A 628 6.16 -65.80 46.73
C ALA A 628 5.56 -66.43 48.00
N VAL A 629 5.79 -65.75 49.11
CA VAL A 629 5.37 -66.24 50.42
C VAL A 629 3.85 -66.32 50.59
N ASP A 630 3.38 -67.44 51.13
CA ASP A 630 1.99 -67.59 51.57
C ASP A 630 0.92 -67.30 50.50
N CYS A 631 1.18 -67.68 49.26
CA CYS A 631 0.13 -67.63 48.26
C CYS A 631 -1.01 -68.55 48.67
N SER A 632 -2.15 -68.46 47.99
CA SER A 632 -3.28 -69.34 48.27
C SER A 632 -4.04 -69.73 47.03
N TYR A 633 -3.80 -70.95 46.56
CA TYR A 633 -4.48 -71.46 45.37
C TYR A 633 -4.37 -72.97 45.31
N GLY A 634 -5.37 -73.61 44.68
CA GLY A 634 -5.35 -75.04 44.45
C GLY A 634 -5.17 -75.93 45.66
N ASN A 635 -5.26 -77.23 45.43
CA ASN A 635 -5.11 -78.19 46.51
C ASN A 635 -3.82 -78.99 46.38
N ILE A 636 -3.28 -79.41 47.52
CA ILE A 636 -2.04 -80.17 47.58
C ILE A 636 -2.29 -81.62 47.94
N PRO A 637 -1.93 -82.53 47.04
CA PRO A 637 -2.01 -83.95 47.43
C PRO A 637 -0.96 -84.22 48.49
N ILE A 638 -1.30 -85.07 49.46
CA ILE A 638 -0.37 -85.39 50.52
C ILE A 638 -0.52 -86.85 50.94
N SER A 639 0.59 -87.57 50.98
CA SER A 639 0.59 -88.93 51.50
C SER A 639 1.31 -88.97 52.81
N ILE A 640 0.62 -89.48 53.84
CA ILE A 640 1.20 -89.56 55.18
C ILE A 640 1.40 -90.98 55.67
N ASP A 641 2.60 -91.25 56.18
CA ASP A 641 2.93 -92.54 56.75
C ASP A 641 2.88 -92.44 58.28
N ILE A 642 1.70 -92.70 58.86
CA ILE A 642 1.52 -92.59 60.30
C ILE A 642 2.00 -93.85 61.02
N PRO A 643 2.88 -93.68 62.03
CA PRO A 643 3.43 -94.79 62.78
C PRO A 643 2.31 -95.61 63.41
N ASN A 644 2.26 -96.90 63.09
CA ASN A 644 1.23 -97.77 63.65
C ASN A 644 1.15 -97.62 65.17
N ALA A 645 2.29 -97.23 65.75
CA ALA A 645 2.44 -97.10 67.20
C ALA A 645 1.54 -96.05 67.85
N ALA A 646 0.70 -95.39 67.07
CA ALA A 646 -0.17 -94.37 67.64
C ALA A 646 -1.64 -94.64 67.32
N PHE A 647 -1.90 -95.73 66.60
CA PHE A 647 -3.27 -96.15 66.32
C PHE A 647 -3.86 -97.01 67.42
N ILE A 648 -5.08 -96.70 67.82
CA ILE A 648 -5.80 -97.54 68.76
C ILE A 648 -6.80 -98.43 68.02
N ARG A 649 -6.68 -99.74 68.19
CA ARG A 649 -7.58 -100.71 67.60
C ARG A 649 -8.70 -101.13 68.56
N THR A 650 -9.93 -100.76 68.21
CA THR A 650 -11.17 -101.08 68.94
C THR A 650 -10.92 -101.44 70.40
N SER A 651 -10.07 -100.65 71.03
CA SER A 651 -9.67 -101.04 72.35
C SER A 651 -10.19 -100.04 73.35
N ASP A 652 -11.09 -99.18 72.87
CA ASP A 652 -11.90 -98.34 73.74
C ASP A 652 -13.01 -99.19 74.38
N ALA A 653 -12.88 -99.42 75.69
CA ALA A 653 -13.79 -100.29 76.41
C ALA A 653 -15.19 -99.78 76.37
N PRO A 654 -15.33 -98.46 76.72
CA PRO A 654 -16.72 -98.05 76.54
C PRO A 654 -17.17 -98.46 75.16
N LEU A 655 -18.20 -99.29 75.10
CA LEU A 655 -18.93 -99.53 73.88
C LEU A 655 -19.78 -98.28 73.66
N VAL A 656 -19.84 -97.79 72.43
CA VAL A 656 -20.65 -96.60 72.13
C VAL A 656 -21.80 -96.94 71.20
N SER A 657 -23.00 -96.46 71.53
CA SER A 657 -24.18 -96.83 70.76
C SER A 657 -25.29 -95.78 70.78
N THR A 658 -26.07 -95.74 69.70
CA THR A 658 -27.29 -94.95 69.64
C THR A 658 -27.06 -93.44 69.77
N VAL A 659 -26.28 -92.87 68.86
CA VAL A 659 -26.02 -91.43 68.88
C VAL A 659 -27.07 -90.66 68.08
N LYS A 660 -27.43 -89.49 68.56
CA LYS A 660 -28.34 -88.59 67.85
C LYS A 660 -27.82 -87.16 67.93
N CYS A 661 -28.28 -86.30 67.03
CA CYS A 661 -27.76 -84.94 66.96
C CYS A 661 -28.83 -83.88 67.12
N GLU A 662 -28.60 -82.93 68.03
CA GLU A 662 -29.49 -81.78 68.21
C GLU A 662 -28.69 -80.48 68.19
N VAL A 663 -29.18 -79.49 67.44
CA VAL A 663 -28.51 -78.20 67.37
C VAL A 663 -29.22 -77.16 68.22
N SER A 664 -28.51 -76.60 69.19
CA SER A 664 -29.06 -75.57 70.07
C SER A 664 -29.14 -74.22 69.37
N GLU A 665 -27.99 -73.65 69.03
CA GLU A 665 -27.94 -72.37 68.33
C GLU A 665 -27.10 -72.44 67.07
N CYS A 666 -27.24 -71.43 66.21
CA CYS A 666 -26.46 -71.36 64.99
C CYS A 666 -26.45 -69.96 64.38
N THR A 667 -25.30 -69.58 63.83
CA THR A 667 -25.18 -68.35 63.06
C THR A 667 -24.59 -68.68 61.69
N TYR A 668 -25.04 -67.98 60.66
CA TYR A 668 -24.61 -68.29 59.30
C TYR A 668 -23.33 -67.55 58.91
N SER A 669 -22.34 -68.30 58.43
CA SER A 669 -21.07 -67.75 57.96
C SER A 669 -20.32 -66.95 59.02
N ALA A 670 -20.22 -67.49 60.24
CA ALA A 670 -19.44 -66.88 61.30
C ALA A 670 -18.21 -67.73 61.59
N ASP A 671 -17.39 -67.28 62.53
CA ASP A 671 -16.20 -68.05 62.92
C ASP A 671 -16.60 -69.40 63.50
N PHE A 672 -17.33 -69.37 64.62
CA PHE A 672 -17.85 -70.58 65.24
C PHE A 672 -19.17 -70.30 65.94
N GLY A 673 -20.19 -70.01 65.15
CA GLY A 673 -21.50 -69.69 65.71
C GLY A 673 -22.39 -70.89 65.90
N GLY A 674 -21.92 -72.05 65.46
CA GLY A 674 -22.70 -73.27 65.58
C GLY A 674 -22.60 -73.90 66.96
N MSE A 675 -23.72 -74.44 67.44
CA MSE A 675 -23.77 -75.12 68.73
C MSE A 675 -24.72 -76.31 68.68
O MSE A 675 -25.93 -76.16 68.60
CB MSE A 675 -24.21 -74.16 69.83
CG MSE A 675 -23.09 -73.69 70.75
SE MSE A 675 -23.78 -73.09 72.46
CE MSE A 675 -22.14 -72.44 73.28
N ALA A 676 -24.15 -77.52 68.74
CA ALA A 676 -24.94 -78.74 68.73
C ALA A 676 -24.58 -79.66 69.88
N THR A 677 -25.52 -80.51 70.28
CA THR A 677 -25.31 -81.45 71.37
C THR A 677 -25.63 -82.87 70.92
N LEU A 678 -24.92 -83.84 71.47
CA LEU A 678 -25.07 -85.23 71.05
C LEU A 678 -25.43 -86.17 72.21
N GLN A 679 -26.67 -86.66 72.21
CA GLN A 679 -27.11 -87.63 73.21
C GLN A 679 -26.77 -89.04 72.73
N TYR A 680 -26.53 -89.95 73.68
CA TYR A 680 -26.10 -91.30 73.34
C TYR A 680 -26.04 -92.18 74.58
N VAL A 681 -25.44 -93.37 74.42
CA VAL A 681 -25.24 -94.30 75.52
C VAL A 681 -23.89 -95.00 75.37
N SER A 682 -23.04 -94.87 76.38
CA SER A 682 -21.71 -95.50 76.36
C SER A 682 -21.52 -96.44 77.55
N ASP A 683 -20.83 -97.54 77.32
CA ASP A 683 -20.56 -98.53 78.37
C ASP A 683 -19.68 -97.94 79.48
N ARG A 684 -18.59 -97.28 79.09
CA ARG A 684 -17.66 -96.69 80.04
C ARG A 684 -17.17 -95.32 79.58
N GLU A 685 -16.04 -94.89 80.13
CA GLU A 685 -15.46 -93.60 79.74
C GLU A 685 -14.29 -93.77 78.79
N GLY A 686 -14.07 -92.75 77.96
CA GLY A 686 -12.99 -92.77 76.99
C GLY A 686 -12.81 -91.42 76.32
N GLN A 687 -12.19 -91.44 75.14
CA GLN A 687 -11.97 -90.21 74.38
C GLN A 687 -12.26 -90.42 72.90
N CYS A 688 -13.33 -89.80 72.41
CA CYS A 688 -13.74 -89.93 71.02
C CYS A 688 -13.21 -88.81 70.14
N PRO A 689 -12.95 -89.11 68.85
CA PRO A 689 -12.62 -88.09 67.86
C PRO A 689 -13.86 -87.70 67.07
N VAL A 690 -14.27 -86.44 67.17
CA VAL A 690 -15.44 -85.94 66.47
C VAL A 690 -15.04 -85.21 65.19
N HIS A 691 -15.75 -85.51 64.10
CA HIS A 691 -15.39 -84.98 62.79
C HIS A 691 -16.60 -85.01 61.85
N SER A 692 -16.64 -84.07 60.91
CA SER A 692 -17.77 -83.97 59.98
C SER A 692 -17.43 -84.59 58.62
N HIS A 693 -18.30 -85.46 58.13
CA HIS A 693 -18.07 -86.13 56.84
C HIS A 693 -18.73 -85.41 55.67
N SER A 694 -18.75 -84.09 55.73
CA SER A 694 -19.29 -83.26 54.65
C SER A 694 -18.77 -81.83 54.79
N SER A 695 -18.24 -81.29 53.70
CA SER A 695 -17.60 -79.98 53.73
C SER A 695 -18.58 -78.85 54.03
N THR A 696 -19.87 -79.15 54.02
CA THR A 696 -20.88 -78.13 54.28
C THR A 696 -20.75 -77.58 55.71
N ALA A 697 -19.90 -78.21 56.50
CA ALA A 697 -19.66 -77.79 57.88
C ALA A 697 -18.38 -78.42 58.43
N THR A 698 -17.74 -77.73 59.38
CA THR A 698 -16.54 -78.25 60.03
C THR A 698 -16.58 -77.96 61.54
N LEU A 699 -16.06 -78.88 62.34
CA LEU A 699 -16.12 -78.76 63.79
C LEU A 699 -14.91 -78.01 64.35
N GLN A 700 -15.14 -77.25 65.43
CA GLN A 700 -14.07 -76.48 66.05
C GLN A 700 -13.11 -77.39 66.80
N GLU A 701 -13.63 -78.47 67.34
CA GLU A 701 -12.83 -79.44 68.08
C GLU A 701 -12.87 -80.79 67.40
N SER A 702 -11.79 -81.56 67.56
CA SER A 702 -11.68 -82.86 66.91
C SER A 702 -11.77 -84.03 67.90
N THR A 703 -11.58 -83.75 69.19
CA THR A 703 -11.70 -84.78 70.22
C THR A 703 -12.71 -84.38 71.30
N VAL A 704 -13.28 -85.38 71.95
CA VAL A 704 -14.25 -85.14 73.02
C VAL A 704 -14.16 -86.20 74.11
N HIS A 705 -14.22 -85.76 75.37
CA HIS A 705 -14.18 -86.68 76.51
C HIS A 705 -15.55 -87.28 76.79
N VAL A 706 -15.81 -88.43 76.18
CA VAL A 706 -17.09 -89.10 76.34
C VAL A 706 -17.28 -89.66 77.74
N LEU A 707 -18.35 -89.22 78.41
CA LEU A 707 -18.71 -89.73 79.72
C LEU A 707 -19.89 -90.69 79.59
N GLU A 708 -20.35 -91.20 80.73
CA GLU A 708 -21.49 -92.10 80.73
C GLU A 708 -22.80 -91.31 80.69
N LYS A 709 -22.72 -90.01 81.00
CA LYS A 709 -23.88 -89.14 81.01
C LYS A 709 -24.71 -89.27 79.75
N GLY A 710 -24.04 -89.32 78.60
CA GLY A 710 -24.71 -89.39 77.32
C GLY A 710 -25.07 -88.01 76.80
N ALA A 711 -24.18 -87.05 77.01
CA ALA A 711 -24.39 -85.68 76.53
C ALA A 711 -23.06 -85.04 76.15
N VAL A 712 -22.92 -84.70 74.87
CA VAL A 712 -21.71 -84.06 74.37
C VAL A 712 -22.01 -82.78 73.60
N THR A 713 -21.47 -81.67 74.09
CA THR A 713 -21.66 -80.37 73.44
C THR A 713 -20.45 -80.04 72.56
N VAL A 714 -20.73 -79.66 71.31
CA VAL A 714 -19.68 -79.36 70.34
C VAL A 714 -19.96 -78.08 69.56
N HIS A 715 -18.91 -77.34 69.23
CA HIS A 715 -19.06 -76.11 68.44
C HIS A 715 -18.65 -76.34 66.99
N PHE A 716 -19.39 -75.74 66.06
CA PHE A 716 -19.09 -75.88 64.64
C PHE A 716 -19.25 -74.57 63.86
N SER A 717 -18.81 -74.58 62.61
CA SER A 717 -18.90 -73.40 61.76
C SER A 717 -19.41 -73.77 60.37
N THR A 718 -20.25 -72.90 59.80
CA THR A 718 -20.81 -73.15 58.48
C THR A 718 -20.92 -71.83 57.70
N ALA A 719 -21.65 -71.89 56.58
CA ALA A 719 -21.89 -70.71 55.76
C ALA A 719 -23.13 -70.94 54.91
N SER A 720 -24.18 -71.44 55.56
CA SER A 720 -25.41 -71.79 54.86
C SER A 720 -26.62 -71.57 55.76
N PRO A 721 -27.83 -71.50 55.16
CA PRO A 721 -29.05 -71.27 55.95
C PRO A 721 -29.55 -72.55 56.60
N GLN A 722 -29.87 -73.55 55.78
CA GLN A 722 -30.31 -74.84 56.29
C GLN A 722 -29.38 -75.96 55.82
N ALA A 723 -28.36 -76.23 56.63
CA ALA A 723 -27.32 -77.17 56.25
C ALA A 723 -27.62 -78.61 56.64
N ASN A 724 -27.00 -79.54 55.93
CA ASN A 724 -27.12 -80.97 56.20
C ASN A 724 -25.76 -81.64 56.23
N PHE A 725 -25.30 -82.01 57.41
CA PHE A 725 -23.99 -82.65 57.55
C PHE A 725 -23.98 -83.88 58.45
N ILE A 726 -23.10 -84.83 58.12
CA ILE A 726 -22.99 -86.07 58.86
C ILE A 726 -21.84 -86.03 59.86
N VAL A 727 -22.17 -85.79 61.13
CA VAL A 727 -21.16 -85.77 62.20
C VAL A 727 -20.88 -87.18 62.70
N SER A 728 -19.64 -87.44 63.12
CA SER A 728 -19.24 -88.77 63.56
C SER A 728 -18.47 -88.77 64.88
N LEU A 729 -19.03 -89.47 65.87
CA LEU A 729 -18.34 -89.73 67.12
C LEU A 729 -17.57 -91.04 66.96
N CYS A 730 -16.68 -91.32 67.90
CA CYS A 730 -15.85 -92.52 67.86
C CYS A 730 -16.06 -93.33 66.59
N GLY A 731 -16.99 -94.28 66.63
CA GLY A 731 -17.30 -95.09 65.47
C GLY A 731 -18.66 -94.80 64.87
N LYS A 732 -19.54 -94.18 65.66
CA LYS A 732 -20.91 -93.93 65.22
C LYS A 732 -21.03 -92.69 64.34
N LYS A 733 -22.13 -92.63 63.59
CA LYS A 733 -22.41 -91.48 62.73
C LYS A 733 -23.87 -91.08 62.85
N THR A 734 -24.15 -89.79 62.67
CA THR A 734 -25.52 -89.27 62.73
C THR A 734 -25.75 -88.19 61.68
N THR A 735 -26.84 -87.44 61.85
CA THR A 735 -27.14 -86.31 60.98
C THR A 735 -27.71 -85.16 61.81
N CYS A 736 -27.33 -83.94 61.48
CA CYS A 736 -27.77 -82.76 62.23
C CYS A 736 -28.55 -81.79 61.36
N ASN A 737 -29.32 -80.91 61.99
CA ASN A 737 -30.11 -79.93 61.26
C ASN A 737 -30.49 -78.70 62.09
N ALA A 738 -30.61 -77.56 61.41
CA ALA A 738 -30.97 -76.30 62.04
C ALA A 738 -30.99 -75.20 61.00
N GLU A 739 -31.56 -74.06 61.38
CA GLU A 739 -31.62 -72.90 60.50
C GLU A 739 -30.74 -71.78 61.06
N CYS A 740 -29.98 -71.13 60.19
CA CYS A 740 -29.02 -70.13 60.63
C CYS A 740 -29.19 -68.80 59.89
N PHE B 6 27.58 15.52 35.57
CA PHE B 6 26.99 16.11 36.76
C PHE B 6 25.48 16.24 36.59
N THR B 7 24.74 16.30 37.69
CA THR B 7 23.29 16.35 37.63
C THR B 7 22.71 17.73 37.86
N LEU B 8 21.51 17.94 37.32
CA LEU B 8 20.83 19.21 37.44
C LEU B 8 19.53 19.01 38.20
N THR B 9 19.26 17.75 38.55
CA THR B 9 18.04 17.40 39.25
C THR B 9 18.35 16.42 40.38
N SER B 10 17.51 16.40 41.42
CA SER B 10 17.79 15.60 42.62
C SER B 10 16.69 14.58 42.97
N PRO B 11 17.03 13.59 43.81
CA PRO B 11 16.09 12.53 44.20
C PRO B 11 14.86 13.10 44.90
N TYR B 12 13.67 12.59 44.60
CA TYR B 12 12.45 13.07 45.23
C TYR B 12 11.77 11.99 46.10
N LEU B 13 10.62 12.32 46.68
CA LEU B 13 9.83 11.38 47.47
C LEU B 13 8.48 11.10 46.81
N GLY B 14 8.02 9.87 46.91
CA GLY B 14 6.78 9.50 46.26
C GLY B 14 5.94 8.52 47.04
N THR B 15 4.63 8.66 46.92
CA THR B 15 3.70 7.77 47.60
C THR B 15 3.86 6.32 47.10
N CYS B 16 4.06 5.40 48.04
CA CYS B 16 4.13 3.98 47.70
C CYS B 16 3.00 3.24 48.40
N SER B 17 2.73 2.01 47.99
CA SER B 17 1.62 1.24 48.57
C SER B 17 2.07 0.13 49.52
N TYR B 18 3.35 -0.18 49.51
CA TYR B 18 3.89 -1.18 50.43
C TYR B 18 5.33 -0.82 50.79
N CYS B 19 5.59 -0.60 52.08
CA CYS B 19 6.90 -0.11 52.51
C CYS B 19 7.47 -0.81 53.75
N HIS B 20 7.99 -2.02 53.57
CA HIS B 20 8.56 -2.78 54.68
C HIS B 20 7.51 -3.16 55.70
N HIS B 21 6.45 -2.34 55.76
CA HIS B 21 5.23 -2.67 56.46
C HIS B 21 4.15 -2.54 55.42
N THR B 22 3.25 -3.51 55.35
CA THR B 22 2.27 -3.55 54.29
C THR B 22 1.51 -2.23 54.08
N VAL B 23 1.66 -1.30 55.02
CA VAL B 23 0.96 -0.02 54.96
C VAL B 23 1.60 0.92 53.95
N PRO B 24 0.77 1.58 53.11
CA PRO B 24 1.22 2.57 52.11
C PRO B 24 1.94 3.73 52.77
N CYS B 25 3.05 4.18 52.19
CA CYS B 25 3.86 5.22 52.80
C CYS B 25 4.18 6.33 51.83
N PHE B 26 5.20 7.09 52.17
CA PHE B 26 5.56 8.28 51.40
C PHE B 26 7.09 8.30 51.37
N SER B 27 7.68 7.25 50.80
CA SER B 27 9.13 7.04 50.88
C SER B 27 9.89 7.38 49.60
N PRO B 28 11.23 7.46 49.71
CA PRO B 28 12.05 7.57 48.50
C PRO B 28 12.01 6.20 47.84
N VAL B 29 12.80 5.98 46.80
CA VAL B 29 12.82 4.68 46.16
C VAL B 29 11.42 4.31 45.66
N LYS B 30 10.59 5.31 45.40
CA LYS B 30 9.24 5.09 44.92
C LYS B 30 9.32 4.55 43.51
N ILE B 31 8.66 3.43 43.26
CA ILE B 31 8.67 2.84 41.94
C ILE B 31 7.56 3.45 41.09
N GLU B 32 7.94 4.06 39.97
CA GLU B 32 7.00 4.78 39.13
C GLU B 32 6.55 3.94 37.95
N GLN B 33 7.51 3.29 37.30
CA GLN B 33 7.21 2.37 36.21
C GLN B 33 8.22 1.22 36.19
N VAL B 34 7.98 0.26 35.31
CA VAL B 34 8.89 -0.85 35.12
C VAL B 34 8.73 -1.38 33.70
N TRP B 35 9.81 -1.90 33.12
CA TRP B 35 9.75 -2.45 31.77
C TRP B 35 10.12 -3.94 31.70
N ASP B 36 9.21 -4.70 31.11
CA ASP B 36 9.31 -6.14 31.03
C ASP B 36 9.03 -6.50 29.58
N GLU B 37 9.99 -6.21 28.70
CA GLU B 37 9.73 -6.35 27.28
C GLU B 37 10.86 -7.10 26.57
N ALA B 38 12.01 -7.21 27.23
CA ALA B 38 13.15 -7.90 26.65
C ALA B 38 12.81 -9.36 26.37
N ASP B 39 13.48 -9.95 25.39
CA ASP B 39 13.41 -11.39 25.18
C ASP B 39 14.27 -12.00 26.28
N ASP B 40 15.32 -11.26 26.62
CA ASP B 40 16.17 -11.59 27.75
C ASP B 40 15.33 -11.54 29.01
N ASN B 41 15.80 -12.19 30.06
CA ASN B 41 15.09 -12.18 31.32
C ASN B 41 15.40 -10.95 32.18
N THR B 42 15.59 -9.80 31.54
CA THR B 42 16.02 -8.59 32.25
C THR B 42 14.90 -7.59 32.50
N ILE B 43 15.12 -6.69 33.47
CA ILE B 43 14.11 -5.73 33.91
C ILE B 43 14.66 -4.29 33.99
N ARG B 44 13.84 -3.33 33.59
CA ARG B 44 14.18 -1.92 33.78
C ARG B 44 13.25 -1.29 34.82
N ILE B 45 13.84 -0.71 35.86
CA ILE B 45 13.09 -0.14 36.98
C ILE B 45 13.29 1.37 37.06
N GLN B 46 12.20 2.09 37.29
CA GLN B 46 12.29 3.55 37.41
C GLN B 46 11.95 4.02 38.81
N THR B 47 12.97 4.36 39.58
CA THR B 47 12.77 4.77 40.97
C THR B 47 12.84 6.28 41.16
N SER B 48 12.74 6.71 42.40
CA SER B 48 12.73 8.13 42.73
C SER B 48 14.08 8.58 43.26
N ALA B 49 14.98 7.64 43.48
CA ALA B 49 16.29 7.96 44.04
C ALA B 49 17.37 8.04 42.96
N GLN B 50 18.37 8.89 43.19
CA GLN B 50 19.49 9.03 42.26
C GLN B 50 20.69 8.17 42.65
N PHE B 51 21.33 7.58 41.64
CA PHE B 51 22.51 6.75 41.81
C PHE B 51 23.69 7.36 41.04
N GLY B 52 24.92 7.05 41.48
CA GLY B 52 26.11 7.53 40.80
C GLY B 52 26.62 8.87 41.28
N TYR B 53 25.94 9.43 42.29
CA TYR B 53 26.27 10.75 42.80
C TYR B 53 26.26 10.77 44.32
N ASP B 54 27.06 11.64 44.93
CA ASP B 54 27.16 11.74 46.38
C ASP B 54 26.19 12.76 46.99
N GLN B 55 26.73 13.85 47.55
CA GLN B 55 25.90 14.92 48.06
C GLN B 55 25.44 15.79 46.88
N SER B 56 26.38 16.17 46.03
CA SER B 56 26.09 16.87 44.80
C SER B 56 26.03 15.88 43.62
N GLY B 57 25.72 16.40 42.44
CA GLY B 57 25.65 15.56 41.25
C GLY B 57 27.02 15.25 40.71
N ALA B 58 27.75 14.39 41.41
CA ALA B 58 29.15 14.20 41.08
C ALA B 58 29.40 12.86 40.38
N ALA B 59 30.61 12.35 40.49
CA ALA B 59 30.94 11.14 39.75
C ALA B 59 31.40 10.05 40.69
N SER B 60 30.47 9.59 41.50
CA SER B 60 30.73 8.49 42.41
C SER B 60 30.18 7.20 41.82
N ALA B 61 31.09 6.42 41.26
CA ALA B 61 30.78 5.13 40.65
C ALA B 61 29.95 4.26 41.60
N ASN B 62 30.18 4.42 42.90
CA ASN B 62 29.50 3.56 43.87
C ASN B 62 28.82 4.35 45.00
N LYS B 63 28.00 5.32 44.62
CA LYS B 63 27.26 6.13 45.57
C LYS B 63 25.91 6.55 45.03
N TYR B 64 24.92 6.64 45.91
CA TYR B 64 23.60 7.11 45.54
C TYR B 64 23.20 8.21 46.51
N ARG B 65 22.10 8.88 46.19
CA ARG B 65 21.54 9.87 47.10
C ARG B 65 20.03 9.85 47.03
N TYR B 66 19.38 10.35 48.07
CA TYR B 66 17.94 10.24 48.23
C TYR B 66 17.43 11.34 49.14
N MSE B 67 16.11 11.51 49.19
CA MSE B 67 15.51 12.44 50.15
C MSE B 67 15.64 11.84 51.55
O MSE B 67 16.13 10.74 51.71
CB MSE B 67 14.05 12.70 49.82
CG MSE B 67 13.87 13.56 48.59
SE MSE B 67 13.99 15.44 49.03
CE MSE B 67 12.06 15.79 49.02
N SER B 68 15.19 12.59 52.54
CA SER B 68 15.40 12.17 53.92
C SER B 68 14.24 11.33 54.45
N LEU B 69 14.45 10.73 55.62
CA LEU B 69 13.41 9.95 56.27
C LEU B 69 12.33 10.94 56.64
N LYS B 70 12.75 12.15 56.98
CA LYS B 70 11.82 13.21 57.30
C LYS B 70 11.39 13.96 56.03
N GLN B 71 11.69 15.25 55.92
CA GLN B 71 11.34 16.01 54.71
C GLN B 71 12.11 17.32 54.64
N ASP B 72 13.19 17.41 55.41
CA ASP B 72 13.93 18.66 55.54
C ASP B 72 14.67 19.06 54.28
N HIS B 73 14.36 18.38 53.18
CA HIS B 73 15.09 18.58 51.93
C HIS B 73 16.53 18.14 52.13
N THR B 74 16.79 17.47 53.24
CA THR B 74 18.10 16.92 53.50
C THR B 74 18.34 15.78 52.52
N VAL B 75 19.18 16.03 51.52
CA VAL B 75 19.51 15.00 50.55
C VAL B 75 20.77 14.25 50.97
N LYS B 76 20.64 13.40 51.99
CA LYS B 76 21.78 12.63 52.48
C LYS B 76 22.11 11.49 51.52
N GLU B 77 23.31 10.93 51.68
CA GLU B 77 23.85 9.99 50.72
C GLU B 77 24.25 8.68 51.38
N GLY B 78 24.36 7.64 50.58
CA GLY B 78 24.89 6.36 51.03
C GLY B 78 25.81 5.77 49.99
N THR B 79 26.21 4.52 50.21
CA THR B 79 27.03 3.80 49.23
C THR B 79 26.16 2.88 48.40
N MSE B 80 26.32 2.95 47.08
CA MSE B 80 25.59 2.10 46.14
C MSE B 80 25.77 0.64 46.49
O MSE B 80 25.31 -0.26 45.79
CB MSE B 80 26.11 2.34 44.72
CG MSE B 80 25.50 3.53 44.04
SE MSE B 80 23.72 3.11 43.38
CE MSE B 80 23.56 1.27 43.97
N ASP B 81 26.47 0.41 47.58
CA ASP B 81 26.81 -0.91 48.06
C ASP B 81 25.60 -1.56 48.76
N ASP B 82 24.78 -0.74 49.41
CA ASP B 82 23.71 -1.27 50.27
C ASP B 82 22.30 -1.17 49.67
N ILE B 83 22.23 -1.01 48.36
CA ILE B 83 20.95 -0.99 47.64
C ILE B 83 20.73 -2.29 46.90
N LYS B 84 19.68 -2.99 47.27
CA LYS B 84 19.44 -4.30 46.68
C LYS B 84 18.02 -4.41 46.17
N ILE B 85 17.86 -5.12 45.05
CA ILE B 85 16.55 -5.35 44.46
C ILE B 85 16.07 -6.75 44.80
N SER B 86 14.77 -6.95 44.75
CA SER B 86 14.19 -8.25 44.95
C SER B 86 12.78 -8.27 44.39
N THR B 87 12.34 -9.44 43.94
CA THR B 87 10.96 -9.61 43.51
C THR B 87 10.29 -10.66 44.38
N SER B 88 10.69 -11.91 44.20
CA SER B 88 10.29 -12.96 45.13
C SER B 88 11.53 -13.76 45.51
N GLY B 89 12.69 -13.17 45.26
CA GLY B 89 13.95 -13.80 45.60
C GLY B 89 15.08 -12.81 45.46
N PRO B 90 16.30 -13.32 45.30
CA PRO B 90 17.41 -12.37 45.10
C PRO B 90 17.22 -11.65 43.76
N CYS B 91 17.91 -10.54 43.57
CA CYS B 91 18.00 -9.91 42.26
C CYS B 91 19.35 -9.26 42.16
N ARG B 92 20.05 -9.47 41.06
CA ARG B 92 21.36 -8.86 40.90
C ARG B 92 21.27 -7.73 39.89
N ARG B 93 21.59 -6.51 40.31
CA ARG B 93 21.60 -5.39 39.36
C ARG B 93 22.68 -5.59 38.31
N LEU B 94 22.66 -4.73 37.31
CA LEU B 94 23.72 -4.71 36.31
C LEU B 94 24.23 -3.28 36.13
N SER B 95 23.30 -2.34 35.99
CA SER B 95 23.68 -0.96 35.75
C SER B 95 22.86 0.05 36.56
N TYR B 96 23.47 1.19 36.85
CA TYR B 96 22.78 2.30 37.51
C TYR B 96 22.69 3.46 36.53
N LYS B 97 21.50 4.01 36.34
CA LYS B 97 21.36 5.15 35.44
C LYS B 97 20.63 6.30 36.12
N GLY B 98 21.25 6.87 37.15
CA GLY B 98 20.67 8.00 37.84
C GLY B 98 19.39 7.62 38.56
N TYR B 99 18.26 7.74 37.88
CA TYR B 99 16.97 7.38 38.49
C TYR B 99 16.59 5.94 38.20
N PHE B 100 17.35 5.29 37.32
CA PHE B 100 16.96 3.99 36.78
C PHE B 100 17.80 2.83 37.31
N LEU B 101 17.14 1.67 37.47
CA LEU B 101 17.82 0.42 37.78
C LEU B 101 17.63 -0.57 36.64
N LEU B 102 18.46 -1.59 36.61
CA LEU B 102 18.29 -2.63 35.61
C LEU B 102 18.89 -3.91 36.17
N ALA B 103 18.03 -4.91 36.36
CA ALA B 103 18.44 -6.16 36.98
C ALA B 103 17.79 -7.37 36.32
N LYS B 104 18.27 -8.55 36.70
CA LYS B 104 17.66 -9.79 36.29
C LYS B 104 17.02 -10.36 37.55
N CYS B 105 15.71 -10.56 37.48
CA CYS B 105 14.95 -11.03 38.62
C CYS B 105 14.21 -12.32 38.27
N PRO B 106 13.81 -13.09 39.28
CA PRO B 106 13.29 -14.45 39.08
C PRO B 106 11.79 -14.57 38.76
N PRO B 107 10.92 -14.65 39.77
CA PRO B 107 9.56 -15.09 39.47
C PRO B 107 8.80 -14.01 38.72
N GLY B 108 8.27 -13.05 39.48
CA GLY B 108 7.59 -11.90 38.92
C GLY B 108 6.18 -11.67 39.44
N ASP B 109 6.03 -11.64 40.76
CA ASP B 109 4.73 -11.27 41.35
C ASP B 109 4.66 -9.78 41.72
N SER B 110 5.71 -9.27 42.34
CA SER B 110 5.84 -7.84 42.57
C SER B 110 7.31 -7.44 42.47
N VAL B 111 7.61 -6.16 42.66
CA VAL B 111 8.98 -5.69 42.61
C VAL B 111 9.28 -4.82 43.80
N THR B 112 10.37 -5.10 44.49
CA THR B 112 10.69 -4.39 45.71
C THR B 112 12.10 -3.82 45.68
N VAL B 113 12.19 -2.49 45.69
CA VAL B 113 13.49 -1.84 45.76
C VAL B 113 13.67 -1.25 47.15
N SER B 114 14.79 -1.57 47.80
CA SER B 114 14.98 -1.16 49.18
C SER B 114 16.42 -0.83 49.53
N ILE B 115 16.60 -0.11 50.63
CA ILE B 115 17.92 0.19 51.15
C ILE B 115 18.09 -0.51 52.50
N VAL B 116 19.14 -1.31 52.63
CA VAL B 116 19.41 -2.01 53.89
C VAL B 116 20.69 -1.49 54.55
N SER B 117 20.79 -0.17 54.71
CA SER B 117 22.00 0.48 55.21
C SER B 117 22.29 0.15 56.67
N SER B 118 22.38 1.18 57.51
CA SER B 118 22.72 1.01 58.93
C SER B 118 21.48 0.84 59.84
N ASN B 119 20.75 -0.25 59.63
CA ASN B 119 19.55 -0.58 60.42
C ASN B 119 18.25 0.08 59.95
N SER B 120 18.34 1.30 59.42
CA SER B 120 17.19 1.98 58.82
C SER B 120 16.84 1.36 57.48
N ALA B 121 15.62 0.82 57.39
CA ALA B 121 15.21 0.06 56.20
C ALA B 121 13.94 0.61 55.56
N THR B 122 14.12 1.38 54.49
CA THR B 122 12.99 1.81 53.67
C THR B 122 12.95 0.95 52.41
N SER B 123 11.75 0.61 51.97
CA SER B 123 11.56 -0.19 50.76
C SER B 123 10.19 0.05 50.13
N CYS B 124 10.18 0.53 48.89
CA CYS B 124 8.94 0.58 48.14
C CYS B 124 8.83 -0.69 47.32
N THR B 125 7.63 -1.19 47.14
CA THR B 125 7.40 -2.33 46.27
C THR B 125 6.18 -2.14 45.39
N LEU B 126 6.22 -2.68 44.18
CA LEU B 126 5.17 -2.43 43.22
C LEU B 126 4.46 -3.71 42.79
N ALA B 127 3.19 -3.57 42.48
CA ALA B 127 2.36 -4.71 42.14
C ALA B 127 2.41 -5.01 40.65
N ARG B 128 3.60 -5.28 40.12
CA ARG B 128 3.67 -5.64 38.72
C ARG B 128 4.02 -7.12 38.56
N LYS B 129 3.57 -7.71 37.45
CA LYS B 129 3.74 -9.14 37.23
C LYS B 129 4.75 -9.43 36.12
N ILE B 130 5.88 -10.03 36.50
CA ILE B 130 6.88 -10.50 35.55
C ILE B 130 6.65 -11.96 35.22
N LYS B 131 6.93 -12.33 33.98
CA LYS B 131 6.70 -13.70 33.56
C LYS B 131 8.01 -14.35 33.13
N PRO B 132 8.10 -15.68 33.29
CA PRO B 132 9.30 -16.39 32.86
C PRO B 132 9.47 -16.24 31.35
N LYS B 133 10.58 -15.64 30.94
CA LYS B 133 10.84 -15.42 29.52
C LYS B 133 11.96 -16.32 29.01
N PHE B 134 11.64 -17.16 28.02
CA PHE B 134 12.67 -17.84 27.26
C PHE B 134 12.41 -17.69 25.76
N VAL B 135 13.44 -17.27 25.04
CA VAL B 135 13.31 -16.92 23.64
C VAL B 135 13.22 -18.13 22.69
N GLY B 136 14.13 -19.08 22.83
CA GLY B 136 14.18 -20.19 21.90
C GLY B 136 12.88 -20.96 21.67
N ARG B 137 12.97 -22.04 20.90
CA ARG B 137 11.92 -23.05 20.88
C ARG B 137 12.27 -24.11 21.89
N GLU B 138 13.28 -23.81 22.72
CA GLU B 138 13.67 -24.69 23.78
C GLU B 138 13.66 -23.95 25.12
N LYS B 139 12.89 -24.51 26.05
CA LYS B 139 12.73 -24.00 27.41
C LYS B 139 14.03 -24.08 28.19
N TYR B 140 14.46 -22.95 28.73
CA TYR B 140 15.63 -22.90 29.59
C TYR B 140 15.42 -21.90 30.73
N ASP B 141 16.16 -22.09 31.82
CA ASP B 141 16.03 -21.22 32.97
C ASP B 141 17.32 -20.46 33.16
N LEU B 142 18.29 -20.83 32.32
CA LEU B 142 19.60 -20.17 32.30
C LEU B 142 20.24 -20.38 30.93
N PRO B 143 20.83 -19.31 30.38
CA PRO B 143 21.55 -19.40 29.11
C PRO B 143 22.63 -20.45 29.24
N PRO B 144 22.69 -21.41 28.32
CA PRO B 144 23.70 -22.48 28.38
C PRO B 144 25.12 -21.97 28.12
N VAL B 145 26.11 -22.61 28.74
CA VAL B 145 27.51 -22.37 28.40
C VAL B 145 27.69 -22.82 26.97
N HIS B 146 26.78 -23.68 26.57
CA HIS B 146 26.81 -24.38 25.30
C HIS B 146 25.86 -23.70 24.32
N GLY B 147 25.43 -24.43 23.30
CA GLY B 147 24.32 -23.99 22.48
C GLY B 147 24.49 -22.85 21.51
N LYS B 148 23.38 -22.53 20.85
CA LYS B 148 23.31 -21.68 19.66
C LYS B 148 23.22 -20.18 19.96
N LYS B 149 23.56 -19.35 18.97
CA LYS B 149 23.27 -17.91 19.07
C LYS B 149 22.05 -17.55 18.21
N ILE B 150 21.14 -16.78 18.78
CA ILE B 150 19.88 -16.48 18.12
C ILE B 150 19.58 -14.99 18.15
N PRO B 151 18.79 -14.52 17.18
CA PRO B 151 18.35 -13.13 17.22
C PRO B 151 17.44 -12.94 18.42
N CYS B 152 17.71 -11.90 19.21
CA CYS B 152 16.85 -11.52 20.32
C CYS B 152 17.06 -10.03 20.59
N THR B 153 16.18 -9.43 21.38
CA THR B 153 16.39 -8.06 21.83
C THR B 153 16.63 -8.04 23.34
N VAL B 154 17.30 -7.00 23.83
CA VAL B 154 17.64 -6.91 25.24
C VAL B 154 18.04 -5.47 25.62
N TYR B 155 18.05 -5.16 26.91
CA TYR B 155 18.38 -3.82 27.37
C TYR B 155 19.88 -3.57 27.36
N ASP B 156 20.26 -2.35 27.00
CA ASP B 156 21.68 -1.96 26.98
C ASP B 156 22.29 -1.96 28.36
N ARG B 157 23.61 -1.78 28.41
CA ARG B 157 24.31 -1.70 29.69
C ARG B 157 25.42 -0.64 29.63
N LYS B 254 10.90 14.55 30.74
CA LYS B 254 11.38 14.32 29.37
C LYS B 254 12.03 12.94 29.11
N LEU B 255 11.40 12.13 28.25
CA LEU B 255 12.16 11.69 27.08
C LEU B 255 13.19 10.55 27.24
N HIS B 256 14.16 10.52 26.32
CA HIS B 256 15.18 9.46 26.24
C HIS B 256 16.33 9.56 27.26
N LEU B 257 16.21 8.78 28.33
CA LEU B 257 17.29 8.62 29.31
C LEU B 257 17.44 7.20 29.90
N PRO B 258 16.61 6.23 29.45
CA PRO B 258 16.72 4.94 30.11
C PRO B 258 17.83 4.07 29.52
N PHE B 259 17.77 2.76 29.76
CA PHE B 259 18.61 1.79 29.06
C PHE B 259 17.87 1.27 27.82
N LYS B 260 18.27 1.75 26.65
CA LYS B 260 17.52 1.48 25.41
C LYS B 260 17.42 -0.01 25.07
N LEU B 261 16.48 -0.34 24.19
CA LEU B 261 16.23 -1.72 23.80
C LEU B 261 16.83 -2.05 22.44
N ILE B 262 18.02 -2.64 22.45
CA ILE B 262 18.71 -2.99 21.21
C ILE B 262 18.48 -4.46 20.86
N PRO B 263 18.37 -4.77 19.56
CA PRO B 263 18.38 -6.16 19.11
C PRO B 263 19.81 -6.70 19.16
N SER B 264 19.96 -7.96 19.54
CA SER B 264 21.26 -8.60 19.54
C SER B 264 21.17 -10.13 19.51
N THR B 265 22.08 -10.80 20.21
CA THR B 265 22.12 -12.25 20.15
C THR B 265 22.00 -12.90 21.52
N CYS B 266 21.11 -13.89 21.60
CA CYS B 266 20.93 -14.66 22.83
C CYS B 266 21.23 -16.13 22.59
N MSE B 267 21.79 -16.77 23.61
CA MSE B 267 22.16 -18.18 23.53
C MSE B 267 21.04 -19.12 23.97
O MSE B 267 20.73 -19.23 25.16
CB MSE B 267 23.40 -18.42 24.37
CG MSE B 267 24.50 -19.16 23.64
SE MSE B 267 26.19 -18.93 24.55
CE MSE B 267 27.30 -19.99 23.36
N VAL B 268 20.45 -19.81 23.01
CA VAL B 268 19.45 -20.82 23.32
C VAL B 268 20.16 -22.19 23.31
N PRO B 269 19.61 -23.18 24.04
CA PRO B 269 20.22 -24.50 23.99
C PRO B 269 19.78 -25.21 22.72
N VAL B 270 20.52 -26.22 22.31
CA VAL B 270 20.12 -27.02 21.17
C VAL B 270 19.78 -28.44 21.64
N ALA B 271 18.69 -28.99 21.12
CA ALA B 271 18.13 -30.22 21.66
C ALA B 271 18.93 -31.44 21.25
N HIS B 272 18.73 -32.54 21.97
CA HIS B 272 19.42 -33.80 21.68
C HIS B 272 18.88 -34.47 20.41
N ALA B 273 19.61 -34.26 19.31
CA ALA B 273 19.24 -34.81 18.01
C ALA B 273 18.39 -36.07 18.11
N PRO B 274 17.18 -36.03 17.56
CA PRO B 274 16.30 -37.20 17.58
C PRO B 274 16.89 -38.35 16.81
N ASN B 275 16.93 -39.53 17.41
CA ASN B 275 17.29 -40.72 16.67
C ASN B 275 16.16 -41.11 15.71
N VAL B 276 16.38 -40.86 14.42
CA VAL B 276 15.33 -41.00 13.41
C VAL B 276 15.35 -42.34 12.75
N ILE B 277 14.20 -42.80 12.32
CA ILE B 277 14.09 -44.10 11.67
C ILE B 277 13.18 -44.03 10.47
N HIS B 278 13.77 -44.17 9.30
CA HIS B 278 13.03 -44.08 8.04
C HIS B 278 12.43 -45.44 7.74
N GLY B 279 11.26 -45.43 7.12
CA GLY B 279 10.56 -46.66 6.81
C GLY B 279 9.71 -46.49 5.57
N PHE B 280 8.72 -47.37 5.39
CA PHE B 280 7.82 -47.25 4.25
C PHE B 280 6.89 -46.06 4.43
N LYS B 281 7.18 -44.98 3.71
CA LYS B 281 6.39 -43.76 3.82
C LYS B 281 6.22 -43.39 5.30
N HIS B 282 7.32 -43.41 6.03
CA HIS B 282 7.28 -43.49 7.48
C HIS B 282 8.46 -42.76 8.11
N ILE B 283 8.20 -42.02 9.18
CA ILE B 283 9.30 -41.53 10.00
C ILE B 283 8.95 -41.55 11.47
N SER B 284 9.44 -42.54 12.20
CA SER B 284 9.33 -42.47 13.65
C SER B 284 10.45 -41.59 14.16
N LEU B 285 10.14 -40.74 15.12
CA LEU B 285 11.13 -39.83 15.67
C LEU B 285 11.35 -40.03 17.16
N GLN B 286 12.29 -40.92 17.49
CA GLN B 286 12.63 -41.19 18.89
C GLN B 286 13.28 -39.96 19.53
N LEU B 287 12.60 -39.39 20.52
CA LEU B 287 13.00 -38.11 21.09
C LEU B 287 13.29 -38.26 22.58
N ASP B 288 14.25 -37.49 23.09
CA ASP B 288 14.68 -37.65 24.46
C ASP B 288 15.24 -36.36 25.00
N THR B 289 14.37 -35.46 25.44
CA THR B 289 14.84 -34.17 25.92
C THR B 289 14.72 -33.94 27.40
N ASP B 290 15.84 -33.52 27.95
CA ASP B 290 15.96 -32.99 29.28
C ASP B 290 14.90 -31.94 29.60
N HIS B 291 14.39 -31.25 28.57
CA HIS B 291 13.54 -30.07 28.78
C HIS B 291 12.42 -29.96 27.76
N LEU B 292 11.73 -28.83 27.78
CA LEU B 292 10.61 -28.62 26.88
C LEU B 292 11.04 -28.11 25.51
N THR B 293 10.95 -28.99 24.51
CA THR B 293 11.27 -28.58 23.15
C THR B 293 10.05 -28.62 22.27
N LEU B 294 9.99 -27.67 21.35
CA LEU B 294 8.93 -27.59 20.37
C LEU B 294 9.24 -28.45 19.15
N LEU B 295 8.26 -29.21 18.68
CA LEU B 295 8.45 -30.04 17.49
C LEU B 295 7.41 -29.68 16.44
N THR B 296 7.86 -29.03 15.38
CA THR B 296 6.98 -28.67 14.28
C THR B 296 7.12 -29.57 13.06
N THR B 297 6.05 -29.69 12.30
CA THR B 297 6.09 -30.41 11.04
C THR B 297 5.13 -29.75 10.05
N ARG B 298 5.25 -30.20 8.80
CA ARG B 298 4.37 -29.80 7.72
C ARG B 298 4.75 -30.66 6.54
N ARG B 299 3.77 -31.01 5.71
CA ARG B 299 4.06 -31.71 4.48
C ARG B 299 4.58 -30.72 3.42
N LEU B 300 5.31 -31.22 2.44
CA LEU B 300 5.84 -30.34 1.42
C LEU B 300 4.90 -30.34 0.21
N GLY B 301 3.87 -31.17 0.30
CA GLY B 301 2.85 -31.24 -0.74
C GLY B 301 1.86 -30.11 -0.63
N ALA B 302 0.74 -30.23 -1.35
CA ALA B 302 -0.26 -29.17 -1.42
C ALA B 302 -0.95 -28.93 -0.09
N ASN B 303 -1.38 -30.03 0.53
CA ASN B 303 -2.02 -29.98 1.83
C ASN B 303 -1.02 -30.44 2.88
N PRO B 304 -0.49 -29.49 3.67
CA PRO B 304 0.60 -29.70 4.63
C PRO B 304 0.19 -30.21 6.01
N GLU B 305 -1.08 -30.01 6.38
CA GLU B 305 -1.57 -30.46 7.69
C GLU B 305 -0.54 -30.21 8.79
N PRO B 306 -0.11 -28.95 8.95
CA PRO B 306 0.94 -28.58 9.90
C PRO B 306 0.62 -29.10 11.28
N THR B 307 1.65 -29.37 12.08
CA THR B 307 1.47 -30.01 13.38
C THR B 307 2.51 -29.63 14.41
N THR B 308 2.16 -28.68 15.27
CA THR B 308 3.04 -28.28 16.36
C THR B 308 2.69 -29.04 17.65
N GLU B 309 3.71 -29.23 18.50
CA GLU B 309 3.59 -29.85 19.83
C GLU B 309 4.85 -29.56 20.62
N TRP B 310 4.73 -29.38 21.93
CA TRP B 310 5.90 -29.32 22.79
C TRP B 310 6.11 -30.67 23.46
N ILE B 311 7.32 -31.21 23.40
CA ILE B 311 7.57 -32.51 24.01
C ILE B 311 8.56 -32.42 25.17
N VAL B 312 8.46 -33.38 26.09
CA VAL B 312 9.45 -33.54 27.16
C VAL B 312 9.76 -34.98 27.44
N GLY B 313 10.98 -35.22 27.92
CA GLY B 313 11.36 -36.58 28.28
C GLY B 313 11.42 -37.47 27.05
N LYS B 314 10.81 -38.64 27.13
CA LYS B 314 11.02 -39.66 26.11
C LYS B 314 9.74 -40.09 25.46
N THR B 315 9.62 -39.85 24.17
CA THR B 315 8.56 -40.49 23.41
C THR B 315 8.99 -40.78 22.00
N VAL B 316 8.05 -41.32 21.24
CA VAL B 316 8.23 -41.61 19.83
C VAL B 316 7.17 -40.82 19.11
N ARG B 317 7.44 -40.47 17.86
CA ARG B 317 6.49 -39.68 17.10
C ARG B 317 6.55 -40.03 15.63
N ASN B 318 5.69 -40.93 15.18
CA ASN B 318 5.69 -41.27 13.76
C ASN B 318 5.02 -40.15 12.95
N PHE B 319 5.35 -40.08 11.66
CA PHE B 319 4.70 -39.18 10.72
C PHE B 319 4.68 -39.86 9.36
N THR B 320 3.58 -39.69 8.66
CA THR B 320 3.44 -40.25 7.33
C THR B 320 4.45 -39.53 6.46
N VAL B 321 4.75 -40.08 5.29
CA VAL B 321 5.52 -39.33 4.31
C VAL B 321 4.86 -39.40 2.93
N ASP B 322 4.14 -38.33 2.62
CA ASP B 322 3.15 -38.33 1.56
C ASP B 322 3.72 -38.45 0.16
N ARG B 323 4.94 -38.97 0.05
CA ARG B 323 5.59 -39.05 -1.25
C ARG B 323 6.25 -37.72 -1.62
N ASP B 324 5.70 -36.61 -1.13
CA ASP B 324 6.31 -35.30 -1.35
C ASP B 324 7.28 -34.99 -0.23
N GLY B 325 7.43 -35.93 0.70
CA GLY B 325 8.24 -35.72 1.88
C GLY B 325 7.59 -34.81 2.91
N LEU B 326 8.41 -34.23 3.77
CA LEU B 326 7.92 -33.33 4.81
C LEU B 326 9.04 -32.73 5.66
N GLU B 327 8.86 -31.48 6.05
CA GLU B 327 9.84 -30.78 6.83
C GLU B 327 9.52 -31.02 8.29
N TYR B 328 10.55 -31.15 9.11
CA TYR B 328 10.35 -31.06 10.55
C TYR B 328 11.42 -30.22 11.25
N ILE B 329 10.97 -29.21 11.96
CA ILE B 329 11.87 -28.48 12.86
C ILE B 329 11.76 -29.15 14.21
N TRP B 330 12.87 -29.26 14.92
CA TRP B 330 12.79 -29.83 16.25
C TRP B 330 13.61 -29.06 17.28
N GLY B 331 13.04 -27.98 17.78
CA GLY B 331 13.56 -27.33 18.96
C GLY B 331 14.73 -26.47 18.60
N ASN B 332 14.46 -25.39 17.90
CA ASN B 332 15.50 -24.53 17.37
C ASN B 332 16.77 -25.28 16.90
N HIS B 333 16.54 -26.48 16.37
CA HIS B 333 17.46 -27.09 15.46
C HIS B 333 17.24 -26.38 14.13
N GLU B 334 17.97 -26.80 13.10
CA GLU B 334 17.65 -26.34 11.75
C GLU B 334 16.70 -27.35 11.10
N PRO B 335 15.87 -26.87 10.19
CA PRO B 335 14.64 -27.56 9.79
C PRO B 335 14.83 -28.68 8.78
N VAL B 336 15.43 -29.80 9.17
CA VAL B 336 15.55 -30.94 8.24
C VAL B 336 14.22 -31.38 7.62
N ARG B 337 14.30 -31.90 6.40
CA ARG B 337 13.12 -32.47 5.77
C ARG B 337 13.45 -33.81 5.13
N VAL B 338 12.49 -34.74 5.18
CA VAL B 338 12.71 -36.10 4.72
C VAL B 338 11.71 -36.49 3.66
N TYR B 339 12.15 -37.31 2.72
CA TYR B 339 11.32 -37.71 1.59
C TYR B 339 11.04 -39.22 1.56
N ALA B 340 10.30 -39.63 0.53
CA ALA B 340 9.88 -41.03 0.40
C ALA B 340 10.67 -41.74 -0.69
N GLN B 341 11.98 -41.78 -0.44
CA GLN B 341 12.92 -42.69 -1.09
C GLN B 341 12.54 -43.05 -2.52
N GLY B 359 18.50 -14.99 -35.94
CA GLY B 359 18.30 -15.39 -34.56
C GLY B 359 18.77 -16.80 -34.25
N GLY B 360 17.82 -17.68 -34.00
CA GLY B 360 18.15 -19.07 -33.69
C GLY B 360 16.91 -19.95 -33.68
N TYR B 361 17.01 -21.10 -33.03
CA TYR B 361 15.89 -22.02 -32.94
C TYR B 361 15.03 -21.77 -31.71
N GLU B 362 13.72 -21.62 -31.91
CA GLU B 362 12.78 -21.39 -30.81
C GLU B 362 12.12 -22.71 -30.40
N HIS B 363 12.38 -23.13 -29.17
CA HIS B 363 11.95 -24.43 -28.67
C HIS B 363 10.99 -24.30 -27.50
N ALA B 364 9.89 -25.06 -27.54
CA ALA B 364 8.83 -24.95 -26.55
C ALA B 364 8.69 -26.21 -25.71
N THR B 365 9.07 -26.13 -24.44
CA THR B 365 8.86 -27.22 -23.50
C THR B 365 8.08 -26.73 -22.30
N THR B 366 7.85 -27.63 -21.36
CA THR B 366 7.23 -27.26 -20.09
C THR B 366 7.97 -27.95 -18.93
N VAL B 367 8.72 -27.15 -18.19
CA VAL B 367 9.51 -27.64 -17.07
C VAL B 367 8.76 -27.56 -15.74
N PRO B 368 8.67 -28.70 -15.04
CA PRO B 368 8.04 -28.72 -13.72
C PRO B 368 8.77 -27.78 -12.78
N ASN B 369 8.01 -27.00 -12.01
CA ASN B 369 8.57 -26.06 -11.04
C ASN B 369 9.00 -26.79 -9.78
N VAL B 370 10.27 -27.20 -9.72
CA VAL B 370 10.81 -27.91 -8.57
C VAL B 370 12.30 -27.64 -8.46
N PRO B 371 12.70 -26.86 -7.45
CA PRO B 371 14.12 -26.52 -7.29
C PRO B 371 15.09 -27.69 -7.48
N GLN B 372 16.25 -27.40 -8.07
CA GLN B 372 17.40 -28.29 -8.11
C GLN B 372 17.29 -29.54 -9.00
N ILE B 373 16.08 -29.87 -9.42
CA ILE B 373 15.86 -31.05 -10.26
C ILE B 373 15.92 -30.68 -11.73
N PRO B 374 16.98 -31.13 -12.42
CA PRO B 374 17.25 -30.89 -13.84
C PRO B 374 16.27 -31.59 -14.78
N TYR B 375 15.95 -30.91 -15.86
CA TYR B 375 15.04 -31.43 -16.86
C TYR B 375 15.82 -31.74 -18.12
N LYS B 376 15.90 -33.03 -18.46
CA LYS B 376 16.60 -33.43 -19.68
C LYS B 376 15.62 -33.54 -20.85
N ALA B 377 15.97 -32.92 -21.98
CA ALA B 377 15.14 -32.97 -23.17
C ALA B 377 16.00 -33.05 -24.43
N LEU B 378 15.38 -33.39 -25.55
CA LEU B 378 16.09 -33.47 -26.83
C LEU B 378 15.56 -32.50 -27.87
N VAL B 379 16.42 -31.62 -28.33
CA VAL B 379 16.02 -30.73 -29.40
C VAL B 379 16.09 -31.48 -30.72
N GLU B 380 14.93 -31.68 -31.35
CA GLU B 380 14.84 -32.39 -32.62
C GLU B 380 14.62 -31.42 -33.77
N ARG B 381 15.64 -31.25 -34.60
CA ARG B 381 15.48 -30.42 -35.78
C ARG B 381 15.89 -31.17 -37.04
N ALA B 382 15.12 -30.98 -38.11
CA ALA B 382 15.39 -31.65 -39.37
C ALA B 382 16.82 -31.45 -39.82
N GLY B 383 17.48 -32.54 -40.19
CA GLY B 383 18.82 -32.49 -40.74
C GLY B 383 19.91 -32.21 -39.72
N TYR B 384 19.53 -31.53 -38.64
CA TYR B 384 20.47 -31.25 -37.56
C TYR B 384 20.57 -32.42 -36.57
N ALA B 385 21.69 -32.46 -35.85
CA ALA B 385 21.94 -33.50 -34.85
C ALA B 385 21.43 -33.07 -33.48
N PRO B 386 20.53 -33.88 -32.87
CA PRO B 386 19.89 -33.64 -31.57
C PRO B 386 20.76 -32.89 -30.55
N LEU B 387 20.12 -32.04 -29.75
CA LEU B 387 20.83 -31.13 -28.86
C LEU B 387 20.69 -31.42 -27.38
N ASN B 388 21.84 -31.39 -26.71
CA ASN B 388 21.93 -31.40 -25.26
C ASN B 388 21.11 -30.26 -24.66
N LEU B 389 20.06 -30.63 -23.92
CA LEU B 389 19.25 -29.63 -23.24
C LEU B 389 18.87 -30.06 -21.82
N GLU B 390 19.44 -29.38 -20.84
CA GLU B 390 19.05 -29.57 -19.45
C GLU B 390 18.76 -28.23 -18.78
N ILE B 391 17.58 -28.12 -18.19
CA ILE B 391 17.16 -26.90 -17.53
C ILE B 391 16.98 -27.18 -16.06
N THR B 392 17.62 -26.38 -15.22
CA THR B 392 17.43 -26.52 -13.77
C THR B 392 16.87 -25.23 -13.18
N VAL B 393 15.63 -25.29 -12.72
CA VAL B 393 15.07 -24.18 -11.96
C VAL B 393 15.82 -24.11 -10.63
N MSE B 394 16.92 -23.37 -10.67
CA MSE B 394 17.83 -23.27 -9.56
C MSE B 394 17.14 -22.67 -8.36
O MSE B 394 17.41 -23.06 -7.22
CB MSE B 394 18.97 -22.35 -9.97
CG MSE B 394 20.33 -22.95 -9.85
SE MSE B 394 21.54 -21.47 -9.61
CE MSE B 394 20.75 -20.60 -8.05
N SER B 395 16.26 -21.70 -8.62
CA SER B 395 15.56 -20.97 -7.58
C SER B 395 14.24 -20.36 -8.06
N SER B 396 13.22 -20.40 -7.22
CA SER B 396 11.97 -19.70 -7.52
C SER B 396 11.67 -18.69 -6.41
N GLU B 397 11.00 -17.60 -6.78
CA GLU B 397 10.47 -16.64 -5.81
C GLU B 397 9.06 -16.28 -6.17
N VAL B 398 8.23 -16.06 -5.16
CA VAL B 398 6.87 -15.61 -5.39
C VAL B 398 6.74 -14.28 -4.67
N LEU B 399 6.87 -13.20 -5.44
CA LEU B 399 6.92 -11.87 -4.84
C LEU B 399 5.61 -11.14 -5.07
N PRO B 400 4.79 -11.04 -4.02
CA PRO B 400 3.49 -10.38 -4.09
C PRO B 400 3.62 -8.93 -3.68
N SER B 401 2.68 -8.12 -4.15
CA SER B 401 2.65 -6.68 -3.89
C SER B 401 2.16 -6.41 -2.48
N THR B 402 2.93 -5.61 -1.74
CA THR B 402 2.59 -5.37 -0.35
C THR B 402 2.20 -3.90 -0.06
N ASN B 403 0.95 -3.72 0.38
CA ASN B 403 0.49 -2.43 0.91
C ASN B 403 0.56 -2.44 2.43
N GLN B 404 1.64 -1.93 3.01
CA GLN B 404 1.68 -1.81 4.46
C GLN B 404 0.53 -0.89 4.86
N GLU B 405 -0.24 -1.32 5.86
CA GLU B 405 -1.39 -0.57 6.32
C GLU B 405 -1.04 0.29 7.53
N TYR B 406 -0.69 -0.37 8.63
CA TYR B 406 -0.23 0.34 9.82
C TYR B 406 0.82 -0.44 10.61
N ILE B 407 1.32 0.25 11.62
CA ILE B 407 2.18 -0.36 12.61
C ILE B 407 1.29 -0.63 13.80
N THR B 408 1.75 -1.46 14.72
CA THR B 408 1.09 -1.59 16.01
C THR B 408 2.06 -2.14 17.04
N CYS B 409 1.82 -1.77 18.30
CA CYS B 409 2.65 -2.28 19.38
C CYS B 409 2.05 -2.08 20.77
N LYS B 410 2.83 -2.37 21.80
CA LYS B 410 2.39 -2.14 23.16
C LYS B 410 2.28 -0.63 23.33
N PHE B 411 1.07 -0.17 23.62
CA PHE B 411 0.84 1.25 23.85
C PHE B 411 1.21 1.60 25.29
N THR B 412 1.30 2.89 25.58
CA THR B 412 1.50 3.36 26.94
C THR B 412 0.39 4.34 27.21
N THR B 413 -0.17 4.29 28.42
CA THR B 413 -1.24 5.21 28.78
C THR B 413 -0.72 6.39 29.60
N VAL B 414 -0.96 7.59 29.11
CA VAL B 414 -0.54 8.80 29.81
C VAL B 414 -1.70 9.37 30.61
N VAL B 415 -1.43 9.70 31.87
CA VAL B 415 -2.46 10.26 32.73
C VAL B 415 -2.00 11.56 33.35
N PRO B 416 -2.35 12.69 32.71
CA PRO B 416 -1.91 14.00 33.17
C PRO B 416 -2.67 14.38 34.43
N SER B 417 -2.00 15.06 35.36
CA SER B 417 -2.64 15.48 36.60
C SER B 417 -4.01 16.12 36.34
N PRO B 418 -5.03 15.67 37.07
CA PRO B 418 -6.40 16.10 36.81
C PRO B 418 -6.57 17.59 37.06
N LYS B 419 -7.30 18.25 36.17
CA LYS B 419 -7.64 19.66 36.38
C LYS B 419 -8.90 19.73 37.23
N ILE B 420 -8.75 20.21 38.46
CA ILE B 420 -9.87 20.36 39.38
C ILE B 420 -10.19 21.83 39.63
N LYS B 421 -11.48 22.15 39.56
CA LYS B 421 -11.93 23.52 39.75
C LYS B 421 -12.68 23.66 41.06
N CYS B 422 -12.11 24.40 42.00
CA CYS B 422 -12.71 24.57 43.31
C CYS B 422 -14.00 25.39 43.22
N CYS B 423 -15.13 24.70 43.33
CA CYS B 423 -16.45 25.34 43.41
C CYS B 423 -17.04 25.75 42.06
N GLY B 424 -16.96 24.86 41.09
CA GLY B 424 -17.56 25.13 39.79
C GLY B 424 -17.78 23.89 38.94
N SER B 425 -18.34 24.10 37.75
CA SER B 425 -18.56 23.00 36.80
C SER B 425 -17.47 22.98 35.73
N LEU B 426 -17.01 21.79 35.36
CA LEU B 426 -15.91 21.65 34.40
C LEU B 426 -16.30 20.79 33.22
N GLU B 427 -17.09 21.32 32.29
CA GLU B 427 -17.52 20.52 31.15
C GLU B 427 -16.40 20.29 30.14
N CYS B 428 -15.84 19.09 30.19
CA CYS B 428 -14.70 18.70 29.38
C CYS B 428 -15.00 18.74 27.89
N GLN B 429 -13.97 19.02 27.11
CA GLN B 429 -14.09 19.22 25.66
C GLN B 429 -13.26 18.20 24.87
N PRO B 430 -13.82 17.67 23.77
CA PRO B 430 -13.11 16.72 22.91
C PRO B 430 -11.76 17.27 22.50
N ALA B 431 -10.69 16.87 23.18
CA ALA B 431 -9.33 17.25 22.78
C ALA B 431 -8.71 16.21 21.84
N ALA B 432 -9.00 16.35 20.55
CA ALA B 432 -8.62 15.39 19.53
C ALA B 432 -7.15 15.00 19.55
N HIS B 433 -6.88 13.78 20.03
CA HIS B 433 -5.56 13.18 19.88
C HIS B 433 -5.54 11.68 20.32
N ALA B 434 -4.38 11.04 20.13
CA ALA B 434 -4.19 9.58 20.31
C ALA B 434 -5.43 8.75 20.63
N GLY B 435 -5.45 8.16 21.83
CA GLY B 435 -6.65 7.49 22.32
C GLY B 435 -7.25 8.26 23.49
N TYR B 436 -7.71 9.48 23.22
CA TYR B 436 -8.13 10.40 24.28
C TYR B 436 -9.44 10.01 24.91
N THR B 437 -9.53 10.20 26.22
CA THR B 437 -10.80 10.07 26.93
C THR B 437 -10.83 10.91 28.20
N CYS B 438 -11.96 11.58 28.41
CA CYS B 438 -12.16 12.39 29.60
C CYS B 438 -13.46 11.95 30.25
N LYS B 439 -13.65 12.36 31.50
CA LYS B 439 -14.96 12.30 32.11
C LYS B 439 -15.00 13.35 33.19
N VAL B 440 -16.15 14.00 33.29
CA VAL B 440 -16.39 15.04 34.27
C VAL B 440 -17.06 14.46 35.52
N PHE B 441 -16.39 14.56 36.66
CA PHE B 441 -16.90 14.00 37.91
C PHE B 441 -17.26 15.09 38.90
N GLY B 442 -18.51 15.06 39.37
CA GLY B 442 -19.02 16.11 40.23
C GLY B 442 -19.10 15.75 41.70
N GLY B 443 -19.06 16.77 42.54
CA GLY B 443 -19.10 16.58 43.98
C GLY B 443 -17.92 15.72 44.40
N VAL B 444 -16.74 16.12 43.97
CA VAL B 444 -15.54 15.33 44.18
C VAL B 444 -15.06 15.41 45.62
N TYR B 445 -14.34 16.48 45.93
CA TYR B 445 -13.70 16.60 47.22
C TYR B 445 -14.46 17.54 48.14
N PRO B 446 -14.58 17.17 49.43
CA PRO B 446 -15.18 18.04 50.45
C PRO B 446 -14.21 19.13 50.90
N PHE B 447 -14.73 20.14 51.60
CA PHE B 447 -13.98 21.34 51.99
C PHE B 447 -12.59 21.09 52.60
N MSE B 448 -12.56 20.35 53.71
CA MSE B 448 -11.31 20.13 54.43
C MSE B 448 -10.58 18.92 53.88
O MSE B 448 -11.15 17.82 53.78
CB MSE B 448 -11.57 19.95 55.92
CG MSE B 448 -12.20 21.16 56.61
SE MSE B 448 -12.71 20.78 58.46
CE MSE B 448 -11.07 19.90 59.03
N TRP B 449 -9.31 19.11 53.51
CA TRP B 449 -8.50 18.05 52.92
C TRP B 449 -9.27 17.22 51.90
N GLY B 450 -9.40 15.92 52.17
CA GLY B 450 -9.93 15.00 51.20
C GLY B 450 -8.90 14.82 50.09
N GLY B 451 -7.82 15.59 50.19
CA GLY B 451 -6.75 15.55 49.21
C GLY B 451 -6.35 16.94 48.73
N ALA B 452 -7.30 17.88 48.70
CA ALA B 452 -7.04 19.18 48.10
C ALA B 452 -7.52 20.36 48.95
N GLN B 453 -7.22 21.56 48.47
CA GLN B 453 -7.64 22.79 49.15
C GLN B 453 -8.83 23.43 48.46
N CYS B 454 -9.96 22.73 48.48
CA CYS B 454 -11.19 23.31 47.96
C CYS B 454 -12.18 23.66 49.06
N PHE B 455 -12.90 24.76 48.89
CA PHE B 455 -13.75 25.30 49.95
C PHE B 455 -15.19 24.74 49.99
N CYS B 456 -15.75 24.40 48.83
CA CYS B 456 -17.13 23.90 48.78
C CYS B 456 -17.18 22.39 48.87
N ASP B 457 -18.33 21.84 49.26
CA ASP B 457 -18.47 20.39 49.42
C ASP B 457 -19.05 19.72 48.19
N SER B 458 -20.32 19.97 47.92
CA SER B 458 -21.02 19.34 46.80
C SER B 458 -21.05 20.24 45.57
N GLU B 459 -20.19 21.24 45.55
CA GLU B 459 -20.05 22.09 44.37
C GLU B 459 -18.65 21.96 43.78
N ASN B 460 -18.14 20.74 43.77
CA ASN B 460 -16.82 20.45 43.22
C ASN B 460 -16.87 19.63 41.93
N SER B 461 -15.78 19.66 41.17
CA SER B 461 -15.74 18.92 39.92
C SER B 461 -14.30 18.64 39.47
N GLN B 462 -14.03 17.39 39.12
CA GLN B 462 -12.73 17.00 38.59
C GLN B 462 -12.91 16.48 37.18
N MSE B 463 -11.96 16.79 36.30
CA MSE B 463 -11.97 16.26 34.95
C MSE B 463 -10.86 15.22 34.78
O MSE B 463 -9.68 15.56 34.82
CB MSE B 463 -11.82 17.37 33.89
CG MSE B 463 -11.88 16.87 32.44
SE MSE B 463 -11.55 18.28 31.15
CE MSE B 463 -9.99 19.01 32.06
N SER B 464 -11.26 13.96 34.62
CA SER B 464 -10.29 12.90 34.46
C SER B 464 -10.02 12.69 32.99
N GLU B 465 -8.78 12.94 32.57
CA GLU B 465 -8.40 12.75 31.18
C GLU B 465 -7.16 11.87 31.08
N ALA B 466 -7.13 11.05 30.04
CA ALA B 466 -5.99 10.19 29.78
C ALA B 466 -5.98 9.69 28.33
N TYR B 467 -4.80 9.34 27.84
CA TYR B 467 -4.64 8.91 26.46
C TYR B 467 -3.55 7.83 26.35
N VAL B 468 -3.30 7.38 25.13
CA VAL B 468 -2.27 6.38 24.87
C VAL B 468 -1.21 6.91 23.90
N GLU B 469 0.00 6.40 24.04
CA GLU B 469 1.08 6.67 23.10
C GLU B 469 1.69 5.35 22.66
N LEU B 470 2.88 5.42 22.08
CA LEU B 470 3.60 4.20 21.77
C LEU B 470 4.52 3.92 22.93
N SER B 471 4.91 2.68 23.11
CA SER B 471 5.82 2.38 24.18
C SER B 471 7.19 2.93 23.83
N ALA B 472 8.00 3.18 24.86
CA ALA B 472 9.35 3.66 24.67
C ALA B 472 10.09 2.69 23.77
N ASP B 473 9.51 1.52 23.63
CA ASP B 473 10.18 0.43 22.92
C ASP B 473 9.34 -0.06 21.75
N CYS B 474 8.27 0.66 21.44
CA CYS B 474 7.43 0.30 20.29
C CYS B 474 8.30 -0.03 19.08
N ALA B 475 9.39 0.71 18.96
CA ALA B 475 10.22 0.62 17.77
C ALA B 475 10.90 -0.74 17.65
N SER B 476 11.42 -1.24 18.77
CA SER B 476 12.18 -2.50 18.82
C SER B 476 11.30 -3.76 18.70
N ASP B 477 10.03 -3.64 19.07
CA ASP B 477 9.10 -4.77 19.03
C ASP B 477 7.71 -4.30 18.60
N HIS B 478 7.42 -4.43 17.30
CA HIS B 478 6.10 -4.10 16.79
C HIS B 478 5.71 -5.12 15.73
N ALA B 479 4.63 -4.83 15.02
CA ALA B 479 4.19 -5.71 13.96
C ALA B 479 3.80 -4.85 12.79
N GLN B 480 3.43 -5.49 11.68
CA GLN B 480 3.10 -4.74 10.47
C GLN B 480 1.87 -5.27 9.75
N ALA B 481 0.77 -4.55 9.90
CA ALA B 481 -0.46 -4.91 9.21
C ALA B 481 -0.20 -4.71 7.74
N ILE B 482 -0.56 -5.68 6.92
CA ILE B 482 -0.16 -5.67 5.52
C ILE B 482 -1.10 -6.44 4.62
N LYS B 483 -1.70 -5.74 3.67
CA LYS B 483 -2.48 -6.42 2.66
C LYS B 483 -1.53 -6.96 1.62
N VAL B 484 -1.93 -8.04 0.96
CA VAL B 484 -1.07 -8.70 -0.02
C VAL B 484 -1.89 -9.10 -1.25
N HIS B 485 -1.74 -8.34 -2.33
CA HIS B 485 -2.43 -8.73 -3.55
C HIS B 485 -1.49 -9.48 -4.51
N THR B 486 -2.08 -10.22 -5.44
CA THR B 486 -1.36 -11.22 -6.25
C THR B 486 -0.04 -10.72 -6.85
N ALA B 487 0.84 -11.68 -7.10
CA ALA B 487 2.26 -11.41 -7.23
C ALA B 487 2.79 -11.48 -8.64
N ALA B 488 4.12 -11.56 -8.69
CA ALA B 488 4.85 -12.00 -9.87
C ALA B 488 5.84 -13.01 -9.31
N MSE B 489 6.37 -13.86 -10.18
CA MSE B 489 7.37 -14.82 -9.74
C MSE B 489 8.56 -14.90 -10.66
O MSE B 489 8.44 -15.20 -11.85
CB MSE B 489 6.77 -16.20 -9.50
CG MSE B 489 5.84 -16.71 -10.59
SE MSE B 489 5.37 -18.57 -10.22
CE MSE B 489 7.15 -19.25 -10.21
N LYS B 490 9.74 -14.61 -10.10
CA LYS B 490 10.99 -14.74 -10.81
C LYS B 490 11.46 -16.17 -10.67
N VAL B 491 12.40 -16.56 -11.52
CA VAL B 491 12.97 -17.91 -11.50
C VAL B 491 14.44 -17.85 -11.87
N GLY B 492 15.25 -18.59 -11.12
CA GLY B 492 16.65 -18.80 -11.45
C GLY B 492 16.82 -20.01 -12.36
N LEU B 493 16.77 -19.78 -13.66
CA LEU B 493 16.87 -20.84 -14.63
C LEU B 493 18.30 -21.06 -15.07
N ARG B 494 18.78 -22.30 -15.00
CA ARG B 494 20.09 -22.63 -15.54
C ARG B 494 20.00 -23.64 -16.68
N ILE B 495 20.18 -23.14 -17.89
CA ILE B 495 20.06 -23.97 -19.09
C ILE B 495 21.42 -24.34 -19.68
N VAL B 496 21.53 -25.58 -20.12
CA VAL B 496 22.73 -26.08 -20.77
C VAL B 496 22.39 -26.63 -22.14
N TYR B 497 23.12 -26.15 -23.15
CA TYR B 497 22.95 -26.59 -24.52
C TYR B 497 24.30 -26.91 -25.14
N GLY B 498 24.50 -28.17 -25.49
CA GLY B 498 25.77 -28.62 -26.02
C GLY B 498 26.92 -28.30 -25.07
N ASN B 499 27.97 -27.68 -25.61
CA ASN B 499 29.20 -27.42 -24.87
C ASN B 499 29.12 -26.20 -23.93
N THR B 500 27.99 -25.49 -23.96
CA THR B 500 27.85 -24.28 -23.15
C THR B 500 26.64 -24.29 -22.21
N THR B 501 26.85 -23.72 -21.02
CA THR B 501 25.82 -23.63 -19.99
C THR B 501 25.61 -22.16 -19.62
N SER B 502 24.37 -21.71 -19.64
CA SER B 502 24.08 -20.32 -19.31
C SER B 502 22.98 -20.22 -18.26
N PHE B 503 22.83 -19.04 -17.66
CA PHE B 503 21.86 -18.86 -16.58
C PHE B 503 21.18 -17.49 -16.57
N LEU B 504 19.86 -17.48 -16.64
CA LEU B 504 19.12 -16.23 -16.62
C LEU B 504 18.01 -16.27 -15.59
N ASP B 505 17.67 -15.12 -15.02
CA ASP B 505 16.45 -15.00 -14.22
C ASP B 505 15.32 -14.61 -15.14
N VAL B 506 14.12 -15.10 -14.87
CA VAL B 506 13.00 -14.73 -15.71
C VAL B 506 11.69 -14.65 -14.95
N TYR B 507 11.00 -13.53 -15.09
CA TYR B 507 9.66 -13.40 -14.57
C TYR B 507 8.74 -14.35 -15.31
N VAL B 508 7.81 -14.98 -14.59
CA VAL B 508 6.93 -15.96 -15.22
C VAL B 508 5.59 -15.38 -15.68
N ASN B 509 5.63 -14.78 -16.87
CA ASN B 509 4.46 -14.31 -17.59
C ASN B 509 4.76 -14.48 -19.08
N GLY B 510 3.73 -14.54 -19.90
CA GLY B 510 3.95 -14.81 -21.31
C GLY B 510 4.80 -13.79 -22.06
N VAL B 511 5.38 -12.83 -21.35
CA VAL B 511 6.02 -11.70 -22.02
C VAL B 511 7.49 -11.45 -21.70
N THR B 512 7.80 -10.94 -20.51
CA THR B 512 9.15 -10.43 -20.25
C THR B 512 10.22 -11.49 -20.43
N PRO B 513 11.12 -11.27 -21.40
CA PRO B 513 12.22 -12.17 -21.74
C PRO B 513 13.40 -11.99 -20.80
N GLY B 514 14.04 -13.08 -20.40
CA GLY B 514 15.16 -13.00 -19.49
C GLY B 514 16.38 -12.49 -20.22
N THR B 515 16.66 -11.19 -20.10
CA THR B 515 17.73 -10.55 -20.86
C THR B 515 19.11 -11.13 -20.59
N SER B 516 19.19 -12.45 -20.73
CA SER B 516 20.46 -13.11 -20.86
C SER B 516 21.00 -12.73 -22.22
N LYS B 517 22.27 -12.36 -22.29
CA LYS B 517 22.83 -11.81 -23.52
C LYS B 517 22.73 -12.81 -24.68
N ASP B 518 23.27 -14.01 -24.50
CA ASP B 518 23.31 -14.97 -25.60
C ASP B 518 22.10 -15.89 -25.72
N LEU B 519 21.21 -15.83 -24.74
CA LEU B 519 20.04 -16.70 -24.76
C LEU B 519 18.74 -16.00 -24.38
N LYS B 520 17.80 -15.93 -25.34
CA LYS B 520 16.53 -15.27 -25.11
C LYS B 520 15.49 -16.27 -24.62
N VAL B 521 15.20 -16.22 -23.33
CA VAL B 521 14.15 -17.06 -22.78
C VAL B 521 12.97 -16.24 -22.31
N ILE B 522 11.78 -16.81 -22.53
CA ILE B 522 10.54 -16.29 -21.97
C ILE B 522 9.79 -17.45 -21.30
N ALA B 523 9.48 -17.27 -20.01
CA ALA B 523 8.80 -18.30 -19.23
C ALA B 523 7.30 -18.02 -19.17
N GLY B 524 6.54 -18.82 -19.91
CA GLY B 524 5.10 -18.63 -20.02
C GLY B 524 4.43 -18.56 -18.66
N PRO B 525 3.14 -18.22 -18.65
CA PRO B 525 2.38 -18.07 -17.41
C PRO B 525 2.32 -19.39 -16.66
N ILE B 526 2.67 -19.37 -15.38
CA ILE B 526 2.68 -20.59 -14.56
C ILE B 526 1.34 -21.33 -14.70
N SER B 527 1.37 -22.65 -14.48
CA SER B 527 0.21 -23.52 -14.76
C SER B 527 -0.94 -23.40 -13.76
N ALA B 528 -0.64 -22.91 -12.56
CA ALA B 528 -1.66 -22.74 -11.53
C ALA B 528 -1.28 -21.64 -10.56
N SER B 529 -2.05 -20.56 -10.57
CA SER B 529 -1.83 -19.46 -9.65
C SER B 529 -1.98 -19.96 -8.21
N PHE B 530 -0.87 -20.01 -7.47
CA PHE B 530 -0.93 -20.38 -6.06
C PHE B 530 -0.09 -19.48 -5.16
N THR B 531 -0.64 -19.16 -3.99
CA THR B 531 0.06 -18.32 -3.03
C THR B 531 -0.06 -18.91 -1.64
N PRO B 532 0.97 -18.71 -0.82
CA PRO B 532 0.98 -19.13 0.58
C PRO B 532 0.21 -18.12 1.44
N PHE B 533 0.00 -16.92 0.90
CA PHE B 533 -0.54 -15.83 1.69
C PHE B 533 -2.04 -15.54 1.50
N ASP B 534 -2.61 -14.84 2.48
CA ASP B 534 -3.98 -14.36 2.42
C ASP B 534 -3.98 -12.89 2.12
N HIS B 535 -5.12 -12.39 1.66
CA HIS B 535 -5.27 -11.00 1.33
C HIS B 535 -4.66 -10.11 2.43
N LYS B 536 -4.75 -10.56 3.68
CA LYS B 536 -4.24 -9.82 4.82
C LYS B 536 -3.23 -10.62 5.62
N VAL B 537 -2.12 -9.98 5.96
CA VAL B 537 -1.00 -10.63 6.60
C VAL B 537 -0.37 -9.77 7.68
N VAL B 538 0.09 -10.39 8.77
CA VAL B 538 0.87 -9.68 9.76
C VAL B 538 2.30 -10.15 9.70
N ILE B 539 3.22 -9.21 9.89
CA ILE B 539 4.61 -9.56 10.03
C ILE B 539 5.08 -9.10 11.39
N HIS B 540 5.44 -10.04 12.26
CA HIS B 540 6.04 -9.64 13.53
C HIS B 540 7.52 -9.39 13.39
N ARG B 541 8.34 -10.40 13.66
CA ARG B 541 9.77 -10.16 13.63
C ARG B 541 10.36 -10.47 12.27
N GLY B 542 10.65 -11.73 12.00
CA GLY B 542 10.96 -12.11 10.64
C GLY B 542 9.80 -12.97 10.21
N LEU B 543 8.77 -12.96 11.04
CA LEU B 543 7.74 -13.97 10.94
C LEU B 543 6.45 -13.39 10.46
N VAL B 544 5.86 -14.07 9.48
CA VAL B 544 4.62 -13.63 8.89
C VAL B 544 3.52 -14.60 9.24
N TYR B 545 2.35 -14.07 9.57
CA TYR B 545 1.20 -14.90 9.87
C TYR B 545 0.05 -14.40 9.04
N ASN B 546 -0.73 -15.33 8.49
CA ASN B 546 -2.01 -14.95 7.89
C ASN B 546 -3.03 -14.61 8.97
N TYR B 547 -3.38 -13.33 9.04
CA TYR B 547 -4.18 -12.78 10.11
C TYR B 547 -5.07 -11.66 9.59
N ASP B 548 -6.37 -11.76 9.83
CA ASP B 548 -7.33 -10.79 9.29
C ASP B 548 -7.43 -9.51 10.10
N PHE B 549 -6.28 -8.89 10.39
CA PHE B 549 -6.23 -7.61 11.13
C PHE B 549 -7.26 -6.61 10.64
N PRO B 550 -7.82 -5.81 11.57
CA PRO B 550 -8.91 -4.90 11.18
C PRO B 550 -8.41 -3.76 10.30
N GLU B 551 -9.29 -3.17 9.49
CA GLU B 551 -8.92 -2.07 8.63
C GLU B 551 -8.42 -0.90 9.45
N TYR B 552 -7.54 -0.08 8.88
CA TYR B 552 -7.09 1.10 9.60
C TYR B 552 -8.31 1.88 10.01
N GLY B 553 -8.36 2.23 11.29
CA GLY B 553 -9.46 3.03 11.81
C GLY B 553 -10.67 2.25 12.26
N ALA B 554 -10.66 0.94 12.02
CA ALA B 554 -11.76 0.10 12.45
C ALA B 554 -11.27 -0.78 13.59
N MSE B 555 -10.77 -0.15 14.64
CA MSE B 555 -10.09 -0.86 15.71
C MSE B 555 -11.02 -1.37 16.78
O MSE B 555 -11.92 -0.66 17.22
CB MSE B 555 -9.03 0.01 16.34
CG MSE B 555 -8.17 0.68 15.34
SE MSE B 555 -8.22 2.50 15.87
CE MSE B 555 -10.14 2.61 16.03
N LYS B 556 -10.77 -2.60 17.20
CA LYS B 556 -11.39 -3.18 18.39
C LYS B 556 -10.30 -3.30 19.45
N PRO B 557 -10.65 -3.05 20.73
CA PRO B 557 -9.67 -2.89 21.83
C PRO B 557 -9.31 -4.23 22.43
N GLY B 558 -8.08 -4.35 22.93
CA GLY B 558 -7.60 -5.62 23.44
C GLY B 558 -7.33 -6.66 22.36
N ALA B 559 -7.97 -6.52 21.20
CA ALA B 559 -7.67 -7.38 20.06
C ALA B 559 -6.49 -6.81 19.28
N PHE B 560 -5.93 -7.58 18.35
CA PHE B 560 -4.80 -7.10 17.54
C PHE B 560 -5.17 -5.82 16.81
N GLY B 561 -4.22 -4.88 16.74
CA GLY B 561 -4.46 -3.64 16.05
C GLY B 561 -5.30 -2.69 16.88
N ASP B 562 -5.28 -2.91 18.19
CA ASP B 562 -5.95 -2.00 19.10
C ASP B 562 -5.50 -0.55 18.85
N ILE B 563 -4.21 -0.35 18.67
CA ILE B 563 -3.72 0.97 18.29
C ILE B 563 -3.03 0.84 16.96
N GLN B 564 -3.07 1.92 16.18
CA GLN B 564 -2.56 1.90 14.82
C GLN B 564 -1.72 3.14 14.53
N ALA B 565 -0.89 3.05 13.48
CA ALA B 565 -0.04 4.16 13.04
C ALA B 565 0.59 3.79 11.71
N THR B 566 0.54 4.72 10.76
CA THR B 566 1.14 4.51 9.45
C THR B 566 2.65 4.31 9.54
N SER B 567 3.26 4.86 10.59
CA SER B 567 4.62 4.46 10.95
C SER B 567 5.02 4.77 12.37
N LEU B 568 6.30 4.55 12.66
CA LEU B 568 6.84 4.61 14.02
C LEU B 568 7.02 6.05 14.44
N THR B 569 7.08 6.92 13.46
CA THR B 569 7.21 8.35 13.71
C THR B 569 5.86 8.92 14.11
N SER B 570 5.05 8.09 14.75
CA SER B 570 3.71 8.47 15.21
C SER B 570 2.97 9.30 14.16
N LYS B 571 2.82 8.73 12.97
CA LYS B 571 2.13 9.39 11.88
C LYS B 571 0.63 9.22 12.02
N ASP B 572 0.01 10.07 12.84
CA ASP B 572 -1.43 10.01 13.04
C ASP B 572 -1.83 8.67 13.63
N LEU B 573 -1.51 8.45 14.90
CA LEU B 573 -1.87 7.20 15.58
C LEU B 573 -3.26 7.22 16.21
N ILE B 574 -4.09 6.26 15.80
CA ILE B 574 -5.47 6.20 16.21
C ILE B 574 -5.72 4.93 17.04
N ALA B 575 -6.04 5.10 18.31
CA ALA B 575 -6.20 3.95 19.19
C ALA B 575 -7.60 3.84 19.79
N SER B 576 -7.96 2.61 20.17
CA SER B 576 -9.20 2.33 20.88
C SER B 576 -8.93 1.31 21.99
N THR B 577 -8.72 1.78 23.22
CA THR B 577 -8.26 0.90 24.29
C THR B 577 -9.23 0.77 25.47
N ASP B 578 -10.51 0.99 25.20
CA ASP B 578 -11.56 0.90 26.22
C ASP B 578 -11.14 1.43 27.59
N ILE B 579 -10.60 2.64 27.63
CA ILE B 579 -10.26 3.24 28.91
C ILE B 579 -11.52 3.67 29.62
N ARG B 580 -11.58 3.40 30.92
CA ARG B 580 -12.73 3.76 31.71
C ARG B 580 -12.35 4.52 32.98
N LEU B 581 -12.69 5.80 33.00
CA LEU B 581 -12.36 6.69 34.11
C LEU B 581 -13.29 6.43 35.29
N LEU B 582 -12.75 6.52 36.50
CA LEU B 582 -13.52 6.22 37.68
C LEU B 582 -13.57 7.43 38.62
N LYS B 583 -14.71 7.60 39.29
CA LYS B 583 -14.85 8.68 40.26
C LYS B 583 -13.83 8.48 41.37
N PRO B 584 -12.93 9.46 41.55
CA PRO B 584 -11.87 9.37 42.55
C PRO B 584 -12.40 9.65 43.95
N SER B 585 -11.99 8.83 44.92
CA SER B 585 -12.38 9.02 46.31
C SER B 585 -11.54 10.11 46.95
N ALA B 586 -12.07 10.69 48.02
CA ALA B 586 -11.50 11.92 48.56
C ALA B 586 -10.57 11.73 49.76
N LYS B 587 -9.37 11.22 49.50
CA LYS B 587 -8.30 11.31 50.49
C LYS B 587 -7.02 11.76 49.82
N ASN B 588 -6.99 11.65 48.49
CA ASN B 588 -5.85 12.07 47.70
C ASN B 588 -6.30 12.44 46.29
N VAL B 589 -5.47 13.20 45.58
CA VAL B 589 -5.73 13.51 44.19
C VAL B 589 -5.10 12.43 43.32
N HIS B 590 -5.87 11.39 43.05
CA HIS B 590 -5.40 10.25 42.30
C HIS B 590 -6.49 9.92 41.30
N VAL B 591 -6.14 9.94 40.02
CA VAL B 591 -7.13 9.63 38.98
C VAL B 591 -7.13 8.16 38.58
N PRO B 592 -8.22 7.46 38.94
CA PRO B 592 -8.38 6.04 38.73
C PRO B 592 -8.94 5.74 37.34
N TYR B 593 -8.69 4.52 36.88
CA TYR B 593 -9.19 4.12 35.59
C TYR B 593 -8.90 2.65 35.36
N THR B 594 -9.83 1.97 34.71
CA THR B 594 -9.54 0.68 34.14
C THR B 594 -9.18 0.88 32.67
N GLN B 595 -8.89 -0.22 31.99
CA GLN B 595 -8.52 -0.21 30.59
C GLN B 595 -8.54 -1.62 30.03
N ALA B 596 -8.59 -1.72 28.71
CA ALA B 596 -8.52 -3.03 28.09
C ALA B 596 -7.07 -3.50 28.08
N SER B 597 -6.87 -4.74 27.67
CA SER B 597 -5.54 -5.36 27.60
C SER B 597 -4.83 -4.96 26.31
N SER B 598 -3.52 -5.22 26.24
CA SER B 598 -2.75 -4.82 25.06
C SER B 598 -2.94 -5.75 23.86
N GLY B 599 -3.86 -5.38 22.97
CA GLY B 599 -4.19 -6.17 21.80
C GLY B 599 -2.98 -6.75 21.13
N PHE B 600 -1.85 -6.05 21.24
CA PHE B 600 -0.59 -6.57 20.71
C PHE B 600 -0.14 -7.77 21.53
N GLU B 601 0.34 -7.50 22.74
CA GLU B 601 0.77 -8.57 23.65
C GLU B 601 -0.19 -9.74 23.62
N MSE B 602 -1.47 -9.45 23.54
CA MSE B 602 -2.47 -10.50 23.57
C MSE B 602 -2.39 -11.34 22.31
O MSE B 602 -2.51 -12.55 22.35
CB MSE B 602 -3.89 -9.93 23.74
CG MSE B 602 -4.20 -9.41 25.16
SE MSE B 602 -5.41 -10.54 26.11
CE MSE B 602 -6.20 -11.45 24.63
N TRP B 603 -2.19 -10.67 21.19
CA TRP B 603 -2.02 -11.38 19.94
C TRP B 603 -0.69 -12.12 19.94
N LYS B 604 0.35 -11.48 20.47
CA LYS B 604 1.63 -12.14 20.62
C LYS B 604 1.50 -13.50 21.33
N ASN B 605 1.04 -13.51 22.58
CA ASN B 605 0.86 -14.77 23.31
C ASN B 605 -0.09 -15.72 22.60
N ASN B 606 -0.59 -15.31 21.44
CA ASN B 606 -1.55 -16.14 20.74
C ASN B 606 -1.38 -16.13 19.23
N SER B 607 -0.27 -15.55 18.77
CA SER B 607 0.10 -15.72 17.37
C SER B 607 0.28 -17.20 17.13
N GLY B 608 -0.09 -17.67 15.94
CA GLY B 608 0.05 -19.09 15.67
C GLY B 608 1.49 -19.47 15.44
N ARG B 609 1.68 -20.66 14.90
CA ARG B 609 2.95 -21.01 14.31
C ARG B 609 3.05 -20.28 12.94
N PRO B 610 4.16 -19.55 12.73
CA PRO B 610 4.38 -18.75 11.50
C PRO B 610 4.08 -19.49 10.18
N LEU B 611 3.97 -18.71 9.12
CA LEU B 611 3.70 -19.27 7.80
C LEU B 611 4.93 -20.03 7.32
N GLN B 612 6.09 -19.53 7.72
CA GLN B 612 7.35 -20.19 7.39
C GLN B 612 7.32 -21.63 7.87
N GLU B 613 6.36 -21.95 8.74
CA GLU B 613 6.25 -23.29 9.29
C GLU B 613 4.97 -24.01 8.88
N THR B 614 4.09 -23.34 8.14
CA THR B 614 2.82 -23.95 7.76
C THR B 614 2.56 -23.95 6.26
N ALA B 615 3.40 -23.21 5.54
CA ALA B 615 3.29 -23.01 4.09
C ALA B 615 3.08 -24.28 3.24
N PRO B 616 2.00 -24.28 2.44
CA PRO B 616 1.39 -25.43 1.77
C PRO B 616 2.18 -26.09 0.66
N PHE B 617 3.39 -25.64 0.36
CA PHE B 617 4.12 -26.32 -0.70
C PHE B 617 5.60 -26.44 -0.45
N GLY B 618 5.99 -26.40 0.82
CA GLY B 618 7.39 -26.47 1.16
C GLY B 618 8.07 -25.16 0.81
N CYS B 619 7.24 -24.11 0.77
CA CYS B 619 7.74 -22.76 0.54
C CYS B 619 8.57 -22.28 1.72
N LYS B 620 9.58 -21.47 1.42
CA LYS B 620 10.45 -20.94 2.46
C LYS B 620 10.24 -19.44 2.62
N ILE B 621 9.08 -19.09 3.16
CA ILE B 621 8.68 -17.70 3.42
C ILE B 621 9.79 -16.79 3.96
N ALA B 622 9.99 -15.65 3.30
CA ALA B 622 11.08 -14.73 3.61
C ALA B 622 10.57 -13.30 3.76
N VAL B 623 11.23 -12.53 4.62
CA VAL B 623 10.70 -11.22 4.94
C VAL B 623 11.70 -10.11 4.91
N ASN B 624 11.68 -9.38 3.82
CA ASN B 624 11.88 -7.96 3.84
C ASN B 624 11.17 -7.57 2.60
N PRO B 625 11.65 -8.06 1.46
CA PRO B 625 10.66 -8.38 0.45
C PRO B 625 9.83 -9.57 0.96
N LEU B 626 8.51 -9.44 0.95
CA LEU B 626 7.67 -10.56 1.33
C LEU B 626 7.72 -11.53 0.15
N ARG B 627 8.09 -12.78 0.42
CA ARG B 627 8.32 -13.73 -0.67
C ARG B 627 8.19 -15.17 -0.24
N ALA B 628 7.96 -16.05 -1.21
CA ALA B 628 7.83 -17.48 -0.96
C ALA B 628 8.92 -18.23 -1.73
N VAL B 629 10.09 -18.29 -1.12
CA VAL B 629 11.25 -18.93 -1.72
C VAL B 629 11.09 -20.44 -1.97
N ASP B 630 11.46 -20.86 -3.16
CA ASP B 630 11.63 -22.27 -3.51
C ASP B 630 10.38 -23.14 -3.31
N CYS B 631 9.19 -22.58 -3.54
CA CYS B 631 8.00 -23.42 -3.53
C CYS B 631 8.13 -24.49 -4.62
N SER B 632 7.23 -25.47 -4.62
CA SER B 632 7.24 -26.52 -5.63
C SER B 632 5.84 -26.96 -6.03
N TYR B 633 5.37 -26.46 -7.17
CA TYR B 633 4.06 -26.84 -7.67
C TYR B 633 3.96 -26.54 -9.16
N GLY B 634 3.11 -27.30 -9.86
CA GLY B 634 2.84 -27.06 -11.26
C GLY B 634 4.03 -27.02 -12.21
N ASN B 635 3.73 -26.89 -13.49
CA ASN B 635 4.77 -26.83 -14.50
C ASN B 635 4.87 -25.46 -15.14
N ILE B 636 6.09 -25.11 -15.56
CA ILE B 636 6.36 -23.82 -16.17
C ILE B 636 6.60 -23.95 -17.67
N PRO B 637 5.76 -23.31 -18.47
CA PRO B 637 6.05 -23.30 -19.90
C PRO B 637 7.30 -22.45 -20.13
N ILE B 638 8.14 -22.87 -21.07
CA ILE B 638 9.36 -22.13 -21.37
C ILE B 638 9.68 -22.17 -22.85
N SER B 639 9.90 -20.99 -23.44
CA SER B 639 10.35 -20.92 -24.83
C SER B 639 11.80 -20.47 -24.88
N ILE B 640 12.63 -21.28 -25.53
CA ILE B 640 14.06 -20.98 -25.62
C ILE B 640 14.53 -20.69 -27.04
N ASP B 641 15.26 -19.60 -27.20
CA ASP B 641 15.84 -19.23 -28.49
C ASP B 641 17.31 -19.59 -28.50
N ILE B 642 17.62 -20.81 -28.93
CA ILE B 642 19.01 -21.29 -28.94
C ILE B 642 19.76 -20.82 -30.17
N PRO B 643 20.93 -20.19 -29.96
CA PRO B 643 21.73 -19.65 -31.06
C PRO B 643 22.08 -20.75 -32.05
N ASN B 644 21.71 -20.58 -33.31
CA ASN B 644 22.01 -21.57 -34.32
C ASN B 644 23.47 -21.97 -34.28
N ALA B 645 24.28 -21.05 -33.81
CA ALA B 645 25.74 -21.19 -33.77
C ALA B 645 26.24 -22.32 -32.87
N ALA B 646 25.35 -23.08 -32.27
CA ALA B 646 25.76 -24.16 -31.39
C ALA B 646 25.14 -25.49 -31.81
N PHE B 647 24.35 -25.46 -32.87
CA PHE B 647 23.76 -26.68 -33.42
C PHE B 647 24.67 -27.36 -34.41
N ILE B 648 24.83 -28.67 -34.26
CA ILE B 648 25.57 -29.45 -35.26
C ILE B 648 24.61 -30.17 -36.20
N ARG B 649 24.75 -29.90 -37.49
CA ARG B 649 23.94 -30.54 -38.52
C ARG B 649 24.64 -31.77 -39.13
N THR B 650 24.05 -32.94 -38.88
CA THR B 650 24.50 -34.25 -39.40
C THR B 650 25.96 -34.25 -39.81
N SER B 651 26.79 -33.65 -38.97
CA SER B 651 28.15 -33.46 -39.40
C SER B 651 29.07 -34.30 -38.53
N ASP B 652 28.45 -35.18 -37.76
CA ASP B 652 29.18 -36.26 -37.09
C ASP B 652 29.51 -37.34 -38.11
N ALA B 653 30.80 -37.44 -38.44
CA ALA B 653 31.28 -38.35 -39.47
C ALA B 653 30.81 -39.78 -39.27
N PRO B 654 30.61 -40.16 -38.02
CA PRO B 654 30.11 -41.50 -37.83
C PRO B 654 28.64 -41.67 -38.22
N LEU B 655 28.37 -42.61 -39.13
CA LEU B 655 27.01 -43.11 -39.35
C LEU B 655 26.71 -44.03 -38.18
N VAL B 656 25.52 -43.95 -37.62
CA VAL B 656 25.16 -44.81 -36.49
C VAL B 656 24.02 -45.76 -36.86
N SER B 657 24.17 -47.04 -36.51
CA SER B 657 23.18 -48.03 -36.93
C SER B 657 23.07 -49.23 -36.00
N THR B 658 21.89 -49.81 -35.95
CA THR B 658 21.65 -51.08 -35.27
C THR B 658 21.91 -51.05 -33.76
N VAL B 659 21.19 -50.19 -33.06
CA VAL B 659 21.34 -50.09 -31.61
C VAL B 659 20.41 -51.07 -30.89
N LYS B 660 20.90 -51.62 -29.78
CA LYS B 660 20.09 -52.49 -28.93
C LYS B 660 20.35 -52.14 -27.47
N CYS B 661 19.43 -52.53 -26.59
CA CYS B 661 19.54 -52.16 -25.18
C CYS B 661 19.57 -53.35 -24.24
N GLU B 662 20.55 -53.37 -23.34
CA GLU B 662 20.65 -54.39 -22.30
C GLU B 662 20.83 -53.74 -20.93
N VAL B 663 20.08 -54.20 -19.95
CA VAL B 663 20.19 -53.67 -18.59
C VAL B 663 20.97 -54.62 -17.68
N SER B 664 22.08 -54.14 -17.14
CA SER B 664 22.92 -54.93 -16.24
C SER B 664 22.29 -55.04 -14.85
N GLU B 665 22.19 -53.91 -14.15
CA GLU B 665 21.59 -53.88 -12.82
C GLU B 665 20.48 -52.84 -12.73
N CYS B 666 19.67 -52.95 -11.67
CA CYS B 666 18.61 -51.98 -11.43
C CYS B 666 18.10 -52.02 -9.99
N THR B 667 17.77 -50.84 -9.46
CA THR B 667 17.11 -50.73 -8.17
C THR B 667 15.85 -49.89 -8.35
N TYR B 668 14.79 -50.24 -7.62
CA TYR B 668 13.51 -49.55 -7.78
C TYR B 668 13.40 -48.31 -6.90
N SER B 669 13.04 -47.18 -7.52
CA SER B 669 12.85 -45.92 -6.80
C SER B 669 14.07 -45.44 -6.03
N ALA B 670 15.24 -45.49 -6.66
CA ALA B 670 16.46 -44.96 -6.04
C ALA B 670 16.90 -43.72 -6.80
N ASP B 671 17.99 -43.10 -6.35
CA ASP B 671 18.54 -41.94 -7.03
C ASP B 671 18.97 -42.28 -8.45
N PHE B 672 19.94 -43.18 -8.57
CA PHE B 672 20.39 -43.66 -9.88
C PHE B 672 20.87 -45.10 -9.77
N GLY B 673 19.94 -46.01 -9.52
CA GLY B 673 20.28 -47.41 -9.36
C GLY B 673 20.24 -48.20 -10.65
N GLY B 674 19.82 -47.55 -11.73
CA GLY B 674 19.73 -48.20 -13.02
C GLY B 674 21.07 -48.26 -13.74
N MSE B 675 21.31 -49.39 -14.42
CA MSE B 675 22.53 -49.58 -15.19
C MSE B 675 22.25 -50.37 -16.47
O MSE B 675 21.97 -51.56 -16.41
CB MSE B 675 23.60 -50.29 -14.37
CG MSE B 675 24.72 -49.40 -13.86
SE MSE B 675 26.32 -50.43 -13.45
CE MSE B 675 27.44 -49.01 -12.72
N ALA B 676 22.35 -49.70 -17.61
CA ALA B 676 22.12 -50.34 -18.89
C ALA B 676 23.27 -50.08 -19.87
N THR B 677 23.44 -50.98 -20.83
CA THR B 677 24.50 -50.86 -21.82
C THR B 677 23.91 -50.95 -23.22
N LEU B 678 24.52 -50.24 -24.17
CA LEU B 678 24.00 -50.18 -25.54
C LEU B 678 25.02 -50.63 -26.58
N GLN B 679 24.78 -51.78 -27.19
CA GLN B 679 25.63 -52.27 -28.27
C GLN B 679 25.14 -51.71 -29.60
N TYR B 680 26.05 -51.53 -30.54
CA TYR B 680 25.72 -50.91 -31.82
C TYR B 680 26.90 -50.97 -32.79
N VAL B 681 26.77 -50.23 -33.89
CA VAL B 681 27.83 -50.12 -34.88
C VAL B 681 27.88 -48.71 -35.45
N SER B 682 29.03 -48.05 -35.31
CA SER B 682 29.19 -46.69 -35.81
C SER B 682 30.34 -46.59 -36.80
N ASP B 683 30.17 -45.75 -37.83
CA ASP B 683 31.19 -45.56 -38.86
C ASP B 683 32.47 -44.93 -38.29
N ARG B 684 32.31 -43.88 -37.49
CA ARG B 684 33.45 -43.19 -36.89
C ARG B 684 33.16 -42.78 -35.45
N GLU B 685 33.91 -41.80 -34.97
CA GLU B 685 33.72 -41.31 -33.60
C GLU B 685 32.97 -39.98 -33.58
N GLY B 686 32.25 -39.73 -32.50
CA GLY B 686 31.48 -38.51 -32.34
C GLY B 686 30.93 -38.37 -30.93
N GLN B 687 29.87 -37.58 -30.79
CA GLN B 687 29.25 -37.35 -29.50
C GLN B 687 27.72 -37.37 -29.61
N CYS B 688 27.10 -38.41 -29.07
CA CYS B 688 25.65 -38.56 -29.13
C CYS B 688 24.94 -38.02 -27.90
N PRO B 689 23.71 -37.52 -28.08
CA PRO B 689 22.84 -37.14 -26.96
C PRO B 689 21.87 -38.27 -26.63
N VAL B 690 21.98 -38.81 -25.42
CA VAL B 690 21.12 -39.90 -24.98
C VAL B 690 19.96 -39.37 -24.14
N HIS B 691 18.76 -39.85 -24.41
CA HIS B 691 17.56 -39.35 -23.74
C HIS B 691 16.43 -40.37 -23.81
N SER B 692 15.56 -40.36 -22.81
CA SER B 692 14.45 -41.31 -22.75
C SER B 692 13.13 -40.68 -23.23
N HIS B 693 12.45 -41.37 -24.14
CA HIS B 693 11.19 -40.86 -24.69
C HIS B 693 9.96 -41.39 -23.96
N SER B 694 10.10 -41.54 -22.64
CA SER B 694 9.00 -41.99 -21.79
C SER B 694 9.30 -41.66 -20.34
N SER B 695 8.35 -41.00 -19.67
CA SER B 695 8.56 -40.53 -18.32
C SER B 695 8.76 -41.65 -17.30
N THR B 696 8.51 -42.88 -17.72
CA THR B 696 8.65 -44.03 -16.82
C THR B 696 10.10 -44.19 -16.37
N ALA B 697 10.99 -43.42 -16.97
CA ALA B 697 12.42 -43.46 -16.63
C ALA B 697 13.14 -42.24 -17.18
N THR B 698 14.22 -41.84 -16.51
CA THR B 698 15.05 -40.72 -16.96
C THR B 698 16.53 -41.04 -16.79
N LEU B 699 17.35 -40.55 -17.72
CA LEU B 699 18.79 -40.87 -17.72
C LEU B 699 19.59 -39.86 -16.89
N GLN B 700 20.65 -40.34 -16.24
CA GLN B 700 21.49 -39.48 -15.43
C GLN B 700 22.35 -38.56 -16.30
N GLU B 701 22.72 -39.06 -17.47
CA GLU B 701 23.54 -38.29 -18.40
C GLU B 701 22.79 -38.07 -19.71
N SER B 702 23.09 -36.96 -20.38
CA SER B 702 22.39 -36.61 -21.61
C SER B 702 23.27 -36.72 -22.85
N THR B 703 24.59 -36.78 -22.65
CA THR B 703 25.52 -36.97 -23.76
C THR B 703 26.42 -38.18 -23.54
N VAL B 704 26.91 -38.75 -24.63
CA VAL B 704 27.81 -39.89 -24.57
C VAL B 704 28.84 -39.88 -25.70
N HIS B 705 30.08 -40.20 -25.37
CA HIS B 705 31.16 -40.25 -26.36
C HIS B 705 31.16 -41.57 -27.11
N VAL B 706 30.45 -41.61 -28.22
CA VAL B 706 30.35 -42.82 -29.02
C VAL B 706 31.67 -43.18 -29.69
N LEU B 707 32.15 -44.38 -29.42
CA LEU B 707 33.35 -44.89 -30.05
C LEU B 707 32.98 -45.92 -31.11
N GLU B 708 33.98 -46.51 -31.76
CA GLU B 708 33.73 -47.55 -32.75
C GLU B 708 33.51 -48.90 -32.09
N LYS B 709 33.90 -49.01 -30.81
CA LYS B 709 33.77 -50.25 -30.05
C LYS B 709 32.36 -50.84 -30.16
N GLY B 710 31.36 -49.97 -30.07
CA GLY B 710 29.98 -50.43 -30.10
C GLY B 710 29.48 -50.83 -28.73
N ALA B 711 29.90 -50.09 -27.70
CA ALA B 711 29.49 -50.36 -26.33
C ALA B 711 29.38 -49.07 -25.53
N VAL B 712 28.16 -48.76 -25.08
CA VAL B 712 27.90 -47.54 -24.30
C VAL B 712 27.18 -47.85 -23.00
N THR B 713 27.81 -47.51 -21.88
CA THR B 713 27.23 -47.73 -20.57
C THR B 713 26.58 -46.44 -20.05
N VAL B 714 25.33 -46.54 -19.61
CA VAL B 714 24.58 -45.38 -19.14
C VAL B 714 23.84 -45.67 -17.83
N HIS B 715 23.73 -44.66 -16.97
CA HIS B 715 23.01 -44.80 -15.71
C HIS B 715 21.64 -44.14 -15.80
N PHE B 716 20.63 -44.77 -15.18
CA PHE B 716 19.27 -44.23 -15.20
C PHE B 716 18.56 -44.40 -13.86
N SER B 717 17.41 -43.76 -13.73
CA SER B 717 16.61 -43.82 -12.51
C SER B 717 15.14 -44.05 -12.81
N THR B 718 14.49 -44.87 -11.99
CA THR B 718 13.08 -45.17 -12.17
C THR B 718 12.38 -45.30 -10.83
N ALA B 719 11.15 -45.80 -10.87
CA ALA B 719 10.36 -46.03 -9.65
C ALA B 719 9.30 -47.09 -9.94
N SER B 720 9.73 -48.18 -10.58
CA SER B 720 8.81 -49.23 -11.00
C SER B 720 9.50 -50.60 -10.95
N PRO B 721 8.71 -51.68 -10.95
CA PRO B 721 9.28 -53.02 -10.89
C PRO B 721 9.75 -53.50 -12.28
N GLN B 722 8.84 -53.56 -13.23
CA GLN B 722 9.19 -53.96 -14.59
C GLN B 722 8.83 -52.84 -15.57
N ALA B 723 9.78 -51.95 -15.82
CA ALA B 723 9.53 -50.76 -16.62
C ALA B 723 9.78 -50.98 -18.11
N ASN B 724 9.13 -50.14 -18.92
CA ASN B 724 9.30 -50.17 -20.37
C ASN B 724 9.51 -48.76 -20.91
N PHE B 725 10.74 -48.47 -21.33
CA PHE B 725 11.06 -47.13 -21.84
C PHE B 725 11.87 -47.15 -23.14
N ILE B 726 11.65 -46.14 -23.97
CA ILE B 726 12.33 -46.01 -25.25
C ILE B 726 13.52 -45.05 -25.17
N VAL B 727 14.72 -45.61 -25.06
CA VAL B 727 15.94 -44.81 -25.03
C VAL B 727 16.40 -44.47 -26.44
N SER B 728 17.00 -43.29 -26.61
CA SER B 728 17.43 -42.83 -27.92
C SER B 728 18.86 -42.30 -27.96
N LEU B 729 19.69 -42.94 -28.77
CA LEU B 729 21.03 -42.43 -29.08
C LEU B 729 20.93 -41.52 -30.28
N CYS B 730 22.00 -40.77 -30.55
CA CYS B 730 22.02 -39.83 -31.66
C CYS B 730 20.69 -39.74 -32.40
N GLY B 731 20.52 -40.57 -33.42
CA GLY B 731 19.28 -40.59 -34.18
C GLY B 731 18.47 -41.86 -33.97
N LYS B 732 19.13 -42.91 -33.50
CA LYS B 732 18.48 -44.21 -33.33
C LYS B 732 17.66 -44.31 -32.05
N LYS B 733 16.73 -45.27 -32.03
CA LYS B 733 15.91 -45.52 -30.85
C LYS B 733 15.80 -47.02 -30.59
N THR B 734 15.65 -47.40 -29.33
CA THR B 734 15.50 -48.81 -28.95
C THR B 734 14.50 -48.97 -27.82
N THR B 735 14.52 -50.14 -27.20
CA THR B 735 13.68 -50.41 -26.03
C THR B 735 14.47 -51.23 -25.01
N CYS B 736 14.28 -50.93 -23.73
CA CYS B 736 15.01 -51.62 -22.67
C CYS B 736 14.07 -52.33 -21.70
N ASN B 737 14.60 -53.28 -20.95
CA ASN B 737 13.81 -54.04 -20.00
C ASN B 737 14.63 -54.68 -18.88
N ALA B 738 14.02 -54.80 -17.71
CA ALA B 738 14.65 -55.39 -16.55
C ALA B 738 13.69 -55.36 -15.36
N GLU B 739 14.02 -56.11 -14.31
CA GLU B 739 13.22 -56.14 -13.10
C GLU B 739 13.98 -55.48 -11.95
N CYS B 740 13.29 -54.67 -11.17
CA CYS B 740 13.95 -53.91 -10.12
C CYS B 740 13.27 -54.08 -8.76
N ASP C 5 2.96 -3.71 80.98
CA ASP C 5 3.76 -3.07 82.03
C ASP C 5 5.12 -3.77 82.18
N PHE C 6 5.23 -4.52 83.26
CA PHE C 6 6.36 -5.35 83.61
C PHE C 6 5.89 -6.81 83.58
N THR C 7 6.82 -7.76 83.47
CA THR C 7 6.44 -9.16 83.37
C THR C 7 6.63 -9.94 84.66
N LEU C 8 5.87 -11.02 84.78
CA LEU C 8 5.91 -11.87 85.96
C LEU C 8 6.36 -13.26 85.56
N THR C 9 6.59 -13.44 84.25
CA THR C 9 6.99 -14.73 83.71
C THR C 9 8.12 -14.54 82.69
N SER C 10 8.95 -15.56 82.49
CA SER C 10 10.14 -15.43 81.63
C SER C 10 10.19 -16.43 80.48
N PRO C 11 11.03 -16.14 79.47
CA PRO C 11 11.16 -17.02 78.30
C PRO C 11 11.63 -18.42 78.67
N TYR C 12 11.06 -19.44 78.06
CA TYR C 12 11.44 -20.82 78.34
C TYR C 12 12.09 -21.52 77.14
N LEU C 13 12.43 -22.80 77.29
CA LEU C 13 13.00 -23.60 76.21
C LEU C 13 12.05 -24.74 75.84
N GLY C 14 11.97 -25.06 74.55
CA GLY C 14 11.07 -26.09 74.08
C GLY C 14 11.63 -26.95 72.98
N THR C 15 11.23 -28.22 72.97
CA THR C 15 11.66 -29.15 71.94
C THR C 15 11.13 -28.72 70.58
N CYS C 16 12.04 -28.57 69.60
CA CYS C 16 11.66 -28.26 68.22
C CYS C 16 12.08 -29.41 67.30
N SER C 17 11.54 -29.45 66.09
CA SER C 17 11.83 -30.55 65.17
C SER C 17 12.79 -30.16 64.04
N TYR C 18 13.03 -28.88 63.87
CA TYR C 18 13.97 -28.42 62.88
C TYR C 18 14.66 -27.13 63.36
N CYS C 19 15.97 -27.17 63.52
CA CYS C 19 16.70 -26.04 64.11
C CYS C 19 17.99 -25.65 63.39
N HIS C 20 17.87 -24.96 62.25
CA HIS C 20 19.03 -24.53 61.48
C HIS C 20 19.78 -25.73 60.91
N HIS C 21 19.66 -26.85 61.59
CA HIS C 21 20.08 -28.14 61.08
C HIS C 21 18.83 -29.00 61.17
N THR C 22 18.53 -29.71 60.10
CA THR C 22 17.28 -30.46 60.05
C THR C 22 17.00 -31.31 61.30
N VAL C 23 18.00 -31.48 62.16
CA VAL C 23 17.87 -32.31 63.36
C VAL C 23 17.05 -31.60 64.45
N PRO C 24 16.10 -32.32 65.06
CA PRO C 24 15.27 -31.81 66.16
C PRO C 24 16.14 -31.39 67.34
N CYS C 25 15.81 -30.25 67.96
CA CYS C 25 16.64 -29.72 69.03
C CYS C 25 15.82 -29.35 70.24
N PHE C 26 16.40 -28.51 71.09
CA PHE C 26 15.79 -28.15 72.35
C PHE C 26 16.06 -26.66 72.55
N SER C 27 15.58 -25.85 71.62
CA SER C 27 15.96 -24.43 71.56
C SER C 27 14.89 -23.48 72.09
N PRO C 28 15.27 -22.21 72.32
CA PRO C 28 14.26 -21.19 72.59
C PRO C 28 13.54 -20.93 71.29
N VAL C 29 12.68 -19.92 71.24
CA VAL C 29 11.99 -19.60 70.00
C VAL C 29 11.19 -20.83 69.52
N LYS C 30 10.82 -21.70 70.44
CA LYS C 30 10.05 -22.89 70.11
C LYS C 30 8.65 -22.47 69.70
N ILE C 31 8.23 -22.91 68.53
CA ILE C 31 6.90 -22.57 68.04
C ILE C 31 5.87 -23.55 68.58
N GLU C 32 4.90 -23.03 69.33
CA GLU C 32 3.92 -23.87 70.00
C GLU C 32 2.63 -23.98 69.21
N GLN C 33 2.14 -22.83 68.72
CA GLN C 33 0.97 -22.78 67.85
C GLN C 33 1.10 -21.65 66.84
N VAL C 34 0.15 -21.59 65.93
CA VAL C 34 0.09 -20.53 64.94
C VAL C 34 -1.35 -20.33 64.49
N TRP C 35 -1.72 -19.11 64.14
CA TRP C 35 -3.08 -18.83 63.69
C TRP C 35 -3.15 -18.27 62.27
N ASP C 36 -3.96 -18.95 61.47
CA ASP C 36 -4.11 -18.65 60.06
C ASP C 36 -5.59 -18.60 59.79
N GLU C 37 -6.24 -17.53 60.25
CA GLU C 37 -7.69 -17.46 60.20
C GLU C 37 -8.18 -16.15 59.63
N ALA C 38 -7.31 -15.14 59.60
CA ALA C 38 -7.67 -13.83 59.08
C ALA C 38 -8.10 -13.93 57.62
N ASP C 39 -8.94 -13.00 57.17
CA ASP C 39 -9.23 -12.86 55.76
C ASP C 39 -8.03 -12.16 55.16
N ASP C 40 -7.43 -11.30 55.98
CA ASP C 40 -6.17 -10.65 55.66
C ASP C 40 -5.12 -11.74 55.52
N ASN C 41 -4.02 -11.40 54.86
CA ASN C 41 -2.93 -12.35 54.68
C ASN C 41 -1.96 -12.37 55.87
N THR C 42 -2.49 -12.20 57.09
CA THR C 42 -1.65 -12.08 58.28
C THR C 42 -1.60 -13.34 59.14
N ILE C 43 -0.56 -13.43 59.98
CA ILE C 43 -0.28 -14.62 60.77
C ILE C 43 0.00 -14.28 62.23
N ARG C 44 -0.50 -15.11 63.14
CA ARG C 44 -0.17 -14.99 64.56
C ARG C 44 0.68 -16.18 65.00
N ILE C 45 1.85 -15.89 65.56
CA ILE C 45 2.82 -16.91 65.96
C ILE C 45 3.02 -16.93 67.47
N GLN C 46 3.06 -18.11 68.05
CA GLN C 46 3.26 -18.23 69.49
C GLN C 46 4.60 -18.90 69.80
N THR C 47 5.58 -18.11 70.21
CA THR C 47 6.91 -18.62 70.48
C THR C 47 7.18 -18.78 71.97
N SER C 48 8.41 -19.18 72.29
CA SER C 48 8.79 -19.44 73.66
C SER C 48 9.60 -18.28 74.23
N ALA C 49 9.98 -17.34 73.38
CA ALA C 49 10.81 -16.22 73.80
C ALA C 49 9.99 -14.96 74.07
N GLN C 50 10.46 -14.14 75.00
CA GLN C 50 9.79 -12.88 75.35
C GLN C 50 10.37 -11.68 74.60
N PHE C 51 9.49 -10.79 74.16
CA PHE C 51 9.86 -9.57 73.44
C PHE C 51 9.40 -8.35 74.24
N GLY C 52 10.06 -7.21 74.04
CA GLY C 52 9.67 -5.97 74.69
C GLY C 52 10.32 -5.75 76.05
N TYR C 53 11.19 -6.67 76.44
CA TYR C 53 11.83 -6.62 77.75
C TYR C 53 13.32 -6.93 77.65
N ASP C 54 14.11 -6.37 78.57
CA ASP C 54 15.56 -6.58 78.55
C ASP C 54 16.01 -7.77 79.41
N GLN C 55 16.72 -7.49 80.51
CA GLN C 55 17.11 -8.53 81.44
C GLN C 55 15.91 -8.86 82.34
N SER C 56 15.29 -7.82 82.88
CA SER C 56 14.05 -7.96 83.65
C SER C 56 12.86 -7.65 82.76
N GLY C 57 11.65 -7.79 83.32
CA GLY C 57 10.43 -7.51 82.59
C GLY C 57 10.18 -6.02 82.47
N ALA C 58 10.97 -5.35 81.63
CA ALA C 58 10.92 -3.90 81.61
C ALA C 58 10.23 -3.35 80.37
N ALA C 59 10.56 -2.13 79.98
CA ALA C 59 9.83 -1.50 78.89
C ALA C 59 10.79 -1.12 77.78
N SER C 60 11.36 -2.13 77.16
CA SER C 60 12.25 -1.92 76.04
C SER C 60 11.49 -2.18 74.74
N ALA C 61 11.09 -1.08 74.10
CA ALA C 61 10.36 -1.12 72.85
C ALA C 61 11.07 -1.99 71.81
N ASN C 62 12.39 -2.06 71.89
CA ASN C 62 13.17 -2.80 70.91
C ASN C 62 14.16 -3.78 71.51
N LYS C 63 13.67 -4.63 72.42
CA LYS C 63 14.50 -5.63 73.07
C LYS C 63 13.70 -6.88 73.38
N TYR C 64 14.36 -8.03 73.30
CA TYR C 64 13.76 -9.31 73.64
C TYR C 64 14.67 -10.03 74.62
N ARG C 65 14.18 -11.13 75.18
CA ARG C 65 15.01 -11.97 76.02
C ARG C 65 14.61 -13.42 75.83
N TYR C 66 15.52 -14.32 76.20
CA TYR C 66 15.36 -15.74 75.92
C TYR C 66 16.20 -16.55 76.86
N MSE C 67 15.99 -17.86 76.88
CA MSE C 67 16.84 -18.75 77.65
C MSE C 67 18.21 -18.82 76.98
O MSE C 67 18.43 -18.25 75.92
CB MSE C 67 16.22 -20.13 77.78
CG MSE C 67 15.06 -20.18 78.74
SE MSE C 67 15.67 -20.49 80.57
CE MSE C 67 15.19 -22.36 80.72
N SER C 68 19.13 -19.56 77.59
CA SER C 68 20.50 -19.58 77.09
C SER C 68 20.73 -20.70 76.09
N LEU C 69 21.88 -20.67 75.43
CA LEU C 69 22.26 -21.71 74.50
C LEU C 69 22.44 -22.97 75.33
N LYS C 70 22.92 -22.77 76.56
CA LYS C 70 23.11 -23.87 77.48
C LYS C 70 21.82 -24.11 78.27
N GLN C 71 21.84 -23.98 79.59
CA GLN C 71 20.62 -24.15 80.39
C GLN C 71 20.78 -23.55 81.78
N ASP C 72 21.76 -22.67 81.94
CA ASP C 72 22.13 -22.13 83.24
C ASP C 72 21.06 -21.22 83.82
N HIS C 73 19.89 -21.22 83.19
CA HIS C 73 18.83 -20.28 83.57
C HIS C 73 19.30 -18.86 83.28
N THR C 74 20.41 -18.75 82.56
CA THR C 74 20.91 -17.45 82.14
C THR C 74 19.94 -16.88 81.12
N VAL C 75 19.15 -15.90 81.54
CA VAL C 75 18.21 -15.26 80.63
C VAL C 75 18.85 -14.03 79.98
N LYS C 76 19.76 -14.26 79.04
CA LYS C 76 20.43 -13.15 78.37
C LYS C 76 19.50 -12.49 77.36
N GLU C 77 19.88 -11.29 76.92
CA GLU C 77 19.01 -10.45 76.12
C GLU C 77 19.68 -10.04 74.82
N GLY C 78 18.86 -9.64 73.85
CA GLY C 78 19.34 -9.06 72.62
C GLY C 78 18.48 -7.88 72.21
N THR C 79 18.71 -7.39 71.00
CA THR C 79 17.90 -6.31 70.45
C THR C 79 16.85 -6.88 69.51
N MSE C 80 15.59 -6.47 69.70
CA MSE C 80 14.48 -6.87 68.84
C MSE C 80 14.79 -6.59 67.38
O MSE C 80 13.95 -6.79 66.50
CB MSE C 80 13.21 -6.11 69.24
CG MSE C 80 12.49 -6.70 70.42
SE MSE C 80 11.50 -8.27 69.92
CE MSE C 80 11.88 -8.29 68.00
N ASP C 81 16.00 -6.10 67.15
CA ASP C 81 16.45 -5.71 65.84
C ASP C 81 16.85 -6.94 65.02
N ASP C 82 17.36 -7.97 65.69
CA ASP C 82 17.94 -9.11 64.99
C ASP C 82 17.06 -10.36 64.97
N ILE C 83 15.78 -10.19 65.23
CA ILE C 83 14.83 -11.29 65.16
C ILE C 83 13.99 -11.21 63.92
N LYS C 84 14.09 -12.21 63.06
CA LYS C 84 13.39 -12.18 61.79
C LYS C 84 12.58 -13.44 61.56
N ILE C 85 11.43 -13.28 60.93
CA ILE C 85 10.57 -14.40 60.60
C ILE C 85 10.73 -14.75 59.13
N SER C 86 10.38 -16.00 58.80
CA SER C 86 10.40 -16.44 57.41
C SER C 86 9.56 -17.70 57.29
N THR C 87 8.96 -17.88 56.13
CA THR C 87 8.24 -19.11 55.83
C THR C 87 8.89 -19.81 54.65
N SER C 88 8.74 -19.24 53.47
CA SER C 88 9.50 -19.68 52.31
C SER C 88 10.09 -18.46 51.64
N GLY C 89 10.12 -17.36 52.36
CA GLY C 89 10.69 -16.13 51.85
C GLY C 89 10.84 -15.10 52.97
N PRO C 90 10.92 -13.83 52.60
CA PRO C 90 11.00 -12.83 53.68
C PRO C 90 9.70 -12.83 54.48
N CYS C 91 9.72 -12.26 55.68
CA CYS C 91 8.49 -12.00 56.42
C CYS C 91 8.71 -10.75 57.21
N ARG C 92 7.76 -9.82 57.15
CA ARG C 92 7.91 -8.59 57.92
C ARG C 92 6.95 -8.60 59.11
N ARG C 93 7.48 -8.53 60.33
CA ARG C 93 6.62 -8.47 61.50
C ARG C 93 5.82 -7.18 61.51
N LEU C 94 4.89 -7.09 62.45
CA LEU C 94 4.15 -5.85 62.66
C LEU C 94 4.15 -5.52 64.14
N SER C 95 3.88 -6.52 64.98
CA SER C 95 3.78 -6.28 66.41
C SER C 95 4.45 -7.37 67.25
N TYR C 96 4.93 -6.97 68.43
CA TYR C 96 5.48 -7.91 69.40
C TYR C 96 4.57 -7.93 70.61
N LYS C 97 4.16 -9.12 71.05
CA LYS C 97 3.31 -9.21 72.23
C LYS C 97 3.88 -10.20 73.26
N GLY C 98 5.05 -9.88 73.80
CA GLY C 98 5.66 -10.74 74.80
C GLY C 98 6.09 -12.06 74.22
N TYR C 99 5.20 -13.05 74.28
CA TYR C 99 5.50 -14.37 73.72
C TYR C 99 5.07 -14.51 72.27
N PHE C 100 4.33 -13.52 71.78
CA PHE C 100 3.65 -13.64 70.49
C PHE C 100 4.27 -12.78 69.40
N LEU C 101 4.22 -13.29 68.17
CA LEU C 101 4.61 -12.54 66.97
C LEU C 101 3.41 -12.38 66.06
N LEU C 102 3.49 -11.43 65.13
CA LEU C 102 2.44 -11.26 64.17
C LEU C 102 3.04 -10.64 62.92
N ALA C 103 2.99 -11.40 61.82
CA ALA C 103 3.61 -10.97 60.58
C ALA C 103 2.77 -11.31 59.37
N LYS C 104 3.17 -10.77 58.22
CA LYS C 104 2.58 -11.14 56.95
C LYS C 104 3.65 -11.94 56.22
N CYS C 105 3.29 -13.17 55.89
CA CYS C 105 4.23 -14.08 55.23
C CYS C 105 3.66 -14.58 53.90
N PRO C 106 4.53 -15.07 53.02
CA PRO C 106 4.16 -15.37 51.63
C PRO C 106 3.52 -16.75 51.38
N PRO C 107 4.33 -17.79 51.12
CA PRO C 107 3.72 -19.00 50.57
C PRO C 107 2.89 -19.72 51.62
N GLY C 108 3.57 -20.50 52.45
CA GLY C 108 2.94 -21.19 53.56
C GLY C 108 3.17 -22.70 53.59
N ASP C 109 4.43 -23.12 53.50
CA ASP C 109 4.76 -24.53 53.68
C ASP C 109 5.18 -24.87 55.12
N SER C 110 6.03 -24.03 55.69
CA SER C 110 6.38 -24.13 57.10
C SER C 110 6.60 -22.74 57.66
N VAL C 111 6.90 -22.65 58.96
CA VAL C 111 7.16 -21.36 59.58
C VAL C 111 8.44 -21.42 60.39
N THR C 112 9.32 -20.44 60.18
CA THR C 112 10.63 -20.46 60.81
C THR C 112 10.91 -19.16 61.54
N VAL C 113 11.02 -19.22 62.86
CA VAL C 113 11.40 -18.07 63.65
C VAL C 113 12.81 -18.24 64.14
N SER C 114 13.66 -17.24 63.90
CA SER C 114 15.08 -17.39 64.21
C SER C 114 15.73 -16.09 64.67
N ILE C 115 16.88 -16.23 65.32
CA ILE C 115 17.68 -15.09 65.72
C ILE C 115 18.99 -15.11 64.94
N VAL C 116 19.30 -14.02 64.26
CA VAL C 116 20.55 -13.92 63.50
C VAL C 116 21.49 -12.87 64.11
N SER C 117 21.73 -12.99 65.41
CA SER C 117 22.51 -12.00 66.15
C SER C 117 23.98 -11.96 65.73
N SER C 118 24.87 -12.16 66.71
CA SER C 118 26.32 -12.10 66.47
C SER C 118 26.95 -13.46 66.09
N ASN C 119 26.52 -14.00 64.94
CA ASN C 119 27.03 -15.28 64.42
C ASN C 119 26.34 -16.54 64.96
N SER C 120 25.91 -16.49 66.23
CA SER C 120 25.13 -17.57 66.82
C SER C 120 23.70 -17.57 66.28
N ALA C 121 23.32 -18.66 65.61
CA ALA C 121 22.05 -18.73 64.91
C ALA C 121 21.17 -19.89 65.35
N THR C 122 20.20 -19.60 66.22
CA THR C 122 19.20 -20.58 66.59
C THR C 122 17.91 -20.27 65.84
N SER C 123 17.21 -21.32 65.40
CA SER C 123 15.95 -21.15 64.67
C SER C 123 15.07 -22.37 64.82
N CYS C 124 13.88 -22.20 65.39
CA CYS C 124 12.91 -23.27 65.35
C CYS C 124 12.01 -23.04 64.14
N THR C 125 11.56 -24.13 63.53
CA THR C 125 10.60 -24.02 62.43
C THR C 125 9.49 -25.06 62.55
N LEU C 126 8.29 -24.70 62.11
CA LEU C 126 7.13 -25.56 62.32
C LEU C 126 6.50 -26.00 61.01
N ALA C 127 5.96 -27.21 61.03
CA ALA C 127 5.39 -27.81 59.84
C ALA C 127 3.93 -27.43 59.66
N ARG C 128 3.64 -26.14 59.59
CA ARG C 128 2.26 -25.72 59.34
C ARG C 128 2.09 -25.18 57.93
N LYS C 129 0.89 -25.32 57.38
CA LYS C 129 0.64 -24.93 56.00
C LYS C 129 -0.25 -23.70 55.91
N ILE C 130 0.34 -22.61 55.42
CA ILE C 130 -0.41 -21.39 55.13
C ILE C 130 -0.86 -21.36 53.67
N LYS C 131 -2.03 -20.80 53.44
CA LYS C 131 -2.57 -20.76 52.08
C LYS C 131 -2.75 -19.33 51.61
N PRO C 132 -2.64 -19.10 50.29
CA PRO C 132 -2.85 -17.76 49.75
C PRO C 132 -4.29 -17.31 50.04
N LYS C 133 -4.43 -16.22 50.78
CA LYS C 133 -5.74 -15.73 51.15
C LYS C 133 -6.07 -14.43 50.42
N PHE C 134 -7.14 -14.44 49.63
CA PHE C 134 -7.70 -13.20 49.13
C PHE C 134 -9.20 -13.17 49.35
N VAL C 135 -9.67 -12.08 49.95
CA VAL C 135 -11.05 -11.95 50.38
C VAL C 135 -12.05 -11.71 49.25
N GLY C 136 -11.78 -10.73 48.39
CA GLY C 136 -12.74 -10.35 47.37
C GLY C 136 -13.27 -11.47 46.48
N ARG C 137 -14.06 -11.08 45.48
CA ARG C 137 -14.37 -11.99 44.38
C ARG C 137 -13.35 -11.74 43.29
N GLU C 138 -12.33 -10.95 43.62
CA GLU C 138 -11.24 -10.69 42.70
C GLU C 138 -9.90 -11.04 43.33
N LYS C 139 -9.19 -11.91 42.63
CA LYS C 139 -7.87 -12.40 43.02
C LYS C 139 -6.82 -11.29 43.01
N TYR C 140 -6.14 -11.12 44.13
CA TYR C 140 -5.07 -10.15 44.25
C TYR C 140 -3.96 -10.70 45.14
N ASP C 141 -2.75 -10.19 44.95
CA ASP C 141 -1.59 -10.66 45.71
C ASP C 141 -1.12 -9.53 46.58
N LEU C 142 -1.75 -8.37 46.40
CA LEU C 142 -1.47 -7.18 47.19
C LEU C 142 -2.67 -6.26 47.16
N PRO C 143 -3.04 -5.71 48.32
CA PRO C 143 -4.13 -4.74 48.40
C PRO C 143 -3.83 -3.58 47.48
N PRO C 144 -4.78 -3.22 46.60
CA PRO C 144 -4.56 -2.12 45.65
C PRO C 144 -4.49 -0.75 46.33
N VAL C 145 -3.71 0.17 45.75
CA VAL C 145 -3.73 1.56 46.17
C VAL C 145 -5.12 2.08 45.87
N HIS C 146 -5.77 1.36 44.95
CA HIS C 146 -7.02 1.74 44.35
C HIS C 146 -8.14 0.94 45.01
N GLY C 147 -9.27 0.80 44.31
CA GLY C 147 -10.28 -0.17 44.68
C GLY C 147 -11.12 0.05 45.92
N LYS C 148 -11.98 -0.93 46.17
CA LYS C 148 -13.10 -0.85 47.08
C LYS C 148 -12.75 -1.19 48.54
N LYS C 149 -13.60 -0.78 49.46
CA LYS C 149 -13.50 -1.25 50.85
C LYS C 149 -14.57 -2.30 51.13
N ILE C 150 -14.16 -3.41 51.74
CA ILE C 150 -15.05 -4.54 51.96
C ILE C 150 -15.01 -5.03 53.41
N PRO C 151 -16.10 -5.66 53.87
CA PRO C 151 -16.07 -6.25 55.20
C PRO C 151 -15.07 -7.40 55.20
N CYS C 152 -14.19 -7.42 56.18
CA CYS C 152 -13.28 -8.53 56.39
C CYS C 152 -12.88 -8.55 57.86
N THR C 153 -12.27 -9.65 58.30
CA THR C 153 -11.72 -9.70 59.64
C THR C 153 -10.19 -9.77 59.56
N VAL C 154 -9.52 -9.35 60.63
CA VAL C 154 -8.05 -9.31 60.65
C VAL C 154 -7.53 -9.17 62.09
N TYR C 155 -6.25 -9.47 62.30
CA TYR C 155 -5.66 -9.39 63.63
C TYR C 155 -5.34 -7.96 64.04
N ASP C 156 -5.55 -7.66 65.32
CA ASP C 156 -5.27 -6.35 65.87
C ASP C 156 -3.78 -6.02 65.83
N ARG C 157 -3.44 -4.78 66.15
CA ARG C 157 -2.04 -4.36 66.20
C ARG C 157 -1.79 -3.45 67.40
N LEU C 158 -2.57 -3.67 68.45
CA LEU C 158 -2.44 -2.94 69.71
C LEU C 158 -2.67 -3.86 70.91
N LEU C 255 -5.42 -18.31 78.40
CA LEU C 255 -6.43 -17.27 78.36
C LEU C 255 -6.12 -16.17 77.32
N HIS C 256 -6.80 -15.04 77.46
CA HIS C 256 -6.73 -13.90 76.53
C HIS C 256 -5.49 -13.01 76.68
N LEU C 257 -4.51 -13.24 75.81
CA LEU C 257 -3.32 -12.37 75.70
C LEU C 257 -2.81 -12.18 74.25
N PRO C 258 -3.47 -12.77 73.25
CA PRO C 258 -2.87 -12.63 71.92
C PRO C 258 -3.26 -11.32 71.23
N PHE C 259 -3.12 -11.28 69.91
CA PHE C 259 -3.67 -10.20 69.09
C PHE C 259 -5.05 -10.61 68.61
N LYS C 260 -6.09 -10.06 69.21
CA LYS C 260 -7.46 -10.50 68.94
C LYS C 260 -7.90 -10.34 67.48
N LEU C 261 -8.97 -11.05 67.11
CA LEU C 261 -9.47 -11.02 65.75
C LEU C 261 -10.69 -10.13 65.61
N ILE C 262 -10.47 -8.89 65.15
CA ILE C 262 -11.55 -7.94 64.97
C ILE C 262 -12.03 -7.88 63.52
N PRO C 263 -13.35 -7.71 63.32
CA PRO C 263 -13.84 -7.44 61.97
C PRO C 263 -13.54 -6.00 61.57
N SER C 264 -13.20 -5.78 60.31
CA SER C 264 -12.97 -4.42 59.82
C SER C 264 -13.10 -4.33 58.30
N THR C 265 -12.27 -3.50 57.68
CA THR C 265 -12.38 -3.26 56.25
C THR C 265 -11.10 -3.58 55.49
N CYS C 266 -11.26 -4.34 54.40
CA CYS C 266 -10.15 -4.67 53.52
C CYS C 266 -10.39 -4.17 52.11
N MSE C 267 -9.31 -3.76 51.46
CA MSE C 267 -9.39 -3.20 50.12
C MSE C 267 -9.23 -4.26 49.04
O MSE C 267 -8.14 -4.81 48.83
CB MSE C 267 -8.34 -2.11 49.95
CG MSE C 267 -8.90 -0.80 49.42
SE MSE C 267 -7.62 0.61 49.71
CE MSE C 267 -8.60 2.08 48.90
N VAL C 268 -10.33 -4.55 48.35
CA VAL C 268 -10.29 -5.44 47.21
C VAL C 268 -10.24 -4.60 45.93
N PRO C 269 -9.69 -5.14 44.84
CA PRO C 269 -9.68 -4.38 43.60
C PRO C 269 -11.04 -4.48 42.93
N VAL C 270 -11.35 -3.54 42.06
CA VAL C 270 -12.59 -3.60 41.31
C VAL C 270 -12.28 -3.84 39.83
N ALA C 271 -13.02 -4.74 39.21
CA ALA C 271 -12.67 -5.23 37.88
C ALA C 271 -13.01 -4.23 36.79
N HIS C 272 -12.41 -4.43 35.62
CA HIS C 272 -12.60 -3.55 34.47
C HIS C 272 -13.99 -3.71 33.85
N ALA C 273 -14.89 -2.81 34.21
CA ALA C 273 -16.26 -2.85 33.72
C ALA C 273 -16.40 -3.55 32.38
N PRO C 274 -17.20 -4.62 32.33
CA PRO C 274 -17.44 -5.34 31.07
C PRO C 274 -18.13 -4.45 30.07
N ASN C 275 -17.61 -4.39 28.87
CA ASN C 275 -18.31 -3.76 27.78
C ASN C 275 -19.52 -4.61 27.34
N VAL C 276 -20.71 -4.18 27.73
CA VAL C 276 -21.90 -4.99 27.54
C VAL C 276 -22.63 -4.67 26.26
N ILE C 277 -23.31 -5.66 25.71
CA ILE C 277 -24.02 -5.47 24.47
C ILE C 277 -25.39 -6.12 24.52
N HIS C 278 -26.42 -5.29 24.55
CA HIS C 278 -27.78 -5.76 24.65
C HIS C 278 -28.29 -6.11 23.27
N GLY C 279 -29.14 -7.13 23.19
CA GLY C 279 -29.66 -7.60 21.92
C GLY C 279 -31.03 -8.20 22.10
N PHE C 280 -31.44 -9.02 21.14
CA PHE C 280 -32.75 -9.67 21.24
C PHE C 280 -32.71 -10.76 22.30
N LYS C 281 -33.29 -10.47 23.46
CA LYS C 281 -33.29 -11.40 24.57
C LYS C 281 -31.86 -11.92 24.80
N HIS C 282 -30.93 -10.98 24.84
CA HIS C 282 -29.52 -11.28 24.64
C HIS C 282 -28.62 -10.36 25.44
N ILE C 283 -27.59 -10.92 26.08
CA ILE C 283 -26.52 -10.08 26.62
C ILE C 283 -25.16 -10.71 26.45
N SER C 284 -24.39 -10.27 25.46
CA SER C 284 -23.01 -10.68 25.39
C SER C 284 -22.22 -9.79 26.35
N LEU C 285 -21.29 -10.39 27.08
CA LEU C 285 -20.51 -9.65 28.05
C LEU C 285 -19.03 -9.72 27.76
N GLN C 286 -18.56 -8.76 26.97
CA GLN C 286 -17.14 -8.69 26.64
C GLN C 286 -16.31 -8.34 27.88
N LEU C 287 -15.45 -9.26 28.29
CA LEU C 287 -14.74 -9.14 29.55
C LEU C 287 -13.23 -9.13 29.30
N ASP C 288 -12.50 -8.40 30.14
CA ASP C 288 -11.07 -8.24 29.93
C ASP C 288 -10.36 -7.98 31.23
N THR C 289 -10.06 -9.02 31.98
CA THR C 289 -9.42 -8.81 33.27
C THR C 289 -7.99 -9.26 33.38
N ASP C 290 -7.20 -8.31 33.88
CA ASP C 290 -5.85 -8.53 34.31
C ASP C 290 -5.72 -9.77 35.22
N HIS C 291 -6.78 -10.14 35.93
CA HIS C 291 -6.68 -11.14 36.98
C HIS C 291 -7.89 -12.06 37.03
N LEU C 292 -7.96 -12.86 38.08
CA LEU C 292 -9.07 -13.79 38.23
C LEU C 292 -10.29 -13.15 38.90
N THR C 293 -11.33 -12.94 38.11
CA THR C 293 -12.57 -12.41 38.63
C THR C 293 -13.69 -13.42 38.54
N LEU C 294 -14.55 -13.40 39.55
CA LEU C 294 -15.72 -14.25 39.59
C LEU C 294 -16.89 -13.58 38.86
N LEU C 295 -17.62 -14.35 38.05
CA LEU C 295 -18.77 -13.83 37.34
C LEU C 295 -19.98 -14.67 37.65
N THR C 296 -20.90 -14.10 38.43
CA THR C 296 -22.13 -14.80 38.77
C THR C 296 -23.34 -14.29 37.99
N THR C 297 -24.32 -15.18 37.82
CA THR C 297 -25.58 -14.80 37.20
C THR C 297 -26.70 -15.61 37.82
N ARG C 298 -27.92 -15.18 37.50
CA ARG C 298 -29.16 -15.87 37.89
C ARG C 298 -30.29 -15.14 37.18
N ARG C 299 -31.32 -15.88 36.80
CA ARG C 299 -32.50 -15.28 36.20
C ARG C 299 -33.36 -14.70 37.32
N LEU C 300 -34.18 -13.72 36.99
CA LEU C 300 -35.03 -13.13 38.00
C LEU C 300 -36.39 -13.79 38.00
N GLY C 301 -36.57 -14.72 37.07
CA GLY C 301 -37.80 -15.48 36.95
C GLY C 301 -37.85 -16.60 37.96
N ALA C 302 -38.79 -17.52 37.78
CA ALA C 302 -39.01 -18.62 38.71
C ALA C 302 -37.83 -19.59 38.76
N ASN C 303 -37.39 -20.01 37.59
CA ASN C 303 -36.25 -20.89 37.47
C ASN C 303 -35.04 -20.06 37.03
N PRO C 304 -34.10 -19.83 37.97
CA PRO C 304 -32.95 -18.93 37.81
C PRO C 304 -31.71 -19.56 37.16
N GLU C 305 -31.60 -20.88 37.18
CA GLU C 305 -30.46 -21.55 36.58
C GLU C 305 -29.15 -20.80 36.84
N PRO C 306 -28.84 -20.57 38.13
CA PRO C 306 -27.66 -19.79 38.54
C PRO C 306 -26.41 -20.33 37.89
N THR C 307 -25.43 -19.45 37.68
CA THR C 307 -24.24 -19.82 36.93
C THR C 307 -23.01 -19.04 37.34
N THR C 308 -22.18 -19.67 38.16
CA THR C 308 -20.90 -19.09 38.56
C THR C 308 -19.76 -19.61 37.68
N GLU C 309 -18.73 -18.76 37.53
CA GLU C 309 -17.49 -19.05 36.81
C GLU C 309 -16.44 -18.01 37.18
N TRP C 310 -15.17 -18.41 37.22
CA TRP C 310 -14.08 -17.45 37.36
C TRP C 310 -13.46 -17.24 36.00
N ILE C 311 -13.29 -15.98 35.59
CA ILE C 311 -12.71 -15.69 34.28
C ILE C 311 -11.37 -14.98 34.38
N VAL C 312 -10.54 -15.12 33.34
CA VAL C 312 -9.30 -14.37 33.22
C VAL C 312 -9.05 -13.94 31.80
N GLY C 313 -8.34 -12.83 31.65
CA GLY C 313 -7.97 -12.35 30.33
C GLY C 313 -9.20 -11.94 29.56
N LYS C 314 -9.33 -12.39 28.31
CA LYS C 314 -10.34 -11.87 27.40
C LYS C 314 -11.25 -12.94 26.87
N THR C 315 -12.53 -12.82 27.19
CA THR C 315 -13.52 -13.62 26.51
C THR C 315 -14.85 -12.87 26.38
N VAL C 316 -15.81 -13.57 25.81
CA VAL C 316 -17.16 -13.07 25.66
C VAL C 316 -18.04 -14.07 26.36
N ARG C 317 -19.18 -13.61 26.86
CA ARG C 317 -20.08 -14.47 27.59
C ARG C 317 -21.53 -14.04 27.37
N ASN C 318 -22.20 -14.67 26.42
CA ASN C 318 -23.61 -14.36 26.19
C ASN C 318 -24.46 -15.00 27.28
N PHE C 319 -25.64 -14.43 27.49
CA PHE C 319 -26.66 -14.98 28.39
C PHE C 319 -28.03 -14.64 27.82
N THR C 320 -28.93 -15.60 27.92
CA THR C 320 -30.29 -15.41 27.44
C THR C 320 -30.89 -14.34 28.33
N VAL C 321 -31.99 -13.75 27.91
CA VAL C 321 -32.75 -12.90 28.83
C VAL C 321 -34.22 -13.26 28.79
N ASP C 322 -34.64 -14.03 29.79
CA ASP C 322 -35.88 -14.78 29.77
C ASP C 322 -37.13 -13.92 29.81
N ARG C 323 -37.02 -12.65 29.44
CA ARG C 323 -38.15 -11.74 29.54
C ARG C 323 -38.31 -11.20 30.96
N ASP C 324 -37.88 -11.97 31.95
CA ASP C 324 -37.89 -11.51 33.34
C ASP C 324 -36.58 -10.84 33.68
N GLY C 325 -35.69 -10.77 32.69
CA GLY C 325 -34.37 -10.21 32.90
C GLY C 325 -33.47 -11.16 33.66
N LEU C 326 -32.42 -10.61 34.26
CA LEU C 326 -31.46 -11.41 35.01
C LEU C 326 -30.38 -10.56 35.67
N GLU C 327 -29.93 -11.00 36.83
CA GLU C 327 -28.93 -10.27 37.59
C GLU C 327 -27.59 -10.85 37.21
N TYR C 328 -26.58 -9.99 37.14
CA TYR C 328 -25.21 -10.47 37.06
C TYR C 328 -24.27 -9.67 37.96
N ILE C 329 -23.59 -10.37 38.85
CA ILE C 329 -22.50 -9.79 39.61
C ILE C 329 -21.23 -10.08 38.82
N TRP C 330 -20.31 -9.13 38.77
CA TRP C 330 -19.06 -9.41 38.11
C TRP C 330 -17.84 -8.91 38.87
N GLY C 331 -17.38 -9.72 39.82
CA GLY C 331 -16.10 -9.49 40.45
C GLY C 331 -16.16 -8.39 41.46
N ASN C 332 -16.87 -8.65 42.54
CA ASN C 332 -17.14 -7.63 43.57
C ASN C 332 -17.36 -6.22 42.98
N HIS C 333 -18.02 -6.19 41.84
CA HIS C 333 -18.72 -5.01 41.39
C HIS C 333 -20.02 -5.05 42.17
N GLU C 334 -20.90 -4.10 41.92
CA GLU C 334 -22.25 -4.19 42.44
C GLU C 334 -23.13 -4.87 41.39
N PRO C 335 -24.19 -5.55 41.85
CA PRO C 335 -24.88 -6.57 41.06
C PRO C 335 -25.89 -6.04 40.07
N VAL C 336 -25.46 -5.40 38.98
CA VAL C 336 -26.39 -4.97 37.93
C VAL C 336 -27.29 -6.08 37.39
N ARG C 337 -28.50 -5.71 36.98
CA ARG C 337 -29.38 -6.65 36.33
C ARG C 337 -30.02 -6.03 35.11
N VAL C 338 -30.23 -6.85 34.08
CA VAL C 338 -30.68 -6.38 32.78
C VAL C 338 -31.95 -7.10 32.37
N TYR C 339 -32.82 -6.39 31.66
CA TYR C 339 -34.12 -6.92 31.27
C TYR C 339 -34.30 -6.99 29.76
N ALA C 340 -35.49 -7.41 29.34
CA ALA C 340 -35.76 -7.64 27.93
C ALA C 340 -36.71 -6.64 27.27
N GLN C 341 -36.14 -5.51 26.85
CA GLN C 341 -36.86 -4.52 26.06
C GLN C 341 -36.18 -4.23 24.72
N GLY C 360 -66.67 3.63 55.10
CA GLY C 360 -66.33 4.04 53.75
C GLY C 360 -66.63 2.95 52.73
N TYR C 361 -66.03 3.08 51.54
CA TYR C 361 -66.23 2.08 50.49
C TYR C 361 -65.17 0.99 50.54
N GLU C 362 -65.63 -0.27 50.57
CA GLU C 362 -64.72 -1.41 50.59
C GLU C 362 -64.53 -1.98 49.18
N HIS C 363 -63.30 -1.90 48.68
CA HIS C 363 -62.97 -2.25 47.31
C HIS C 363 -62.00 -3.42 47.24
N ALA C 364 -62.32 -4.40 46.38
CA ALA C 364 -61.55 -5.63 46.28
C ALA C 364 -60.84 -5.77 44.94
N THR C 365 -59.51 -5.62 44.95
CA THR C 365 -58.69 -5.88 43.77
C THR C 365 -57.65 -6.92 44.07
N THR C 366 -56.81 -7.22 43.08
CA THR C 366 -55.68 -8.12 43.27
C THR C 366 -54.45 -7.54 42.59
N VAL C 367 -53.52 -7.06 43.41
CA VAL C 367 -52.30 -6.42 42.91
C VAL C 367 -51.15 -7.41 42.78
N PRO C 368 -50.55 -7.48 41.58
CA PRO C 368 -49.37 -8.34 41.38
C PRO C 368 -48.25 -7.91 42.32
N ASN C 369 -47.62 -8.90 42.95
CA ASN C 369 -46.50 -8.66 43.86
C ASN C 369 -45.21 -8.39 43.09
N VAL C 370 -44.95 -7.11 42.82
CA VAL C 370 -43.75 -6.72 42.09
C VAL C 370 -43.33 -5.32 42.51
N PRO C 371 -42.23 -5.21 43.24
CA PRO C 371 -41.75 -3.92 43.73
C PRO C 371 -41.81 -2.79 42.69
N GLN C 372 -42.14 -1.58 43.16
CA GLN C 372 -42.00 -0.34 42.39
C GLN C 372 -42.96 -0.12 41.20
N ILE C 373 -43.64 -1.19 40.78
CA ILE C 373 -44.59 -1.09 39.68
C ILE C 373 -45.99 -0.80 40.18
N PRO C 374 -46.49 0.41 39.89
CA PRO C 374 -47.80 0.93 40.28
C PRO C 374 -48.96 0.25 39.56
N TYR C 375 -50.06 0.06 40.28
CA TYR C 375 -51.24 -0.58 39.75
C TYR C 375 -52.34 0.45 39.63
N LYS C 376 -52.73 0.76 38.39
CA LYS C 376 -53.80 1.71 38.18
C LYS C 376 -55.14 0.99 38.06
N ALA C 377 -56.14 1.47 38.80
CA ALA C 377 -57.48 0.89 38.76
C ALA C 377 -58.55 1.98 38.90
N LEU C 378 -59.79 1.63 38.56
CA LEU C 378 -60.89 2.57 38.68
C LEU C 378 -61.96 2.13 39.66
N VAL C 379 -62.20 2.94 40.68
CA VAL C 379 -63.26 2.65 41.61
C VAL C 379 -64.59 3.06 40.97
N GLU C 380 -65.45 2.07 40.70
CA GLU C 380 -66.75 2.31 40.09
C GLU C 380 -67.85 2.20 41.12
N ARG C 381 -68.45 3.33 41.47
CA ARG C 381 -69.59 3.28 42.38
C ARG C 381 -70.79 4.02 41.77
N ALA C 382 -71.98 3.44 41.97
CA ALA C 382 -73.20 4.03 41.43
C ALA C 382 -73.34 5.49 41.83
N GLY C 383 -73.65 6.33 40.85
CA GLY C 383 -73.91 7.74 41.11
C GLY C 383 -72.68 8.56 41.41
N TYR C 384 -71.66 7.91 41.97
CA TYR C 384 -70.41 8.60 42.27
C TYR C 384 -69.48 8.66 41.04
N ALA C 385 -68.55 9.61 41.06
CA ALA C 385 -67.58 9.79 39.97
C ALA C 385 -66.31 8.98 40.22
N PRO C 386 -65.95 8.11 39.26
CA PRO C 386 -64.80 7.19 39.32
C PRO C 386 -63.59 7.76 40.08
N LEU C 387 -62.88 6.88 40.79
CA LEU C 387 -61.82 7.30 41.69
C LEU C 387 -60.40 6.90 41.27
N ASN C 388 -59.52 7.89 41.37
CA ASN C 388 -58.09 7.71 41.25
C ASN C 388 -57.59 6.64 42.23
N LEU C 389 -57.10 5.53 41.69
CA LEU C 389 -56.54 4.48 42.54
C LEU C 389 -55.24 3.89 41.96
N GLU C 390 -54.14 4.18 42.62
CA GLU C 390 -52.86 3.56 42.25
C GLU C 390 -52.17 3.00 43.49
N ILE C 391 -51.83 1.71 43.42
CA ILE C 391 -51.20 1.03 44.53
C ILE C 391 -49.81 0.60 44.12
N THR C 392 -48.81 0.97 44.91
CA THR C 392 -47.45 0.52 44.64
C THR C 392 -46.90 -0.29 45.79
N VAL C 393 -46.69 -1.57 45.56
CA VAL C 393 -46.01 -2.41 46.53
C VAL C 393 -44.56 -1.94 46.58
N MSE C 394 -44.34 -0.94 47.42
CA MSE C 394 -43.06 -0.29 47.56
C MSE C 394 -41.98 -1.27 47.97
O MSE C 394 -40.84 -1.17 47.53
CB MSE C 394 -43.18 0.77 48.63
CG MSE C 394 -42.85 2.16 48.19
SE MSE C 394 -42.35 3.09 49.80
CE MSE C 394 -40.87 1.94 50.41
N SER C 395 -42.35 -2.21 48.83
CA SER C 395 -41.41 -3.18 49.39
C SER C 395 -42.11 -4.43 49.91
N SER C 396 -41.50 -5.59 49.69
CA SER C 396 -42.00 -6.82 50.27
C SER C 396 -40.91 -7.46 51.12
N GLU C 397 -41.34 -8.17 52.17
CA GLU C 397 -40.44 -9.00 52.97
C GLU C 397 -41.05 -10.36 53.20
N VAL C 398 -40.20 -11.38 53.22
CA VAL C 398 -40.67 -12.71 53.53
C VAL C 398 -39.91 -13.17 54.79
N LEU C 399 -40.57 -13.04 55.93
CA LEU C 399 -39.91 -13.26 57.20
C LEU C 399 -40.36 -14.57 57.80
N PRO C 400 -39.49 -15.58 57.72
CA PRO C 400 -39.76 -16.91 58.24
C PRO C 400 -39.22 -17.05 59.65
N SER C 401 -39.80 -18.00 60.37
CA SER C 401 -39.49 -18.25 61.77
C SER C 401 -38.22 -19.04 61.89
N THR C 402 -37.29 -18.52 62.69
CA THR C 402 -35.97 -19.14 62.79
C THR C 402 -35.69 -19.74 64.16
N ASN C 403 -35.50 -21.07 64.18
CA ASN C 403 -34.99 -21.78 65.36
C ASN C 403 -33.49 -22.00 65.23
N GLN C 404 -32.67 -21.12 65.80
CA GLN C 404 -31.24 -21.37 65.81
C GLN C 404 -31.03 -22.69 66.55
N GLU C 405 -30.22 -23.56 65.97
CA GLU C 405 -29.96 -24.87 66.55
C GLU C 405 -28.66 -24.85 67.33
N TYR C 406 -27.55 -24.63 66.62
CA TYR C 406 -26.27 -24.51 67.29
C TYR C 406 -25.35 -23.52 66.59
N ILE C 407 -24.22 -23.30 67.24
CA ILE C 407 -23.09 -22.61 66.65
C ILE C 407 -22.11 -23.66 66.18
N THR C 408 -21.18 -23.28 65.31
CA THR C 408 -20.06 -24.15 65.00
C THR C 408 -18.89 -23.33 64.47
N CYS C 409 -17.69 -23.84 64.68
CA CYS C 409 -16.48 -23.18 64.19
C CYS C 409 -15.23 -24.06 64.23
N LYS C 410 -14.08 -23.45 63.96
CA LYS C 410 -12.82 -24.17 64.02
C LYS C 410 -12.59 -24.51 65.49
N PHE C 411 -12.53 -25.80 65.78
CA PHE C 411 -12.26 -26.24 67.15
C PHE C 411 -10.76 -26.18 67.42
N THR C 412 -10.39 -26.32 68.68
CA THR C 412 -8.98 -26.44 69.04
C THR C 412 -8.87 -27.70 69.87
N THR C 413 -7.81 -28.47 69.66
CA THR C 413 -7.62 -29.70 70.42
C THR C 413 -6.66 -29.49 71.58
N VAL C 414 -7.11 -29.80 72.79
CA VAL C 414 -6.25 -29.67 73.96
C VAL C 414 -5.68 -31.02 74.34
N VAL C 415 -4.38 -31.05 74.61
CA VAL C 415 -3.70 -32.27 74.96
C VAL C 415 -2.91 -32.11 76.24
N PRO C 416 -3.54 -32.47 77.36
CA PRO C 416 -2.93 -32.30 78.69
C PRO C 416 -1.83 -33.32 78.88
N SER C 417 -0.74 -32.93 79.53
CA SER C 417 0.38 -33.85 79.78
C SER C 417 -0.11 -35.20 80.29
N PRO C 418 0.38 -36.28 79.66
CA PRO C 418 -0.12 -37.62 79.96
C PRO C 418 0.19 -38.03 81.39
N LYS C 419 -0.79 -38.63 82.04
CA LYS C 419 -0.58 -39.19 83.38
C LYS C 419 0.01 -40.58 83.24
N ILE C 420 1.27 -40.73 83.63
CA ILE C 420 1.95 -42.01 83.57
C ILE C 420 2.22 -42.57 84.96
N LYS C 421 1.91 -43.85 85.15
CA LYS C 421 2.10 -44.49 86.44
C LYS C 421 3.24 -45.50 86.37
N CYS C 422 4.31 -45.21 87.10
CA CYS C 422 5.49 -46.07 87.08
C CYS C 422 5.20 -47.40 87.76
N CYS C 423 5.03 -48.44 86.94
CA CYS C 423 4.89 -49.81 87.42
C CYS C 423 3.48 -50.19 87.88
N GLY C 424 2.49 -49.82 87.09
CA GLY C 424 1.12 -50.19 87.40
C GLY C 424 0.17 -50.08 86.22
N SER C 425 -1.10 -50.43 86.44
CA SER C 425 -2.14 -50.33 85.42
C SER C 425 -2.97 -49.06 85.63
N LEU C 426 -3.31 -48.39 84.52
CA LEU C 426 -4.04 -47.13 84.60
C LEU C 426 -5.32 -47.18 83.79
N GLU C 427 -6.36 -47.83 84.31
CA GLU C 427 -7.60 -47.94 83.55
C GLU C 427 -8.38 -46.62 83.54
N CYS C 428 -8.29 -45.93 82.40
CA CYS C 428 -8.89 -44.61 82.22
C CYS C 428 -10.40 -44.62 82.34
N GLN C 429 -10.95 -43.51 82.79
CA GLN C 429 -12.37 -43.40 83.10
C GLN C 429 -13.04 -42.31 82.27
N PRO C 430 -14.26 -42.58 81.77
CA PRO C 430 -15.02 -41.60 80.97
C PRO C 430 -15.13 -40.26 81.69
N ALA C 431 -14.27 -39.29 81.36
CA ALA C 431 -14.37 -37.96 81.94
C ALA C 431 -15.23 -37.05 81.07
N ALA C 432 -16.54 -37.12 81.27
CA ALA C 432 -17.53 -36.43 80.43
C ALA C 432 -17.23 -34.95 80.20
N HIS C 433 -16.78 -34.62 79.00
CA HIS C 433 -16.70 -33.23 78.56
C HIS C 433 -16.36 -33.10 77.05
N ALA C 434 -16.37 -31.86 76.55
CA ALA C 434 -16.23 -31.52 75.11
C ALA C 434 -16.21 -32.71 74.12
N GLY C 435 -15.09 -32.87 73.43
CA GLY C 435 -14.87 -34.04 72.60
C GLY C 435 -13.81 -34.93 73.21
N TYR C 436 -14.09 -35.48 74.38
CA TYR C 436 -13.07 -36.20 75.16
C TYR C 436 -12.75 -37.56 74.57
N THR C 437 -11.46 -37.92 74.63
CA THR C 437 -11.03 -39.27 74.31
C THR C 437 -9.74 -39.67 75.01
N CYS C 438 -9.71 -40.89 75.53
CA CYS C 438 -8.54 -41.39 76.23
C CYS C 438 -8.19 -42.73 75.60
N LYS C 439 -6.98 -43.19 75.88
CA LYS C 439 -6.63 -44.58 75.61
C LYS C 439 -5.52 -44.98 76.56
N VAL C 440 -5.62 -46.19 77.07
CA VAL C 440 -4.65 -46.74 77.99
C VAL C 440 -3.60 -47.54 77.23
N PHE C 441 -2.35 -47.11 77.32
CA PHE C 441 -1.26 -47.78 76.61
C PHE C 441 -0.29 -48.46 77.57
N GLY C 442 -0.09 -49.77 77.37
CA GLY C 442 0.73 -50.56 78.27
C GLY C 442 2.12 -50.87 77.78
N GLY C 443 3.02 -51.12 78.73
CA GLY C 443 4.41 -51.40 78.41
C GLY C 443 5.00 -50.23 77.66
N VAL C 444 4.84 -49.04 78.23
CA VAL C 444 5.23 -47.82 77.55
C VAL C 444 6.74 -47.62 77.56
N TYR C 445 7.25 -47.14 78.68
CA TYR C 445 8.66 -46.79 78.77
C TYR C 445 9.43 -47.84 79.57
N PRO C 446 10.58 -48.30 79.04
CA PRO C 446 11.48 -49.09 79.89
C PRO C 446 12.23 -48.20 80.88
N PHE C 447 12.85 -48.80 81.89
CA PHE C 447 13.54 -48.08 82.98
C PHE C 447 13.62 -46.55 82.86
N MSE C 448 14.83 -46.02 82.94
CA MSE C 448 15.05 -44.59 82.71
C MSE C 448 15.89 -44.43 81.46
O MSE C 448 16.86 -45.15 81.24
CB MSE C 448 15.71 -43.93 83.92
CG MSE C 448 14.92 -44.06 85.21
SE MSE C 448 15.76 -45.27 86.50
CE MSE C 448 16.29 -43.94 87.81
N TRP C 449 15.50 -43.47 80.62
CA TRP C 449 16.08 -43.33 79.29
C TRP C 449 16.01 -44.63 78.48
N GLY C 450 15.37 -45.65 79.05
CA GLY C 450 14.91 -46.77 78.27
C GLY C 450 13.60 -46.25 77.71
N GLY C 451 12.86 -45.60 78.59
CA GLY C 451 11.70 -44.79 78.25
C GLY C 451 11.68 -43.62 79.23
N ALA C 452 10.51 -43.08 79.50
CA ALA C 452 10.36 -42.01 80.48
C ALA C 452 10.81 -42.47 81.87
N GLN C 453 11.73 -41.70 82.47
CA GLN C 453 12.30 -42.05 83.77
C GLN C 453 11.31 -42.83 84.67
N CYS C 454 11.66 -44.07 85.00
CA CYS C 454 10.79 -44.98 85.77
C CYS C 454 11.59 -46.20 86.26
N PHE C 455 10.91 -47.27 86.69
CA PHE C 455 11.59 -48.38 87.35
C PHE C 455 11.41 -49.77 86.69
N CYS C 456 10.25 -50.02 86.12
CA CYS C 456 9.94 -51.31 85.50
C CYS C 456 9.92 -51.18 83.97
N ASP C 457 10.05 -52.31 83.28
CA ASP C 457 10.09 -52.30 81.81
C ASP C 457 8.71 -52.55 81.17
N SER C 458 8.22 -53.77 81.30
CA SER C 458 6.96 -54.15 80.70
C SER C 458 5.80 -54.08 81.69
N GLU C 459 6.00 -53.34 82.78
CA GLU C 459 4.93 -53.10 83.73
C GLU C 459 4.62 -51.60 83.80
N ASN C 460 4.64 -50.95 82.65
CA ASN C 460 4.34 -49.52 82.57
C ASN C 460 3.02 -49.23 81.86
N SER C 461 2.49 -48.04 82.07
CA SER C 461 1.24 -47.65 81.45
C SER C 461 1.07 -46.13 81.36
N GLN C 462 0.70 -45.64 80.18
CA GLN C 462 0.41 -44.24 79.98
C GLN C 462 -1.04 -44.07 79.56
N MSE C 463 -1.68 -43.02 80.04
CA MSE C 463 -3.04 -42.71 79.63
C MSE C 463 -3.04 -41.47 78.75
O MSE C 463 -2.75 -40.36 79.21
CB MSE C 463 -3.97 -42.50 80.83
CG MSE C 463 -5.42 -42.21 80.43
SE MSE C 463 -6.55 -41.84 81.96
CE MSE C 463 -5.35 -40.57 82.84
N SER C 464 -3.34 -41.67 77.47
CA SER C 464 -3.39 -40.56 76.54
C SER C 464 -4.79 -39.99 76.47
N GLU C 465 -4.93 -38.73 76.90
CA GLU C 465 -6.22 -38.07 76.88
C GLU C 465 -6.13 -36.74 76.15
N ALA C 466 -7.19 -36.42 75.42
CA ALA C 466 -7.28 -35.14 74.73
C ALA C 466 -8.72 -34.80 74.34
N TYR C 467 -8.98 -33.51 74.19
CA TYR C 467 -10.32 -33.04 73.89
C TYR C 467 -10.29 -31.82 72.96
N VAL C 468 -11.48 -31.29 72.66
CA VAL C 468 -11.58 -30.12 71.80
C VAL C 468 -12.28 -28.97 72.52
N GLU C 469 -11.93 -27.74 72.13
CA GLU C 469 -12.62 -26.55 72.60
C GLU C 469 -13.01 -25.71 71.40
N LEU C 470 -13.34 -24.45 71.64
CA LEU C 470 -13.58 -23.53 70.54
C LEU C 470 -12.28 -22.80 70.28
N SER C 471 -12.11 -22.30 69.07
CA SER C 471 -10.89 -21.59 68.79
C SER C 471 -10.92 -20.26 69.52
N ALA C 472 -9.74 -19.71 69.77
CA ALA C 472 -9.64 -18.42 70.41
C ALA C 472 -10.43 -17.41 69.62
N ASP C 473 -10.75 -17.78 68.39
CA ASP C 473 -11.38 -16.87 67.46
C ASP C 473 -12.72 -17.40 66.98
N CYS C 474 -13.18 -18.47 67.58
CA CYS C 474 -14.48 -19.02 67.23
C CYS C 474 -15.52 -17.92 67.11
N ALA C 475 -15.39 -16.91 67.96
CA ALA C 475 -16.40 -15.87 68.07
C ALA C 475 -16.46 -15.01 66.80
N SER C 476 -15.29 -14.65 66.30
CA SER C 476 -15.17 -13.76 65.13
C SER C 476 -15.53 -14.45 63.78
N ASP C 477 -15.43 -15.78 63.73
CA ASP C 477 -15.71 -16.54 62.51
C ASP C 477 -16.37 -17.86 62.85
N HIS C 478 -17.70 -17.89 62.79
CA HIS C 478 -18.45 -19.12 63.01
C HIS C 478 -19.62 -19.17 62.05
N ALA C 479 -20.52 -20.11 62.28
CA ALA C 479 -21.69 -20.22 61.43
C ALA C 479 -22.87 -20.50 62.33
N GLN C 480 -24.06 -20.57 61.76
CA GLN C 480 -25.25 -20.74 62.57
C GLN C 480 -26.24 -21.74 61.98
N ALA C 481 -26.29 -22.92 62.58
CA ALA C 481 -27.21 -23.95 62.12
C ALA C 481 -28.57 -23.45 62.48
N ILE C 482 -29.51 -23.54 61.54
CA ILE C 482 -30.80 -22.87 61.70
C ILE C 482 -31.92 -23.53 60.92
N LYS C 483 -32.92 -24.02 61.62
CA LYS C 483 -34.10 -24.51 60.94
C LYS C 483 -34.96 -23.32 60.58
N VAL C 484 -35.75 -23.45 59.53
CA VAL C 484 -36.59 -22.37 59.05
C VAL C 484 -37.97 -22.87 58.67
N HIS C 485 -38.95 -22.60 59.52
CA HIS C 485 -40.32 -22.98 59.15
C HIS C 485 -41.11 -21.78 58.62
N THR C 486 -42.18 -22.09 57.87
CA THR C 486 -42.88 -21.12 57.04
C THR C 486 -43.17 -19.79 57.73
N ALA C 487 -43.30 -18.76 56.90
CA ALA C 487 -43.13 -17.39 57.34
C ALA C 487 -44.42 -16.58 57.45
N ALA C 488 -44.22 -15.27 57.53
CA ALA C 488 -45.24 -14.29 57.28
C ALA C 488 -44.58 -13.31 56.34
N MSE C 489 -45.36 -12.53 55.61
CA MSE C 489 -44.79 -11.51 54.73
C MSE C 489 -45.46 -10.16 54.87
O MSE C 489 -46.66 -10.03 54.65
CB MSE C 489 -44.79 -11.95 53.26
CG MSE C 489 -46.06 -12.60 52.77
SE MSE C 489 -45.90 -12.95 50.88
CE MSE C 489 -45.59 -11.11 50.41
N LYS C 490 -44.66 -9.17 55.26
CA LYS C 490 -45.13 -7.79 55.32
C LYS C 490 -44.97 -7.16 53.94
N VAL C 491 -45.65 -6.04 53.73
CA VAL C 491 -45.58 -5.33 52.46
C VAL C 491 -45.66 -3.83 52.69
N GLY C 492 -44.81 -3.07 52.00
CA GLY C 492 -44.86 -1.64 52.01
C GLY C 492 -45.78 -1.15 50.90
N LEU C 493 -47.06 -0.98 51.24
CA LEU C 493 -48.06 -0.57 50.28
C LEU C 493 -48.21 0.94 50.25
N ARG C 494 -48.13 1.53 49.06
CA ARG C 494 -48.42 2.97 48.93
C ARG C 494 -49.61 3.21 48.03
N ILE C 495 -50.74 3.58 48.63
CA ILE C 495 -51.98 3.79 47.89
C ILE C 495 -52.30 5.26 47.73
N VAL C 496 -52.79 5.62 46.55
CA VAL C 496 -53.22 6.97 46.25
C VAL C 496 -54.66 6.96 45.78
N TYR C 497 -55.47 7.80 46.41
CA TYR C 497 -56.88 7.95 46.07
C TYR C 497 -57.25 9.42 45.96
N GLY C 498 -57.62 9.84 44.75
CA GLY C 498 -57.90 11.23 44.50
C GLY C 498 -56.73 12.13 44.87
N ASN C 499 -57.02 13.18 45.65
CA ASN C 499 -56.03 14.21 45.98
C ASN C 499 -55.06 13.80 47.10
N THR C 500 -55.26 12.61 47.68
CA THR C 500 -54.43 12.17 48.80
C THR C 500 -53.73 10.82 48.58
N THR C 501 -52.50 10.72 49.05
CA THR C 501 -51.70 9.51 48.94
C THR C 501 -51.28 9.06 50.34
N SER C 502 -51.52 7.78 50.65
CA SER C 502 -51.18 7.28 51.97
C SER C 502 -50.37 5.99 51.86
N PHE C 503 -49.73 5.58 52.96
CA PHE C 503 -48.87 4.42 52.95
C PHE C 503 -48.91 3.59 54.23
N LEU C 504 -49.22 2.31 54.09
CA LEU C 504 -49.28 1.42 55.24
C LEU C 504 -48.49 0.15 54.99
N ASP C 505 -47.93 -0.43 56.05
CA ASP C 505 -47.38 -1.79 55.97
C ASP C 505 -48.48 -2.77 56.31
N VAL C 506 -48.46 -3.92 55.68
CA VAL C 506 -49.49 -4.91 55.97
C VAL C 506 -49.01 -6.34 55.84
N TYR C 507 -49.22 -7.13 56.90
CA TYR C 507 -48.96 -8.55 56.81
C TYR C 507 -49.94 -9.18 55.82
N VAL C 508 -49.46 -10.15 55.05
CA VAL C 508 -50.31 -10.75 54.03
C VAL C 508 -50.98 -12.05 54.48
N ASN C 509 -52.10 -11.85 55.18
CA ASN C 509 -53.02 -12.92 55.57
C ASN C 509 -54.41 -12.31 55.55
N GLY C 510 -55.43 -13.15 55.46
CA GLY C 510 -56.78 -12.64 55.33
C GLY C 510 -57.28 -11.81 56.50
N VAL C 511 -56.42 -11.49 57.46
CA VAL C 511 -56.87 -10.90 58.70
C VAL C 511 -56.25 -9.56 59.09
N THR C 512 -55.01 -9.55 59.53
CA THR C 512 -54.45 -8.35 60.15
C THR C 512 -54.49 -7.13 59.25
N PRO C 513 -55.23 -6.10 59.66
CA PRO C 513 -55.41 -4.85 58.91
C PRO C 513 -54.25 -3.91 59.16
N GLY C 514 -53.79 -3.23 58.11
CA GLY C 514 -52.68 -2.31 58.24
C GLY C 514 -53.13 -1.05 58.95
N THR C 515 -52.87 -0.97 60.25
CA THR C 515 -53.36 0.14 61.07
C THR C 515 -52.88 1.51 60.61
N SER C 516 -53.06 1.80 59.34
CA SER C 516 -52.97 3.14 58.82
C SER C 516 -54.18 3.86 59.39
N LYS C 517 -53.98 5.06 59.91
CA LYS C 517 -55.04 5.77 60.60
C LYS C 517 -56.26 6.02 59.70
N ASP C 518 -56.05 6.66 58.57
CA ASP C 518 -57.17 7.04 57.71
C ASP C 518 -57.58 6.00 56.67
N LEU C 519 -56.80 4.93 56.55
CA LEU C 519 -57.10 3.90 55.56
C LEU C 519 -56.95 2.48 56.08
N LYS C 520 -58.05 1.74 56.11
CA LYS C 520 -58.05 0.38 56.62
C LYS C 520 -57.84 -0.60 55.48
N VAL C 521 -56.63 -1.14 55.38
CA VAL C 521 -56.33 -2.15 54.38
C VAL C 521 -56.06 -3.50 55.02
N ILE C 522 -56.54 -4.54 54.34
CA ILE C 522 -56.21 -5.92 54.66
C ILE C 522 -55.78 -6.62 53.38
N ALA C 523 -54.57 -7.18 53.41
CA ALA C 523 -54.01 -7.87 52.25
C ALA C 523 -54.23 -9.38 52.36
N GLY C 524 -55.15 -9.89 51.54
CA GLY C 524 -55.53 -11.29 51.56
C GLY C 524 -54.33 -12.20 51.44
N PRO C 525 -54.55 -13.50 51.65
CA PRO C 525 -53.47 -14.50 51.60
C PRO C 525 -52.84 -14.53 50.22
N ILE C 526 -51.51 -14.44 50.17
CA ILE C 526 -50.78 -14.44 48.90
C ILE C 526 -51.23 -15.61 48.02
N SER C 527 -51.09 -15.46 46.70
CA SER C 527 -51.64 -16.42 45.73
C SER C 527 -50.87 -17.74 45.64
N ALA C 528 -49.60 -17.74 46.05
CA ALA C 528 -48.78 -18.95 46.02
C ALA C 528 -47.69 -18.91 47.08
N SER C 529 -47.80 -19.79 48.07
CA SER C 529 -46.79 -19.89 49.11
C SER C 529 -45.44 -20.24 48.47
N PHE C 530 -44.51 -19.30 48.48
CA PHE C 530 -43.17 -19.57 48.00
C PHE C 530 -42.07 -19.05 48.91
N THR C 531 -41.01 -19.83 49.07
CA THR C 531 -39.87 -19.44 49.88
C THR C 531 -38.58 -19.75 49.18
N PRO C 532 -37.56 -18.91 49.42
CA PRO C 532 -36.21 -19.13 48.90
C PRO C 532 -35.47 -20.18 49.74
N PHE C 533 -35.96 -20.42 50.95
CA PHE C 533 -35.23 -21.23 51.91
C PHE C 533 -35.70 -22.69 52.05
N ASP C 534 -34.81 -23.52 52.61
CA ASP C 534 -35.10 -24.91 52.91
C ASP C 534 -35.31 -25.04 54.40
N HIS C 535 -35.96 -26.12 54.81
CA HIS C 535 -36.22 -26.38 56.21
C HIS C 535 -34.97 -26.10 57.06
N LYS C 536 -33.81 -26.38 56.49
CA LYS C 536 -32.53 -26.19 57.19
C LYS C 536 -31.60 -25.26 56.43
N VAL C 537 -31.01 -24.32 57.17
CA VAL C 537 -30.19 -23.27 56.58
C VAL C 537 -28.96 -22.97 57.42
N VAL C 538 -27.84 -22.65 56.77
CA VAL C 538 -26.67 -22.19 57.50
C VAL C 538 -26.47 -20.72 57.20
N ILE C 539 -26.07 -19.97 58.21
CA ILE C 539 -25.67 -18.60 58.00
C ILE C 539 -24.23 -18.45 58.39
N HIS C 540 -23.37 -18.11 57.43
CA HIS C 540 -21.98 -17.84 57.77
C HIS C 540 -21.79 -16.40 58.21
N ARG C 541 -21.42 -15.54 57.27
CA ARG C 541 -21.16 -14.17 57.68
C ARG C 541 -22.41 -13.29 57.55
N GLY C 542 -22.68 -12.82 56.35
CA GLY C 542 -23.96 -12.20 56.12
C GLY C 542 -24.67 -13.15 55.19
N LEU C 543 -24.06 -14.32 55.04
CA LEU C 543 -24.43 -15.17 53.94
C LEU C 543 -25.14 -16.40 54.40
N VAL C 544 -26.25 -16.70 53.75
CA VAL C 544 -27.04 -17.86 54.08
C VAL C 544 -26.97 -18.87 52.95
N TYR C 545 -26.83 -20.13 53.32
CA TYR C 545 -26.83 -21.20 52.34
C TYR C 545 -27.83 -22.24 52.76
N ASN C 546 -28.58 -22.76 51.81
CA ASN C 546 -29.39 -23.94 52.08
C ASN C 546 -28.53 -25.20 52.23
N TYR C 547 -28.46 -25.72 53.46
CA TYR C 547 -27.54 -26.77 53.81
C TYR C 547 -28.15 -27.67 54.87
N ASP C 548 -28.16 -28.98 54.60
CA ASP C 548 -28.83 -29.92 55.50
C ASP C 548 -27.99 -30.32 56.69
N PHE C 549 -27.46 -29.34 57.43
CA PHE C 549 -26.65 -29.59 58.62
C PHE C 549 -27.26 -30.64 59.55
N PRO C 550 -26.42 -31.45 60.20
CA PRO C 550 -26.95 -32.55 61.00
C PRO C 550 -27.66 -32.04 62.26
N GLU C 551 -28.59 -32.82 62.80
CA GLU C 551 -29.30 -32.43 64.01
C GLU C 551 -28.31 -32.26 65.15
N TYR C 552 -28.65 -31.40 66.12
CA TYR C 552 -27.80 -31.25 67.28
C TYR C 552 -27.58 -32.62 67.90
N GLY C 553 -26.32 -32.95 68.14
CA GLY C 553 -25.96 -34.21 68.75
C GLY C 553 -25.80 -35.37 67.79
N ALA C 554 -26.11 -35.16 66.53
CA ALA C 554 -25.98 -36.19 65.53
C ALA C 554 -24.82 -35.82 64.59
N MSE C 555 -23.66 -35.60 65.20
CA MSE C 555 -22.53 -35.06 64.48
C MSE C 555 -21.67 -36.12 63.81
O MSE C 555 -21.41 -37.18 64.37
CB MSE C 555 -21.66 -34.24 65.43
CG MSE C 555 -22.45 -33.32 66.29
SE MSE C 555 -21.82 -33.67 68.03
CE MSE C 555 -22.02 -35.59 67.95
N LYS C 556 -21.27 -35.82 62.57
CA LYS C 556 -20.28 -36.58 61.83
C LYS C 556 -19.04 -35.68 61.77
N PRO C 557 -17.84 -36.28 61.88
CA PRO C 557 -16.57 -35.56 62.03
C PRO C 557 -15.99 -35.17 60.69
N GLY C 558 -15.26 -34.05 60.66
CA GLY C 558 -14.75 -33.53 59.41
C GLY C 558 -15.81 -32.94 58.50
N ALA C 559 -17.06 -33.35 58.67
CA ALA C 559 -18.18 -32.73 57.95
C ALA C 559 -18.67 -31.50 58.71
N PHE C 560 -19.51 -30.67 58.10
CA PHE C 560 -20.03 -29.48 58.77
C PHE C 560 -20.75 -29.87 60.06
N GLY C 561 -20.56 -29.05 61.09
CA GLY C 561 -21.23 -29.30 62.35
C GLY C 561 -20.53 -30.40 63.13
N ASP C 562 -19.25 -30.60 62.80
CA ASP C 562 -18.44 -31.55 63.55
C ASP C 562 -18.50 -31.25 65.05
N ILE C 563 -18.42 -29.97 65.40
CA ILE C 563 -18.61 -29.57 66.79
C ILE C 563 -19.79 -28.63 66.85
N GLN C 564 -20.51 -28.66 67.98
CA GLN C 564 -21.74 -27.91 68.13
C GLN C 564 -21.78 -27.20 69.48
N ALA C 565 -22.63 -26.18 69.58
CA ALA C 565 -22.83 -25.39 70.79
C ALA C 565 -24.05 -24.49 70.63
N THR C 566 -24.92 -24.48 71.63
CA THR C 566 -26.10 -23.63 71.59
C THR C 566 -25.71 -22.16 71.56
N SER C 567 -24.54 -21.85 72.10
CA SER C 567 -23.95 -20.54 71.82
C SER C 567 -22.45 -20.44 72.05
N LEU C 568 -21.94 -19.22 71.97
CA LEU C 568 -20.51 -18.95 71.95
C LEU C 568 -19.96 -19.05 73.37
N THR C 569 -20.86 -18.92 74.33
CA THR C 569 -20.49 -19.01 75.73
C THR C 569 -20.34 -20.48 76.11
N SER C 570 -19.93 -21.29 75.14
CA SER C 570 -19.72 -22.72 75.33
C SER C 570 -20.84 -23.35 76.16
N LYS C 571 -22.07 -23.20 75.68
CA LYS C 571 -23.24 -23.75 76.35
C LYS C 571 -23.40 -25.23 75.99
N ASP C 572 -22.67 -26.08 76.70
CA ASP C 572 -22.76 -27.51 76.45
C ASP C 572 -22.34 -27.86 75.01
N LEU C 573 -21.04 -27.74 74.73
CA LEU C 573 -20.53 -28.05 73.41
C LEU C 573 -20.20 -29.52 73.21
N ILE C 574 -20.82 -30.12 72.20
CA ILE C 574 -20.69 -31.54 71.95
C ILE C 574 -20.01 -31.81 70.61
N ALA C 575 -18.81 -32.38 70.64
CA ALA C 575 -18.05 -32.55 69.41
C ALA C 575 -17.75 -34.02 69.09
N SER C 576 -17.51 -34.27 67.80
CA SER C 576 -17.09 -35.58 67.31
C SER C 576 -16.01 -35.39 66.25
N THR C 577 -14.75 -35.49 66.64
CA THR C 577 -13.66 -35.13 65.74
C THR C 577 -12.71 -36.29 65.41
N ASP C 578 -13.22 -37.51 65.50
CA ASP C 578 -12.43 -38.72 65.21
C ASP C 578 -10.98 -38.64 65.67
N ILE C 579 -10.75 -38.27 66.93
CA ILE C 579 -9.40 -38.27 67.46
C ILE C 579 -8.93 -39.69 67.68
N ARG C 580 -7.68 -39.94 67.32
CA ARG C 580 -7.11 -41.27 67.46
C ARG C 580 -5.74 -41.21 68.14
N LEU C 581 -5.71 -41.71 69.38
CA LEU C 581 -4.51 -41.73 70.19
C LEU C 581 -3.56 -42.81 69.72
N LEU C 582 -2.26 -42.53 69.79
CA LEU C 582 -1.27 -43.47 69.30
C LEU C 582 -0.30 -43.86 70.40
N LYS C 583 0.15 -45.11 70.40
CA LYS C 583 1.14 -45.56 71.37
C LYS C 583 2.41 -44.76 71.20
N PRO C 584 2.83 -44.03 72.24
CA PRO C 584 4.01 -43.18 72.19
C PRO C 584 5.30 -44.00 72.29
N SER C 585 6.28 -43.67 71.46
CA SER C 585 7.57 -44.36 71.49
C SER C 585 8.42 -43.80 72.60
N ALA C 586 9.40 -44.58 73.04
CA ALA C 586 10.10 -44.28 74.28
C ALA C 586 11.44 -43.57 74.09
N LYS C 587 11.40 -42.29 73.76
CA LYS C 587 12.60 -41.46 73.87
C LYS C 587 12.23 -40.13 74.52
N ASN C 588 10.93 -39.84 74.52
CA ASN C 588 10.39 -38.63 75.12
C ASN C 588 8.94 -38.84 75.55
N VAL C 589 8.46 -38.00 76.46
CA VAL C 589 7.06 -38.04 76.85
C VAL C 589 6.27 -37.12 75.93
N HIS C 590 5.80 -37.70 74.84
CA HIS C 590 5.10 -36.95 73.81
C HIS C 590 3.88 -37.78 73.45
N VAL C 591 2.69 -37.20 73.61
CA VAL C 591 1.46 -37.92 73.29
C VAL C 591 0.99 -37.67 71.87
N PRO C 592 1.08 -38.70 71.03
CA PRO C 592 0.75 -38.64 69.61
C PRO C 592 -0.72 -38.89 69.37
N TYR C 593 -1.21 -38.42 68.23
CA TYR C 593 -2.60 -38.60 67.88
C TYR C 593 -2.86 -38.08 66.47
N THR C 594 -3.71 -38.78 65.74
CA THR C 594 -4.28 -38.21 64.53
C THR C 594 -5.63 -37.61 64.89
N GLN C 595 -6.31 -37.07 63.89
CA GLN C 595 -7.60 -36.45 64.08
C GLN C 595 -8.24 -36.18 62.73
N ALA C 596 -9.55 -35.96 62.73
CA ALA C 596 -10.22 -35.61 61.50
C ALA C 596 -9.98 -34.13 61.20
N SER C 597 -10.42 -33.71 60.02
CA SER C 597 -10.25 -32.34 59.56
C SER C 597 -11.35 -31.44 60.14
N SER C 598 -11.18 -30.13 60.04
CA SER C 598 -12.15 -29.20 60.62
C SER C 598 -13.42 -29.04 59.77
N GLY C 599 -14.44 -29.81 60.12
CA GLY C 599 -15.70 -29.80 59.41
C GLY C 599 -16.16 -28.42 59.01
N PHE C 600 -15.77 -27.43 59.81
CA PHE C 600 -16.09 -26.05 59.48
C PHE C 600 -15.27 -25.61 58.28
N GLU C 601 -13.98 -25.40 58.51
CA GLU C 601 -13.07 -25.03 57.44
C GLU C 601 -13.34 -25.81 56.17
N MSE C 602 -13.66 -27.09 56.34
CA MSE C 602 -13.90 -27.94 55.18
C MSE C 602 -15.16 -27.48 54.47
O MSE C 602 -15.21 -27.42 53.24
CB MSE C 602 -13.96 -29.43 55.58
CG MSE C 602 -12.62 -30.07 55.94
SE MSE C 602 -12.00 -31.19 54.55
CE MSE C 602 -13.70 -31.52 53.72
N TRP C 603 -16.17 -27.14 55.23
CA TRP C 603 -17.41 -26.69 54.62
C TRP C 603 -17.19 -25.31 54.05
N LYS C 604 -16.41 -24.49 54.74
CA LYS C 604 -16.07 -23.17 54.23
C LYS C 604 -15.49 -23.25 52.81
N ASN C 605 -14.36 -23.95 52.65
CA ASN C 605 -13.74 -24.10 51.32
C ASN C 605 -14.68 -24.77 50.31
N ASN C 606 -15.89 -25.09 50.76
CA ASN C 606 -16.81 -25.79 49.90
C ASN C 606 -18.26 -25.34 50.06
N SER C 607 -18.46 -24.24 50.79
CA SER C 607 -19.77 -23.59 50.78
C SER C 607 -20.05 -23.18 49.35
N GLY C 608 -21.30 -23.27 48.95
CA GLY C 608 -21.63 -22.91 47.58
C GLY C 608 -21.59 -21.41 47.38
N ARG C 609 -22.17 -20.97 46.28
CA ARG C 609 -22.50 -19.57 46.14
C ARG C 609 -23.76 -19.32 46.99
N PRO C 610 -23.72 -18.30 47.87
CA PRO C 610 -24.84 -17.94 48.76
C PRO C 610 -26.22 -17.89 48.10
N LEU C 611 -27.24 -17.91 48.94
CA LEU C 611 -28.60 -17.85 48.45
C LEU C 611 -28.87 -16.46 47.88
N GLN C 612 -28.22 -15.46 48.47
CA GLN C 612 -28.34 -14.10 48.00
C GLN C 612 -27.98 -14.02 46.52
N GLU C 613 -27.32 -15.08 46.03
CA GLU C 613 -26.90 -15.11 44.64
C GLU C 613 -27.59 -16.20 43.82
N THR C 614 -28.46 -17.00 44.44
CA THR C 614 -29.10 -18.10 43.72
C THR C 614 -30.63 -18.04 43.79
N ALA C 615 -31.13 -17.17 44.68
CA ALA C 615 -32.55 -17.06 45.00
C ALA C 615 -33.48 -16.95 43.79
N PRO C 616 -34.46 -17.87 43.73
CA PRO C 616 -35.33 -18.18 42.58
C PRO C 616 -36.30 -17.09 42.14
N PHE C 617 -36.34 -15.93 42.76
CA PHE C 617 -37.28 -14.92 42.26
C PHE C 617 -36.74 -13.50 42.28
N GLY C 618 -35.43 -13.39 42.26
CA GLY C 618 -34.82 -12.07 42.30
C GLY C 618 -34.96 -11.52 43.70
N CYS C 619 -35.11 -12.43 44.66
CA CYS C 619 -35.13 -12.09 46.08
C CYS C 619 -33.79 -11.56 46.54
N LYS C 620 -33.82 -10.63 47.48
CA LYS C 620 -32.61 -10.04 48.02
C LYS C 620 -32.41 -10.46 49.47
N ILE C 621 -32.12 -11.75 49.65
CA ILE C 621 -31.83 -12.35 50.95
C ILE C 621 -31.03 -11.48 51.93
N ALA C 622 -31.58 -11.30 53.13
CA ALA C 622 -31.01 -10.43 54.16
C ALA C 622 -30.87 -11.14 55.50
N VAL C 623 -29.87 -10.75 56.27
CA VAL C 623 -29.57 -11.50 57.47
C VAL C 623 -29.34 -10.65 58.68
N ASN C 624 -30.36 -10.57 59.49
CA ASN C 624 -30.20 -10.55 60.93
C ASN C 624 -31.54 -11.07 61.34
N PRO C 625 -32.59 -10.31 61.01
CA PRO C 625 -33.79 -11.06 60.66
C PRO C 625 -33.52 -11.80 59.34
N LEU C 626 -33.79 -13.09 59.31
CA LEU C 626 -33.66 -13.85 58.08
C LEU C 626 -34.85 -13.45 57.22
N ARG C 627 -34.60 -13.00 56.00
CA ARG C 627 -35.66 -12.45 55.19
C ARG C 627 -35.35 -12.47 53.70
N ALA C 628 -36.41 -12.39 52.89
CA ALA C 628 -36.27 -12.38 51.44
C ALA C 628 -36.86 -11.08 50.88
N VAL C 629 -36.03 -10.06 50.88
CA VAL C 629 -36.41 -8.72 50.44
C VAL C 629 -36.78 -8.63 48.95
N ASP C 630 -37.91 -7.98 48.68
CA ASP C 630 -38.29 -7.59 47.32
C ASP C 630 -38.38 -8.74 46.31
N CYS C 631 -38.84 -9.91 46.73
CA CYS C 631 -39.11 -10.98 45.79
C CYS C 631 -40.22 -10.52 44.83
N SER C 632 -40.45 -11.26 43.76
CA SER C 632 -41.50 -10.92 42.81
C SER C 632 -42.20 -12.14 42.24
N TYR C 633 -43.38 -12.44 42.77
CA TYR C 633 -44.14 -13.58 42.29
C TYR C 633 -45.60 -13.44 42.70
N GLY C 634 -46.49 -14.03 41.91
CA GLY C 634 -47.90 -14.08 42.24
C GLY C 634 -48.59 -12.74 42.50
N ASN C 635 -49.90 -12.81 42.70
CA ASN C 635 -50.68 -11.61 42.96
C ASN C 635 -51.19 -11.57 44.38
N ILE C 636 -51.37 -10.35 44.89
CA ILE C 636 -51.82 -10.12 46.25
C ILE C 636 -53.24 -9.60 46.27
N PRO C 637 -54.16 -10.35 46.88
CA PRO C 637 -55.50 -9.78 47.04
C PRO C 637 -55.44 -8.63 48.04
N ILE C 638 -56.21 -7.59 47.80
CA ILE C 638 -56.21 -6.44 48.70
C ILE C 638 -57.60 -5.84 48.81
N SER C 639 -58.07 -5.66 50.05
CA SER C 639 -59.34 -4.98 50.28
C SER C 639 -59.05 -3.62 50.89
N ILE C 640 -59.58 -2.57 50.24
CA ILE C 640 -59.37 -1.21 50.71
C ILE C 640 -60.64 -0.52 51.17
N ASP C 641 -60.59 0.08 52.35
CA ASP C 641 -61.72 0.83 52.88
C ASP C 641 -61.44 2.32 52.69
N ILE C 642 -61.89 2.87 51.56
CA ILE C 642 -61.65 4.27 51.24
C ILE C 642 -62.69 5.18 51.89
N PRO C 643 -62.22 6.20 52.64
CA PRO C 643 -63.10 7.13 53.34
C PRO C 643 -64.06 7.79 52.37
N ASN C 644 -65.35 7.65 52.61
CA ASN C 644 -66.35 8.26 51.74
C ASN C 644 -66.05 9.72 51.51
N ALA C 645 -65.35 10.31 52.49
CA ALA C 645 -65.04 11.74 52.51
C ALA C 645 -64.13 12.20 51.36
N ALA C 646 -63.76 11.29 50.46
CA ALA C 646 -62.89 11.67 49.36
C ALA C 646 -63.50 11.32 48.02
N PHE C 647 -64.70 10.74 48.03
CA PHE C 647 -65.42 10.43 46.81
C PHE C 647 -66.25 11.61 46.31
N ILE C 648 -66.15 11.89 45.02
CA ILE C 648 -67.02 12.88 44.42
C ILE C 648 -68.18 12.22 43.67
N ARG C 649 -69.41 12.57 44.06
CA ARG C 649 -70.61 12.07 43.42
C ARG C 649 -71.13 13.02 42.33
N THR C 650 -71.08 12.56 41.09
CA THR C 650 -71.56 13.25 39.88
C THR C 650 -71.69 14.75 40.08
N SER C 651 -70.67 15.31 40.71
CA SER C 651 -70.82 16.70 41.08
C SER C 651 -69.83 17.53 40.28
N ASP C 652 -69.26 16.88 39.26
CA ASP C 652 -68.50 17.59 38.25
C ASP C 652 -69.47 18.21 37.27
N ALA C 653 -69.46 19.53 37.21
CA ALA C 653 -70.34 20.18 36.28
C ALA C 653 -70.45 19.75 34.71
N PRO C 654 -69.54 18.85 33.98
CA PRO C 654 -69.52 18.32 32.53
C PRO C 654 -70.05 16.90 32.09
N LEU C 655 -70.95 16.86 31.10
CA LEU C 655 -71.36 15.60 30.45
C LEU C 655 -70.29 15.22 29.44
N VAL C 656 -69.92 13.95 29.36
CA VAL C 656 -68.89 13.53 28.40
C VAL C 656 -69.46 12.57 27.36
N SER C 657 -69.13 12.80 26.09
CA SER C 657 -69.72 12.00 25.01
C SER C 657 -68.84 11.89 23.78
N THR C 658 -69.00 10.79 23.05
CA THR C 658 -68.39 10.60 21.73
C THR C 658 -66.86 10.62 21.73
N VAL C 659 -66.25 9.71 22.49
CA VAL C 659 -64.80 9.63 22.53
C VAL C 659 -64.25 8.72 21.43
N LYS C 660 -63.11 9.10 20.87
CA LYS C 660 -62.40 8.27 19.89
C LYS C 660 -60.91 8.28 20.20
N CYS C 661 -60.20 7.29 19.67
CA CYS C 661 -58.78 7.14 19.99
C CYS C 661 -57.87 7.16 18.76
N GLU C 662 -56.85 8.00 18.82
CA GLU C 662 -55.83 8.05 17.76
C GLU C 662 -54.43 7.96 18.37
N VAL C 663 -53.58 7.12 17.79
CA VAL C 663 -52.22 6.97 18.27
C VAL C 663 -51.22 7.70 17.38
N SER C 664 -50.50 8.68 17.95
CA SER C 664 -49.51 9.44 17.20
C SER C 664 -48.24 8.63 16.97
N GLU C 665 -47.53 8.31 18.05
CA GLU C 665 -46.31 7.51 17.95
C GLU C 665 -46.35 6.29 18.86
N CYS C 666 -45.44 5.35 18.63
CA CYS C 666 -45.34 4.16 19.45
C CYS C 666 -43.99 3.45 19.30
N THR C 667 -43.49 2.92 20.41
CA THR C 667 -42.32 2.07 20.40
C THR C 667 -42.66 0.75 21.10
N TYR C 668 -42.11 -0.36 20.61
CA TYR C 668 -42.44 -1.66 21.16
C TYR C 668 -41.54 -2.05 22.35
N SER C 669 -42.18 -2.43 23.44
CA SER C 669 -41.48 -2.88 24.65
C SER C 669 -40.51 -1.84 25.23
N ALA C 670 -40.95 -0.59 25.33
CA ALA C 670 -40.14 0.44 25.96
C ALA C 670 -40.79 0.86 27.27
N ASP C 671 -40.16 1.80 27.97
CA ASP C 671 -40.71 2.30 29.23
C ASP C 671 -42.07 2.98 29.00
N PHE C 672 -42.06 4.05 28.21
CA PHE C 672 -43.29 4.74 27.84
C PHE C 672 -43.15 5.36 26.46
N GLY C 673 -43.07 4.51 25.44
CA GLY C 673 -42.90 4.97 24.08
C GLY C 673 -44.21 5.22 23.36
N GLY C 674 -45.32 4.89 24.01
CA GLY C 674 -46.63 5.07 23.41
C GLY C 674 -47.14 6.49 23.51
N MSE C 675 -47.80 6.96 22.46
CA MSE C 675 -48.38 8.30 22.44
C MSE C 675 -49.71 8.31 21.68
O MSE C 675 -49.73 8.16 20.46
CB MSE C 675 -47.42 9.31 21.81
CG MSE C 675 -46.73 10.24 22.80
SE MSE C 675 -46.16 11.88 21.93
CE MSE C 675 -45.18 12.69 23.41
N ALA C 676 -50.80 8.49 22.41
CA ALA C 676 -52.12 8.53 21.80
C ALA C 676 -52.90 9.78 22.22
N THR C 677 -53.85 10.19 21.39
CA THR C 677 -54.66 11.36 21.67
C THR C 677 -56.14 11.01 21.57
N LEU C 678 -56.97 11.66 22.39
CA LEU C 678 -58.39 11.34 22.46
C LEU C 678 -59.28 12.57 22.18
N GLN C 679 -59.94 12.55 21.02
CA GLN C 679 -60.90 13.60 20.67
C GLN C 679 -62.28 13.25 21.24
N TYR C 680 -63.06 14.27 21.56
CA TYR C 680 -64.36 14.06 22.19
C TYR C 680 -65.14 15.37 22.31
N VAL C 681 -66.23 15.32 23.07
CA VAL C 681 -67.03 16.51 23.35
C VAL C 681 -67.55 16.47 24.78
N SER C 682 -67.23 17.51 25.56
CA SER C 682 -67.65 17.59 26.94
C SER C 682 -68.46 18.85 27.21
N ASP C 683 -69.47 18.74 28.07
CA ASP C 683 -70.32 19.88 28.42
C ASP C 683 -69.54 20.97 29.14
N ARG C 684 -68.76 20.58 30.14
CA ARG C 684 -67.97 21.54 30.92
C ARG C 684 -66.59 21.00 31.24
N GLU C 685 -65.95 21.54 32.26
CA GLU C 685 -64.63 21.10 32.68
C GLU C 685 -64.69 20.21 33.92
N GLY C 686 -63.71 19.31 34.03
CA GLY C 686 -63.63 18.39 35.15
C GLY C 686 -62.34 17.62 35.17
N GLN C 687 -62.34 16.47 35.85
CA GLN C 687 -61.14 15.64 35.94
C GLN C 687 -61.50 14.16 35.76
N CYS C 688 -61.07 13.59 34.64
CA CYS C 688 -61.37 12.19 34.34
C CYS C 688 -60.24 11.25 34.74
N PRO C 689 -60.59 10.01 35.11
CA PRO C 689 -59.61 8.96 35.35
C PRO C 689 -59.47 8.08 34.11
N VAL C 690 -58.27 8.06 33.53
CA VAL C 690 -58.00 7.27 32.33
C VAL C 690 -57.33 5.96 32.71
N HIS C 691 -57.81 4.87 32.12
CA HIS C 691 -57.31 3.54 32.45
C HIS C 691 -57.58 2.54 31.31
N SER C 692 -56.73 1.54 31.18
CA SER C 692 -56.86 0.55 30.12
C SER C 692 -57.52 -0.74 30.61
N HIS C 693 -58.54 -1.21 29.90
CA HIS C 693 -59.26 -2.42 30.30
C HIS C 693 -58.73 -3.67 29.60
N SER C 694 -57.42 -3.72 29.40
CA SER C 694 -56.76 -4.88 28.80
C SER C 694 -55.27 -4.83 29.10
N SER C 695 -54.74 -5.93 29.61
CA SER C 695 -53.35 -5.98 30.06
C SER C 695 -52.35 -5.81 28.92
N THR C 696 -52.84 -5.85 27.69
CA THR C 696 -51.96 -5.71 26.52
C THR C 696 -51.29 -4.34 26.49
N ALA C 697 -51.74 -3.46 27.38
CA ALA C 697 -51.19 -2.11 27.48
C ALA C 697 -51.58 -1.46 28.80
N THR C 698 -50.75 -0.54 29.28
CA THR C 698 -51.03 0.20 30.51
C THR C 698 -50.64 1.68 30.35
N LEU C 699 -51.42 2.57 30.95
CA LEU C 699 -51.21 4.01 30.81
C LEU C 699 -50.25 4.56 31.85
N GLN C 700 -49.46 5.56 31.46
CA GLN C 700 -48.50 6.17 32.36
C GLN C 700 -49.20 7.04 33.40
N GLU C 701 -50.31 7.64 32.99
CA GLU C 701 -51.08 8.49 33.90
C GLU C 701 -52.48 7.92 34.09
N SER C 702 -53.07 8.20 35.25
CA SER C 702 -54.38 7.65 35.59
C SER C 702 -55.48 8.71 35.62
N THR C 703 -55.07 9.98 35.69
CA THR C 703 -56.05 11.08 35.66
C THR C 703 -55.72 12.07 34.56
N VAL C 704 -56.74 12.78 34.08
CA VAL C 704 -56.57 13.78 33.04
C VAL C 704 -57.53 14.97 33.22
N HIS C 705 -57.02 16.17 33.02
CA HIS C 705 -57.83 17.38 33.13
C HIS C 705 -58.61 17.64 31.85
N VAL C 706 -59.83 17.11 31.78
CA VAL C 706 -60.66 17.27 30.61
C VAL C 706 -61.14 18.71 30.43
N LEU C 707 -60.82 19.28 29.27
CA LEU C 707 -61.28 20.61 28.93
C LEU C 707 -62.41 20.52 27.90
N GLU C 708 -62.91 21.66 27.45
CA GLU C 708 -63.95 21.69 26.44
C GLU C 708 -63.37 21.53 25.04
N LYS C 709 -62.06 21.73 24.92
CA LYS C 709 -61.35 21.62 23.65
C LYS C 709 -61.70 20.33 22.91
N GLY C 710 -61.73 19.23 23.65
CA GLY C 710 -62.00 17.93 23.07
C GLY C 710 -60.72 17.28 22.55
N ALA C 711 -59.63 17.46 23.28
CA ALA C 711 -58.34 16.87 22.91
C ALA C 711 -57.53 16.49 24.14
N VAL C 712 -57.26 15.21 24.30
CA VAL C 712 -56.50 14.71 25.44
C VAL C 712 -55.33 13.83 24.99
N THR C 713 -54.13 14.26 25.36
CA THR C 713 -52.93 13.51 25.02
C THR C 713 -52.47 12.65 26.21
N VAL C 714 -52.23 11.36 25.95
CA VAL C 714 -51.85 10.42 27.00
C VAL C 714 -50.69 9.53 26.58
N HIS C 715 -49.82 9.19 27.53
CA HIS C 715 -48.69 8.30 27.25
C HIS C 715 -48.97 6.89 27.76
N PHE C 716 -48.53 5.89 27.00
CA PHE C 716 -48.74 4.50 27.39
C PHE C 716 -47.53 3.62 27.09
N SER C 717 -47.56 2.39 27.59
CA SER C 717 -46.48 1.44 27.39
C SER C 717 -47.01 0.06 27.02
N THR C 718 -46.32 -0.61 26.09
CA THR C 718 -46.73 -1.94 25.66
C THR C 718 -45.50 -2.81 25.40
N ALA C 719 -45.74 -3.95 24.75
CA ALA C 719 -44.67 -4.88 24.39
C ALA C 719 -45.14 -5.76 23.24
N SER C 720 -45.74 -5.13 22.25
CA SER C 720 -46.33 -5.84 21.11
C SER C 720 -46.21 -5.02 19.83
N PRO C 721 -46.36 -5.67 18.67
CA PRO C 721 -46.26 -4.96 17.38
C PRO C 721 -47.56 -4.24 17.04
N GLN C 722 -48.65 -4.99 16.91
CA GLN C 722 -49.95 -4.40 16.61
C GLN C 722 -50.94 -4.74 17.72
N ALA C 723 -51.01 -3.86 18.73
CA ALA C 723 -51.81 -4.13 19.92
C ALA C 723 -53.25 -3.64 19.80
N ASN C 724 -54.13 -4.25 20.59
CA ASN C 724 -55.54 -3.86 20.65
C ASN C 724 -56.00 -3.72 22.10
N PHE C 725 -56.22 -2.50 22.54
CA PHE C 725 -56.63 -2.25 23.92
C PHE C 725 -57.80 -1.26 24.05
N ILE C 726 -58.62 -1.47 25.07
CA ILE C 726 -59.78 -0.62 25.32
C ILE C 726 -59.50 0.41 26.40
N VAL C 727 -59.22 1.65 25.97
CA VAL C 727 -58.98 2.75 26.90
C VAL C 727 -60.30 3.37 27.35
N SER C 728 -60.33 3.87 28.58
CA SER C 728 -61.55 4.42 29.16
C SER C 728 -61.35 5.77 29.84
N LEU C 729 -62.05 6.78 29.33
CA LEU C 729 -62.12 8.09 29.99
C LEU C 729 -63.31 8.07 30.92
N CYS C 730 -63.39 9.07 31.80
CA CYS C 730 -64.46 9.16 32.80
C CYS C 730 -65.39 7.94 32.78
N GLY C 731 -66.45 8.02 31.98
CA GLY C 731 -67.38 6.92 31.85
C GLY C 731 -67.33 6.24 30.51
N LYS C 732 -66.79 6.93 29.50
CA LYS C 732 -66.77 6.42 28.13
C LYS C 732 -65.64 5.43 27.89
N LYS C 733 -65.78 4.63 26.84
CA LYS C 733 -64.76 3.67 26.45
C LYS C 733 -64.56 3.69 24.93
N THR C 734 -63.34 3.39 24.48
CA THR C 734 -63.03 3.36 23.06
C THR C 734 -62.07 2.22 22.73
N THR C 735 -61.48 2.29 21.54
CA THR C 735 -60.47 1.31 21.12
C THR C 735 -59.36 2.03 20.35
N CYS C 736 -58.12 1.61 20.58
CA CYS C 736 -56.97 2.25 19.93
C CYS C 736 -56.19 1.27 19.08
N ASN C 737 -55.39 1.79 18.15
CA ASN C 737 -54.58 0.95 17.26
C ASN C 737 -53.37 1.67 16.67
N ALA C 738 -52.32 0.90 16.44
CA ALA C 738 -51.08 1.42 15.87
C ALA C 738 -50.06 0.30 15.74
N GLU C 739 -48.99 0.55 14.99
CA GLU C 739 -47.92 -0.42 14.82
C GLU C 739 -46.66 0.09 15.49
N CYS C 740 -45.96 -0.79 16.20
CA CYS C 740 -44.79 -0.39 16.99
C CYS C 740 -43.57 -1.24 16.67
N ASP D 4 -30.07 -18.53 -33.19
CA ASP D 4 -29.84 -17.46 -34.16
C ASP D 4 -29.72 -16.09 -33.47
N ASP D 5 -29.63 -15.02 -34.26
CA ASP D 5 -29.58 -13.66 -33.74
C ASP D 5 -30.66 -12.76 -34.34
N PHE D 6 -31.52 -12.27 -33.46
CA PHE D 6 -32.68 -11.45 -33.78
C PHE D 6 -32.75 -10.35 -32.74
N THR D 7 -33.47 -9.27 -33.04
CA THR D 7 -33.53 -8.13 -32.12
C THR D 7 -34.82 -8.06 -31.32
N LEU D 8 -34.73 -7.41 -30.17
CA LEU D 8 -35.86 -7.26 -29.27
C LEU D 8 -36.19 -5.78 -29.13
N THR D 9 -35.38 -4.94 -29.78
CA THR D 9 -35.55 -3.50 -29.71
C THR D 9 -35.40 -2.88 -31.10
N SER D 10 -36.02 -1.72 -31.33
CA SER D 10 -36.05 -1.13 -32.67
C SER D 10 -35.47 0.30 -32.73
N PRO D 11 -35.13 0.76 -33.94
CA PRO D 11 -34.55 2.09 -34.14
C PRO D 11 -35.47 3.19 -33.65
N TYR D 12 -34.93 4.21 -32.99
CA TYR D 12 -35.74 5.33 -32.48
C TYR D 12 -35.39 6.66 -33.17
N LEU D 13 -36.05 7.74 -32.76
CA LEU D 13 -35.76 9.08 -33.27
C LEU D 13 -35.22 9.99 -32.17
N GLY D 14 -34.28 10.86 -32.52
CA GLY D 14 -33.65 11.70 -31.52
C GLY D 14 -33.36 13.10 -32.01
N THR D 15 -33.44 14.06 -31.10
CA THR D 15 -33.16 15.45 -31.45
C THR D 15 -31.69 15.63 -31.86
N CYS D 16 -31.46 16.22 -33.04
CA CYS D 16 -30.11 16.51 -33.49
C CYS D 16 -29.96 18.02 -33.66
N SER D 17 -28.73 18.51 -33.77
CA SER D 17 -28.49 19.96 -33.88
C SER D 17 -28.13 20.43 -35.28
N TYR D 18 -27.81 19.49 -36.15
CA TYR D 18 -27.50 19.82 -37.53
C TYR D 18 -27.95 18.68 -38.44
N CYS D 19 -28.87 18.97 -39.37
CA CYS D 19 -29.46 17.92 -40.21
C CYS D 19 -29.59 18.27 -41.70
N HIS D 20 -28.48 18.21 -42.43
CA HIS D 20 -28.48 18.52 -43.86
C HIS D 20 -28.80 19.99 -44.10
N HIS D 21 -29.55 20.56 -43.17
CA HIS D 21 -29.75 22.00 -43.08
C HIS D 21 -29.29 22.35 -41.69
N THR D 22 -28.49 23.40 -41.58
CA THR D 22 -27.88 23.74 -40.30
C THR D 22 -28.87 23.78 -39.12
N VAL D 23 -30.16 23.76 -39.42
CA VAL D 23 -31.20 23.83 -38.40
C VAL D 23 -31.34 22.50 -37.64
N PRO D 24 -31.44 22.57 -36.31
CA PRO D 24 -31.65 21.39 -35.44
C PRO D 24 -32.95 20.69 -35.78
N CYS D 25 -32.93 19.36 -35.81
CA CYS D 25 -34.10 18.60 -36.23
C CYS D 25 -34.43 17.50 -35.25
N PHE D 26 -35.20 16.54 -35.72
CA PHE D 26 -35.70 15.46 -34.89
C PHE D 26 -35.62 14.19 -35.72
N SER D 27 -34.42 13.84 -36.16
CA SER D 27 -34.24 12.78 -37.15
C SER D 27 -33.74 11.44 -36.57
N PRO D 28 -33.82 10.37 -37.38
CA PRO D 28 -33.16 9.12 -36.98
C PRO D 28 -31.67 9.36 -37.13
N VAL D 29 -30.87 8.32 -36.98
CA VAL D 29 -29.42 8.48 -37.15
C VAL D 29 -28.90 9.54 -36.17
N LYS D 30 -29.60 9.73 -35.06
CA LYS D 30 -29.19 10.69 -34.05
C LYS D 30 -27.93 10.18 -33.39
N ILE D 31 -26.90 11.01 -33.37
CA ILE D 31 -25.64 10.63 -32.73
C ILE D 31 -25.70 10.93 -31.23
N GLU D 32 -25.55 9.89 -30.43
CA GLU D 32 -25.68 10.03 -28.97
C GLU D 32 -24.34 10.17 -28.29
N GLN D 33 -23.38 9.31 -28.70
CA GLN D 33 -22.00 9.41 -28.22
C GLN D 33 -21.03 8.99 -29.31
N VAL D 34 -19.75 9.14 -29.00
CA VAL D 34 -18.70 8.73 -29.91
C VAL D 34 -17.44 8.40 -29.09
N TRP D 35 -16.63 7.45 -29.56
CA TRP D 35 -15.41 7.09 -28.86
C TRP D 35 -14.15 7.29 -29.70
N ASP D 36 -13.22 8.05 -29.12
CA ASP D 36 -12.00 8.45 -29.77
C ASP D 36 -10.87 8.16 -28.79
N GLU D 37 -10.55 6.89 -28.62
CA GLU D 37 -9.62 6.49 -27.57
C GLU D 37 -8.57 5.52 -28.09
N ALA D 38 -8.82 4.92 -29.23
CA ALA D 38 -7.87 3.99 -29.81
C ALA D 38 -6.54 4.68 -30.09
N ASP D 39 -5.46 3.90 -30.09
CA ASP D 39 -4.17 4.39 -30.57
C ASP D 39 -4.27 4.39 -32.08
N ASP D 40 -5.02 3.43 -32.58
CA ASP D 40 -5.37 3.37 -33.99
C ASP D 40 -6.17 4.60 -34.32
N ASN D 41 -6.24 4.93 -35.61
CA ASN D 41 -7.01 6.08 -36.05
C ASN D 41 -8.49 5.77 -36.26
N THR D 42 -9.05 4.91 -35.42
CA THR D 42 -10.44 4.43 -35.59
C THR D 42 -11.44 5.09 -34.65
N ILE D 43 -12.71 5.02 -35.02
CA ILE D 43 -13.80 5.70 -34.30
C ILE D 43 -14.98 4.77 -34.04
N ARG D 44 -15.58 4.90 -32.85
CA ARG D 44 -16.83 4.20 -32.54
C ARG D 44 -17.97 5.19 -32.42
N ILE D 45 -19.02 4.97 -33.21
CA ILE D 45 -20.16 5.87 -33.27
C ILE D 45 -21.44 5.21 -32.76
N GLN D 46 -22.20 5.94 -31.96
CA GLN D 46 -23.45 5.39 -31.44
C GLN D 46 -24.66 6.14 -31.98
N THR D 47 -25.35 5.51 -32.94
CA THR D 47 -26.49 6.15 -33.58
C THR D 47 -27.83 5.63 -33.05
N SER D 48 -28.91 6.12 -33.65
CA SER D 48 -30.25 5.77 -33.21
C SER D 48 -30.86 4.73 -34.13
N ALA D 49 -30.19 4.45 -35.25
CA ALA D 49 -30.71 3.51 -36.23
C ALA D 49 -30.11 2.11 -36.09
N GLN D 50 -30.88 1.10 -36.44
CA GLN D 50 -30.42 -0.28 -36.39
C GLN D 50 -29.91 -0.79 -37.73
N PHE D 51 -28.81 -1.55 -37.68
CA PHE D 51 -28.19 -2.12 -38.87
C PHE D 51 -28.20 -3.65 -38.76
N GLY D 52 -28.15 -4.33 -39.89
CA GLY D 52 -28.09 -5.79 -39.91
C GLY D 52 -29.44 -6.48 -39.91
N TYR D 53 -30.50 -5.68 -39.95
CA TYR D 53 -31.86 -6.20 -39.91
C TYR D 53 -32.76 -5.50 -40.92
N ASP D 54 -33.79 -6.20 -41.38
CA ASP D 54 -34.71 -5.66 -42.38
C ASP D 54 -35.93 -4.97 -41.77
N GLN D 55 -37.11 -5.56 -41.98
CA GLN D 55 -38.32 -5.04 -41.36
C GLN D 55 -38.37 -5.50 -39.90
N SER D 56 -38.14 -6.80 -39.69
CA SER D 56 -38.00 -7.37 -38.36
C SER D 56 -36.53 -7.49 -37.98
N GLY D 57 -36.28 -7.95 -36.76
CA GLY D 57 -34.91 -8.13 -36.28
C GLY D 57 -34.29 -9.38 -36.86
N ALA D 58 -33.95 -9.34 -38.14
CA ALA D 58 -33.54 -10.55 -38.83
C ALA D 58 -32.04 -10.62 -39.10
N ALA D 59 -31.62 -11.30 -40.15
CA ALA D 59 -30.19 -11.48 -40.34
C ALA D 59 -29.84 -11.05 -41.73
N SER D 60 -29.98 -9.76 -41.95
CA SER D 60 -29.61 -9.19 -43.23
C SER D 60 -28.23 -8.54 -43.11
N ALA D 61 -27.24 -9.24 -43.62
CA ALA D 61 -25.86 -8.79 -43.59
C ALA D 61 -25.72 -7.38 -44.16
N ASN D 62 -26.60 -7.02 -45.08
CA ASN D 62 -26.49 -5.72 -45.75
C ASN D 62 -27.81 -4.95 -45.77
N LYS D 63 -28.41 -4.80 -44.59
CA LYS D 63 -29.66 -4.06 -44.45
C LYS D 63 -29.74 -3.36 -43.10
N TYR D 64 -30.38 -2.19 -43.09
CA TYR D 64 -30.60 -1.46 -41.87
C TYR D 64 -32.07 -1.10 -41.78
N ARG D 65 -32.48 -0.58 -40.63
CA ARG D 65 -33.83 -0.07 -40.49
C ARG D 65 -33.83 1.14 -39.57
N TYR D 66 -34.89 1.94 -39.67
CA TYR D 66 -34.94 3.23 -38.98
C TYR D 66 -36.38 3.67 -38.82
N MSE D 67 -36.59 4.71 -38.01
CA MSE D 67 -37.93 5.28 -37.91
C MSE D 67 -38.26 6.02 -39.19
O MSE D 67 -37.43 6.10 -40.09
CB MSE D 67 -38.03 6.22 -36.70
CG MSE D 67 -38.04 5.49 -35.38
SE MSE D 67 -39.84 4.97 -34.85
CE MSE D 67 -40.17 6.39 -33.56
N SER D 68 -39.47 6.57 -39.27
CA SER D 68 -39.91 7.17 -40.51
C SER D 68 -39.58 8.66 -40.57
N LEU D 69 -39.78 9.23 -41.75
CA LEU D 69 -39.56 10.66 -41.95
C LEU D 69 -40.63 11.36 -41.13
N LYS D 70 -41.78 10.72 -41.06
CA LYS D 70 -42.88 11.23 -40.25
C LYS D 70 -42.76 10.72 -38.81
N GLN D 71 -43.73 9.97 -38.32
CA GLN D 71 -43.66 9.43 -36.95
C GLN D 71 -44.65 8.30 -36.74
N ASP D 72 -45.13 7.73 -37.85
CA ASP D 72 -46.20 6.75 -37.81
C ASP D 72 -45.76 5.42 -37.20
N HIS D 73 -44.59 5.43 -36.58
CA HIS D 73 -43.99 4.20 -36.06
C HIS D 73 -43.68 3.27 -37.23
N THR D 74 -43.78 3.81 -38.44
CA THR D 74 -43.43 3.05 -39.62
C THR D 74 -41.92 2.83 -39.62
N VAL D 75 -41.50 1.60 -39.31
CA VAL D 75 -40.09 1.26 -39.32
C VAL D 75 -39.67 0.71 -40.67
N LYS D 76 -39.58 1.58 -41.66
CA LYS D 76 -39.19 1.15 -43.01
C LYS D 76 -37.69 0.85 -43.06
N GLU D 77 -37.28 0.16 -44.11
CA GLU D 77 -35.93 -0.37 -44.21
C GLU D 77 -35.24 0.08 -45.49
N GLY D 78 -33.92 0.00 -45.48
CA GLY D 78 -33.13 0.24 -46.67
C GLY D 78 -31.99 -0.77 -46.77
N THR D 79 -31.08 -0.53 -47.71
CA THR D 79 -29.90 -1.38 -47.86
C THR D 79 -28.70 -0.70 -47.20
N MSE D 80 -28.00 -1.46 -46.36
CA MSE D 80 -26.78 -1.00 -45.69
C MSE D 80 -25.80 -0.44 -46.70
O MSE D 80 -24.68 -0.05 -46.36
CB MSE D 80 -26.13 -2.15 -44.93
CG MSE D 80 -26.73 -2.39 -43.56
SE MSE D 80 -26.13 -1.06 -42.29
CE MSE D 80 -24.94 -0.03 -43.42
N ASP D 81 -26.22 -0.43 -47.94
CA ASP D 81 -25.41 0.00 -49.07
C ASP D 81 -25.33 1.52 -49.14
N ASP D 82 -26.40 2.19 -48.73
CA ASP D 82 -26.52 3.64 -48.94
C ASP D 82 -26.31 4.47 -47.68
N ILE D 83 -25.69 3.87 -46.66
CA ILE D 83 -25.35 4.58 -45.43
C ILE D 83 -23.87 4.91 -45.38
N LYS D 84 -23.55 6.19 -45.35
CA LYS D 84 -22.16 6.60 -45.41
C LYS D 84 -21.82 7.56 -44.28
N ILE D 85 -20.61 7.44 -43.76
CA ILE D 85 -20.14 8.33 -42.72
C ILE D 85 -19.20 9.37 -43.29
N SER D 86 -19.07 10.50 -42.59
CA SER D 86 -18.15 11.54 -43.00
C SER D 86 -17.87 12.43 -41.81
N THR D 87 -16.68 13.01 -41.78
CA THR D 87 -16.34 14.00 -40.77
C THR D 87 -16.03 15.33 -41.45
N SER D 88 -14.89 15.38 -42.13
CA SER D 88 -14.58 16.50 -43.01
C SER D 88 -14.11 15.96 -44.34
N GLY D 89 -14.39 14.68 -44.57
CA GLY D 89 -14.03 14.05 -45.82
C GLY D 89 -14.70 12.70 -45.93
N PRO D 90 -14.14 11.80 -46.76
CA PRO D 90 -14.75 10.47 -46.82
C PRO D 90 -14.58 9.77 -45.49
N CYS D 91 -15.33 8.71 -45.26
CA CYS D 91 -15.10 7.81 -44.13
C CYS D 91 -15.51 6.43 -44.56
N ARG D 92 -14.65 5.45 -44.31
CA ARG D 92 -15.01 4.09 -44.67
C ARG D 92 -15.34 3.28 -43.42
N ARG D 93 -16.56 2.76 -43.33
CA ARG D 93 -16.92 1.93 -42.19
C ARG D 93 -16.12 0.65 -42.20
N LEU D 94 -16.23 -0.12 -41.13
CA LEU D 94 -15.63 -1.44 -41.07
C LEU D 94 -16.66 -2.45 -40.57
N SER D 95 -17.39 -2.09 -39.52
CA SER D 95 -18.35 -3.00 -38.94
C SER D 95 -19.67 -2.33 -38.55
N TYR D 96 -20.76 -3.10 -38.59
CA TYR D 96 -22.06 -2.66 -38.13
C TYR D 96 -22.43 -3.46 -36.88
N LYS D 97 -22.84 -2.78 -35.82
CA LYS D 97 -23.23 -3.49 -34.60
C LYS D 97 -24.59 -3.02 -34.12
N GLY D 98 -25.63 -3.25 -34.93
CA GLY D 98 -26.97 -2.87 -34.53
C GLY D 98 -27.15 -1.36 -34.46
N TYR D 99 -26.91 -0.78 -33.28
CA TYR D 99 -27.00 0.67 -33.12
C TYR D 99 -25.68 1.37 -33.36
N PHE D 100 -24.61 0.59 -33.49
CA PHE D 100 -23.26 1.14 -33.50
C PHE D 100 -22.58 1.11 -34.87
N LEU D 101 -21.76 2.12 -35.11
CA LEU D 101 -20.90 2.17 -36.29
C LEU D 101 -19.44 2.20 -35.86
N LEU D 102 -18.55 1.88 -36.79
CA LEU D 102 -17.13 1.92 -36.50
C LEU D 102 -16.38 2.15 -37.80
N ALA D 103 -15.72 3.31 -37.88
CA ALA D 103 -15.04 3.71 -39.11
C ALA D 103 -13.72 4.38 -38.83
N LYS D 104 -12.95 4.58 -39.89
CA LYS D 104 -11.73 5.36 -39.82
C LYS D 104 -12.01 6.66 -40.56
N CYS D 105 -11.86 7.77 -39.85
CA CYS D 105 -12.17 9.06 -40.41
C CYS D 105 -10.95 9.97 -40.32
N PRO D 106 -10.95 11.05 -41.12
CA PRO D 106 -9.75 11.88 -41.30
C PRO D 106 -9.51 12.99 -40.28
N PRO D 107 -10.07 14.18 -40.49
CA PRO D 107 -9.60 15.32 -39.70
C PRO D 107 -10.08 15.20 -38.26
N GLY D 108 -11.32 15.62 -38.04
CA GLY D 108 -11.96 15.50 -36.74
C GLY D 108 -12.52 16.81 -36.18
N ASP D 109 -13.31 17.52 -36.97
CA ASP D 109 -14.00 18.70 -36.46
C ASP D 109 -15.43 18.40 -35.98
N SER D 110 -16.16 17.62 -36.77
CA SER D 110 -17.47 17.11 -36.37
C SER D 110 -17.66 15.72 -36.96
N VAL D 111 -18.79 15.11 -36.68
CA VAL D 111 -19.09 13.79 -37.23
C VAL D 111 -20.49 13.76 -37.81
N THR D 112 -20.61 13.28 -39.04
CA THR D 112 -21.88 13.33 -39.74
C THR D 112 -22.27 11.95 -40.27
N VAL D 113 -23.35 11.40 -39.73
CA VAL D 113 -23.88 10.14 -40.23
C VAL D 113 -25.15 10.41 -41.01
N SER D 114 -25.22 9.90 -42.24
CA SER D 114 -26.35 10.21 -43.10
C SER D 114 -26.75 9.09 -44.02
N ILE D 115 -27.97 9.18 -44.54
CA ILE D 115 -28.45 8.23 -45.53
C ILE D 115 -28.66 8.95 -46.85
N VAL D 116 -28.05 8.44 -47.92
CA VAL D 116 -28.19 9.03 -49.25
C VAL D 116 -28.95 8.10 -50.20
N SER D 117 -30.11 7.64 -49.76
CA SER D 117 -30.89 6.64 -50.49
C SER D 117 -31.44 7.18 -51.81
N SER D 118 -32.77 7.11 -51.96
CA SER D 118 -33.44 7.53 -53.19
C SER D 118 -33.87 9.01 -53.18
N ASN D 119 -32.89 9.91 -53.10
CA ASN D 119 -33.14 11.36 -53.11
C ASN D 119 -33.46 11.98 -51.73
N SER D 120 -34.14 11.22 -50.87
CA SER D 120 -34.40 11.63 -49.49
C SER D 120 -33.13 11.54 -48.65
N ALA D 121 -32.68 12.68 -48.13
CA ALA D 121 -31.40 12.76 -47.44
C ALA D 121 -31.51 13.30 -46.02
N THR D 122 -31.51 12.39 -45.05
CA THR D 122 -31.44 12.79 -43.66
C THR D 122 -30.01 12.56 -43.15
N SER D 123 -29.53 13.47 -42.30
CA SER D 123 -28.18 13.35 -41.75
C SER D 123 -28.08 14.09 -40.43
N CYS D 124 -27.75 13.37 -39.36
CA CYS D 124 -27.41 14.04 -38.12
C CYS D 124 -25.90 14.21 -38.08
N THR D 125 -25.45 15.32 -37.48
CA THR D 125 -24.01 15.50 -37.29
C THR D 125 -23.71 16.04 -35.89
N LEU D 126 -22.57 15.63 -35.34
CA LEU D 126 -22.24 15.97 -33.97
C LEU D 126 -20.98 16.82 -33.85
N ALA D 127 -20.97 17.67 -32.84
CA ALA D 127 -19.89 18.61 -32.65
C ALA D 127 -18.79 18.01 -31.80
N ARG D 128 -18.22 16.91 -32.24
CA ARG D 128 -17.10 16.33 -31.49
C ARG D 128 -15.79 16.51 -32.26
N LYS D 129 -14.70 16.59 -31.51
CA LYS D 129 -13.39 16.88 -32.11
C LYS D 129 -12.46 15.66 -32.08
N ILE D 130 -12.16 15.14 -33.27
CA ILE D 130 -11.19 14.06 -33.42
C ILE D 130 -9.81 14.63 -33.73
N LYS D 131 -8.77 13.98 -33.21
CA LYS D 131 -7.42 14.47 -33.42
C LYS D 131 -6.59 13.45 -34.19
N PRO D 132 -5.60 13.93 -34.94
CA PRO D 132 -4.72 13.01 -35.66
C PRO D 132 -3.96 12.14 -34.67
N LYS D 133 -4.16 10.83 -34.77
CA LYS D 133 -3.51 9.91 -33.85
C LYS D 133 -2.44 9.09 -34.56
N PHE D 134 -1.20 9.21 -34.09
CA PHE D 134 -0.15 8.28 -34.47
C PHE D 134 0.59 7.77 -33.23
N VAL D 135 0.70 6.45 -33.16
CA VAL D 135 1.23 5.78 -31.97
C VAL D 135 2.75 5.87 -31.83
N GLY D 136 3.48 5.54 -32.88
CA GLY D 136 4.93 5.47 -32.77
C GLY D 136 5.64 6.70 -32.23
N ARG D 137 6.97 6.67 -32.25
CA ARG D 137 7.78 7.88 -32.09
C ARG D 137 8.06 8.45 -33.46
N GLU D 138 7.40 7.89 -34.46
CA GLU D 138 7.49 8.38 -35.81
C GLU D 138 6.12 8.72 -36.39
N LYS D 139 6.01 9.97 -36.84
CA LYS D 139 4.79 10.52 -37.42
C LYS D 139 4.45 9.86 -38.74
N TYR D 140 3.22 9.35 -38.85
CA TYR D 140 2.75 8.75 -40.09
C TYR D 140 1.27 9.07 -40.28
N ASP D 141 0.81 9.03 -41.53
CA ASP D 141 -0.57 9.35 -41.82
C ASP D 141 -1.24 8.09 -42.35
N LEU D 142 -0.42 7.05 -42.49
CA LEU D 142 -0.88 5.75 -42.94
C LEU D 142 0.09 4.68 -42.49
N PRO D 143 -0.43 3.58 -41.97
CA PRO D 143 0.42 2.44 -41.58
C PRO D 143 1.24 2.01 -42.78
N PRO D 144 2.56 1.89 -42.61
CA PRO D 144 3.43 1.48 -43.72
C PRO D 144 3.23 0.02 -44.13
N VAL D 145 3.43 -0.28 -45.41
CA VAL D 145 3.48 -1.66 -45.89
C VAL D 145 4.69 -2.29 -45.23
N HIS D 146 5.59 -1.40 -44.80
CA HIS D 146 6.90 -1.75 -44.29
C HIS D 146 6.87 -1.67 -42.77
N GLY D 147 8.04 -1.53 -42.16
CA GLY D 147 8.12 -1.13 -40.76
C GLY D 147 7.75 -2.13 -39.68
N LYS D 148 7.82 -1.65 -38.44
CA LYS D 148 7.83 -2.43 -37.21
C LYS D 148 6.43 -2.76 -36.70
N LYS D 149 6.33 -3.78 -35.84
CA LYS D 149 5.10 -4.03 -35.09
C LYS D 149 5.26 -3.56 -33.63
N ILE D 150 4.27 -2.83 -33.14
CA ILE D 150 4.35 -2.21 -31.83
C ILE D 150 3.10 -2.49 -30.99
N PRO D 151 3.25 -2.46 -29.65
CA PRO D 151 2.07 -2.60 -28.80
C PRO D 151 1.18 -1.39 -29.01
N CYS D 152 -0.11 -1.62 -29.22
CA CYS D 152 -1.09 -0.56 -29.31
C CYS D 152 -2.46 -1.15 -28.95
N THR D 153 -3.44 -0.29 -28.70
CA THR D 153 -4.80 -0.77 -28.50
C THR D 153 -5.67 -0.30 -29.66
N VAL D 154 -6.77 -1.00 -29.90
CA VAL D 154 -7.66 -0.67 -31.02
C VAL D 154 -9.03 -1.34 -30.86
N TYR D 155 -10.03 -0.86 -31.59
CA TYR D 155 -11.37 -1.42 -31.50
C TYR D 155 -11.51 -2.74 -32.24
N ASP D 156 -12.28 -3.66 -31.66
CA ASP D 156 -12.53 -4.96 -32.28
C ASP D 156 -13.31 -4.85 -33.57
N ARG D 157 -13.44 -5.96 -34.29
CA ARG D 157 -14.21 -5.99 -35.52
C ARG D 157 -14.99 -7.29 -35.65
N HIS D 256 -22.59 -3.69 -21.87
CA HIS D 256 -21.63 -4.18 -22.86
C HIS D 256 -22.27 -4.68 -24.15
N LEU D 257 -22.28 -3.82 -25.17
CA LEU D 257 -22.68 -4.18 -26.52
C LEU D 257 -21.85 -3.52 -27.64
N PRO D 258 -20.83 -2.71 -27.31
CA PRO D 258 -20.16 -2.03 -28.41
C PRO D 258 -19.08 -2.89 -29.05
N PHE D 259 -18.14 -2.26 -29.75
CA PHE D 259 -16.91 -2.90 -30.22
C PHE D 259 -15.80 -2.67 -29.19
N LYS D 260 -15.49 -3.70 -28.41
CA LYS D 260 -14.60 -3.53 -27.26
C LYS D 260 -13.19 -3.06 -27.63
N LEU D 261 -12.45 -2.58 -26.65
CA LEU D 261 -11.12 -2.05 -26.87
C LEU D 261 -10.04 -3.03 -26.45
N ILE D 262 -9.51 -3.79 -27.41
CA ILE D 262 -8.48 -4.78 -27.13
C ILE D 262 -7.08 -4.24 -27.43
N PRO D 263 -6.08 -4.62 -26.60
CA PRO D 263 -4.69 -4.31 -26.95
C PRO D 263 -4.22 -5.25 -28.05
N SER D 264 -3.40 -4.73 -28.97
CA SER D 264 -2.83 -5.58 -30.02
C SER D 264 -1.58 -4.95 -30.64
N THR D 265 -1.39 -5.14 -31.93
CA THR D 265 -0.18 -4.68 -32.60
C THR D 265 -0.44 -3.72 -33.75
N CYS D 266 0.26 -2.60 -33.73
CA CYS D 266 0.17 -1.61 -34.80
C CYS D 266 1.52 -1.41 -35.47
N MSE D 267 1.47 -1.17 -36.78
CA MSE D 267 2.67 -1.01 -37.58
C MSE D 267 3.13 0.44 -37.66
O MSE D 267 2.49 1.27 -38.30
CB MSE D 267 2.44 -1.57 -38.98
CG MSE D 267 3.50 -2.55 -39.42
SE MSE D 267 2.87 -3.55 -40.93
CE MSE D 267 4.47 -4.64 -41.24
N VAL D 268 4.25 0.73 -37.01
CA VAL D 268 4.85 2.06 -37.09
C VAL D 268 6.00 1.98 -38.09
N PRO D 269 6.35 3.11 -38.73
CA PRO D 269 7.49 3.07 -39.66
C PRO D 269 8.78 3.13 -38.88
N VAL D 270 9.87 2.69 -39.48
CA VAL D 270 11.17 2.79 -38.83
C VAL D 270 12.03 3.79 -39.59
N ALA D 271 12.74 4.65 -38.86
CA ALA D 271 13.40 5.79 -39.46
C ALA D 271 14.68 5.39 -40.18
N HIS D 272 15.14 6.28 -41.06
CA HIS D 272 16.36 6.05 -41.84
C HIS D 272 17.61 6.15 -40.97
N ALA D 273 18.12 5.00 -40.55
CA ALA D 273 19.30 4.92 -39.71
C ALA D 273 20.24 6.11 -39.86
N PRO D 274 20.48 6.84 -38.76
CA PRO D 274 21.38 7.99 -38.80
C PRO D 274 22.77 7.57 -39.13
N ASN D 275 23.39 8.23 -40.09
CA ASN D 275 24.80 8.04 -40.35
C ASN D 275 25.63 8.67 -39.22
N VAL D 276 26.17 7.82 -38.34
CA VAL D 276 26.83 8.28 -37.12
C VAL D 276 28.31 8.44 -37.31
N ILE D 277 28.89 9.36 -36.54
CA ILE D 277 30.31 9.63 -36.63
C ILE D 277 30.92 9.81 -35.27
N HIS D 278 31.74 8.84 -34.87
CA HIS D 278 32.35 8.85 -33.56
C HIS D 278 33.60 9.70 -33.62
N GLY D 279 33.91 10.38 -32.52
CA GLY D 279 35.06 11.24 -32.46
C GLY D 279 35.61 11.32 -31.06
N PHE D 280 36.37 12.37 -30.76
CA PHE D 280 36.91 12.53 -29.42
C PHE D 280 35.81 12.94 -28.46
N LYS D 281 35.36 11.99 -27.64
CA LYS D 281 34.27 12.23 -26.70
C LYS D 281 33.11 12.91 -27.44
N HIS D 282 32.75 12.34 -28.59
CA HIS D 282 31.97 13.06 -29.59
C HIS D 282 31.06 12.13 -30.37
N ILE D 283 29.82 12.54 -30.61
CA ILE D 283 29.00 11.83 -31.58
C ILE D 283 28.13 12.79 -32.38
N SER D 284 28.54 13.08 -33.60
CA SER D 284 27.65 13.81 -34.50
C SER D 284 26.69 12.81 -35.11
N LEU D 285 25.42 13.18 -35.19
CA LEU D 285 24.40 12.28 -35.72
C LEU D 285 23.72 12.84 -36.94
N GLN D 286 24.27 12.55 -38.10
CA GLN D 286 23.70 13.01 -39.36
C GLN D 286 22.35 12.33 -39.62
N LEU D 287 21.30 13.14 -39.65
CA LEU D 287 19.94 12.59 -39.69
C LEU D 287 19.21 13.08 -40.93
N ASP D 288 18.32 12.25 -41.47
CA ASP D 288 17.68 12.58 -42.73
C ASP D 288 16.33 11.90 -42.82
N THR D 289 15.31 12.49 -42.22
CA THR D 289 14.02 11.85 -42.24
C THR D 289 12.95 12.52 -43.07
N ASP D 290 12.35 11.70 -43.91
CA ASP D 290 11.14 12.02 -44.63
C ASP D 290 10.06 12.65 -43.73
N HIS D 291 10.08 12.34 -42.44
CA HIS D 291 8.97 12.69 -41.56
C HIS D 291 9.42 13.13 -40.17
N LEU D 292 8.45 13.28 -39.27
CA LEU D 292 8.76 13.71 -37.93
C LEU D 292 9.15 12.54 -37.01
N THR D 293 10.44 12.49 -36.68
CA THR D 293 10.92 11.48 -35.77
C THR D 293 11.42 12.08 -34.47
N LEU D 294 11.14 11.38 -33.38
CA LEU D 294 11.61 11.76 -32.06
C LEU D 294 13.04 11.27 -31.81
N LEU D 295 13.90 12.13 -31.27
CA LEU D 295 15.25 11.73 -30.96
C LEU D 295 15.55 11.97 -29.49
N THR D 296 15.65 10.89 -28.72
CA THR D 296 15.95 10.99 -27.30
C THR D 296 17.40 10.65 -26.97
N THR D 297 17.88 11.21 -25.88
CA THR D 297 19.20 10.89 -25.38
C THR D 297 19.21 10.97 -23.86
N ARG D 298 20.29 10.48 -23.28
CA ARG D 298 20.56 10.57 -21.85
C ARG D 298 21.96 10.02 -21.64
N ARG D 299 22.67 10.57 -20.66
CA ARG D 299 23.98 10.05 -20.32
C ARG D 299 23.81 8.80 -19.46
N LEU D 300 24.81 7.93 -19.45
CA LEU D 300 24.70 6.72 -18.68
C LEU D 300 25.37 6.95 -17.32
N GLY D 301 25.92 8.15 -17.14
CA GLY D 301 26.57 8.54 -15.91
C GLY D 301 25.54 8.97 -14.88
N ALA D 302 26.02 9.59 -13.80
CA ALA D 302 25.16 9.98 -12.69
C ALA D 302 24.17 11.07 -13.08
N ASN D 303 24.68 12.09 -13.74
CA ASN D 303 23.86 13.18 -14.22
C ASN D 303 23.66 13.01 -15.73
N PRO D 304 22.45 12.61 -16.15
CA PRO D 304 22.13 12.22 -17.53
C PRO D 304 21.71 13.35 -18.47
N GLU D 305 21.30 14.47 -17.90
CA GLU D 305 20.87 15.63 -18.69
C GLU D 305 20.07 15.20 -19.93
N PRO D 306 18.95 14.49 -19.71
CA PRO D 306 18.15 13.93 -20.79
C PRO D 306 17.74 14.99 -21.78
N THR D 307 17.54 14.60 -23.03
CA THR D 307 17.31 15.57 -24.10
C THR D 307 16.46 15.04 -25.23
N THR D 308 15.17 15.36 -25.19
CA THR D 308 14.27 14.99 -26.26
C THR D 308 14.10 16.14 -27.27
N GLU D 309 13.81 15.78 -28.51
CA GLU D 309 13.54 16.69 -29.63
C GLU D 309 12.91 15.90 -30.78
N TRP D 310 12.00 16.52 -31.52
CA TRP D 310 11.50 15.92 -32.74
C TRP D 310 12.21 16.56 -33.93
N ILE D 311 12.74 15.75 -34.83
CA ILE D 311 13.44 16.29 -35.98
C ILE D 311 12.74 15.96 -37.29
N VAL D 312 12.99 16.80 -38.31
CA VAL D 312 12.54 16.55 -39.67
C VAL D 312 13.58 16.95 -40.69
N GLY D 313 13.55 16.28 -41.83
CA GLY D 313 14.46 16.63 -42.92
C GLY D 313 15.88 16.34 -42.52
N LYS D 314 16.76 17.29 -42.74
CA LYS D 314 18.20 17.04 -42.64
C LYS D 314 18.89 17.94 -41.67
N THR D 315 19.45 17.35 -40.62
CA THR D 315 20.35 18.11 -39.77
C THR D 315 21.43 17.24 -39.21
N VAL D 316 22.27 17.86 -38.38
CA VAL D 316 23.32 17.18 -37.66
C VAL D 316 23.05 17.42 -36.18
N ARG D 317 23.49 16.52 -35.33
CA ARG D 317 23.26 16.67 -33.92
C ARG D 317 24.40 16.05 -33.11
N ASN D 318 25.37 16.88 -32.73
CA ASN D 318 26.46 16.37 -31.92
C ASN D 318 25.98 16.15 -30.49
N PHE D 319 26.68 15.27 -29.78
CA PHE D 319 26.48 15.04 -28.35
C PHE D 319 27.83 14.70 -27.72
N THR D 320 28.04 15.22 -26.53
CA THR D 320 29.26 14.95 -25.80
C THR D 320 29.23 13.47 -25.46
N VAL D 321 30.36 12.90 -25.10
CA VAL D 321 30.35 11.56 -24.53
C VAL D 321 31.17 11.49 -23.25
N ASP D 322 30.46 11.55 -22.13
CA ASP D 322 31.03 11.89 -20.84
C ASP D 322 31.97 10.83 -20.28
N ARG D 323 32.51 9.98 -21.14
CA ARG D 323 33.34 8.88 -20.67
C ARG D 323 32.51 7.69 -20.20
N ASP D 324 31.29 7.97 -19.71
CA ASP D 324 30.38 6.90 -19.31
C ASP D 324 29.49 6.52 -20.48
N GLY D 325 29.73 7.16 -21.62
CA GLY D 325 28.92 6.92 -22.80
C GLY D 325 27.56 7.58 -22.68
N LEU D 326 26.62 7.10 -23.50
CA LEU D 326 25.27 7.65 -23.51
C LEU D 326 24.33 6.90 -24.46
N GLU D 327 23.07 6.79 -24.06
CA GLU D 327 22.09 6.08 -24.84
C GLU D 327 21.43 7.08 -25.76
N TYR D 328 21.09 6.65 -26.97
CA TYR D 328 20.19 7.44 -27.81
C TYR D 328 19.16 6.56 -28.51
N ILE D 329 17.89 6.88 -28.29
CA ILE D 329 16.83 6.29 -29.08
C ILE D 329 16.57 7.24 -30.23
N TRP D 330 16.29 6.72 -31.41
CA TRP D 330 15.99 7.60 -32.53
C TRP D 330 14.81 7.12 -33.36
N GLY D 331 13.61 7.44 -32.91
CA GLY D 331 12.43 7.24 -33.72
C GLY D 331 11.98 5.81 -33.72
N ASN D 332 11.51 5.33 -32.57
CA ASN D 332 11.14 3.92 -32.42
C ASN D 332 12.08 2.97 -33.22
N HIS D 333 13.36 3.35 -33.25
CA HIS D 333 14.42 2.39 -33.46
C HIS D 333 14.61 1.72 -32.11
N GLU D 334 15.58 0.83 -32.01
CA GLU D 334 15.97 0.31 -30.71
C GLU D 334 17.13 1.15 -30.17
N PRO D 335 17.23 1.25 -28.85
CA PRO D 335 17.98 2.32 -28.17
C PRO D 335 19.48 2.12 -28.11
N VAL D 336 20.20 2.20 -29.23
CA VAL D 336 21.66 2.11 -29.19
C VAL D 336 22.31 3.07 -28.19
N ARG D 337 23.44 2.65 -27.64
CA ARG D 337 24.24 3.54 -26.80
C ARG D 337 25.71 3.45 -27.15
N VAL D 338 26.40 4.58 -27.06
CA VAL D 338 27.78 4.70 -27.50
C VAL D 338 28.67 5.18 -26.38
N TYR D 339 29.90 4.71 -26.36
CA TYR D 339 30.85 5.02 -25.30
C TYR D 339 32.07 5.78 -25.80
N ALA D 340 32.99 6.06 -24.88
CA ALA D 340 34.20 6.82 -25.19
C ALA D 340 35.43 5.92 -25.14
N GLN D 341 35.38 4.88 -25.97
CA GLN D 341 36.44 3.88 -26.06
C GLN D 341 37.78 4.59 -26.29
N GLY D 359 34.12 -25.85 6.82
CA GLY D 359 33.64 -24.92 5.82
C GLY D 359 34.63 -24.66 4.70
N GLY D 360 35.17 -23.44 4.68
CA GLY D 360 36.11 -23.06 3.64
C GLY D 360 36.77 -21.73 3.93
N TYR D 361 37.34 -21.11 2.90
CA TYR D 361 38.00 -19.81 3.08
C TYR D 361 37.04 -18.65 2.84
N GLU D 362 36.97 -17.73 3.79
CA GLU D 362 36.11 -16.57 3.68
C GLU D 362 36.92 -15.36 3.17
N HIS D 363 36.55 -14.88 2.00
CA HIS D 363 37.31 -13.83 1.31
C HIS D 363 36.48 -12.56 1.13
N ALA D 364 37.06 -11.42 1.46
CA ALA D 364 36.35 -10.15 1.42
C ALA D 364 36.89 -9.19 0.35
N THR D 365 36.11 -8.98 -0.70
CA THR D 365 36.44 -7.99 -1.72
C THR D 365 35.31 -7.00 -1.87
N THR D 366 35.49 -6.06 -2.80
CA THR D 366 34.43 -5.12 -3.13
C THR D 366 34.34 -4.97 -4.65
N VAL D 367 33.29 -5.54 -5.22
CA VAL D 367 33.09 -5.51 -6.66
C VAL D 367 32.24 -4.33 -7.12
N PRO D 368 32.77 -3.54 -8.06
CA PRO D 368 31.98 -2.44 -8.64
C PRO D 368 30.71 -2.97 -9.26
N ASN D 369 29.59 -2.29 -9.00
CA ASN D 369 28.30 -2.65 -9.56
C ASN D 369 28.17 -2.17 -10.99
N VAL D 370 28.54 -3.03 -11.94
CA VAL D 370 28.47 -2.72 -13.37
C VAL D 370 28.27 -3.98 -14.18
N PRO D 371 27.07 -4.14 -14.75
CA PRO D 371 26.75 -5.36 -15.50
C PRO D 371 27.86 -5.80 -16.46
N GLN D 372 28.01 -7.12 -16.58
CA GLN D 372 28.83 -7.76 -17.63
C GLN D 372 30.36 -7.62 -17.50
N ILE D 373 30.82 -6.68 -16.67
CA ILE D 373 32.25 -6.46 -16.50
C ILE D 373 32.81 -7.30 -15.36
N PRO D 374 33.62 -8.31 -15.71
CA PRO D 374 34.25 -9.25 -14.78
C PRO D 374 35.31 -8.61 -13.89
N TYR D 375 35.39 -9.09 -12.66
CA TYR D 375 36.34 -8.58 -11.69
C TYR D 375 37.38 -9.65 -11.42
N LYS D 376 38.61 -9.41 -11.81
CA LYS D 376 39.68 -10.37 -11.56
C LYS D 376 40.38 -10.05 -10.25
N ALA D 377 40.56 -11.06 -9.41
CA ALA D 377 41.24 -10.90 -8.12
C ALA D 377 42.07 -12.14 -7.80
N LEU D 378 42.98 -11.99 -6.83
CA LEU D 378 43.80 -13.12 -6.39
C LEU D 378 43.59 -13.49 -4.94
N VAL D 379 43.18 -14.73 -4.72
CA VAL D 379 43.05 -15.21 -3.36
C VAL D 379 44.44 -15.58 -2.83
N GLU D 380 44.90 -14.83 -1.83
CA GLU D 380 46.21 -15.06 -1.22
C GLU D 380 46.08 -15.75 0.12
N ARG D 381 46.46 -17.01 0.19
CA ARG D 381 46.46 -17.70 1.47
C ARG D 381 47.82 -18.33 1.75
N ALA D 382 48.25 -18.23 3.01
CA ALA D 382 49.54 -18.77 3.42
C ALA D 382 49.70 -20.23 2.99
N GLY D 383 50.84 -20.53 2.39
CA GLY D 383 51.18 -21.90 2.02
C GLY D 383 50.41 -22.43 0.82
N TYR D 384 49.22 -21.90 0.60
CA TYR D 384 48.41 -22.29 -0.54
C TYR D 384 48.80 -21.51 -1.80
N ALA D 385 48.47 -22.08 -2.96
CA ALA D 385 48.74 -21.46 -4.26
C ALA D 385 47.57 -20.58 -4.72
N PRO D 386 47.84 -19.30 -4.98
CA PRO D 386 46.87 -18.28 -5.40
C PRO D 386 45.71 -18.82 -6.25
N LEU D 387 44.52 -18.25 -6.05
CA LEU D 387 43.30 -18.77 -6.66
C LEU D 387 42.67 -17.88 -7.72
N ASN D 388 42.32 -18.54 -8.82
CA ASN D 388 41.50 -17.97 -9.86
C ASN D 388 40.19 -17.43 -9.30
N LEU D 389 40.01 -16.12 -9.37
CA LEU D 389 38.76 -15.50 -8.93
C LEU D 389 38.27 -14.41 -9.85
N GLU D 390 37.16 -14.68 -10.56
CA GLU D 390 36.51 -13.67 -11.38
C GLU D 390 35.02 -13.63 -11.07
N ILE D 391 34.53 -12.45 -10.74
CA ILE D 391 33.13 -12.26 -10.40
C ILE D 391 32.49 -11.35 -11.42
N THR D 392 31.39 -11.80 -12.02
CA THR D 392 30.66 -10.95 -12.95
C THR D 392 29.24 -10.69 -12.45
N VAL D 393 28.97 -9.44 -12.10
CA VAL D 393 27.61 -9.05 -11.78
C VAL D 393 26.82 -9.10 -13.08
N MSE D 394 26.29 -10.29 -13.36
CA MSE D 394 25.59 -10.59 -14.58
C MSE D 394 24.38 -9.69 -14.75
O MSE D 394 24.06 -9.26 -15.86
CB MSE D 394 25.11 -12.04 -14.53
CG MSE D 394 25.62 -12.91 -15.66
SE MSE D 394 24.31 -14.30 -15.90
CE MSE D 394 22.65 -13.26 -16.05
N SER D 395 23.71 -9.41 -13.64
CA SER D 395 22.47 -8.64 -13.63
C SER D 395 22.18 -8.01 -12.27
N SER D 396 21.68 -6.78 -12.27
CA SER D 396 21.22 -6.16 -11.03
C SER D 396 19.76 -5.76 -11.17
N GLU D 397 19.04 -5.79 -10.05
CA GLU D 397 17.68 -5.27 -9.98
C GLU D 397 17.53 -4.41 -8.75
N VAL D 398 16.73 -3.36 -8.88
CA VAL D 398 16.43 -2.52 -7.74
C VAL D 398 14.91 -2.55 -7.55
N LEU D 399 14.48 -3.39 -6.62
CA LEU D 399 13.06 -3.65 -6.45
C LEU D 399 12.56 -2.95 -5.21
N PRO D 400 11.83 -1.85 -5.41
CA PRO D 400 11.26 -1.06 -4.33
C PRO D 400 9.84 -1.50 -4.05
N SER D 401 9.41 -1.23 -2.82
CA SER D 401 8.09 -1.61 -2.32
C SER D 401 7.02 -0.69 -2.88
N THR D 402 5.98 -1.27 -3.45
CA THR D 402 4.96 -0.46 -4.11
C THR D 402 3.59 -0.56 -3.43
N ASN D 403 3.12 0.58 -2.93
CA ASN D 403 1.75 0.72 -2.44
C ASN D 403 0.89 1.35 -3.53
N GLN D 404 0.20 0.54 -4.33
CA GLN D 404 -0.74 1.10 -5.28
C GLN D 404 -1.77 1.89 -4.47
N GLU D 405 -2.05 3.11 -4.93
CA GLU D 405 -2.98 3.99 -4.23
C GLU D 405 -4.36 3.92 -4.88
N TYR D 406 -4.44 4.36 -6.13
CA TYR D 406 -5.67 4.26 -6.89
C TYR D 406 -5.45 4.02 -8.37
N ILE D 407 -6.57 3.79 -9.05
CA ILE D 407 -6.61 3.76 -10.49
C ILE D 407 -7.12 5.12 -10.93
N THR D 408 -6.92 5.45 -12.19
CA THR D 408 -7.59 6.62 -12.76
C THR D 408 -7.70 6.48 -14.27
N CYS D 409 -8.72 7.11 -14.83
CA CYS D 409 -8.93 7.10 -16.27
C CYS D 409 -9.93 8.13 -16.78
N LYS D 410 -10.26 8.06 -18.06
CA LYS D 410 -11.26 8.94 -18.63
C LYS D 410 -12.59 8.56 -18.00
N PHE D 411 -13.19 9.50 -17.30
CA PHE D 411 -14.49 9.28 -16.69
C PHE D 411 -15.58 9.46 -17.73
N THR D 412 -16.79 9.04 -17.40
CA THR D 412 -17.96 9.32 -18.22
C THR D 412 -18.97 10.01 -17.34
N THR D 413 -19.64 11.03 -17.87
CA THR D 413 -20.65 11.74 -17.10
C THR D 413 -22.07 11.24 -17.41
N VAL D 414 -22.77 10.78 -16.39
CA VAL D 414 -24.14 10.33 -16.57
C VAL D 414 -25.12 11.42 -16.19
N VAL D 415 -26.11 11.64 -17.05
CA VAL D 415 -27.11 12.66 -16.81
C VAL D 415 -28.51 12.09 -16.91
N PRO D 416 -29.07 11.68 -15.77
CA PRO D 416 -30.39 11.06 -15.74
C PRO D 416 -31.46 12.10 -15.98
N SER D 417 -32.52 11.72 -16.72
CA SER D 417 -33.61 12.64 -17.00
C SER D 417 -34.04 13.41 -15.76
N PRO D 418 -34.16 14.73 -15.88
CA PRO D 418 -34.42 15.58 -14.72
C PRO D 418 -35.79 15.31 -14.12
N LYS D 419 -35.85 15.24 -12.79
CA LYS D 419 -37.12 15.11 -12.11
C LYS D 419 -37.73 16.49 -11.94
N ILE D 420 -38.83 16.74 -12.66
CA ILE D 420 -39.53 18.02 -12.57
C ILE D 420 -40.88 17.87 -11.89
N LYS D 421 -41.17 18.77 -10.96
CA LYS D 421 -42.42 18.73 -10.21
C LYS D 421 -43.33 19.88 -10.62
N CYS D 422 -44.45 19.55 -11.25
CA CYS D 422 -45.37 20.56 -11.73
C CYS D 422 -46.04 21.28 -10.56
N CYS D 423 -45.60 22.50 -10.30
CA CYS D 423 -46.24 23.39 -9.32
C CYS D 423 -45.82 23.12 -7.87
N GLY D 424 -44.53 22.95 -7.64
CA GLY D 424 -44.02 22.75 -6.29
C GLY D 424 -42.54 23.02 -6.15
N SER D 425 -42.03 22.88 -4.92
CA SER D 425 -40.61 23.04 -4.64
C SER D 425 -39.93 21.67 -4.53
N LEU D 426 -38.73 21.57 -5.09
CA LEU D 426 -38.01 20.29 -5.11
C LEU D 426 -36.64 20.39 -4.47
N GLU D 427 -36.58 20.44 -3.15
CA GLU D 427 -35.29 20.58 -2.48
C GLU D 427 -34.46 19.29 -2.54
N CYS D 428 -33.48 19.29 -3.44
CA CYS D 428 -32.64 18.13 -3.70
C CYS D 428 -31.82 17.70 -2.50
N GLN D 429 -31.55 16.41 -2.43
CA GLN D 429 -30.89 15.80 -1.27
C GLN D 429 -29.56 15.13 -1.66
N PRO D 430 -28.53 15.30 -0.83
CA PRO D 430 -27.22 14.68 -1.07
C PRO D 430 -27.35 13.18 -1.32
N ALA D 431 -27.38 12.76 -2.58
CA ALA D 431 -27.40 11.33 -2.89
C ALA D 431 -25.98 10.78 -3.08
N ALA D 432 -25.36 10.41 -1.98
CA ALA D 432 -23.96 9.99 -1.93
C ALA D 432 -23.58 8.93 -2.96
N HIS D 433 -22.85 9.36 -3.99
CA HIS D 433 -22.19 8.43 -4.92
C HIS D 433 -21.23 9.14 -5.91
N ALA D 434 -20.54 8.35 -6.73
CA ALA D 434 -19.45 8.80 -7.62
C ALA D 434 -19.02 10.26 -7.50
N GLY D 435 -19.24 11.03 -8.57
CA GLY D 435 -19.05 12.47 -8.54
C GLY D 435 -20.38 13.20 -8.65
N TYR D 436 -21.23 13.01 -7.65
CA TYR D 436 -22.61 13.49 -7.71
C TYR D 436 -22.72 15.00 -7.57
N THR D 437 -23.64 15.58 -8.33
CA THR D 437 -24.00 16.97 -8.14
C THR D 437 -25.43 17.27 -8.61
N CYS D 438 -26.14 18.05 -7.81
CA CYS D 438 -27.50 18.44 -8.16
C CYS D 438 -27.58 19.95 -8.06
N LYS D 439 -28.63 20.51 -8.64
CA LYS D 439 -29.02 21.88 -8.34
C LYS D 439 -30.51 22.02 -8.56
N VAL D 440 -31.14 22.77 -7.67
CA VAL D 440 -32.56 23.02 -7.75
C VAL D 440 -32.83 24.33 -8.48
N PHE D 441 -33.54 24.25 -9.59
CA PHE D 441 -33.84 25.43 -10.40
C PHE D 441 -35.32 25.78 -10.38
N GLY D 442 -35.63 27.01 -10.00
CA GLY D 442 -37.00 27.43 -9.83
C GLY D 442 -37.56 28.28 -10.96
N GLY D 443 -38.88 28.26 -11.10
CA GLY D 443 -39.54 29.00 -12.15
C GLY D 443 -39.04 28.53 -13.49
N VAL D 444 -39.07 27.22 -13.68
CA VAL D 444 -38.48 26.63 -14.88
C VAL D 444 -39.35 26.83 -16.11
N TYR D 445 -40.37 26.00 -16.24
CA TYR D 445 -41.18 26.00 -17.44
C TYR D 445 -42.52 26.70 -17.23
N PRO D 446 -42.94 27.49 -18.22
CA PRO D 446 -44.31 28.00 -18.27
C PRO D 446 -45.24 26.83 -18.52
N PHE D 447 -46.54 27.10 -18.60
CA PHE D 447 -47.53 26.04 -18.76
C PHE D 447 -47.54 25.41 -20.15
N MSE D 448 -47.05 26.17 -21.13
CA MSE D 448 -47.27 25.84 -22.54
C MSE D 448 -46.59 24.54 -23.03
O MSE D 448 -45.81 23.92 -22.31
CB MSE D 448 -46.90 27.03 -23.42
CG MSE D 448 -47.67 28.28 -23.04
SE MSE D 448 -47.36 29.77 -24.23
CE MSE D 448 -47.86 28.87 -25.89
N TRP D 449 -46.90 24.19 -24.27
CA TRP D 449 -46.52 22.89 -24.85
C TRP D 449 -45.22 22.98 -25.67
N GLY D 450 -44.10 22.77 -25.00
CA GLY D 450 -42.80 22.81 -25.65
C GLY D 450 -42.08 21.47 -25.60
N GLY D 451 -41.81 21.01 -24.37
CA GLY D 451 -41.20 19.71 -24.17
C GLY D 451 -41.85 18.98 -23.02
N ALA D 452 -42.79 19.66 -22.36
CA ALA D 452 -43.47 19.11 -21.21
C ALA D 452 -44.72 19.93 -20.91
N GLN D 453 -45.70 19.30 -20.27
CA GLN D 453 -46.95 19.98 -19.94
C GLN D 453 -47.14 20.12 -18.44
N CYS D 454 -46.50 21.12 -17.85
CA CYS D 454 -46.81 21.46 -16.48
C CYS D 454 -48.09 22.29 -16.47
N PHE D 455 -48.26 23.14 -15.46
CA PHE D 455 -49.50 23.90 -15.31
C PHE D 455 -49.28 25.35 -14.91
N CYS D 456 -48.53 25.54 -13.82
CA CYS D 456 -48.21 26.85 -13.26
C CYS D 456 -47.02 27.49 -13.98
N ASP D 457 -46.86 28.80 -13.84
CA ASP D 457 -45.77 29.51 -14.52
C ASP D 457 -44.54 29.69 -13.64
N SER D 458 -44.65 30.53 -12.62
CA SER D 458 -43.53 30.82 -11.74
C SER D 458 -43.56 29.99 -10.46
N GLU D 459 -44.32 28.90 -10.50
CA GLU D 459 -44.31 27.95 -9.39
C GLU D 459 -43.79 26.60 -9.84
N ASN D 460 -42.77 26.61 -10.67
CA ASN D 460 -42.16 25.38 -11.18
C ASN D 460 -40.75 25.15 -10.64
N SER D 461 -40.29 23.91 -10.72
CA SER D 461 -38.95 23.58 -10.24
C SER D 461 -38.41 22.31 -10.87
N GLN D 462 -37.17 22.39 -11.35
CA GLN D 462 -36.48 21.22 -11.90
C GLN D 462 -35.23 20.94 -11.06
N MSE D 463 -34.93 19.66 -10.88
CA MSE D 463 -33.72 19.26 -10.17
C MSE D 463 -32.73 18.66 -11.17
O MSE D 463 -32.97 17.58 -11.72
CB MSE D 463 -34.01 18.27 -9.05
CG MSE D 463 -32.78 17.83 -8.23
SE MSE D 463 -33.15 16.40 -6.92
CE MSE D 463 -34.25 15.33 -8.09
N SER D 464 -31.65 19.37 -11.41
CA SER D 464 -30.63 18.89 -12.32
C SER D 464 -29.60 18.09 -11.57
N GLU D 465 -29.50 16.80 -11.88
CA GLU D 465 -28.52 15.94 -11.23
C GLU D 465 -27.70 15.19 -12.26
N ALA D 466 -26.43 14.99 -11.93
CA ALA D 466 -25.51 14.26 -12.80
C ALA D 466 -24.27 13.80 -12.05
N TYR D 467 -23.65 12.73 -12.54
CA TYR D 467 -22.49 12.16 -11.89
C TYR D 467 -21.50 11.58 -12.91
N VAL D 468 -20.42 11.00 -12.42
CA VAL D 468 -19.41 10.42 -13.29
C VAL D 468 -19.22 8.94 -12.99
N GLU D 469 -18.82 8.18 -14.01
CA GLU D 469 -18.47 6.78 -13.87
C GLU D 469 -17.11 6.57 -14.50
N LEU D 470 -16.76 5.31 -14.74
CA LEU D 470 -15.55 5.02 -15.49
C LEU D 470 -15.94 4.86 -16.95
N SER D 471 -15.00 5.09 -17.85
CA SER D 471 -15.34 4.94 -19.26
C SER D 471 -15.52 3.47 -19.56
N ALA D 472 -16.28 3.18 -20.60
CA ALA D 472 -16.52 1.80 -21.03
C ALA D 472 -15.17 1.15 -21.27
N ASP D 473 -14.14 1.98 -21.38
CA ASP D 473 -12.84 1.52 -21.77
C ASP D 473 -11.79 1.86 -20.71
N CYS D 474 -12.25 2.35 -19.56
CA CYS D 474 -11.34 2.65 -18.47
C CYS D 474 -10.34 1.52 -18.28
N ALA D 475 -10.80 0.30 -18.49
CA ALA D 475 -10.00 -0.88 -18.17
C ALA D 475 -8.79 -0.99 -19.09
N SER D 476 -9.01 -0.74 -20.38
CA SER D 476 -7.99 -0.89 -21.41
C SER D 476 -6.94 0.25 -21.42
N ASP D 477 -7.30 1.41 -20.86
CA ASP D 477 -6.40 2.56 -20.83
C ASP D 477 -6.59 3.34 -19.54
N HIS D 478 -5.76 3.06 -18.54
CA HIS D 478 -5.79 3.78 -17.28
C HIS D 478 -4.36 4.00 -16.81
N ALA D 479 -4.23 4.47 -15.57
CA ALA D 479 -2.92 4.67 -14.99
C ALA D 479 -2.97 4.18 -13.56
N GLN D 480 -1.82 4.21 -12.89
CA GLN D 480 -1.74 3.67 -11.55
C GLN D 480 -0.96 4.55 -10.60
N ALA D 481 -1.69 5.22 -9.71
CA ALA D 481 -1.08 6.08 -8.70
C ALA D 481 -0.38 5.15 -7.76
N ILE D 482 0.87 5.45 -7.44
CA ILE D 482 1.71 4.49 -6.73
C ILE D 482 2.82 5.14 -5.90
N LYS D 483 2.74 4.96 -4.59
CA LYS D 483 3.83 5.41 -3.74
C LYS D 483 4.94 4.37 -3.83
N VAL D 484 6.18 4.81 -3.64
CA VAL D 484 7.32 3.91 -3.73
C VAL D 484 8.29 4.17 -2.59
N HIS D 485 8.33 3.28 -1.61
CA HIS D 485 9.34 3.43 -0.56
C HIS D 485 10.52 2.49 -0.77
N THR D 486 11.65 2.85 -0.15
CA THR D 486 12.95 2.26 -0.46
C THR D 486 12.94 0.73 -0.59
N ALA D 487 13.92 0.24 -1.35
CA ALA D 487 13.84 -1.08 -1.94
C ALA D 487 14.76 -2.13 -1.32
N ALA D 488 14.92 -3.20 -2.08
CA ALA D 488 15.99 -4.15 -1.89
C ALA D 488 16.54 -4.35 -3.29
N MSE D 489 17.76 -4.85 -3.38
CA MSE D 489 18.33 -5.13 -4.69
C MSE D 489 18.98 -6.50 -4.78
O MSE D 489 19.88 -6.82 -4.02
CB MSE D 489 19.31 -4.05 -5.13
CG MSE D 489 20.29 -3.60 -4.07
SE MSE D 489 21.55 -2.37 -4.90
CE MSE D 489 22.17 -3.63 -6.19
N LYS D 490 18.47 -7.31 -5.71
CA LYS D 490 19.03 -8.60 -5.97
C LYS D 490 20.16 -8.43 -6.99
N VAL D 491 21.01 -9.43 -7.12
CA VAL D 491 22.12 -9.40 -8.07
C VAL D 491 22.37 -10.78 -8.64
N GLY D 492 22.57 -10.86 -9.95
CA GLY D 492 22.98 -12.08 -10.62
C GLY D 492 24.50 -12.18 -10.64
N LEU D 493 25.05 -12.82 -9.62
CA LEU D 493 26.50 -12.93 -9.48
C LEU D 493 27.00 -14.22 -10.10
N ARG D 494 28.00 -14.12 -10.97
CA ARG D 494 28.64 -15.33 -11.50
C ARG D 494 30.11 -15.39 -11.13
N ILE D 495 30.42 -16.26 -10.18
CA ILE D 495 31.78 -16.39 -9.67
C ILE D 495 32.49 -17.63 -10.20
N VAL D 496 33.77 -17.47 -10.52
CA VAL D 496 34.59 -18.57 -10.99
C VAL D 496 35.81 -18.69 -10.10
N TYR D 497 36.04 -19.91 -9.60
CA TYR D 497 37.19 -20.21 -8.78
C TYR D 497 37.89 -21.48 -9.27
N GLY D 498 39.12 -21.33 -9.72
CA GLY D 498 39.84 -22.45 -10.29
C GLY D 498 39.09 -23.08 -11.43
N ASN D 499 38.95 -24.40 -11.39
CA ASN D 499 38.36 -25.18 -12.49
C ASN D 499 36.83 -25.14 -12.53
N THR D 500 36.21 -24.49 -11.56
CA THR D 500 34.75 -24.45 -11.48
C THR D 500 34.13 -23.04 -11.43
N THR D 501 33.01 -22.89 -12.11
CA THR D 501 32.31 -21.62 -12.18
C THR D 501 30.89 -21.81 -11.67
N SER D 502 30.46 -20.97 -10.75
CA SER D 502 29.13 -21.10 -10.18
C SER D 502 28.39 -19.77 -10.22
N PHE D 503 27.08 -19.81 -10.01
CA PHE D 503 26.27 -18.61 -10.10
C PHE D 503 25.11 -18.54 -9.10
N LEU D 504 25.07 -17.49 -8.29
CA LEU D 504 24.01 -17.32 -7.31
C LEU D 504 23.39 -15.94 -7.43
N ASP D 505 22.11 -15.83 -7.10
CA ASP D 505 21.48 -14.51 -6.89
C ASP D 505 21.62 -14.13 -5.44
N VAL D 506 21.78 -12.85 -5.16
CA VAL D 506 21.93 -12.44 -3.77
C VAL D 506 21.37 -11.06 -3.50
N TYR D 507 20.52 -10.97 -2.51
CA TYR D 507 20.05 -9.67 -2.04
C TYR D 507 21.21 -8.91 -1.42
N VAL D 508 21.25 -7.60 -1.65
CA VAL D 508 22.38 -6.81 -1.19
C VAL D 508 22.13 -6.12 0.16
N ASN D 509 22.33 -6.90 1.22
CA ASN D 509 22.31 -6.44 2.59
C ASN D 509 23.31 -7.28 3.35
N GLY D 510 23.79 -6.79 4.49
CA GLY D 510 24.83 -7.49 5.21
C GLY D 510 24.47 -8.88 5.69
N VAL D 511 23.30 -9.38 5.30
CA VAL D 511 22.79 -10.61 5.90
C VAL D 511 22.47 -11.78 4.96
N THR D 512 21.39 -11.68 4.19
CA THR D 512 20.90 -12.85 3.47
C THR D 512 21.92 -13.44 2.51
N PRO D 513 22.31 -14.70 2.76
CA PRO D 513 23.30 -15.42 1.97
C PRO D 513 22.66 -16.02 0.73
N GLY D 514 23.35 -15.96 -0.41
CA GLY D 514 22.82 -16.53 -1.64
C GLY D 514 22.90 -18.03 -1.61
N THR D 515 21.79 -18.67 -1.26
CA THR D 515 21.76 -20.13 -1.05
C THR D 515 22.15 -20.93 -2.29
N SER D 516 23.30 -20.58 -2.85
CA SER D 516 23.98 -21.44 -3.78
C SER D 516 24.48 -22.62 -2.98
N LYS D 517 24.28 -23.82 -3.49
CA LYS D 517 24.58 -25.03 -2.72
C LYS D 517 26.05 -25.10 -2.32
N ASP D 518 26.95 -25.02 -3.29
CA ASP D 518 28.36 -25.21 -3.00
C ASP D 518 29.12 -23.94 -2.64
N LEU D 519 28.46 -22.79 -2.78
CA LEU D 519 29.13 -21.52 -2.49
C LEU D 519 28.28 -20.55 -1.67
N LYS D 520 28.73 -20.23 -0.46
CA LYS D 520 27.99 -19.33 0.41
C LYS D 520 28.47 -17.90 0.23
N VAL D 521 27.68 -17.09 -0.47
CA VAL D 521 28.00 -15.68 -0.65
C VAL D 521 27.02 -14.79 0.07
N ILE D 522 27.54 -13.73 0.66
CA ILE D 522 26.74 -12.64 1.21
C ILE D 522 27.26 -11.32 0.66
N ALA D 523 26.36 -10.56 0.03
CA ALA D 523 26.72 -9.28 -0.57
C ALA D 523 26.38 -8.13 0.37
N GLY D 524 27.42 -7.53 0.95
CA GLY D 524 27.27 -6.47 1.92
C GLY D 524 26.39 -5.34 1.41
N PRO D 525 26.03 -4.41 2.30
CA PRO D 525 25.16 -3.28 1.95
C PRO D 525 25.81 -2.42 0.87
N ILE D 526 25.07 -2.15 -0.20
CA ILE D 526 25.59 -1.35 -1.30
C ILE D 526 26.21 -0.05 -0.78
N SER D 527 27.16 0.50 -1.55
CA SER D 527 27.98 1.63 -1.09
C SER D 527 27.25 2.98 -1.07
N ALA D 528 26.17 3.09 -1.84
CA ALA D 528 25.39 4.32 -1.89
C ALA D 528 23.94 4.06 -2.27
N SER D 529 23.03 4.28 -1.33
CA SER D 529 21.62 4.11 -1.60
C SER D 529 21.19 5.06 -2.72
N PHE D 530 20.86 4.49 -3.88
CA PHE D 530 20.34 5.30 -4.97
C PHE D 530 19.14 4.68 -5.66
N THR D 531 18.17 5.54 -6.00
CA THR D 531 16.97 5.10 -6.68
C THR D 531 16.62 6.03 -7.83
N PRO D 532 16.05 5.47 -8.90
CA PRO D 532 15.56 6.24 -10.05
C PRO D 532 14.23 6.89 -9.74
N PHE D 533 13.54 6.38 -8.72
CA PHE D 533 12.17 6.79 -8.47
C PHE D 533 11.98 7.82 -7.35
N ASP D 534 10.81 8.46 -7.37
CA ASP D 534 10.38 9.39 -6.33
C ASP D 534 9.34 8.71 -5.45
N HIS D 535 9.16 9.28 -4.27
CA HIS D 535 8.20 8.73 -3.31
C HIS D 535 6.87 8.42 -4.01
N LYS D 536 6.53 9.21 -5.02
CA LYS D 536 5.28 9.03 -5.77
C LYS D 536 5.55 8.84 -7.25
N VAL D 537 4.86 7.86 -7.84
CA VAL D 537 5.09 7.47 -9.24
C VAL D 537 3.79 7.11 -9.93
N VAL D 538 3.69 7.45 -11.21
CA VAL D 538 2.56 6.99 -12.01
C VAL D 538 3.05 5.96 -12.99
N ILE D 539 2.23 4.95 -13.23
CA ILE D 539 2.50 3.99 -14.28
C ILE D 539 1.36 4.05 -15.27
N HIS D 540 1.65 4.45 -16.51
CA HIS D 540 0.63 4.41 -17.54
C HIS D 540 0.56 3.04 -18.17
N ARG D 541 1.28 2.86 -19.28
CA ARG D 541 1.17 1.58 -19.96
C ARG D 541 2.23 0.59 -19.51
N GLY D 542 3.43 0.71 -20.07
CA GLY D 542 4.54 -0.02 -19.52
C GLY D 542 5.43 1.06 -18.95
N LEU D 543 4.88 2.27 -18.91
CA LEU D 543 5.70 3.43 -18.68
C LEU D 543 5.44 4.05 -17.35
N VAL D 544 6.53 4.36 -16.66
CA VAL D 544 6.47 4.95 -15.35
C VAL D 544 7.02 6.37 -15.39
N TYR D 545 6.33 7.28 -14.73
CA TYR D 545 6.77 8.66 -14.63
C TYR D 545 6.80 9.07 -13.19
N ASN D 546 7.83 9.80 -12.79
CA ASN D 546 7.81 10.42 -11.47
C ASN D 546 6.85 11.61 -11.45
N TYR D 547 5.76 11.45 -10.71
CA TYR D 547 4.64 12.40 -10.74
C TYR D 547 3.99 12.49 -9.38
N ASP D 548 3.87 13.70 -8.85
CA ASP D 548 3.34 13.89 -7.50
C ASP D 548 1.83 13.86 -7.42
N PHE D 549 1.21 12.81 -7.98
CA PHE D 549 -0.25 12.64 -7.95
C PHE D 549 -0.84 12.91 -6.57
N PRO D 550 -2.05 13.47 -6.52
CA PRO D 550 -2.61 13.88 -5.23
C PRO D 550 -3.01 12.67 -4.39
N GLU D 551 -3.07 12.82 -3.07
CA GLU D 551 -3.44 11.72 -2.18
C GLU D 551 -4.85 11.25 -2.50
N TYR D 552 -5.15 9.99 -2.24
CA TYR D 552 -6.49 9.50 -2.46
C TYR D 552 -7.45 10.40 -1.69
N GLY D 553 -8.48 10.89 -2.39
CA GLY D 553 -9.49 11.73 -1.77
C GLY D 553 -9.15 13.20 -1.75
N ALA D 554 -7.95 13.55 -2.17
CA ALA D 554 -7.55 14.95 -2.21
C ALA D 554 -7.45 15.37 -3.66
N MSE D 555 -8.55 15.19 -4.38
CA MSE D 555 -8.57 15.39 -5.82
C MSE D 555 -8.83 16.82 -6.26
O MSE D 555 -9.70 17.51 -5.71
CB MSE D 555 -9.59 14.46 -6.45
CG MSE D 555 -9.49 13.06 -5.92
SE MSE D 555 -11.22 12.59 -5.36
CE MSE D 555 -11.62 14.25 -4.44
N LYS D 556 -8.05 17.24 -7.26
CA LYS D 556 -8.29 18.47 -7.96
C LYS D 556 -8.78 18.07 -9.33
N PRO D 557 -9.74 18.83 -9.90
CA PRO D 557 -10.42 18.48 -11.15
C PRO D 557 -9.67 18.96 -12.40
N GLY D 558 -9.80 18.22 -13.49
CA GLY D 558 -9.04 18.51 -14.68
C GLY D 558 -7.57 18.17 -14.57
N ALA D 559 -7.04 18.14 -13.35
CA ALA D 559 -5.67 17.70 -13.12
C ALA D 559 -5.64 16.18 -13.00
N PHE D 560 -4.44 15.58 -13.04
CA PHE D 560 -4.32 14.12 -12.93
C PHE D 560 -4.95 13.64 -11.64
N GLY D 561 -5.61 12.49 -11.71
CA GLY D 561 -6.23 11.92 -10.53
C GLY D 561 -7.53 12.64 -10.20
N ASP D 562 -8.11 13.29 -11.20
CA ASP D 562 -9.41 13.92 -11.03
C ASP D 562 -10.43 12.93 -10.47
N ILE D 563 -10.42 11.71 -10.98
CA ILE D 563 -11.24 10.65 -10.42
C ILE D 563 -10.33 9.53 -9.96
N GLN D 564 -10.76 8.82 -8.91
CA GLN D 564 -9.93 7.81 -8.28
C GLN D 564 -10.74 6.56 -8.01
N ALA D 565 -10.03 5.44 -7.82
CA ALA D 565 -10.63 4.14 -7.50
C ALA D 565 -9.54 3.16 -7.10
N THR D 566 -9.76 2.45 -6.00
CA THR D 566 -8.81 1.46 -5.54
C THR D 566 -8.63 0.34 -6.54
N SER D 567 -9.65 0.11 -7.36
CA SER D 567 -9.46 -0.72 -8.55
C SER D 567 -10.51 -0.52 -9.63
N LEU D 568 -10.45 -1.37 -10.65
CA LEU D 568 -11.24 -1.22 -11.87
C LEU D 568 -12.66 -1.70 -11.62
N THR D 569 -12.81 -2.50 -10.57
CA THR D 569 -14.11 -3.02 -10.18
C THR D 569 -14.87 -1.93 -9.42
N SER D 570 -14.60 -0.68 -9.77
CA SER D 570 -15.23 0.47 -9.15
C SER D 570 -15.35 0.32 -7.63
N LYS D 571 -14.21 0.11 -6.99
CA LYS D 571 -14.15 -0.05 -5.54
C LYS D 571 -14.16 1.32 -4.85
N ASP D 572 -15.35 1.88 -4.69
CA ASP D 572 -15.48 3.17 -4.04
C ASP D 572 -14.73 4.24 -4.82
N LEU D 573 -15.27 4.62 -5.98
CA LEU D 573 -14.66 5.66 -6.79
C LEU D 573 -15.10 7.06 -6.41
N ILE D 574 -14.13 7.89 -6.09
CA ILE D 574 -14.37 9.25 -5.62
C ILE D 574 -13.84 10.29 -6.62
N ALA D 575 -14.76 11.06 -7.22
CA ALA D 575 -14.34 12.00 -8.26
C ALA D 575 -14.64 13.46 -7.93
N SER D 576 -13.88 14.36 -8.53
CA SER D 576 -14.11 15.80 -8.44
C SER D 576 -13.91 16.43 -9.81
N THR D 577 -15.00 16.62 -10.55
CA THR D 577 -14.89 17.05 -11.95
C THR D 577 -15.53 18.42 -12.24
N ASP D 578 -15.60 19.27 -11.22
CA ASP D 578 -16.15 20.61 -11.36
C ASP D 578 -17.35 20.68 -12.30
N ILE D 579 -18.34 19.80 -12.09
CA ILE D 579 -19.56 19.88 -12.87
C ILE D 579 -20.37 21.08 -12.45
N ARG D 580 -20.92 21.80 -13.44
CA ARG D 580 -21.72 22.98 -13.16
C ARG D 580 -23.04 22.96 -13.91
N LEU D 581 -24.13 22.77 -13.15
CA LEU D 581 -25.48 22.70 -13.70
C LEU D 581 -26.00 24.07 -14.09
N LEU D 582 -26.75 24.12 -15.19
CA LEU D 582 -27.22 25.39 -15.70
C LEU D 582 -28.74 25.41 -15.75
N LYS D 583 -29.33 26.58 -15.49
CA LYS D 583 -30.77 26.74 -15.59
C LYS D 583 -31.20 26.47 -17.02
N PRO D 584 -32.04 25.45 -17.22
CA PRO D 584 -32.52 25.06 -18.56
C PRO D 584 -33.57 26.02 -19.09
N SER D 585 -33.44 26.41 -20.36
CA SER D 585 -34.42 27.28 -20.99
C SER D 585 -35.64 26.48 -21.41
N ALA D 586 -36.76 27.17 -21.60
CA ALA D 586 -38.04 26.49 -21.73
C ALA D 586 -38.53 26.34 -23.17
N LYS D 587 -37.92 25.42 -23.91
CA LYS D 587 -38.51 24.97 -25.16
C LYS D 587 -38.42 23.45 -25.24
N ASN D 588 -37.57 22.88 -24.40
CA ASN D 588 -37.38 21.43 -24.31
C ASN D 588 -36.90 21.04 -22.92
N VAL D 589 -37.08 19.77 -22.56
CA VAL D 589 -36.52 19.25 -21.32
C VAL D 589 -35.12 18.74 -21.57
N HIS D 590 -34.16 19.64 -21.41
CA HIS D 590 -32.77 19.34 -21.69
C HIS D 590 -31.97 19.90 -20.54
N VAL D 591 -31.23 19.04 -19.84
CA VAL D 591 -30.44 19.49 -18.71
C VAL D 591 -29.01 19.86 -19.09
N PRO D 592 -28.70 21.15 -19.03
CA PRO D 592 -27.42 21.71 -19.44
C PRO D 592 -26.40 21.66 -18.31
N TYR D 593 -25.13 21.71 -18.68
CA TYR D 593 -24.07 21.68 -17.70
C TYR D 593 -22.73 21.86 -18.37
N THR D 594 -21.84 22.59 -17.71
CA THR D 594 -20.44 22.55 -18.08
C THR D 594 -19.74 21.54 -17.17
N GLN D 595 -18.44 21.43 -17.36
CA GLN D 595 -17.64 20.48 -16.59
C GLN D 595 -16.16 20.74 -16.84
N ALA D 596 -15.31 20.23 -15.96
CA ALA D 596 -13.89 20.36 -16.16
C ALA D 596 -13.42 19.32 -17.19
N SER D 597 -12.16 19.44 -17.59
CA SER D 597 -11.58 18.57 -18.59
C SER D 597 -11.11 17.28 -17.95
N SER D 598 -10.80 16.26 -18.76
CA SER D 598 -10.42 14.97 -18.20
C SER D 598 -8.97 14.94 -17.70
N GLY D 599 -8.80 15.17 -16.40
CA GLY D 599 -7.50 15.18 -15.75
C GLY D 599 -6.57 14.09 -16.26
N PHE D 600 -7.15 12.97 -16.66
CA PHE D 600 -6.36 11.90 -17.26
C PHE D 600 -5.84 12.34 -18.62
N GLU D 601 -6.73 12.39 -19.60
CA GLU D 601 -6.36 12.81 -20.95
C GLU D 601 -5.43 14.00 -20.90
N MSE D 602 -5.71 14.91 -19.98
CA MSE D 602 -4.92 16.14 -19.91
C MSE D 602 -3.51 15.78 -19.48
O MSE D 602 -2.53 16.33 -20.00
CB MSE D 602 -5.56 17.17 -18.97
CG MSE D 602 -6.81 17.85 -19.52
SE MSE D 602 -6.38 19.61 -20.06
CE MSE D 602 -4.87 19.86 -18.92
N TRP D 603 -3.38 14.87 -18.54
CA TRP D 603 -2.07 14.47 -18.09
C TRP D 603 -1.40 13.63 -19.17
N LYS D 604 -2.17 12.80 -19.86
CA LYS D 604 -1.63 12.05 -20.98
C LYS D 604 -0.94 12.96 -22.02
N ASN D 605 -1.68 13.90 -22.60
CA ASN D 605 -1.11 14.84 -23.57
C ASN D 605 0.03 15.65 -22.98
N ASN D 606 0.33 15.40 -21.71
CA ASN D 606 1.38 16.18 -21.06
C ASN D 606 2.24 15.36 -20.13
N SER D 607 2.10 14.04 -20.18
CA SER D 607 3.06 13.16 -19.52
C SER D 607 4.41 13.45 -20.12
N GLY D 608 5.45 13.41 -19.30
CA GLY D 608 6.77 13.69 -19.84
C GLY D 608 7.30 12.53 -20.66
N ARG D 609 8.60 12.57 -20.92
CA ARG D 609 9.27 11.40 -21.41
C ARG D 609 9.47 10.45 -20.23
N PRO D 610 9.06 9.18 -20.37
CA PRO D 610 9.15 8.16 -19.32
C PRO D 610 10.48 8.11 -18.58
N LEU D 611 10.47 7.47 -17.42
CA LEU D 611 11.66 7.29 -16.63
C LEU D 611 12.62 6.36 -17.36
N GLN D 612 12.03 5.40 -18.07
CA GLN D 612 12.82 4.44 -18.84
C GLN D 612 13.74 5.18 -19.80
N GLU D 613 13.44 6.46 -19.99
CA GLU D 613 14.21 7.30 -20.91
C GLU D 613 14.96 8.44 -20.22
N THR D 614 14.80 8.58 -18.90
CA THR D 614 15.45 9.69 -18.19
C THR D 614 16.32 9.21 -17.03
N ALA D 615 16.18 7.92 -16.69
CA ALA D 615 16.84 7.30 -15.54
C ALA D 615 18.35 7.58 -15.42
N PRO D 616 18.75 8.14 -14.27
CA PRO D 616 20.05 8.75 -13.96
C PRO D 616 21.27 7.83 -13.95
N PHE D 617 21.14 6.53 -14.23
CA PHE D 617 22.34 5.70 -14.23
C PHE D 617 22.37 4.63 -15.30
N GLY D 618 21.62 4.87 -16.37
CA GLY D 618 21.53 3.90 -17.43
C GLY D 618 20.70 2.72 -16.97
N CYS D 619 19.83 2.99 -16.00
CA CYS D 619 18.88 1.99 -15.52
C CYS D 619 17.87 1.66 -16.60
N LYS D 620 17.42 0.41 -16.60
CA LYS D 620 16.42 -0.02 -17.57
C LYS D 620 15.09 -0.32 -16.88
N ILE D 621 14.43 0.74 -16.44
CA ILE D 621 13.13 0.68 -15.77
C ILE D 621 12.11 -0.33 -16.35
N ALA D 622 11.58 -1.19 -15.48
CA ALA D 622 10.71 -2.29 -15.89
C ALA D 622 9.44 -2.31 -15.07
N VAL D 623 8.35 -2.75 -15.67
CA VAL D 623 7.08 -2.65 -15.00
C VAL D 623 6.23 -3.91 -15.06
N ASN D 624 6.27 -4.62 -13.95
CA ASN D 624 5.09 -5.30 -13.46
C ASN D 624 5.45 -5.41 -12.00
N PRO D 625 6.54 -6.13 -11.72
CA PRO D 625 7.34 -5.63 -10.60
C PRO D 625 7.98 -4.33 -11.05
N LEU D 626 7.85 -3.28 -10.23
CA LEU D 626 8.49 -2.01 -10.52
C LEU D 626 9.95 -2.20 -10.17
N ARG D 627 10.84 -1.92 -11.12
CA ARG D 627 12.23 -2.27 -10.93
C ARG D 627 13.15 -1.43 -11.83
N ALA D 628 14.42 -1.37 -11.43
CA ALA D 628 15.44 -0.63 -12.17
C ALA D 628 16.55 -1.59 -12.60
N VAL D 629 16.31 -2.25 -13.73
CA VAL D 629 17.22 -3.26 -14.26
C VAL D 629 18.60 -2.71 -14.69
N ASP D 630 19.65 -3.41 -14.26
CA ASP D 630 21.00 -3.16 -14.74
C ASP D 630 21.51 -1.73 -14.59
N CYS D 631 21.17 -1.07 -13.48
CA CYS D 631 21.78 0.22 -13.18
C CYS D 631 23.28 0.01 -12.99
N SER D 632 24.04 1.10 -12.94
CA SER D 632 25.49 1.03 -12.72
C SER D 632 26.02 2.15 -11.85
N TYR D 633 26.28 1.84 -10.59
CA TYR D 633 26.80 2.83 -9.65
C TYR D 633 27.40 2.14 -8.43
N GLY D 634 28.38 2.80 -7.82
CA GLY D 634 28.97 2.33 -6.58
C GLY D 634 29.53 0.92 -6.60
N ASN D 635 30.15 0.54 -5.50
CA ASN D 635 30.74 -0.79 -5.37
C ASN D 635 30.00 -1.64 -4.37
N ILE D 636 30.01 -2.96 -4.61
CA ILE D 636 29.32 -3.93 -3.76
C ILE D 636 30.31 -4.73 -2.94
N PRO D 637 30.22 -4.64 -1.62
CA PRO D 637 31.05 -5.53 -0.80
C PRO D 637 30.54 -6.95 -0.96
N ILE D 638 31.46 -7.90 -0.98
CA ILE D 638 31.08 -9.30 -1.15
C ILE D 638 32.00 -10.21 -0.34
N SER D 639 31.39 -11.07 0.47
CA SER D 639 32.15 -12.08 1.19
C SER D 639 31.87 -13.45 0.60
N ILE D 640 32.94 -14.14 0.20
CA ILE D 640 32.82 -15.45 -0.42
C ILE D 640 33.45 -16.57 0.41
N ASP D 641 32.68 -17.64 0.61
CA ASP D 641 33.15 -18.81 1.33
C ASP D 641 33.52 -19.90 0.32
N ILE D 642 34.77 -19.90 -0.11
CA ILE D 642 35.24 -20.86 -1.11
C ILE D 642 35.59 -22.21 -0.47
N PRO D 643 35.01 -23.30 -0.99
CA PRO D 643 35.25 -24.65 -0.47
C PRO D 643 36.74 -24.96 -0.50
N ASN D 644 37.31 -25.28 0.66
CA ASN D 644 38.73 -25.62 0.74
C ASN D 644 39.10 -26.66 -0.30
N ALA D 645 38.10 -27.45 -0.69
CA ALA D 645 38.27 -28.56 -1.61
C ALA D 645 38.69 -28.17 -3.03
N ALA D 646 38.91 -26.88 -3.26
CA ALA D 646 39.32 -26.44 -4.58
C ALA D 646 40.60 -25.64 -4.54
N PHE D 647 41.15 -25.46 -3.35
CA PHE D 647 42.44 -24.80 -3.19
C PHE D 647 43.62 -25.75 -3.34
N ILE D 648 44.62 -25.34 -4.13
CA ILE D 648 45.85 -26.09 -4.22
C ILE D 648 46.93 -25.46 -3.35
N ARG D 649 47.48 -26.25 -2.42
CA ARG D 649 48.56 -25.80 -1.55
C ARG D 649 49.94 -26.20 -2.09
N THR D 650 50.72 -25.19 -2.45
CA THR D 650 52.10 -25.31 -2.95
C THR D 650 52.42 -26.69 -3.50
N SER D 651 51.48 -27.21 -4.27
CA SER D 651 51.64 -28.59 -4.68
C SER D 651 51.86 -28.65 -6.16
N ASP D 652 52.12 -27.48 -6.75
CA ASP D 652 52.63 -27.39 -8.11
C ASP D 652 54.13 -27.71 -8.10
N ALA D 653 54.47 -28.87 -8.66
CA ALA D 653 55.83 -29.41 -8.64
C ALA D 653 56.91 -28.44 -9.12
N PRO D 654 56.60 -27.62 -10.07
CA PRO D 654 57.60 -26.63 -10.50
C PRO D 654 57.84 -25.52 -9.46
N LEU D 655 59.11 -25.34 -9.07
CA LEU D 655 59.52 -24.12 -8.35
C LEU D 655 59.59 -23.02 -9.42
N VAL D 656 59.10 -21.83 -9.10
CA VAL D 656 59.13 -20.73 -10.06
C VAL D 656 60.02 -19.60 -9.55
N SER D 657 60.88 -19.07 -10.42
CA SER D 657 61.84 -18.06 -9.98
C SER D 657 62.28 -17.10 -11.10
N THR D 658 62.64 -15.89 -10.70
CA THR D 658 63.26 -14.92 -11.60
C THR D 658 62.40 -14.50 -12.79
N VAL D 659 61.23 -13.95 -12.51
CA VAL D 659 60.34 -13.49 -13.56
C VAL D 659 60.65 -12.04 -13.97
N LYS D 660 60.53 -11.76 -15.27
CA LYS D 660 60.68 -10.40 -15.78
C LYS D 660 59.58 -10.12 -16.80
N CYS D 661 59.33 -8.84 -17.06
CA CYS D 661 58.23 -8.48 -17.96
C CYS D 661 58.68 -7.63 -19.15
N GLU D 662 58.28 -8.06 -20.35
CA GLU D 662 58.52 -7.30 -21.57
C GLU D 662 57.24 -7.11 -22.36
N VAL D 663 56.98 -5.89 -22.82
CA VAL D 663 55.79 -5.62 -23.61
C VAL D 663 56.11 -5.50 -25.11
N SER D 664 55.51 -6.37 -25.90
CA SER D 664 55.72 -6.36 -27.36
C SER D 664 54.97 -5.21 -28.02
N GLU D 665 53.64 -5.26 -27.98
CA GLU D 665 52.80 -4.21 -28.56
C GLU D 665 51.81 -3.67 -27.56
N CYS D 666 51.22 -2.51 -27.88
CA CYS D 666 50.20 -1.91 -27.04
C CYS D 666 49.37 -0.87 -27.77
N THR D 667 48.08 -0.82 -27.46
CA THR D 667 47.19 0.22 -27.95
C THR D 667 46.49 0.86 -26.75
N TYR D 668 46.28 2.17 -26.81
CA TYR D 668 45.68 2.88 -25.67
C TYR D 668 44.15 2.88 -25.71
N SER D 669 43.55 2.47 -24.59
CA SER D 669 42.10 2.45 -24.42
C SER D 669 41.37 1.59 -25.47
N ALA D 670 41.88 0.40 -25.72
CA ALA D 670 41.20 -0.54 -26.61
C ALA D 670 40.65 -1.71 -25.80
N ASP D 671 40.00 -2.65 -26.48
CA ASP D 671 39.47 -3.83 -25.80
C ASP D 671 40.60 -4.66 -25.20
N PHE D 672 41.49 -5.16 -26.05
CA PHE D 672 42.66 -5.90 -25.59
C PHE D 672 43.82 -5.69 -26.55
N GLY D 673 44.34 -4.48 -26.58
CA GLY D 673 45.43 -4.14 -27.48
C GLY D 673 46.80 -4.37 -26.89
N GLY D 674 46.85 -4.73 -25.61
CA GLY D 674 48.10 -4.96 -24.93
C GLY D 674 48.69 -6.34 -25.21
N MSE D 675 50.00 -6.39 -25.36
CA MSE D 675 50.71 -7.65 -25.59
C MSE D 675 52.05 -7.66 -24.87
O MSE D 675 52.98 -6.95 -25.26
CB MSE D 675 50.92 -7.90 -27.08
CG MSE D 675 49.99 -8.95 -27.68
SE MSE D 675 50.73 -9.71 -29.31
CE MSE D 675 49.27 -10.84 -29.87
N ALA D 676 52.16 -8.48 -23.83
CA ALA D 676 53.40 -8.60 -23.07
C ALA D 676 53.84 -10.05 -22.93
N THR D 677 55.13 -10.26 -22.73
CA THR D 677 55.69 -11.60 -22.58
C THR D 677 56.52 -11.68 -21.29
N LEU D 678 56.52 -12.85 -20.67
CA LEU D 678 57.20 -13.04 -19.39
C LEU D 678 58.25 -14.15 -19.42
N GLN D 679 59.51 -13.77 -19.36
CA GLN D 679 60.61 -14.74 -19.29
C GLN D 679 60.86 -15.12 -17.84
N TYR D 680 61.34 -16.34 -17.62
CA TYR D 680 61.52 -16.85 -16.27
C TYR D 680 62.22 -18.20 -16.27
N VAL D 681 62.24 -18.86 -15.11
CA VAL D 681 62.80 -20.19 -14.97
C VAL D 681 61.96 -21.01 -13.99
N SER D 682 61.45 -22.15 -14.45
CA SER D 682 60.63 -23.01 -13.60
C SER D 682 61.22 -24.42 -13.52
N ASP D 683 61.10 -25.03 -12.35
CA ASP D 683 61.61 -26.39 -12.12
C ASP D 683 60.89 -27.42 -12.99
N ARG D 684 59.56 -27.37 -13.00
CA ARG D 684 58.76 -28.31 -13.78
C ARG D 684 57.58 -27.61 -14.45
N GLU D 685 56.57 -28.39 -14.82
CA GLU D 685 55.37 -27.84 -15.44
C GLU D 685 54.21 -27.73 -14.46
N GLY D 686 53.33 -26.77 -14.72
CA GLY D 686 52.17 -26.54 -13.87
C GLY D 686 51.20 -25.54 -14.48
N GLN D 687 50.38 -24.93 -13.63
CA GLN D 687 49.41 -23.95 -14.10
C GLN D 687 49.36 -22.74 -13.16
N CYS D 688 49.84 -21.60 -13.63
CA CYS D 688 49.87 -20.38 -12.83
C CYS D 688 48.67 -19.48 -13.07
N PRO D 689 48.25 -18.75 -12.03
CA PRO D 689 47.24 -17.71 -12.17
C PRO D 689 47.89 -16.34 -12.33
N VAL D 690 47.65 -15.70 -13.47
CA VAL D 690 48.22 -14.38 -13.75
C VAL D 690 47.20 -13.28 -13.48
N HIS D 691 47.65 -12.22 -12.81
CA HIS D 691 46.75 -11.16 -12.37
C HIS D 691 47.53 -9.88 -12.12
N SER D 692 46.88 -8.73 -12.32
CA SER D 692 47.52 -7.43 -12.14
C SER D 692 47.17 -6.80 -10.79
N HIS D 693 48.19 -6.36 -10.05
CA HIS D 693 47.97 -5.76 -8.74
C HIS D 693 47.88 -4.24 -8.80
N SER D 694 47.27 -3.73 -9.85
CA SER D 694 47.06 -2.30 -10.02
C SER D 694 45.99 -2.05 -11.07
N SER D 695 45.00 -1.24 -10.72
CA SER D 695 43.85 -1.02 -11.60
C SER D 695 44.21 -0.32 -12.90
N THR D 696 45.44 0.18 -12.99
CA THR D 696 45.88 0.88 -14.19
C THR D 696 45.88 -0.04 -15.41
N ALA D 697 45.68 -1.32 -15.16
CA ALA D 697 45.64 -2.33 -16.22
C ALA D 697 45.01 -3.63 -15.72
N THR D 698 44.39 -4.38 -16.63
CA THR D 698 43.81 -5.68 -16.31
C THR D 698 44.10 -6.70 -17.40
N LEU D 699 44.29 -7.96 -17.01
CA LEU D 699 44.68 -9.01 -17.96
C LEU D 699 43.47 -9.71 -18.56
N GLN D 700 43.58 -10.11 -19.82
CA GLN D 700 42.48 -10.78 -20.51
C GLN D 700 42.30 -12.20 -19.99
N GLU D 701 43.41 -12.82 -19.59
CA GLU D 701 43.37 -14.18 -19.07
C GLU D 701 43.87 -14.20 -17.63
N SER D 702 43.37 -15.16 -16.85
CA SER D 702 43.72 -15.25 -15.44
C SER D 702 44.59 -16.46 -15.12
N THR D 703 44.64 -17.43 -16.04
CA THR D 703 45.51 -18.59 -15.85
C THR D 703 46.45 -18.77 -17.05
N VAL D 704 47.59 -19.43 -16.80
CA VAL D 704 48.57 -19.70 -17.85
C VAL D 704 49.28 -21.03 -17.62
N HIS D 705 49.47 -21.78 -18.70
CA HIS D 705 50.16 -23.06 -18.63
C HIS D 705 51.68 -22.88 -18.67
N VAL D 706 52.27 -22.76 -17.50
CA VAL D 706 53.71 -22.55 -17.40
C VAL D 706 54.50 -23.79 -17.83
N LEU D 707 55.38 -23.60 -18.81
CA LEU D 707 56.27 -24.66 -19.26
C LEU D 707 57.68 -24.40 -18.75
N GLU D 708 58.61 -25.27 -19.12
CA GLU D 708 60.00 -25.10 -18.72
C GLU D 708 60.71 -24.11 -19.64
N LYS D 709 60.11 -23.84 -20.80
CA LYS D 709 60.67 -22.94 -21.79
C LYS D 709 61.10 -21.61 -21.17
N GLY D 710 60.26 -21.08 -20.30
CA GLY D 710 60.51 -19.79 -19.68
C GLY D 710 60.04 -18.64 -20.54
N ALA D 711 58.88 -18.83 -21.18
CA ALA D 711 58.28 -17.80 -22.01
C ALA D 711 56.76 -17.85 -21.97
N VAL D 712 56.14 -16.79 -21.47
CA VAL D 712 54.69 -16.72 -21.36
C VAL D 712 54.14 -15.45 -21.99
N THR D 713 53.28 -15.63 -22.99
CA THR D 713 52.66 -14.50 -23.67
C THR D 713 51.25 -14.25 -23.12
N VAL D 714 50.99 -13.00 -22.76
CA VAL D 714 49.69 -12.63 -22.18
C VAL D 714 49.13 -11.35 -22.80
N HIS D 715 47.81 -11.28 -22.91
CA HIS D 715 47.14 -10.10 -23.45
C HIS D 715 46.52 -9.26 -22.32
N PHE D 716 46.60 -7.94 -22.45
CA PHE D 716 46.05 -7.04 -21.45
C PHE D 716 45.37 -5.82 -22.06
N SER D 717 44.67 -5.06 -21.22
CA SER D 717 43.96 -3.86 -21.67
C SER D 717 44.19 -2.70 -20.71
N THR D 718 44.33 -1.51 -21.27
CA THR D 718 44.56 -0.32 -20.46
C THR D 718 43.84 0.89 -21.06
N ALA D 719 44.17 2.07 -20.56
CA ALA D 719 43.61 3.31 -21.07
C ALA D 719 44.53 4.47 -20.72
N SER D 720 45.83 4.27 -20.97
CA SER D 720 46.84 5.25 -20.61
C SER D 720 47.99 5.23 -21.61
N PRO D 721 48.82 6.29 -21.63
CA PRO D 721 49.93 6.35 -22.57
C PRO D 721 51.14 5.56 -22.07
N GLN D 722 51.66 5.93 -20.91
CA GLN D 722 52.78 5.22 -20.30
C GLN D 722 52.40 4.67 -18.94
N ALA D 723 51.89 3.44 -18.93
CA ALA D 723 51.35 2.84 -17.71
C ALA D 723 52.39 2.08 -16.90
N ASN D 724 52.12 1.94 -15.60
CA ASN D 724 52.97 1.20 -14.69
C ASN D 724 52.14 0.26 -13.83
N PHE D 725 52.26 -1.04 -14.10
CA PHE D 725 51.48 -2.03 -13.36
C PHE D 725 52.30 -3.25 -12.91
N ILE D 726 51.93 -3.80 -11.77
CA ILE D 726 52.61 -4.96 -11.19
C ILE D 726 51.89 -6.27 -11.51
N VAL D 727 52.39 -6.98 -12.50
CA VAL D 727 51.82 -8.28 -12.89
C VAL D 727 52.38 -9.40 -12.00
N SER D 728 51.57 -10.41 -11.74
CA SER D 728 51.97 -11.49 -10.85
C SER D 728 51.68 -12.90 -11.41
N LEU D 729 52.74 -13.68 -11.58
CA LEU D 729 52.60 -15.09 -11.92
C LEU D 729 52.54 -15.87 -10.62
N CYS D 730 52.17 -17.15 -10.72
CA CYS D 730 52.04 -18.01 -9.54
C CYS D 730 52.26 -17.27 -8.23
N GLY D 731 53.51 -17.25 -7.77
CA GLY D 731 53.85 -16.55 -6.55
C GLY D 731 54.69 -15.30 -6.77
N LYS D 732 55.34 -15.24 -7.93
CA LYS D 732 56.26 -14.14 -8.22
C LYS D 732 55.55 -12.88 -8.71
N LYS D 733 56.24 -11.75 -8.61
CA LYS D 733 55.70 -10.47 -9.07
C LYS D 733 56.77 -9.70 -9.83
N THR D 734 56.34 -8.89 -10.80
CA THR D 734 57.27 -8.06 -11.58
C THR D 734 56.67 -6.69 -11.88
N THR D 735 57.28 -6.00 -12.84
CA THR D 735 56.77 -4.71 -13.29
C THR D 735 56.94 -4.60 -14.81
N CYS D 736 55.94 -4.02 -15.47
CA CYS D 736 55.96 -3.90 -16.93
C CYS D 736 55.92 -2.44 -17.38
N ASN D 737 56.32 -2.19 -18.62
CA ASN D 737 56.33 -0.84 -19.17
C ASN D 737 56.29 -0.80 -20.69
N ALA D 738 55.66 0.25 -21.22
CA ALA D 738 55.54 0.46 -22.65
C ALA D 738 54.76 1.74 -22.93
N GLU D 739 54.82 2.20 -24.17
CA GLU D 739 54.08 3.39 -24.58
C GLU D 739 52.97 3.00 -25.55
N CYS D 740 51.78 3.58 -25.36
CA CYS D 740 50.62 3.19 -26.15
C CYS D 740 49.94 4.40 -26.79
N PHE E 6 -43.65 34.86 -61.96
CA PHE E 6 -43.13 34.50 -63.28
C PHE E 6 -41.95 35.40 -63.64
N THR E 7 -41.08 34.93 -64.53
CA THR E 7 -39.88 35.69 -64.87
C THR E 7 -39.98 36.41 -66.20
N LEU E 8 -39.20 37.47 -66.33
CA LEU E 8 -39.18 38.29 -67.53
C LEU E 8 -37.79 38.23 -68.15
N THR E 9 -36.89 37.52 -67.48
CA THR E 9 -35.51 37.40 -67.92
C THR E 9 -35.04 35.95 -67.80
N SER E 10 -34.07 35.55 -68.62
CA SER E 10 -33.64 34.15 -68.67
C SER E 10 -32.15 33.93 -68.38
N PRO E 11 -31.77 32.68 -68.05
CA PRO E 11 -30.38 32.35 -67.72
C PRO E 11 -29.44 32.65 -68.88
N TYR E 12 -28.26 33.20 -68.59
CA TYR E 12 -27.28 33.52 -69.63
C TYR E 12 -26.00 32.67 -69.50
N LEU E 13 -25.04 32.93 -70.39
CA LEU E 13 -23.72 32.27 -70.34
C LEU E 13 -22.61 33.28 -70.06
N GLY E 14 -21.61 32.86 -69.29
CA GLY E 14 -20.55 33.77 -68.91
C GLY E 14 -19.18 33.11 -68.87
N THR E 15 -18.16 33.89 -69.20
CA THR E 15 -16.79 33.39 -69.17
C THR E 15 -16.37 33.04 -67.74
N CYS E 16 -15.89 31.81 -67.56
CA CYS E 16 -15.37 31.38 -66.25
C CYS E 16 -13.89 31.02 -66.40
N SER E 17 -13.18 30.91 -65.28
CA SER E 17 -11.74 30.63 -65.32
C SER E 17 -11.38 29.20 -64.95
N TYR E 18 -12.32 28.47 -64.39
CA TYR E 18 -12.09 27.07 -64.06
C TYR E 18 -13.39 26.29 -64.21
N CYS E 19 -13.41 25.30 -65.10
CA CYS E 19 -14.64 24.58 -65.41
C CYS E 19 -14.50 23.05 -65.50
N HIS E 20 -14.42 22.39 -64.35
CA HIS E 20 -14.28 20.93 -64.30
C HIS E 20 -12.95 20.49 -64.90
N HIS E 21 -12.43 21.32 -65.80
CA HIS E 21 -11.06 21.20 -66.29
C HIS E 21 -10.46 22.56 -66.02
N THR E 22 -9.27 22.58 -65.45
CA THR E 22 -8.67 23.83 -64.99
C THR E 22 -8.70 24.94 -66.05
N VAL E 23 -9.02 24.58 -67.30
CA VAL E 23 -9.04 25.54 -68.40
C VAL E 23 -10.28 26.45 -68.35
N PRO E 24 -10.08 27.77 -68.54
CA PRO E 24 -11.16 28.76 -68.56
C PRO E 24 -12.16 28.45 -69.68
N CYS E 25 -13.45 28.58 -69.40
CA CYS E 25 -14.46 28.22 -70.36
C CYS E 25 -15.49 29.31 -70.54
N PHE E 26 -16.65 28.92 -71.08
CA PHE E 26 -17.69 29.87 -71.41
C PHE E 26 -19.01 29.20 -71.03
N SER E 27 -19.15 28.87 -69.76
CA SER E 27 -20.27 28.04 -69.30
C SER E 27 -21.40 28.79 -68.60
N PRO E 28 -22.55 28.14 -68.40
CA PRO E 28 -23.58 28.71 -67.54
C PRO E 28 -23.07 28.61 -66.13
N VAL E 29 -23.90 28.92 -65.14
CA VAL E 29 -23.46 28.79 -63.76
C VAL E 29 -22.21 29.66 -63.51
N LYS E 30 -22.05 30.71 -64.32
CA LYS E 30 -20.90 31.59 -64.18
C LYS E 30 -21.07 32.39 -62.90
N ILE E 31 -20.04 32.36 -62.06
CA ILE E 31 -20.09 33.09 -60.79
C ILE E 31 -19.64 34.53 -61.01
N GLU E 32 -20.53 35.47 -60.72
CA GLU E 32 -20.27 36.88 -60.97
C GLU E 32 -19.78 37.60 -59.72
N GLN E 33 -20.45 37.35 -58.61
CA GLN E 33 -20.03 37.89 -57.31
C GLN E 33 -20.36 36.90 -56.19
N VAL E 34 -19.90 37.25 -54.99
CA VAL E 34 -20.21 36.46 -53.82
C VAL E 34 -20.18 37.36 -52.59
N TRP E 35 -21.00 37.05 -51.58
CA TRP E 35 -21.02 37.85 -50.35
C TRP E 35 -20.67 37.05 -49.10
N ASP E 36 -19.69 37.57 -48.38
CA ASP E 36 -19.13 36.93 -47.21
C ASP E 36 -19.07 37.99 -46.14
N GLU E 37 -20.23 38.34 -45.60
CA GLU E 37 -20.30 39.48 -44.68
C GLU E 37 -21.07 39.14 -43.41
N ALA E 38 -21.84 38.06 -43.45
CA ALA E 38 -22.63 37.66 -42.30
C ALA E 38 -21.73 37.35 -41.11
N ASP E 39 -22.26 37.50 -39.91
CA ASP E 39 -21.58 37.04 -38.71
C ASP E 39 -21.75 35.54 -38.71
N ASP E 40 -22.90 35.11 -39.23
CA ASP E 40 -23.20 33.71 -39.44
C ASP E 40 -22.20 33.17 -40.45
N ASN E 41 -22.04 31.87 -40.48
CA ASN E 41 -21.13 31.25 -41.42
C ASN E 41 -21.76 31.01 -42.81
N THR E 42 -22.62 31.94 -43.24
CA THR E 42 -23.38 31.75 -44.49
C THR E 42 -22.82 32.54 -45.68
N ILE E 43 -23.21 32.11 -46.88
CA ILE E 43 -22.68 32.70 -48.12
C ILE E 43 -23.79 33.03 -49.13
N ARG E 44 -23.65 34.16 -49.82
CA ARG E 44 -24.55 34.50 -50.91
C ARG E 44 -23.80 34.44 -52.24
N ILE E 45 -24.32 33.64 -53.17
CA ILE E 45 -23.68 33.40 -54.46
C ILE E 45 -24.53 33.94 -55.61
N GLN E 46 -23.88 34.62 -56.55
CA GLN E 46 -24.61 35.14 -57.71
C GLN E 46 -24.19 34.46 -59.00
N THR E 47 -25.03 33.55 -59.49
CA THR E 47 -24.72 32.77 -60.67
C THR E 47 -25.44 33.31 -61.92
N SER E 48 -25.25 32.60 -63.03
CA SER E 48 -25.82 33.01 -64.30
C SER E 48 -27.06 32.19 -64.64
N ALA E 49 -27.32 31.16 -63.86
CA ALA E 49 -28.46 30.28 -64.11
C ALA E 49 -29.68 30.62 -63.25
N GLN E 50 -30.87 30.37 -63.79
CA GLN E 50 -32.11 30.62 -63.06
C GLN E 50 -32.64 29.37 -62.37
N PHE E 51 -33.14 29.57 -61.15
CA PHE E 51 -33.72 28.50 -60.34
C PHE E 51 -35.20 28.81 -60.05
N GLY E 52 -35.99 27.77 -59.78
CA GLY E 52 -37.39 27.93 -59.44
C GLY E 52 -38.33 27.95 -60.64
N TYR E 53 -37.77 27.76 -61.83
CA TYR E 53 -38.55 27.82 -63.06
C TYR E 53 -38.17 26.68 -64.01
N ASP E 54 -39.12 26.26 -64.83
CA ASP E 54 -38.90 25.16 -65.77
C ASP E 54 -38.41 25.61 -67.15
N GLN E 55 -39.23 25.43 -68.17
CA GLN E 55 -38.90 25.92 -69.50
C GLN E 55 -39.19 27.42 -69.56
N SER E 56 -40.38 27.79 -69.09
CA SER E 56 -40.76 29.20 -68.95
C SER E 56 -40.55 29.65 -67.51
N GLY E 57 -40.80 30.94 -67.25
CA GLY E 57 -40.64 31.50 -65.92
C GLY E 57 -41.80 31.12 -65.02
N ALA E 58 -41.84 29.86 -64.62
CA ALA E 58 -43.02 29.35 -63.93
C ALA E 58 -42.78 29.16 -62.44
N ALA E 59 -43.54 28.27 -61.82
CA ALA E 59 -43.44 28.13 -60.36
C ALA E 59 -43.08 26.70 -60.01
N SER E 60 -41.88 26.31 -60.39
CA SER E 60 -41.38 25.00 -60.04
C SER E 60 -40.46 25.10 -58.82
N ALA E 61 -41.01 24.75 -57.68
CA ALA E 61 -40.28 24.77 -56.42
C ALA E 61 -38.93 24.04 -56.52
N ASN E 62 -38.87 23.03 -57.38
CA ASN E 62 -37.67 22.22 -57.49
C ASN E 62 -37.18 22.04 -58.93
N LYS E 63 -37.03 23.16 -59.63
CA LYS E 63 -36.55 23.14 -61.01
C LYS E 63 -35.73 24.38 -61.32
N TYR E 64 -34.72 24.21 -62.17
CA TYR E 64 -33.91 25.33 -62.61
C TYR E 64 -33.85 25.30 -64.13
N ARG E 65 -33.31 26.36 -64.72
CA ARG E 65 -33.07 26.37 -66.15
C ARG E 65 -31.78 27.13 -66.45
N TYR E 66 -31.22 26.87 -67.63
CA TYR E 66 -29.90 27.38 -67.98
C TYR E 66 -29.75 27.43 -69.49
N MSE E 67 -28.70 28.09 -69.97
CA MSE E 67 -28.39 28.08 -71.38
C MSE E 67 -27.89 26.68 -71.76
O MSE E 67 -27.75 25.82 -70.90
CB MSE E 67 -27.36 29.14 -71.73
CG MSE E 67 -27.92 30.53 -71.70
SE MSE E 67 -28.76 30.97 -73.42
CE MSE E 67 -27.30 32.09 -74.09
N SER E 68 -27.61 26.48 -73.05
CA SER E 68 -27.26 25.15 -73.52
C SER E 68 -25.75 24.90 -73.48
N LEU E 69 -25.36 23.66 -73.69
CA LEU E 69 -23.96 23.29 -73.74
C LEU E 69 -23.40 23.97 -74.98
N LYS E 70 -24.25 24.06 -76.00
CA LYS E 70 -23.88 24.74 -77.23
C LYS E 70 -24.16 26.24 -77.11
N GLN E 71 -25.03 26.78 -77.97
CA GLN E 71 -25.40 28.20 -77.88
C GLN E 71 -26.69 28.51 -78.64
N ASP E 72 -27.46 27.47 -78.91
CA ASP E 72 -28.63 27.58 -79.78
C ASP E 72 -29.76 28.38 -79.12
N HIS E 73 -29.45 29.04 -78.02
CA HIS E 73 -30.46 29.73 -77.23
C HIS E 73 -31.44 28.71 -76.67
N THR E 74 -31.07 27.43 -76.78
CA THR E 74 -31.87 26.38 -76.20
C THR E 74 -31.78 26.48 -74.68
N VAL E 75 -32.86 26.96 -74.06
CA VAL E 75 -32.89 27.07 -72.61
C VAL E 75 -33.51 25.82 -72.01
N LYS E 76 -32.75 24.73 -72.00
CA LYS E 76 -33.25 23.47 -71.44
C LYS E 76 -33.22 23.52 -69.91
N GLU E 77 -33.94 22.59 -69.30
CA GLU E 77 -34.20 22.62 -67.87
C GLU E 77 -33.78 21.33 -67.19
N GLY E 78 -33.58 21.41 -65.88
CA GLY E 78 -33.32 20.25 -65.07
C GLY E 78 -34.08 20.32 -63.76
N THR E 79 -33.78 19.40 -62.85
CA THR E 79 -34.38 19.42 -61.53
C THR E 79 -33.41 20.05 -60.52
N MSE E 80 -33.91 21.01 -59.74
CA MSE E 80 -33.12 21.66 -58.70
C MSE E 80 -32.50 20.64 -57.77
O MSE E 80 -31.83 20.99 -56.79
CB MSE E 80 -34.01 22.59 -57.89
CG MSE E 80 -34.23 23.95 -58.52
SE MSE E 80 -32.65 25.05 -58.32
CE MSE E 80 -31.55 23.87 -57.24
N ASP E 81 -32.72 19.38 -58.10
CA ASP E 81 -32.26 18.26 -57.30
C ASP E 81 -30.77 18.00 -57.52
N ASP E 82 -30.29 18.27 -58.74
CA ASP E 82 -28.93 17.87 -59.12
C ASP E 82 -27.93 19.03 -59.16
N ILE E 83 -28.28 20.14 -58.50
CA ILE E 83 -27.38 21.28 -58.41
C ILE E 83 -26.75 21.35 -57.03
N LYS E 84 -25.44 21.23 -56.96
CA LYS E 84 -24.76 21.20 -55.68
C LYS E 84 -23.62 22.20 -55.62
N ILE E 85 -23.43 22.80 -54.45
CA ILE E 85 -22.36 23.75 -54.24
C ILE E 85 -21.22 23.09 -53.49
N SER E 86 -20.03 23.64 -53.63
CA SER E 86 -18.88 23.16 -52.90
C SER E 86 -17.81 24.23 -52.89
N THR E 87 -17.01 24.25 -51.83
CA THR E 87 -15.85 25.14 -51.77
C THR E 87 -14.58 24.32 -51.67
N SER E 88 -14.37 23.68 -50.52
CA SER E 88 -13.32 22.69 -50.37
C SER E 88 -13.91 21.47 -49.71
N GLY E 89 -15.23 21.37 -49.73
CA GLY E 89 -15.92 20.24 -49.16
C GLY E 89 -17.39 20.27 -49.55
N PRO E 90 -18.23 19.58 -48.77
CA PRO E 90 -19.65 19.65 -49.09
C PRO E 90 -20.15 21.08 -48.87
N CYS E 91 -21.31 21.41 -49.43
CA CYS E 91 -22.00 22.65 -49.09
C CYS E 91 -23.48 22.38 -49.21
N ARG E 92 -24.23 22.80 -48.20
CA ARG E 92 -25.67 22.58 -48.25
C ARG E 92 -26.38 23.91 -48.51
N ARG E 93 -27.12 24.00 -49.61
CA ARG E 93 -27.88 25.23 -49.87
C ARG E 93 -28.97 25.42 -48.83
N LEU E 94 -29.62 26.57 -48.88
CA LEU E 94 -30.77 26.83 -48.03
C LEU E 94 -31.89 27.40 -48.89
N SER E 95 -31.57 28.36 -49.74
CA SER E 95 -32.59 29.01 -50.54
C SER E 95 -32.15 29.24 -51.99
N TYR E 96 -33.14 29.25 -52.90
CA TYR E 96 -32.91 29.60 -54.29
C TYR E 96 -33.62 30.90 -54.59
N LYS E 97 -32.91 31.85 -55.19
CA LYS E 97 -33.54 33.12 -55.53
C LYS E 97 -33.31 33.48 -57.00
N GLY E 98 -33.84 32.67 -57.90
CA GLY E 98 -33.71 32.95 -59.32
C GLY E 98 -32.27 32.82 -59.78
N TYR E 99 -31.53 33.91 -59.73
CA TYR E 99 -30.12 33.90 -60.13
C TYR E 99 -29.19 33.63 -58.96
N PHE E 100 -29.75 33.64 -57.75
CA PHE E 100 -28.93 33.64 -56.53
C PHE E 100 -28.99 32.31 -55.78
N LEU E 101 -27.86 31.98 -55.15
CA LEU E 101 -27.77 30.85 -54.24
C LEU E 101 -27.41 31.35 -52.83
N LEU E 102 -27.65 30.51 -51.84
CA LEU E 102 -27.28 30.86 -50.49
C LEU E 102 -27.04 29.58 -49.71
N ALA E 103 -25.80 29.39 -49.27
CA ALA E 103 -25.43 28.15 -48.61
C ALA E 103 -24.47 28.41 -47.46
N LYS E 104 -24.23 27.36 -46.68
CA LYS E 104 -23.22 27.37 -45.64
C LYS E 104 -22.10 26.47 -46.13
N CYS E 105 -20.92 27.04 -46.26
CA CYS E 105 -19.77 26.31 -46.75
C CYS E 105 -18.62 26.35 -45.76
N PRO E 106 -17.68 25.41 -45.89
CA PRO E 106 -16.65 25.18 -44.87
C PRO E 106 -15.40 26.08 -44.94
N PRO E 107 -14.38 25.67 -45.70
CA PRO E 107 -13.09 26.34 -45.51
C PRO E 107 -13.14 27.76 -46.06
N GLY E 108 -12.94 27.87 -47.38
CA GLY E 108 -13.03 29.14 -48.07
C GLY E 108 -11.82 29.50 -48.91
N ASP E 109 -11.38 28.59 -49.78
CA ASP E 109 -10.31 28.92 -50.71
C ASP E 109 -10.84 29.37 -52.08
N SER E 110 -11.82 28.64 -52.60
CA SER E 110 -12.55 29.04 -53.80
C SER E 110 -14.02 28.62 -53.68
N VAL E 111 -14.81 28.94 -54.69
CA VAL E 111 -16.22 28.53 -54.67
C VAL E 111 -16.58 27.89 -56.00
N THR E 112 -17.23 26.74 -55.93
CA THR E 112 -17.53 25.99 -57.12
C THR E 112 -19.00 25.62 -57.20
N VAL E 113 -19.70 26.16 -58.18
CA VAL E 113 -21.09 25.80 -58.42
C VAL E 113 -21.18 24.93 -59.66
N SER E 114 -21.81 23.77 -59.55
CA SER E 114 -21.84 22.83 -60.65
C SER E 114 -23.13 22.05 -60.75
N ILE E 115 -23.34 21.46 -61.93
CA ILE E 115 -24.48 20.58 -62.16
C ILE E 115 -23.96 19.17 -62.41
N VAL E 116 -24.45 18.20 -61.63
CA VAL E 116 -24.06 16.80 -61.80
C VAL E 116 -25.22 15.94 -62.28
N SER E 117 -25.88 16.39 -63.35
CA SER E 117 -27.09 15.74 -63.85
C SER E 117 -26.83 14.34 -64.42
N SER E 118 -27.18 14.14 -65.70
CA SER E 118 -27.04 12.84 -66.34
C SER E 118 -25.70 12.66 -67.06
N ASN E 119 -24.61 12.66 -66.29
CA ASN E 119 -23.25 12.46 -66.80
C ASN E 119 -22.55 13.73 -67.34
N SER E 120 -23.34 14.63 -67.92
CA SER E 120 -22.83 15.95 -68.35
C SER E 120 -22.56 16.84 -67.15
N ALA E 121 -21.31 17.24 -66.97
CA ALA E 121 -20.89 17.98 -65.78
C ALA E 121 -20.23 19.31 -66.10
N THR E 122 -20.99 20.38 -66.00
CA THR E 122 -20.44 21.73 -66.10
C THR E 122 -20.31 22.32 -64.70
N SER E 123 -19.23 23.05 -64.46
CA SER E 123 -19.00 23.69 -63.16
C SER E 123 -18.11 24.91 -63.29
N CYS E 124 -18.62 26.06 -62.92
CA CYS E 124 -17.76 27.23 -62.80
C CYS E 124 -17.29 27.33 -61.35
N THR E 125 -16.06 27.81 -61.16
CA THR E 125 -15.56 28.04 -59.81
C THR E 125 -14.81 29.37 -59.73
N LEU E 126 -14.89 30.02 -58.58
CA LEU E 126 -14.36 31.36 -58.43
C LEU E 126 -13.27 31.42 -57.38
N ALA E 127 -12.30 32.29 -57.61
CA ALA E 127 -11.16 32.43 -56.73
C ALA E 127 -11.42 33.39 -55.58
N ARG E 128 -12.45 33.13 -54.78
CA ARG E 128 -12.69 33.98 -53.63
C ARG E 128 -12.32 33.26 -52.34
N LYS E 129 -11.93 34.04 -51.33
CA LYS E 129 -11.47 33.48 -50.06
C LYS E 129 -12.46 33.72 -48.92
N ILE E 130 -13.05 32.62 -48.44
CA ILE E 130 -13.92 32.67 -47.27
C ILE E 130 -13.12 32.35 -46.00
N LYS E 131 -13.48 32.98 -44.90
CA LYS E 131 -12.75 32.78 -43.66
C LYS E 131 -13.65 32.19 -42.60
N PRO E 132 -13.08 31.42 -41.68
CA PRO E 132 -13.86 30.87 -40.58
C PRO E 132 -14.46 32.00 -39.74
N LYS E 133 -15.78 32.06 -39.67
CA LYS E 133 -16.45 33.11 -38.92
C LYS E 133 -17.11 32.58 -37.66
N PHE E 134 -16.69 33.09 -36.51
CA PHE E 134 -17.43 32.85 -35.27
C PHE E 134 -17.63 34.18 -34.53
N VAL E 135 -18.88 34.44 -34.18
CA VAL E 135 -19.28 35.72 -33.61
C VAL E 135 -18.86 35.92 -32.15
N GLY E 136 -19.15 34.96 -31.29
CA GLY E 136 -18.91 35.11 -29.87
C GLY E 136 -17.51 35.55 -29.45
N ARG E 137 -17.28 35.58 -28.14
CA ARG E 137 -15.93 35.65 -27.62
C ARG E 137 -15.48 34.23 -27.35
N GLU E 138 -16.28 33.29 -27.83
CA GLU E 138 -15.92 31.88 -27.73
C GLU E 138 -15.93 31.22 -29.10
N LYS E 139 -14.78 30.63 -29.43
CA LYS E 139 -14.56 29.90 -30.67
C LYS E 139 -15.43 28.66 -30.77
N TYR E 140 -16.20 28.57 -31.86
CA TYR E 140 -17.01 27.39 -32.14
C TYR E 140 -17.02 27.10 -33.64
N ASP E 141 -17.28 25.84 -33.99
CA ASP E 141 -17.30 25.43 -35.38
C ASP E 141 -18.71 25.02 -35.75
N LEU E 142 -19.57 25.05 -34.74
CA LEU E 142 -20.99 24.75 -34.89
C LEU E 142 -21.79 25.37 -33.74
N PRO E 143 -22.91 26.02 -34.07
CA PRO E 143 -23.79 26.60 -33.07
C PRO E 143 -24.18 25.50 -32.10
N PRO E 144 -24.02 25.74 -30.79
CA PRO E 144 -24.36 24.73 -29.78
C PRO E 144 -25.88 24.50 -29.65
N VAL E 145 -26.26 23.27 -29.31
CA VAL E 145 -27.64 22.97 -28.95
C VAL E 145 -27.92 23.77 -27.70
N HIS E 146 -26.84 24.12 -27.02
CA HIS E 146 -26.86 24.74 -25.71
C HIS E 146 -26.62 26.23 -25.87
N GLY E 147 -26.16 26.87 -24.80
CA GLY E 147 -25.60 28.20 -24.90
C GLY E 147 -26.54 29.39 -25.13
N LYS E 148 -25.91 30.55 -25.24
CA LYS E 148 -26.54 31.87 -25.17
C LYS E 148 -27.07 32.37 -26.51
N LYS E 149 -27.99 33.34 -26.46
CA LYS E 149 -28.40 34.06 -27.68
C LYS E 149 -27.74 35.44 -27.73
N ILE E 150 -27.18 35.78 -28.88
CA ILE E 150 -26.41 37.01 -29.01
C ILE E 150 -26.84 37.83 -30.23
N PRO E 151 -26.62 39.14 -30.18
CA PRO E 151 -26.90 39.95 -31.37
C PRO E 151 -25.93 39.55 -32.47
N CYS E 152 -26.46 39.31 -33.65
CA CYS E 152 -25.63 39.05 -34.83
C CYS E 152 -26.43 39.41 -36.08
N THR E 153 -25.76 39.51 -37.22
CA THR E 153 -26.48 39.71 -38.47
C THR E 153 -26.33 38.47 -39.33
N VAL E 154 -27.26 38.26 -40.26
CA VAL E 154 -27.25 37.07 -41.11
C VAL E 154 -28.17 37.24 -42.33
N TYR E 155 -28.00 36.40 -43.35
CA TYR E 155 -28.79 36.52 -44.56
C TYR E 155 -30.19 35.94 -44.38
N ASP E 156 -31.17 36.59 -45.00
CA ASP E 156 -32.55 36.13 -44.94
C ASP E 156 -32.75 34.78 -45.63
N ARG E 157 -33.93 34.21 -45.49
CA ARG E 157 -34.26 32.95 -46.15
C ARG E 157 -35.69 32.97 -46.67
N LEU E 158 -36.20 34.17 -46.95
CA LEU E 158 -37.55 34.36 -47.48
C LEU E 158 -37.55 35.27 -48.69
N LEU E 255 -29.98 46.31 -58.73
CA LEU E 255 -30.83 46.75 -57.62
C LEU E 255 -31.14 45.63 -56.61
N HIS E 256 -32.17 45.83 -55.79
CA HIS E 256 -32.55 44.93 -54.70
C HIS E 256 -33.32 43.68 -55.12
N LEU E 257 -32.60 42.57 -55.21
CA LEU E 257 -33.20 41.24 -55.43
C LEU E 257 -32.51 40.09 -54.67
N PRO E 258 -31.48 40.37 -53.86
CA PRO E 258 -30.80 39.23 -53.26
C PRO E 258 -31.50 38.75 -51.98
N PHE E 259 -30.77 38.02 -51.14
CA PHE E 259 -31.20 37.70 -49.78
C PHE E 259 -30.64 38.74 -48.82
N LYS E 260 -31.49 39.65 -48.37
CA LYS E 260 -31.01 40.81 -47.60
C LYS E 260 -30.32 40.44 -46.29
N LEU E 261 -29.58 41.40 -45.73
CA LEU E 261 -28.82 41.17 -44.51
C LEU E 261 -29.52 41.78 -43.29
N ILE E 262 -30.25 40.96 -42.56
CA ILE E 262 -30.96 41.40 -41.37
C ILE E 262 -30.19 41.10 -40.10
N PRO E 263 -30.25 42.00 -39.11
CA PRO E 263 -29.73 41.69 -37.78
C PRO E 263 -30.68 40.75 -37.06
N SER E 264 -30.12 39.80 -36.29
CA SER E 264 -30.94 38.90 -35.49
C SER E 264 -30.14 38.27 -34.34
N THR E 265 -30.43 37.00 -34.04
CA THR E 265 -29.81 36.36 -32.90
C THR E 265 -29.06 35.08 -33.27
N CYS E 266 -27.83 34.98 -32.79
CA CYS E 266 -27.01 33.79 -32.99
C CYS E 266 -26.63 33.16 -31.66
N MSE E 267 -26.55 31.84 -31.66
CA MSE E 267 -26.24 31.09 -30.46
C MSE E 267 -24.74 30.85 -30.29
O MSE E 267 -24.13 30.06 -31.02
CB MSE E 267 -26.97 29.75 -30.49
CG MSE E 267 -27.77 29.46 -29.23
SE MSE E 267 -29.07 28.05 -29.53
CE MSE E 267 -29.83 28.00 -27.73
N VAL E 268 -24.15 31.53 -29.32
CA VAL E 268 -22.76 31.29 -28.98
C VAL E 268 -22.71 30.35 -27.77
N PRO E 269 -21.61 29.60 -27.60
CA PRO E 269 -21.52 28.76 -26.41
C PRO E 269 -21.14 29.59 -25.20
N VAL E 270 -21.40 29.10 -24.01
CA VAL E 270 -20.96 29.78 -22.81
C VAL E 270 -19.90 28.94 -22.10
N ALA E 271 -18.83 29.59 -21.65
CA ALA E 271 -17.65 28.89 -21.18
C ALA E 271 -17.86 28.27 -19.81
N HIS E 272 -17.00 27.31 -19.45
CA HIS E 272 -17.08 26.63 -18.17
C HIS E 272 -16.62 27.53 -17.02
N ALA E 273 -17.59 28.14 -16.35
CA ALA E 273 -17.35 29.02 -15.22
C ALA E 273 -16.00 28.76 -14.52
N PRO E 274 -15.13 29.76 -14.50
CA PRO E 274 -13.82 29.63 -13.84
C PRO E 274 -13.98 29.42 -12.37
N ASN E 275 -13.33 28.39 -11.83
CA ASN E 275 -13.25 28.24 -10.40
C ASN E 275 -12.34 29.31 -9.79
N VAL E 276 -12.96 30.32 -9.16
CA VAL E 276 -12.24 31.49 -8.69
C VAL E 276 -11.80 31.37 -7.27
N ILE E 277 -10.71 32.04 -6.93
CA ILE E 277 -10.18 31.98 -5.59
C ILE E 277 -9.71 33.34 -5.13
N HIS E 278 -10.45 33.89 -4.18
CA HIS E 278 -10.16 35.22 -3.66
C HIS E 278 -9.08 35.11 -2.61
N GLY E 279 -8.23 36.12 -2.52
CA GLY E 279 -7.15 36.15 -1.56
C GLY E 279 -6.82 37.55 -1.13
N PHE E 280 -5.62 37.75 -0.61
CA PHE E 280 -5.18 39.08 -0.21
C PHE E 280 -4.90 39.93 -1.44
N LYS E 281 -5.82 40.83 -1.75
CA LYS E 281 -5.70 41.67 -2.93
C LYS E 281 -5.35 40.81 -4.14
N HIS E 282 -6.11 39.73 -4.31
CA HIS E 282 -5.69 38.61 -5.13
C HIS E 282 -6.86 37.91 -5.79
N ILE E 283 -6.74 37.57 -7.07
CA ILE E 283 -7.70 36.66 -7.67
C ILE E 283 -7.04 35.70 -8.64
N SER E 284 -6.80 34.47 -8.22
CA SER E 284 -6.38 33.44 -9.16
C SER E 284 -7.62 32.92 -9.88
N LEU E 285 -7.52 32.74 -11.18
CA LEU E 285 -8.67 32.29 -11.95
C LEU E 285 -8.41 30.96 -12.66
N GLN E 286 -8.71 29.87 -11.96
CA GLN E 286 -8.53 28.54 -12.52
C GLN E 286 -9.49 28.31 -13.69
N LEU E 287 -8.93 28.14 -14.88
CA LEU E 287 -9.73 28.10 -16.10
C LEU E 287 -9.55 26.77 -16.83
N ASP E 288 -10.59 26.29 -17.50
CA ASP E 288 -10.57 24.96 -18.09
C ASP E 288 -11.51 24.89 -19.26
N THR E 289 -11.08 25.38 -20.41
CA THR E 289 -11.96 25.38 -21.57
C THR E 289 -11.61 24.44 -22.68
N ASP E 290 -12.64 23.69 -23.06
CA ASP E 290 -12.65 22.87 -24.24
C ASP E 290 -12.16 23.61 -25.48
N HIS E 291 -12.30 24.93 -25.50
CA HIS E 291 -12.09 25.71 -26.73
C HIS E 291 -11.43 27.06 -26.45
N LEU E 292 -11.38 27.88 -27.49
CA LEU E 292 -10.72 29.17 -27.37
C LEU E 292 -11.66 30.25 -26.82
N THR E 293 -11.42 30.64 -25.58
CA THR E 293 -12.22 31.71 -24.98
C THR E 293 -11.39 32.94 -24.71
N LEU E 294 -12.01 34.10 -24.90
CA LEU E 294 -11.37 35.36 -24.62
C LEU E 294 -11.53 35.75 -23.15
N LEU E 295 -10.46 36.22 -22.53
CA LEU E 295 -10.53 36.65 -21.14
C LEU E 295 -10.07 38.08 -21.02
N THR E 296 -11.01 38.98 -20.75
CA THR E 296 -10.70 40.38 -20.56
C THR E 296 -10.70 40.81 -19.10
N THR E 297 -9.91 41.84 -18.80
CA THR E 297 -9.91 42.45 -17.49
C THR E 297 -9.65 43.94 -17.61
N ARG E 298 -9.85 44.63 -16.50
CA ARG E 298 -9.56 46.04 -16.35
C ARG E 298 -9.76 46.39 -14.88
N ARG E 299 -8.96 47.30 -14.36
CA ARG E 299 -9.18 47.78 -13.01
C ARG E 299 -10.33 48.78 -12.99
N LEU E 300 -10.97 48.94 -11.85
CA LEU E 300 -12.08 49.87 -11.77
C LEU E 300 -11.58 51.23 -11.27
N GLY E 301 -10.28 51.27 -10.97
CA GLY E 301 -9.63 52.49 -10.51
C GLY E 301 -9.29 53.40 -11.66
N ALA E 302 -8.46 54.40 -11.41
CA ALA E 302 -8.13 55.42 -12.40
C ALA E 302 -7.33 54.84 -13.55
N ASN E 303 -6.30 54.08 -13.21
CA ASN E 303 -5.45 53.42 -14.18
C ASN E 303 -5.85 51.94 -14.24
N PRO E 304 -6.55 51.53 -15.30
CA PRO E 304 -7.15 50.20 -15.45
C PRO E 304 -6.22 49.11 -16.01
N GLU E 305 -5.15 49.50 -16.70
CA GLU E 305 -4.20 48.55 -17.27
C GLU E 305 -4.92 47.35 -17.88
N PRO E 306 -5.83 47.60 -18.83
CA PRO E 306 -6.67 46.56 -19.44
C PRO E 306 -5.82 45.43 -19.96
N THR E 307 -6.38 44.22 -19.99
CA THR E 307 -5.60 43.03 -20.34
C THR E 307 -6.41 41.92 -20.99
N THR E 308 -6.34 41.86 -22.32
CA THR E 308 -7.01 40.81 -23.06
C THR E 308 -6.05 39.67 -23.37
N GLU E 309 -6.62 38.47 -23.51
CA GLU E 309 -5.91 37.24 -23.87
C GLU E 309 -6.93 36.18 -24.25
N TRP E 310 -6.58 35.32 -25.20
CA TRP E 310 -7.41 34.15 -25.50
C TRP E 310 -6.78 32.93 -24.85
N ILE E 311 -7.57 32.15 -24.11
CA ILE E 311 -7.03 30.99 -23.42
C ILE E 311 -7.63 29.70 -23.95
N VAL E 312 -6.88 28.60 -23.82
CA VAL E 312 -7.38 27.26 -24.10
C VAL E 312 -6.90 26.24 -23.10
N GLY E 313 -7.68 25.19 -22.92
CA GLY E 313 -7.30 24.13 -22.02
C GLY E 313 -7.24 24.62 -20.59
N LYS E 314 -6.15 24.31 -19.90
CA LYS E 314 -6.11 24.52 -18.46
C LYS E 314 -4.97 25.41 -18.03
N THR E 315 -5.29 26.56 -17.47
CA THR E 315 -4.28 27.33 -16.78
C THR E 315 -4.87 28.07 -15.58
N VAL E 316 -3.99 28.83 -14.95
CA VAL E 316 -4.37 29.68 -13.84
C VAL E 316 -4.00 31.09 -14.25
N ARG E 317 -4.70 32.07 -13.69
CA ARG E 317 -4.44 33.45 -14.05
C ARG E 317 -4.70 34.38 -12.89
N ASN E 318 -3.65 34.71 -12.15
CA ASN E 318 -3.83 35.62 -11.03
C ASN E 318 -3.99 37.05 -11.53
N PHE E 319 -4.63 37.90 -10.73
CA PHE E 319 -4.71 39.33 -10.98
C PHE E 319 -4.72 40.06 -9.65
N THR E 320 -4.02 41.18 -9.62
CA THR E 320 -3.97 41.99 -8.42
C THR E 320 -5.37 42.51 -8.21
N VAL E 321 -5.66 43.01 -7.01
CA VAL E 321 -6.90 43.73 -6.80
C VAL E 321 -6.65 45.05 -6.06
N ASP E 322 -6.62 46.12 -6.86
CA ASP E 322 -6.02 47.38 -6.45
C ASP E 322 -6.80 48.11 -5.37
N ARG E 323 -7.62 47.38 -4.62
CA ARG E 323 -8.45 48.03 -3.61
C ARG E 323 -9.73 48.61 -4.23
N ASP E 324 -9.65 48.99 -5.50
CA ASP E 324 -10.84 49.49 -6.20
C ASP E 324 -11.53 48.33 -6.90
N GLY E 325 -10.99 47.13 -6.71
CA GLY E 325 -11.48 45.96 -7.39
C GLY E 325 -11.11 45.90 -8.86
N LEU E 326 -11.86 45.11 -9.62
CA LEU E 326 -11.62 44.97 -11.06
C LEU E 326 -12.64 44.07 -11.76
N GLU E 327 -12.97 44.45 -12.98
CA GLU E 327 -13.94 43.71 -13.77
C GLU E 327 -13.20 42.65 -14.54
N TYR E 328 -13.83 41.49 -14.70
CA TYR E 328 -13.35 40.52 -15.68
C TYR E 328 -14.48 39.89 -16.47
N ILE E 329 -14.41 40.03 -17.79
CA ILE E 329 -15.28 39.26 -18.66
C ILE E 329 -14.54 37.97 -19.00
N TRP E 330 -15.25 36.86 -19.08
CA TRP E 330 -14.60 35.64 -19.48
C TRP E 330 -15.40 34.84 -20.49
N GLY E 331 -15.29 35.22 -21.76
CA GLY E 331 -15.77 34.38 -22.83
C GLY E 331 -17.27 34.49 -22.98
N ASN E 332 -17.70 35.66 -23.42
CA ASN E 332 -19.12 35.96 -23.51
C ASN E 332 -19.95 35.37 -22.35
N HIS E 333 -19.32 35.33 -21.18
CA HIS E 333 -20.06 35.31 -19.94
C HIS E 333 -20.52 36.74 -19.74
N GLU E 334 -21.19 36.99 -18.61
CA GLU E 334 -21.47 38.37 -18.21
C GLU E 334 -20.37 38.85 -17.28
N PRO E 335 -20.10 40.15 -17.29
CA PRO E 335 -18.84 40.71 -16.82
C PRO E 335 -18.72 40.87 -15.32
N VAL E 336 -18.60 39.79 -14.55
CA VAL E 336 -18.39 39.90 -13.10
C VAL E 336 -17.21 40.79 -12.72
N ARG E 337 -17.33 41.45 -11.58
CA ARG E 337 -16.21 42.21 -11.03
C ARG E 337 -16.02 41.91 -9.56
N VAL E 338 -14.77 41.90 -9.12
CA VAL E 338 -14.42 41.53 -7.76
C VAL E 338 -13.64 42.62 -7.06
N TYR E 339 -13.85 42.74 -5.75
CA TYR E 339 -13.25 43.81 -4.96
C TYR E 339 -12.32 43.27 -3.88
N ALA E 340 -11.73 44.20 -3.11
CA ALA E 340 -10.77 43.85 -2.07
C ALA E 340 -11.39 44.02 -0.69
N GLN E 341 -12.41 43.19 -0.46
CA GLN E 341 -13.18 43.17 0.78
C GLN E 341 -12.40 42.51 1.91
N GLY E 358 -42.26 81.31 1.80
CA GLY E 358 -40.98 80.92 2.36
C GLY E 358 -40.33 79.78 1.60
N GLY E 359 -39.32 79.17 2.22
CA GLY E 359 -38.62 78.05 1.63
C GLY E 359 -38.28 76.95 2.63
N GLY E 360 -36.99 76.80 2.92
CA GLY E 360 -36.54 75.79 3.85
C GLY E 360 -35.08 75.96 4.21
N TYR E 361 -34.46 74.90 4.71
CA TYR E 361 -33.05 74.95 5.09
C TYR E 361 -32.14 74.52 3.94
N GLU E 362 -31.16 75.37 3.63
CA GLU E 362 -30.20 75.07 2.57
C GLU E 362 -28.92 74.48 3.16
N HIS E 363 -28.63 73.23 2.79
CA HIS E 363 -27.54 72.46 3.39
C HIS E 363 -26.51 72.09 2.33
N ALA E 364 -25.24 72.31 2.67
CA ALA E 364 -24.14 72.09 1.73
C ALA E 364 -23.21 70.95 2.15
N THR E 365 -23.27 69.84 1.41
CA THR E 365 -22.33 68.73 1.61
C THR E 365 -21.61 68.41 0.32
N THR E 366 -20.77 67.40 0.37
CA THR E 366 -20.10 66.91 -0.82
C THR E 366 -20.12 65.38 -0.83
N VAL E 367 -20.95 64.82 -1.71
CA VAL E 367 -21.12 63.39 -1.81
C VAL E 367 -20.18 62.76 -2.85
N PRO E 368 -19.40 61.76 -2.43
CA PRO E 368 -18.55 61.03 -3.37
C PRO E 368 -19.39 60.41 -4.48
N ASN E 369 -18.92 60.54 -5.71
CA ASN E 369 -19.59 59.97 -6.87
C ASN E 369 -19.30 58.47 -6.98
N VAL E 370 -20.16 57.66 -6.39
CA VAL E 370 -20.01 56.20 -6.43
C VAL E 370 -21.37 55.54 -6.33
N PRO E 371 -21.83 54.94 -7.43
CA PRO E 371 -23.16 54.31 -7.46
C PRO E 371 -23.48 53.47 -6.22
N GLN E 372 -24.74 53.50 -5.81
CA GLN E 372 -25.31 52.58 -4.82
C GLN E 372 -24.83 52.74 -3.37
N ILE E 373 -23.77 53.50 -3.15
CA ILE E 373 -23.23 53.69 -1.80
C ILE E 373 -23.82 54.94 -1.18
N PRO E 374 -24.67 54.75 -0.15
CA PRO E 374 -25.37 55.81 0.58
C PRO E 374 -24.44 56.67 1.44
N TYR E 375 -24.75 57.96 1.50
CA TYR E 375 -23.98 58.90 2.28
C TYR E 375 -24.80 59.35 3.48
N LYS E 376 -24.36 58.98 4.67
CA LYS E 376 -25.07 59.40 5.89
C LYS E 376 -24.46 60.68 6.44
N ALA E 377 -25.33 61.65 6.74
CA ALA E 377 -24.90 62.93 7.30
C ALA E 377 -25.90 63.43 8.34
N LEU E 378 -25.49 64.42 9.13
CA LEU E 378 -26.38 65.02 10.12
C LEU E 378 -26.62 66.50 9.88
N VAL E 379 -27.89 66.86 9.70
CA VAL E 379 -28.23 68.25 9.58
C VAL E 379 -28.25 68.87 10.97
N GLU E 380 -27.34 69.81 11.21
CA GLU E 380 -27.24 70.49 12.50
C GLU E 380 -27.79 71.90 12.41
N ARG E 381 -28.94 72.13 13.03
CA ARG E 381 -29.48 73.48 13.07
C ARG E 381 -29.78 73.89 14.50
N ALA E 382 -29.49 75.15 14.82
CA ALA E 382 -29.70 75.68 16.16
C ALA E 382 -31.13 75.43 16.63
N GLY E 383 -31.26 74.91 17.84
CA GLY E 383 -32.57 74.73 18.46
C GLY E 383 -33.37 73.57 17.89
N TYR E 384 -33.11 73.23 16.64
CA TYR E 384 -33.77 72.11 16.00
C TYR E 384 -33.06 70.77 16.31
N ALA E 385 -33.80 69.68 16.18
CA ALA E 385 -33.29 68.34 16.42
C ALA E 385 -32.71 67.73 15.14
N PRO E 386 -31.43 67.33 15.17
CA PRO E 386 -30.68 66.75 14.05
C PRO E 386 -31.52 65.90 13.08
N LEU E 387 -31.18 66.00 11.79
CA LEU E 387 -32.00 65.40 10.73
C LEU E 387 -31.37 64.21 10.01
N ASN E 388 -32.19 63.17 9.87
CA ASN E 388 -31.92 62.03 9.02
C ASN E 388 -31.59 62.48 7.61
N LEU E 389 -30.36 62.25 7.18
CA LEU E 389 -29.97 62.57 5.80
C LEU E 389 -29.09 61.49 5.17
N GLU E 390 -29.66 60.78 4.20
CA GLU E 390 -28.89 59.81 3.42
C GLU E 390 -29.11 60.05 1.93
N ILE E 391 -28.01 60.22 1.20
CA ILE E 391 -28.07 60.46 -0.23
C ILE E 391 -27.42 59.31 -0.95
N THR E 392 -28.14 58.72 -1.91
CA THR E 392 -27.55 57.67 -2.73
C THR E 392 -27.53 58.07 -4.19
N VAL E 393 -26.34 58.27 -4.74
CA VAL E 393 -26.20 58.48 -6.16
C VAL E 393 -26.53 57.14 -6.84
N MSE E 394 -27.82 56.98 -7.10
CA MSE E 394 -28.38 55.75 -7.64
C MSE E 394 -27.78 55.46 -8.99
O MSE E 394 -27.54 54.29 -9.31
CB MSE E 394 -29.89 55.94 -7.81
CG MSE E 394 -30.76 54.92 -7.12
SE MSE E 394 -32.42 54.83 -8.16
CE MSE E 394 -31.72 54.42 -9.93
N SER E 395 -27.55 56.50 -9.78
CA SER E 395 -27.04 56.37 -11.14
C SER E 395 -26.34 57.63 -11.63
N SER E 396 -25.24 57.45 -12.37
CA SER E 396 -24.59 58.58 -13.02
C SER E 396 -24.52 58.34 -14.51
N GLU E 397 -24.58 59.43 -15.29
CA GLU E 397 -24.32 59.39 -16.72
C GLU E 397 -23.38 60.51 -17.12
N VAL E 398 -22.53 60.21 -18.09
CA VAL E 398 -21.65 61.23 -18.64
C VAL E 398 -21.98 61.34 -20.11
N LEU E 399 -22.77 62.36 -20.45
CA LEU E 399 -23.30 62.50 -21.79
C LEU E 399 -22.58 63.62 -22.52
N PRO E 400 -21.68 63.24 -23.43
CA PRO E 400 -20.90 64.21 -24.21
C PRO E 400 -21.59 64.49 -25.53
N SER E 401 -21.29 65.66 -26.08
CA SER E 401 -21.87 66.12 -27.33
C SER E 401 -21.24 65.42 -28.52
N THR E 402 -22.09 64.86 -29.38
CA THR E 402 -21.56 64.08 -30.50
C THR E 402 -21.85 64.69 -31.87
N ASN E 403 -20.78 65.04 -32.58
CA ASN E 403 -20.86 65.43 -33.99
C ASN E 403 -20.52 64.24 -34.88
N GLN E 404 -21.55 63.52 -35.35
CA GLN E 404 -21.27 62.47 -36.32
C GLN E 404 -20.63 63.13 -37.53
N GLU E 405 -19.54 62.54 -38.00
CA GLU E 405 -18.81 63.08 -39.14
C GLU E 405 -19.22 62.38 -40.42
N TYR E 406 -18.92 61.09 -40.51
CA TYR E 406 -19.36 60.30 -41.64
C TYR E 406 -19.70 58.86 -41.29
N ILE E 407 -20.21 58.16 -42.29
CA ILE E 407 -20.40 56.73 -42.24
C ILE E 407 -19.24 56.12 -42.96
N THR E 408 -19.00 54.83 -42.77
CA THR E 408 -18.05 54.10 -43.60
C THR E 408 -18.35 52.62 -43.58
N CYS E 409 -18.00 51.95 -44.68
CA CYS E 409 -18.22 50.50 -44.76
C CYS E 409 -17.46 49.82 -45.90
N LYS E 410 -17.74 48.54 -46.11
CA LYS E 410 -17.15 47.83 -47.21
C LYS E 410 -17.73 48.44 -48.48
N PHE E 411 -16.84 49.01 -49.31
CA PHE E 411 -17.26 49.58 -50.57
C PHE E 411 -17.39 48.47 -51.61
N THR E 412 -18.00 48.80 -52.75
CA THR E 412 -18.05 47.89 -53.88
C THR E 412 -17.48 48.64 -55.07
N THR E 413 -16.69 47.96 -55.89
CA THR E 413 -16.12 48.62 -57.07
C THR E 413 -16.91 48.29 -58.33
N VAL E 414 -17.38 49.33 -59.02
CA VAL E 414 -18.14 49.14 -60.24
C VAL E 414 -17.24 49.34 -61.44
N VAL E 415 -17.32 48.42 -62.39
CA VAL E 415 -16.50 48.49 -63.58
C VAL E 415 -17.34 48.40 -64.83
N PRO E 416 -17.72 49.56 -65.38
CA PRO E 416 -18.59 49.60 -66.56
C PRO E 416 -17.82 49.17 -67.79
N SER E 417 -18.46 48.46 -68.70
CA SER E 417 -17.82 48.01 -69.94
C SER E 417 -17.04 49.14 -70.58
N PRO E 418 -15.78 48.86 -70.93
CA PRO E 418 -14.88 49.91 -71.43
C PRO E 418 -15.36 50.47 -72.76
N LYS E 419 -15.28 51.79 -72.91
CA LYS E 419 -15.60 52.42 -74.17
C LYS E 419 -14.36 52.40 -75.05
N ILE E 420 -14.41 51.62 -76.13
CA ILE E 420 -13.30 51.52 -77.07
C ILE E 420 -13.65 52.15 -78.41
N LYS E 421 -12.72 52.95 -78.92
CA LYS E 421 -12.94 53.64 -80.19
C LYS E 421 -12.03 53.07 -81.27
N CYS E 422 -12.64 52.42 -82.26
CA CYS E 422 -11.88 51.79 -83.33
C CYS E 422 -11.20 52.83 -84.21
N CYS E 423 -9.89 52.98 -84.03
CA CYS E 423 -9.06 53.82 -84.88
C CYS E 423 -9.09 55.30 -84.52
N GLY E 424 -8.97 55.61 -83.24
CA GLY E 424 -8.90 56.99 -82.80
C GLY E 424 -8.34 57.17 -81.40
N SER E 425 -8.25 58.42 -80.97
CA SER E 425 -7.79 58.76 -79.63
C SER E 425 -8.98 59.05 -78.70
N LEU E 426 -8.90 58.57 -77.46
CA LEU E 426 -10.00 58.72 -76.51
C LEU E 426 -9.56 59.41 -75.23
N GLU E 427 -9.36 60.72 -75.26
CA GLU E 427 -8.90 61.42 -74.08
C GLU E 427 -9.99 61.55 -73.03
N CYS E 428 -9.88 60.70 -72.00
CA CYS E 428 -10.87 60.61 -70.94
C CYS E 428 -11.01 61.90 -70.13
N GLN E 429 -12.22 62.14 -69.62
CA GLN E 429 -12.55 63.38 -68.93
C GLN E 429 -12.98 63.12 -67.48
N PRO E 430 -12.52 63.98 -66.55
CA PRO E 430 -12.88 63.86 -65.13
C PRO E 430 -14.39 63.79 -64.95
N ALA E 431 -14.94 62.58 -64.81
CA ALA E 431 -16.38 62.42 -64.53
C ALA E 431 -16.65 62.38 -63.03
N ALA E 432 -16.76 63.56 -62.42
CA ALA E 432 -16.90 63.71 -60.98
C ALA E 432 -17.96 62.82 -60.33
N HIS E 433 -17.51 61.79 -59.64
CA HIS E 433 -18.37 61.00 -58.76
C HIS E 433 -17.59 59.98 -57.89
N ALA E 434 -18.31 59.30 -57.00
CA ALA E 434 -17.75 58.40 -55.96
C ALA E 434 -16.22 58.36 -55.84
N GLY E 435 -15.63 57.20 -56.10
CA GLY E 435 -14.18 57.08 -56.20
C GLY E 435 -13.75 56.83 -57.64
N TYR E 436 -14.01 57.80 -58.51
CA TYR E 436 -13.83 57.61 -59.95
C TYR E 436 -12.37 57.58 -60.34
N THR E 437 -12.06 56.72 -61.30
CA THR E 437 -10.75 56.72 -61.95
C THR E 437 -10.80 56.16 -63.37
N CYS E 438 -10.12 56.84 -64.28
CA CYS E 438 -10.02 56.39 -65.66
C CYS E 438 -8.55 56.31 -66.04
N LYS E 439 -8.28 55.64 -67.15
CA LYS E 439 -6.98 55.75 -67.80
C LYS E 439 -7.17 55.44 -69.26
N VAL E 440 -6.47 56.20 -70.09
CA VAL E 440 -6.52 56.03 -71.53
C VAL E 440 -5.38 55.14 -72.00
N PHE E 441 -5.72 54.00 -72.61
CA PHE E 441 -4.71 53.05 -73.07
C PHE E 441 -4.66 52.96 -74.58
N GLY E 442 -3.48 53.18 -75.15
CA GLY E 442 -3.33 53.25 -76.59
C GLY E 442 -2.73 52.01 -77.22
N GLY E 443 -3.04 51.81 -78.50
CA GLY E 443 -2.56 50.65 -79.22
C GLY E 443 -3.06 49.40 -78.55
N VAL E 444 -4.36 49.35 -78.30
CA VAL E 444 -4.94 48.27 -77.53
C VAL E 444 -5.04 46.99 -78.34
N TYR E 445 -6.08 46.91 -79.17
CA TYR E 445 -6.35 45.68 -79.89
C TYR E 445 -5.87 45.81 -81.33
N PRO E 446 -5.05 44.84 -81.76
CA PRO E 446 -4.71 44.78 -83.18
C PRO E 446 -5.91 44.19 -83.88
N PHE E 447 -5.87 44.03 -85.20
CA PHE E 447 -6.96 43.33 -85.88
C PHE E 447 -6.93 41.85 -85.48
N MSE E 448 -7.21 41.60 -84.20
CA MSE E 448 -7.28 40.25 -83.66
C MSE E 448 -8.70 39.97 -83.21
O MSE E 448 -9.48 40.90 -82.95
CB MSE E 448 -6.34 40.08 -82.47
CG MSE E 448 -4.91 39.71 -82.83
SE MSE E 448 -3.96 38.91 -81.32
CE MSE E 448 -4.75 37.12 -81.36
N TRP E 449 -9.05 38.69 -83.12
CA TRP E 449 -10.36 38.29 -82.64
C TRP E 449 -10.55 38.73 -81.20
N GLY E 450 -9.43 38.78 -80.47
CA GLY E 450 -9.44 39.09 -79.05
C GLY E 450 -10.18 40.35 -78.68
N GLY E 451 -9.76 41.47 -79.28
CA GLY E 451 -10.45 42.73 -79.09
C GLY E 451 -11.76 42.68 -79.83
N ALA E 452 -12.52 43.77 -79.76
CA ALA E 452 -13.72 43.91 -80.56
C ALA E 452 -13.28 43.89 -82.02
N GLN E 453 -14.17 43.43 -82.89
CA GLN E 453 -13.89 43.46 -84.31
C GLN E 453 -13.56 44.90 -84.71
N CYS E 454 -12.26 45.19 -84.81
CA CYS E 454 -11.80 46.51 -85.18
C CYS E 454 -10.86 46.42 -86.37
N PHE E 455 -10.43 47.56 -86.90
CA PHE E 455 -9.71 47.58 -88.17
C PHE E 455 -8.22 47.90 -88.06
N CYS E 456 -7.87 48.95 -87.30
CA CYS E 456 -6.49 49.41 -87.22
C CYS E 456 -5.72 48.68 -86.13
N ASP E 457 -4.38 48.67 -86.23
CA ASP E 457 -3.55 47.97 -85.26
C ASP E 457 -3.04 48.87 -84.15
N SER E 458 -2.14 49.79 -84.48
CA SER E 458 -1.53 50.68 -83.50
C SER E 458 -2.23 52.03 -83.45
N GLU E 459 -3.44 52.10 -83.98
CA GLU E 459 -4.23 53.30 -83.87
C GLU E 459 -5.51 53.04 -83.08
N ASN E 460 -5.37 52.25 -82.02
CA ASN E 460 -6.50 51.92 -81.14
C ASN E 460 -6.38 52.54 -79.77
N SER E 461 -7.50 52.62 -79.06
CA SER E 461 -7.51 53.21 -77.73
C SER E 461 -8.71 52.75 -76.90
N GLN E 462 -8.44 52.33 -75.67
CA GLN E 462 -9.50 51.94 -74.74
C GLN E 462 -9.44 52.86 -73.53
N MSE E 463 -10.61 53.21 -72.99
CA MSE E 463 -10.67 54.00 -71.78
C MSE E 463 -11.17 53.12 -70.63
O MSE E 463 -12.32 52.70 -70.60
CB MSE E 463 -11.57 55.22 -71.94
CG MSE E 463 -11.65 56.10 -70.69
SE MSE E 463 -12.89 57.56 -70.90
CE MSE E 463 -14.38 56.50 -71.60
N SER E 464 -10.29 52.86 -69.68
CA SER E 464 -10.65 52.05 -68.53
C SER E 464 -11.14 52.94 -67.41
N GLU E 465 -12.41 52.79 -67.06
CA GLU E 465 -13.00 53.58 -65.98
C GLU E 465 -13.67 52.68 -64.95
N ALA E 466 -13.54 53.08 -63.68
CA ALA E 466 -14.18 52.36 -62.60
C ALA E 466 -14.31 53.21 -61.34
N TYR E 467 -15.28 52.87 -60.51
CA TYR E 467 -15.54 53.63 -59.30
C TYR E 467 -16.00 52.73 -58.15
N VAL E 468 -16.30 53.33 -57.01
CA VAL E 468 -16.76 52.59 -55.84
C VAL E 468 -18.14 53.07 -55.41
N GLU E 469 -18.91 52.16 -54.81
CA GLU E 469 -20.18 52.49 -54.18
C GLU E 469 -20.19 51.95 -52.76
N LEU E 470 -21.37 51.86 -52.17
CA LEU E 470 -21.48 51.20 -50.88
C LEU E 470 -21.86 49.76 -51.15
N SER E 471 -21.54 48.88 -50.23
CA SER E 471 -21.92 47.50 -50.42
C SER E 471 -23.43 47.36 -50.29
N ALA E 472 -23.98 46.32 -50.90
CA ALA E 472 -25.40 46.04 -50.83
C ALA E 472 -25.79 45.94 -49.37
N ASP E 473 -24.79 45.78 -48.53
CA ASP E 473 -25.03 45.52 -47.13
C ASP E 473 -24.37 46.57 -46.25
N CYS E 474 -23.88 47.64 -46.86
CA CYS E 474 -23.28 48.74 -46.10
C CYS E 474 -24.15 49.10 -44.92
N ALA E 475 -25.46 49.02 -45.13
CA ALA E 475 -26.41 49.49 -44.13
C ALA E 475 -26.38 48.64 -42.86
N SER E 476 -26.32 47.32 -43.04
CA SER E 476 -26.36 46.36 -41.93
C SER E 476 -25.04 46.30 -41.13
N ASP E 477 -23.93 46.66 -41.76
CA ASP E 477 -22.62 46.62 -41.09
C ASP E 477 -21.77 47.79 -41.52
N HIS E 478 -21.78 48.85 -40.71
CA HIS E 478 -20.94 50.03 -40.97
C HIS E 478 -20.40 50.55 -39.65
N ALA E 479 -19.79 51.73 -39.69
CA ALA E 479 -19.25 52.33 -38.48
C ALA E 479 -19.60 53.78 -38.52
N GLN E 480 -19.25 54.50 -37.45
CA GLN E 480 -19.63 55.90 -37.37
C GLN E 480 -18.51 56.79 -36.84
N ALA E 481 -17.89 57.54 -37.74
CA ALA E 481 -16.85 58.48 -37.37
C ALA E 481 -17.54 59.56 -36.58
N ILE E 482 -16.97 59.92 -35.43
CA ILE E 482 -17.67 60.78 -34.49
C ILE E 482 -16.74 61.56 -33.57
N LYS E 483 -16.77 62.88 -33.69
CA LYS E 483 -16.03 63.71 -32.75
C LYS E 483 -16.82 63.79 -31.48
N VAL E 484 -16.14 63.99 -30.36
CA VAL E 484 -16.80 64.04 -29.06
C VAL E 484 -16.23 65.16 -28.22
N HIS E 485 -16.98 66.26 -28.08
CA HIS E 485 -16.51 67.32 -27.21
C HIS E 485 -17.18 67.25 -25.84
N THR E 486 -16.57 67.90 -24.86
CA THR E 486 -16.92 67.73 -23.44
C THR E 486 -18.43 67.79 -23.14
N ALA E 487 -18.79 67.13 -22.05
CA ALA E 487 -20.16 66.69 -21.83
C ALA E 487 -20.93 67.49 -20.79
N ALA E 488 -22.03 66.87 -20.38
CA ALA E 488 -22.73 67.21 -19.16
C ALA E 488 -22.96 65.87 -18.47
N MSE E 489 -23.21 65.88 -17.17
CA MSE E 489 -23.51 64.63 -16.48
C MSE E 489 -24.71 64.74 -15.56
O MSE E 489 -24.75 65.54 -14.65
CB MSE E 489 -22.30 64.11 -15.71
CG MSE E 489 -21.58 65.15 -14.90
SE MSE E 489 -20.21 64.23 -13.93
CE MSE E 489 -21.39 63.12 -12.91
N LYS E 490 -25.70 63.89 -15.84
CA LYS E 490 -26.88 63.79 -15.01
C LYS E 490 -26.59 62.81 -13.90
N VAL E 491 -27.42 62.84 -12.86
CA VAL E 491 -27.25 61.95 -11.72
C VAL E 491 -28.61 61.56 -11.17
N GLY E 492 -28.77 60.27 -10.87
CA GLY E 492 -29.94 59.79 -10.18
C GLY E 492 -29.74 59.85 -8.68
N LEU E 493 -30.14 60.96 -8.07
CA LEU E 493 -29.96 61.17 -6.65
C LEU E 493 -31.18 60.73 -5.86
N ARG E 494 -30.97 59.89 -4.86
CA ARG E 494 -32.06 59.52 -3.95
C ARG E 494 -31.79 59.97 -2.52
N ILE E 495 -32.48 61.03 -2.12
CA ILE E 495 -32.28 61.60 -0.80
C ILE E 495 -33.41 61.25 0.16
N VAL E 496 -33.02 60.96 1.41
CA VAL E 496 -33.98 60.67 2.46
C VAL E 496 -33.77 61.63 3.63
N TYR E 497 -34.86 62.27 4.06
CA TYR E 497 -34.85 63.18 5.18
C TYR E 497 -36.00 62.89 6.13
N GLY E 498 -35.66 62.48 7.35
CA GLY E 498 -36.66 62.07 8.31
C GLY E 498 -37.55 60.96 7.77
N ASN E 499 -38.86 61.15 7.89
CA ASN E 499 -39.85 60.13 7.54
C ASN E 499 -40.12 60.01 6.03
N THR E 500 -39.50 60.88 5.23
CA THR E 500 -39.75 60.89 3.79
C THR E 500 -38.49 60.74 2.93
N THR E 501 -38.64 59.99 1.84
CA THR E 501 -37.55 59.74 0.89
C THR E 501 -37.97 60.23 -0.49
N SER E 502 -37.13 61.03 -1.13
CA SER E 502 -37.46 61.54 -2.45
C SER E 502 -36.31 61.32 -3.43
N PHE E 503 -36.59 61.46 -4.72
CA PHE E 503 -35.59 61.18 -5.74
C PHE E 503 -35.65 62.11 -6.95
N LEU E 504 -34.55 62.79 -7.24
CA LEU E 504 -34.50 63.69 -8.38
C LEU E 504 -33.29 63.41 -9.24
N ASP E 505 -33.40 63.66 -10.54
CA ASP E 505 -32.24 63.69 -11.43
C ASP E 505 -31.69 65.11 -11.45
N VAL E 506 -30.38 65.24 -11.53
CA VAL E 506 -29.80 66.57 -11.56
C VAL E 506 -28.54 66.64 -12.42
N TYR E 507 -28.52 67.58 -13.35
CA TYR E 507 -27.29 67.87 -14.09
C TYR E 507 -26.25 68.43 -13.14
N VAL E 508 -25.00 68.05 -13.33
CA VAL E 508 -23.95 68.48 -12.41
C VAL E 508 -23.20 69.73 -12.88
N ASN E 509 -23.81 70.87 -12.60
CA ASN E 509 -23.22 72.18 -12.81
C ASN E 509 -23.76 73.08 -11.72
N GLY E 510 -23.06 74.17 -11.43
CA GLY E 510 -23.47 75.01 -10.32
C GLY E 510 -24.84 75.64 -10.43
N VAL E 511 -25.62 75.27 -11.45
CA VAL E 511 -26.84 76.02 -11.75
C VAL E 511 -28.13 75.19 -11.78
N THR E 512 -28.33 74.36 -12.79
CA THR E 512 -29.65 73.75 -13.00
C THR E 512 -30.11 72.91 -11.84
N PRO E 513 -31.23 73.31 -11.22
CA PRO E 513 -31.82 72.65 -10.05
C PRO E 513 -32.69 71.48 -10.47
N GLY E 514 -32.62 70.39 -9.73
CA GLY E 514 -33.37 69.20 -10.06
C GLY E 514 -34.82 69.41 -9.71
N THR E 515 -35.63 69.77 -10.71
CA THR E 515 -37.03 70.14 -10.48
C THR E 515 -37.87 69.02 -9.85
N SER E 516 -37.36 68.49 -8.75
CA SER E 516 -38.16 67.68 -7.85
C SER E 516 -39.13 68.65 -7.20
N LYS E 517 -40.39 68.27 -7.13
CA LYS E 517 -41.42 69.19 -6.65
C LYS E 517 -41.15 69.67 -5.23
N ASP E 518 -41.01 68.72 -4.30
CA ASP E 518 -40.87 69.10 -2.89
C ASP E 518 -39.43 69.33 -2.42
N LEU E 519 -38.46 69.05 -3.28
CA LEU E 519 -37.06 69.21 -2.89
C LEU E 519 -36.20 69.86 -3.97
N LYS E 520 -35.68 71.05 -3.66
CA LYS E 520 -34.85 71.78 -4.61
C LYS E 520 -33.39 71.44 -4.40
N VAL E 521 -32.84 70.61 -5.29
CA VAL E 521 -31.43 70.31 -5.24
C VAL E 521 -30.69 70.88 -6.43
N ILE E 522 -29.46 71.36 -6.16
CA ILE E 522 -28.51 71.75 -7.18
C ILE E 522 -27.18 71.07 -6.90
N ALA E 523 -26.69 70.32 -7.88
CA ALA E 523 -25.42 69.58 -7.75
C ALA E 523 -24.27 70.37 -8.37
N GLY E 524 -23.42 70.93 -7.50
CA GLY E 524 -22.32 71.77 -7.93
C GLY E 524 -21.46 71.09 -8.96
N PRO E 525 -20.52 71.84 -9.55
CA PRO E 525 -19.63 71.32 -10.59
C PRO E 525 -18.79 70.18 -10.06
N ILE E 526 -18.77 69.06 -10.76
CA ILE E 526 -18.00 67.89 -10.33
C ILE E 526 -16.56 68.28 -10.00
N SER E 527 -15.91 67.50 -9.14
CA SER E 527 -14.60 67.86 -8.59
C SER E 527 -13.44 67.69 -9.56
N ALA E 528 -13.62 66.87 -10.59
CA ALA E 528 -12.58 66.64 -11.59
C ALA E 528 -13.17 66.24 -12.93
N SER E 529 -13.03 67.09 -13.92
CA SER E 529 -13.51 66.79 -15.25
C SER E 529 -12.79 65.54 -15.77
N PHE E 530 -13.52 64.44 -15.91
CA PHE E 530 -12.95 63.25 -16.51
C PHE E 530 -13.87 62.59 -17.53
N THR E 531 -13.27 62.08 -18.60
CA THR E 531 -14.01 61.41 -19.65
C THR E 531 -13.30 60.14 -20.09
N PRO E 532 -14.07 59.13 -20.49
CA PRO E 532 -13.53 57.88 -21.02
C PRO E 532 -13.13 58.05 -22.47
N PHE E 533 -13.66 59.09 -23.12
CA PHE E 533 -13.51 59.25 -24.56
C PHE E 533 -12.41 60.21 -25.02
N ASP E 534 -12.02 60.06 -26.28
CA ASP E 534 -11.10 60.98 -26.95
C ASP E 534 -11.87 61.87 -27.88
N HIS E 535 -11.24 62.99 -28.25
CA HIS E 535 -11.84 63.94 -29.16
C HIS E 535 -12.50 63.22 -30.35
N LYS E 536 -11.90 62.11 -30.78
CA LYS E 536 -12.41 61.35 -31.91
C LYS E 536 -12.70 59.90 -31.54
N VAL E 537 -13.86 59.41 -31.97
CA VAL E 537 -14.34 58.09 -31.58
C VAL E 537 -15.02 57.37 -32.73
N VAL E 538 -14.86 56.05 -32.80
CA VAL E 538 -15.59 55.26 -33.76
C VAL E 538 -16.62 54.43 -33.02
N ILE E 539 -17.78 54.26 -33.61
CA ILE E 539 -18.77 53.34 -33.10
C ILE E 539 -19.04 52.31 -34.16
N HIS E 540 -18.72 51.06 -33.88
CA HIS E 540 -19.08 49.99 -34.81
C HIS E 540 -20.49 49.52 -34.56
N ARG E 541 -20.65 48.46 -33.76
CA ARG E 541 -21.98 47.94 -33.57
C ARG E 541 -22.68 48.56 -32.37
N GLY E 542 -22.39 48.05 -31.18
CA GLY E 542 -22.80 48.75 -29.99
C GLY E 542 -21.52 49.24 -29.36
N LEU E 543 -20.46 49.10 -30.13
CA LEU E 543 -19.14 49.20 -29.56
C LEU E 543 -18.44 50.45 -30.02
N VAL E 544 -17.87 51.15 -29.06
CA VAL E 544 -17.16 52.39 -29.33
C VAL E 544 -15.68 52.19 -29.06
N TYR E 545 -14.86 52.73 -29.95
CA TYR E 545 -13.43 52.67 -29.78
C TYR E 545 -12.87 54.06 -29.92
N ASN E 546 -11.90 54.41 -29.09
CA ASN E 546 -11.15 55.64 -29.32
C ASN E 546 -10.18 55.47 -30.49
N TYR E 547 -10.49 56.17 -31.59
CA TYR E 547 -9.78 55.97 -32.85
C TYR E 547 -9.67 57.28 -33.60
N ASP E 548 -8.46 57.65 -34.01
CA ASP E 548 -8.24 58.96 -34.64
C ASP E 548 -8.56 58.98 -36.10
N PHE E 549 -9.76 58.51 -36.47
CA PHE E 549 -10.22 58.51 -37.87
C PHE E 549 -9.94 59.82 -38.60
N PRO E 550 -9.62 59.74 -39.90
CA PRO E 550 -9.20 60.95 -40.61
C PRO E 550 -10.38 61.90 -40.81
N GLU E 551 -10.10 63.19 -40.99
CA GLU E 551 -11.15 64.18 -41.21
C GLU E 551 -11.92 63.85 -42.48
N TYR E 552 -13.18 64.25 -42.54
CA TYR E 552 -13.94 64.03 -43.76
C TYR E 552 -13.17 64.64 -44.91
N GLY E 553 -12.97 63.85 -45.95
CA GLY E 553 -12.30 64.32 -47.15
C GLY E 553 -10.79 64.21 -47.12
N ALA E 554 -10.25 63.79 -45.98
CA ALA E 554 -8.82 63.60 -45.87
C ALA E 554 -8.54 62.10 -45.77
N MSE E 555 -9.02 61.35 -46.76
CA MSE E 555 -8.99 59.90 -46.69
C MSE E 555 -7.69 59.29 -47.19
O MSE E 555 -7.14 59.72 -48.20
CB MSE E 555 -10.15 59.31 -47.46
CG MSE E 555 -11.43 60.01 -47.19
SE MSE E 555 -12.08 60.57 -48.88
CE MSE E 555 -10.45 61.29 -49.58
N LYS E 556 -7.21 58.30 -46.45
CA LYS E 556 -6.12 57.43 -46.89
C LYS E 556 -6.74 56.08 -47.18
N PRO E 557 -6.25 55.38 -48.23
CA PRO E 557 -6.87 54.16 -48.77
C PRO E 557 -6.40 52.92 -48.04
N GLY E 558 -7.26 51.91 -47.95
CA GLY E 558 -6.94 50.72 -47.17
C GLY E 558 -6.94 50.95 -45.66
N ALA E 559 -6.76 52.19 -45.23
CA ALA E 559 -6.89 52.52 -43.81
C ALA E 559 -8.37 52.82 -43.49
N PHE E 560 -8.72 52.90 -42.20
CA PHE E 560 -10.10 53.21 -41.81
C PHE E 560 -10.57 54.52 -42.43
N GLY E 561 -11.82 54.54 -42.86
CA GLY E 561 -12.38 55.75 -43.43
C GLY E 561 -11.88 55.93 -44.86
N ASP E 562 -11.49 54.84 -45.48
CA ASP E 562 -11.12 54.88 -46.89
C ASP E 562 -12.23 55.50 -47.73
N ILE E 563 -13.48 55.13 -47.46
CA ILE E 563 -14.61 55.79 -48.11
C ILE E 563 -15.45 56.42 -47.04
N GLN E 564 -16.11 57.53 -47.38
CA GLN E 564 -16.89 58.30 -46.43
C GLN E 564 -18.25 58.70 -46.98
N ALA E 565 -19.17 59.05 -46.07
CA ALA E 565 -20.52 59.48 -46.43
C ALA E 565 -21.20 60.03 -45.20
N THR E 566 -21.83 61.19 -45.35
CA THR E 566 -22.57 61.81 -44.26
C THR E 566 -23.73 60.95 -43.80
N SER E 567 -24.27 60.13 -44.70
CA SER E 567 -25.13 59.04 -44.28
C SER E 567 -25.26 57.89 -45.27
N LEU E 568 -26.17 56.98 -44.96
CA LEU E 568 -26.33 55.73 -45.70
C LEU E 568 -27.05 55.97 -47.02
N THR E 569 -27.75 57.09 -47.07
CA THR E 569 -28.47 57.47 -48.28
C THR E 569 -27.50 58.08 -49.27
N SER E 570 -26.25 57.60 -49.23
CA SER E 570 -25.19 58.05 -50.12
C SER E 570 -25.21 59.56 -50.30
N LYS E 571 -25.10 60.28 -49.19
CA LYS E 571 -25.09 61.74 -49.19
C LYS E 571 -23.70 62.26 -49.51
N ASP E 572 -23.37 62.30 -50.80
CA ASP E 572 -22.08 62.80 -51.22
C ASP E 572 -20.96 61.94 -50.67
N LEU E 573 -20.82 60.71 -51.19
CA LEU E 573 -19.77 59.81 -50.74
C LEU E 573 -18.43 59.99 -51.45
N ILE E 574 -17.39 60.24 -50.68
CA ILE E 574 -16.08 60.55 -51.21
C ILE E 574 -15.09 59.48 -50.82
N ALA E 575 -14.56 58.74 -51.81
CA ALA E 575 -13.68 57.63 -51.52
C ALA E 575 -12.30 57.79 -52.13
N SER E 576 -11.32 57.12 -51.53
CA SER E 576 -9.95 57.03 -52.04
C SER E 576 -9.43 55.60 -51.88
N THR E 577 -9.53 54.79 -52.93
CA THR E 577 -9.26 53.36 -52.79
C THR E 577 -8.09 52.87 -53.64
N ASP E 578 -7.16 53.77 -53.94
CA ASP E 578 -5.99 53.45 -54.76
C ASP E 578 -6.24 52.46 -55.89
N ILE E 579 -7.26 52.73 -56.71
CA ILE E 579 -7.51 51.87 -57.85
C ILE E 579 -6.47 52.12 -58.91
N ARG E 580 -5.99 51.04 -59.52
CA ARG E 580 -4.96 51.14 -60.55
C ARG E 580 -5.33 50.34 -61.79
N LEU E 581 -5.64 51.07 -62.86
CA LEU E 581 -6.08 50.48 -64.12
C LEU E 581 -4.88 49.90 -64.86
N LEU E 582 -5.09 48.77 -65.53
CA LEU E 582 -3.99 48.10 -66.21
C LEU E 582 -4.28 47.97 -67.70
N LYS E 583 -3.22 48.07 -68.51
CA LYS E 583 -3.37 47.89 -69.96
C LYS E 583 -3.88 46.48 -70.23
N PRO E 584 -5.06 46.37 -70.86
CA PRO E 584 -5.67 45.07 -71.16
C PRO E 584 -5.00 44.38 -72.34
N SER E 585 -4.73 43.09 -72.19
CA SER E 585 -4.14 42.31 -73.28
C SER E 585 -5.22 41.93 -74.29
N ALA E 586 -4.79 41.62 -75.51
CA ALA E 586 -5.71 41.51 -76.62
C ALA E 586 -6.11 40.08 -76.97
N LYS E 587 -6.95 39.48 -76.14
CA LYS E 587 -7.65 38.26 -76.54
C LYS E 587 -9.11 38.36 -76.16
N ASN E 588 -9.42 39.31 -75.27
CA ASN E 588 -10.78 39.57 -74.83
C ASN E 588 -10.92 41.02 -74.37
N VAL E 589 -12.15 41.52 -74.32
CA VAL E 589 -12.42 42.83 -73.77
C VAL E 589 -12.66 42.70 -72.27
N HIS E 590 -11.58 42.79 -71.52
CA HIS E 590 -11.63 42.61 -70.08
C HIS E 590 -10.80 43.73 -69.49
N VAL E 591 -11.41 44.55 -68.63
CA VAL E 591 -10.69 45.67 -68.03
C VAL E 591 -10.10 45.30 -66.67
N PRO E 592 -8.76 45.23 -66.62
CA PRO E 592 -8.00 44.82 -65.45
C PRO E 592 -7.73 45.99 -64.53
N TYR E 593 -7.49 45.67 -63.26
CA TYR E 593 -7.20 46.70 -62.29
C TYR E 593 -6.80 46.06 -60.97
N THR E 594 -5.86 46.69 -60.28
CA THR E 594 -5.65 46.39 -58.88
C THR E 594 -6.39 47.43 -58.06
N GLN E 595 -6.28 47.32 -56.75
CA GLN E 595 -6.96 48.21 -55.82
C GLN E 595 -6.43 47.99 -54.42
N ALA E 596 -6.64 48.97 -53.56
CA ALA E 596 -6.25 48.82 -52.18
C ALA E 596 -7.28 47.94 -51.46
N SER E 597 -6.95 47.59 -50.22
CA SER E 597 -7.80 46.73 -49.40
C SER E 597 -8.91 47.56 -48.73
N SER E 598 -9.91 46.88 -48.17
CA SER E 598 -11.04 47.60 -47.58
C SER E 598 -10.74 48.16 -46.19
N GLY E 599 -10.36 49.43 -46.16
CA GLY E 599 -10.01 50.12 -44.93
C GLY E 599 -10.93 49.78 -43.79
N PHE E 600 -12.19 49.49 -44.11
CA PHE E 600 -13.14 49.08 -43.09
C PHE E 600 -12.76 47.71 -42.57
N GLU E 601 -12.98 46.69 -43.39
CA GLU E 601 -12.63 45.32 -43.02
C GLU E 601 -11.27 45.25 -42.37
N MSE E 602 -10.34 46.05 -42.85
CA MSE E 602 -9.00 46.00 -42.31
C MSE E 602 -8.99 46.53 -40.90
O MSE E 602 -8.33 45.99 -40.03
CB MSE E 602 -8.02 46.78 -43.19
CG MSE E 602 -7.66 46.11 -44.52
SE MSE E 602 -5.87 45.48 -44.52
CE MSE E 602 -5.20 46.50 -43.07
N TRP E 603 -9.75 47.59 -40.68
CA TRP E 603 -9.85 48.14 -39.33
C TRP E 603 -10.64 47.19 -38.44
N LYS E 604 -11.68 46.59 -39.00
CA LYS E 604 -12.43 45.57 -38.27
C LYS E 604 -11.52 44.48 -37.71
N ASN E 605 -10.79 43.76 -38.57
CA ASN E 605 -9.88 42.71 -38.11
C ASN E 605 -8.81 43.26 -37.17
N ASN E 606 -8.86 44.55 -36.92
CA ASN E 606 -7.83 45.17 -36.10
C ASN E 606 -8.36 46.23 -35.17
N SER E 607 -9.68 46.33 -35.03
CA SER E 607 -10.27 47.13 -33.97
C SER E 607 -9.78 46.56 -32.65
N GLY E 608 -9.53 47.42 -31.68
CA GLY E 608 -9.06 46.92 -30.41
C GLY E 608 -10.16 46.25 -29.62
N ARG E 609 -9.89 46.04 -28.35
CA ARG E 609 -10.96 45.72 -27.43
C ARG E 609 -11.72 47.04 -27.13
N PRO E 610 -13.05 47.01 -27.28
CA PRO E 610 -13.91 48.18 -27.09
C PRO E 610 -13.63 48.98 -25.81
N LEU E 611 -14.16 50.20 -25.77
CA LEU E 611 -13.98 51.06 -24.60
C LEU E 611 -14.78 50.49 -23.44
N GLN E 612 -15.91 49.87 -23.78
CA GLN E 612 -16.75 49.24 -22.78
C GLN E 612 -15.94 48.26 -21.97
N GLU E 613 -14.78 47.89 -22.49
CA GLU E 613 -13.91 46.91 -21.83
C GLU E 613 -12.59 47.50 -21.36
N THR E 614 -12.35 48.79 -21.62
CA THR E 614 -11.07 49.37 -21.26
C THR E 614 -11.23 50.63 -20.39
N ALA E 615 -12.46 51.12 -20.31
CA ALA E 615 -12.80 52.36 -19.62
C ALA E 615 -12.23 52.53 -18.20
N PRO E 616 -11.50 53.63 -17.99
CA PRO E 616 -10.61 53.91 -16.86
C PRO E 616 -11.26 54.08 -15.50
N PHE E 617 -12.57 53.95 -15.35
CA PHE E 617 -13.14 54.10 -14.02
C PHE E 617 -14.28 53.17 -13.73
N GLY E 618 -14.31 52.04 -14.42
CA GLY E 618 -15.38 51.10 -14.23
C GLY E 618 -16.66 51.65 -14.86
N CYS E 619 -16.47 52.54 -15.82
CA CYS E 619 -17.58 53.09 -16.59
C CYS E 619 -18.22 52.02 -17.46
N LYS E 620 -19.52 52.13 -17.65
CA LYS E 620 -20.26 51.19 -18.47
C LYS E 620 -20.75 51.85 -19.76
N ILE E 621 -19.80 52.16 -20.64
CA ILE E 621 -20.05 52.76 -21.95
C ILE E 621 -21.27 52.24 -22.71
N ALA E 622 -22.14 53.17 -23.11
CA ALA E 622 -23.42 52.85 -23.73
C ALA E 622 -23.61 53.62 -25.03
N VAL E 623 -24.33 53.01 -25.96
CA VAL E 623 -24.41 53.61 -27.28
C VAL E 623 -25.80 53.66 -27.86
N ASN E 624 -26.38 54.83 -27.75
CA ASN E 624 -27.22 55.35 -28.80
C ASN E 624 -27.11 56.82 -28.53
N PRO E 625 -27.57 57.23 -27.34
CA PRO E 625 -26.81 58.33 -26.73
C PRO E 625 -25.44 57.77 -26.34
N LEU E 626 -24.37 58.46 -26.74
CA LEU E 626 -23.03 58.05 -26.33
C LEU E 626 -22.91 58.49 -24.88
N ARG E 627 -22.56 57.56 -24.00
CA ARG E 627 -22.58 57.84 -22.57
C ARG E 627 -21.69 56.91 -21.78
N ALA E 628 -21.32 57.36 -20.58
CA ALA E 628 -20.50 56.58 -19.67
C ALA E 628 -21.26 56.31 -18.36
N VAL E 629 -22.06 55.27 -18.40
CA VAL E 629 -22.90 54.88 -17.27
C VAL E 629 -22.12 54.46 -16.01
N ASP E 630 -22.54 55.01 -14.88
CA ASP E 630 -22.10 54.56 -13.56
C ASP E 630 -20.59 54.59 -13.34
N CYS E 631 -19.90 55.59 -13.89
CA CYS E 631 -18.49 55.76 -13.56
C CYS E 631 -18.36 56.02 -12.07
N SER E 632 -17.13 56.00 -11.55
CA SER E 632 -16.90 56.28 -10.14
C SER E 632 -15.62 57.05 -9.90
N TYR E 633 -15.74 58.35 -9.68
CA TYR E 633 -14.58 59.18 -9.41
C TYR E 633 -14.99 60.50 -8.77
N GLY E 634 -14.09 61.07 -7.98
CA GLY E 634 -14.31 62.37 -7.38
C GLY E 634 -15.57 62.54 -6.55
N ASN E 635 -15.69 63.72 -5.95
CA ASN E 635 -16.85 64.02 -5.13
C ASN E 635 -17.73 65.07 -5.77
N ILE E 636 -19.02 64.99 -5.47
CA ILE E 636 -20.03 65.90 -6.00
C ILE E 636 -20.53 66.87 -4.94
N PRO E 637 -20.30 68.17 -5.14
CA PRO E 637 -20.92 69.12 -4.21
C PRO E 637 -22.42 69.10 -4.42
N ILE E 638 -23.19 69.24 -3.33
CA ILE E 638 -24.64 69.21 -3.43
C ILE E 638 -25.25 70.16 -2.41
N SER E 639 -26.12 71.04 -2.90
CA SER E 639 -26.89 71.91 -2.01
C SER E 639 -28.34 71.47 -1.96
N ILE E 640 -28.83 71.21 -0.75
CA ILE E 640 -30.20 70.73 -0.57
C ILE E 640 -31.08 71.72 0.18
N ASP E 641 -32.26 72.00 -0.37
CA ASP E 641 -33.22 72.87 0.27
C ASP E 641 -34.32 72.01 0.91
N ILE E 642 -34.11 71.63 2.16
CA ILE E 642 -35.06 70.77 2.87
C ILE E 642 -36.23 71.57 3.44
N PRO E 643 -37.47 71.16 3.12
CA PRO E 643 -38.68 71.84 3.58
C PRO E 643 -38.69 71.93 5.10
N ASN E 644 -38.77 73.14 5.63
CA ASN E 644 -38.80 73.32 7.08
C ASN E 644 -39.85 72.42 7.72
N ALA E 645 -40.87 72.09 6.92
CA ALA E 645 -42.03 71.32 7.36
C ALA E 645 -41.70 69.88 7.80
N ALA E 646 -40.43 69.52 7.79
CA ALA E 646 -40.06 68.17 8.18
C ALA E 646 -39.02 68.17 9.28
N PHE E 647 -38.62 69.37 9.71
CA PHE E 647 -37.68 69.49 10.82
C PHE E 647 -38.38 69.50 12.16
N ILE E 648 -37.86 68.73 13.11
CA ILE E 648 -38.36 68.78 14.48
C ILE E 648 -37.44 69.62 15.37
N ARG E 649 -38.00 70.64 15.98
CA ARG E 649 -37.27 71.52 16.90
C ARG E 649 -37.45 71.09 18.36
N THR E 650 -36.33 70.67 18.97
CA THR E 650 -36.23 70.22 20.36
C THR E 650 -37.57 69.86 20.98
N SER E 651 -38.35 69.11 20.22
CA SER E 651 -39.70 68.88 20.66
C SER E 651 -39.88 67.41 20.99
N ASP E 652 -38.75 66.71 21.05
CA ASP E 652 -38.69 65.38 21.63
C ASP E 652 -38.72 65.51 23.15
N ALA E 653 -39.85 65.11 23.74
CA ALA E 653 -40.11 65.26 25.17
C ALA E 653 -39.05 64.58 26.00
N PRO E 654 -38.70 63.38 25.58
CA PRO E 654 -37.60 62.84 26.36
C PRO E 654 -36.40 63.79 26.34
N LEU E 655 -35.98 64.23 27.52
CA LEU E 655 -34.68 64.85 27.67
C LEU E 655 -33.67 63.70 27.62
N VAL E 656 -32.55 63.89 26.92
CA VAL E 656 -31.54 62.84 26.82
C VAL E 656 -30.24 63.27 27.47
N SER E 657 -29.65 62.41 28.28
CA SER E 657 -28.46 62.78 29.03
C SER E 657 -27.55 61.60 29.37
N THR E 658 -26.26 61.90 29.49
CA THR E 658 -25.26 60.95 30.00
C THR E 658 -25.09 59.69 29.14
N VAL E 659 -24.72 59.88 27.88
CA VAL E 659 -24.51 58.75 26.99
C VAL E 659 -23.07 58.24 27.07
N LYS E 660 -22.91 56.92 26.97
CA LYS E 660 -21.59 56.30 26.92
C LYS E 660 -21.60 55.20 25.86
N CYS E 661 -20.41 54.82 25.39
CA CYS E 661 -20.30 53.86 24.31
C CYS E 661 -19.49 52.62 24.67
N GLU E 662 -20.08 51.44 24.41
CA GLU E 662 -19.38 50.16 24.59
C GLU E 662 -19.49 49.31 23.33
N VAL E 663 -18.37 48.73 22.91
CA VAL E 663 -18.37 47.88 21.73
C VAL E 663 -18.31 46.40 22.11
N SER E 664 -19.34 45.65 21.70
CA SER E 664 -19.41 44.22 22.00
C SER E 664 -18.46 43.41 21.09
N GLU E 665 -18.73 43.41 19.80
CA GLU E 665 -17.90 42.71 18.83
C GLU E 665 -17.45 43.62 17.69
N CYS E 666 -16.45 43.17 16.94
CA CYS E 666 -15.96 43.93 15.79
C CYS E 666 -15.14 43.07 14.84
N THR E 667 -15.29 43.32 13.55
CA THR E 667 -14.45 42.70 12.53
C THR E 667 -13.85 43.82 11.67
N TYR E 668 -12.61 43.64 11.23
CA TYR E 668 -11.92 44.67 10.47
C TYR E 668 -12.18 44.58 8.97
N SER E 669 -12.60 45.71 8.38
CA SER E 669 -12.86 45.81 6.94
C SER E 669 -13.90 44.82 6.42
N ALA E 670 -15.02 44.69 7.14
CA ALA E 670 -16.12 43.86 6.68
C ALA E 670 -17.30 44.75 6.30
N ASP E 671 -18.39 44.14 5.84
CA ASP E 671 -19.59 44.89 5.49
C ASP E 671 -20.16 45.61 6.70
N PHE E 672 -20.57 44.85 7.71
CA PHE E 672 -21.06 45.41 8.96
C PHE E 672 -20.73 44.49 10.12
N GLY E 673 -19.45 44.37 10.43
CA GLY E 673 -19.01 43.48 11.50
C GLY E 673 -18.95 44.14 12.85
N GLY E 674 -19.19 45.45 12.89
CA GLY E 674 -19.15 46.20 14.12
C GLY E 674 -20.42 46.06 14.94
N MSE E 675 -20.26 45.97 16.26
CA MSE E 675 -21.39 45.90 17.18
C MSE E 675 -21.12 46.66 18.47
O MSE E 675 -20.29 46.24 19.28
CB MSE E 675 -21.72 44.43 17.50
CG MSE E 675 -22.96 43.88 16.81
SE MSE E 675 -23.70 42.36 17.75
CE MSE E 675 -25.12 41.85 16.53
N ALA E 676 -21.82 47.77 18.65
CA ALA E 676 -21.66 48.58 19.85
C ALA E 676 -23.00 48.88 20.52
N THR E 677 -22.97 49.13 21.82
CA THR E 677 -24.17 49.43 22.58
C THR E 677 -24.01 50.74 23.34
N LEU E 678 -25.11 51.47 23.51
CA LEU E 678 -25.07 52.78 24.13
C LEU E 678 -25.99 52.90 25.35
N GLN E 679 -25.39 52.98 26.53
CA GLN E 679 -26.15 53.17 27.76
C GLN E 679 -26.36 54.67 28.00
N TYR E 680 -27.47 55.01 28.66
CA TYR E 680 -27.82 56.41 28.85
C TYR E 680 -29.04 56.56 29.76
N VAL E 681 -29.57 57.77 29.83
CA VAL E 681 -30.79 58.05 30.60
C VAL E 681 -31.65 59.07 29.86
N SER E 682 -32.90 58.68 29.57
CA SER E 682 -33.83 59.55 28.87
C SER E 682 -35.10 59.79 29.68
N ASP E 683 -35.62 61.01 29.60
CA ASP E 683 -36.85 61.38 30.32
C ASP E 683 -38.06 60.57 29.82
N ARG E 684 -38.23 60.51 28.51
CA ARG E 684 -39.34 59.78 27.92
C ARG E 684 -38.93 59.01 26.68
N GLU E 685 -39.90 58.68 25.83
CA GLU E 685 -39.62 57.95 24.60
C GLU E 685 -39.63 58.87 23.38
N GLY E 686 -38.84 58.50 22.36
CA GLY E 686 -38.76 59.28 21.14
C GLY E 686 -37.99 58.54 20.06
N GLN E 687 -37.46 59.29 19.11
CA GLN E 687 -36.70 58.70 18.00
C GLN E 687 -35.45 59.53 17.70
N CYS E 688 -34.28 58.98 18.01
CA CYS E 688 -33.01 59.68 17.79
C CYS E 688 -32.35 59.31 16.47
N PRO E 689 -31.62 60.27 15.88
CA PRO E 689 -30.79 60.00 14.72
C PRO E 689 -29.35 59.74 15.13
N VAL E 690 -28.86 58.53 14.86
CA VAL E 690 -27.49 58.17 15.21
C VAL E 690 -26.56 58.30 14.01
N HIS E 691 -25.39 58.89 14.23
CA HIS E 691 -24.46 59.19 13.15
C HIS E 691 -23.04 59.36 13.69
N SER E 692 -22.05 59.04 12.87
CA SER E 692 -20.64 59.13 13.28
C SER E 692 -19.98 60.40 12.75
N HIS E 693 -19.31 61.13 13.64
CA HIS E 693 -18.66 62.39 13.25
C HIS E 693 -17.19 62.19 12.91
N SER E 694 -16.88 61.05 12.29
CA SER E 694 -15.52 60.77 11.85
C SER E 694 -15.54 59.66 10.81
N SER E 695 -14.89 59.89 9.68
CA SER E 695 -14.94 58.96 8.56
C SER E 695 -14.29 57.61 8.86
N THR E 696 -13.59 57.53 9.99
CA THR E 696 -12.92 56.29 10.38
C THR E 696 -13.93 55.15 10.59
N ALA E 697 -15.21 55.51 10.60
CA ALA E 697 -16.29 54.54 10.78
C ALA E 697 -17.63 55.13 10.35
N THR E 698 -18.55 54.26 9.92
CA THR E 698 -19.90 54.68 9.54
C THR E 698 -20.94 53.69 10.06
N LEU E 699 -22.11 54.20 10.45
CA LEU E 699 -23.15 53.37 11.05
C LEU E 699 -24.09 52.77 10.01
N GLN E 700 -24.57 51.56 10.26
CA GLN E 700 -25.47 50.89 9.33
C GLN E 700 -26.85 51.52 9.37
N GLU E 701 -27.24 52.02 10.53
CA GLU E 701 -28.54 52.66 10.70
C GLU E 701 -28.36 54.12 11.12
N SER E 702 -29.32 54.95 10.74
CA SER E 702 -29.24 56.38 11.03
C SER E 702 -30.26 56.84 12.07
N THR E 703 -31.27 56.01 12.33
CA THR E 703 -32.25 56.33 13.37
C THR E 703 -32.36 55.20 14.39
N VAL E 704 -32.79 55.55 15.60
CA VAL E 704 -32.96 54.57 16.67
C VAL E 704 -34.13 54.94 17.59
N HIS E 705 -34.93 53.94 17.95
CA HIS E 705 -36.07 54.15 18.85
C HIS E 705 -35.62 54.15 20.30
N VAL E 706 -35.32 55.34 20.81
CA VAL E 706 -34.85 55.48 22.19
C VAL E 706 -35.96 55.18 23.20
N LEU E 707 -35.71 54.23 24.07
CA LEU E 707 -36.64 53.91 25.15
C LEU E 707 -36.10 54.44 26.46
N GLU E 708 -36.82 54.19 27.55
CA GLU E 708 -36.39 54.64 28.87
C GLU E 708 -35.37 53.65 29.45
N LYS E 709 -35.30 52.46 28.88
CA LYS E 709 -34.39 51.41 29.34
C LYS E 709 -32.97 51.93 29.51
N GLY E 710 -32.52 52.73 28.54
CA GLY E 710 -31.16 53.24 28.54
C GLY E 710 -30.18 52.26 27.91
N ALA E 711 -30.61 51.59 26.86
CA ALA E 711 -29.77 50.64 26.14
C ALA E 711 -30.09 50.63 24.64
N VAL E 712 -29.11 51.01 23.84
CA VAL E 712 -29.27 51.06 22.38
C VAL E 712 -28.19 50.30 21.66
N THR E 713 -28.59 49.28 20.90
CA THR E 713 -27.64 48.48 20.14
C THR E 713 -27.58 48.94 18.68
N VAL E 714 -26.37 49.18 18.18
CA VAL E 714 -26.18 49.68 16.82
C VAL E 714 -25.08 48.93 16.09
N HIS E 715 -25.24 48.76 14.78
CA HIS E 715 -24.23 48.09 13.96
C HIS E 715 -23.43 49.11 13.15
N PHE E 716 -22.13 48.87 13.02
CA PHE E 716 -21.26 49.76 12.26
C PHE E 716 -20.23 49.02 11.42
N SER E 717 -19.54 49.77 10.56
CA SER E 717 -18.53 49.19 9.69
C SER E 717 -17.27 50.05 9.66
N THR E 718 -16.11 49.39 9.64
CA THR E 718 -14.84 50.10 9.62
C THR E 718 -13.83 49.37 8.74
N ALA E 719 -12.57 49.77 8.84
CA ALA E 719 -11.48 49.14 8.10
C ALA E 719 -10.16 49.42 8.80
N SER E 720 -10.16 49.24 10.12
CA SER E 720 -9.00 49.56 10.94
C SER E 720 -8.90 48.60 12.13
N PRO E 721 -7.71 48.53 12.76
CA PRO E 721 -7.53 47.63 13.90
C PRO E 721 -8.06 48.24 15.20
N GLN E 722 -7.52 49.39 15.59
CA GLN E 722 -7.98 50.09 16.78
C GLN E 722 -8.48 51.49 16.42
N ALA E 723 -9.77 51.59 16.12
CA ALA E 723 -10.35 52.83 15.63
C ALA E 723 -10.85 53.75 16.73
N ASN E 724 -10.92 55.04 16.42
CA ASN E 724 -11.44 56.05 17.33
C ASN E 724 -12.44 56.96 16.63
N PHE E 725 -13.72 56.79 16.97
CA PHE E 725 -14.77 57.59 16.33
C PHE E 725 -15.78 58.18 17.32
N ILE E 726 -16.30 59.36 16.97
CA ILE E 726 -17.27 60.05 17.81
C ILE E 726 -18.70 59.83 17.34
N VAL E 727 -19.41 58.92 18.01
CA VAL E 727 -20.81 58.63 17.69
C VAL E 727 -21.72 59.63 18.37
N SER E 728 -22.85 59.95 17.73
CA SER E 728 -23.77 60.95 18.26
C SER E 728 -25.23 60.50 18.24
N LEU E 729 -25.84 60.44 19.44
CA LEU E 729 -27.28 60.23 19.55
C LEU E 729 -27.95 61.58 19.55
N CYS E 730 -29.27 61.59 19.40
CA CYS E 730 -30.05 62.82 19.35
C CYS E 730 -29.18 64.08 19.38
N GLY E 731 -28.91 64.59 20.57
CA GLY E 731 -28.07 65.76 20.73
C GLY E 731 -26.71 65.45 21.35
N LYS E 732 -26.63 64.32 22.05
CA LYS E 732 -25.43 63.96 22.79
C LYS E 732 -24.35 63.35 21.89
N LYS E 733 -23.11 63.37 22.38
CA LYS E 733 -21.98 62.78 21.66
C LYS E 733 -21.10 61.99 22.63
N THR E 734 -20.46 60.94 22.13
CA THR E 734 -19.56 60.13 22.95
C THR E 734 -18.34 59.68 22.15
N THR E 735 -17.62 58.70 22.68
CA THR E 735 -16.48 58.11 21.99
C THR E 735 -16.47 56.60 22.21
N CYS E 736 -16.12 55.85 21.18
CA CYS E 736 -16.11 54.39 21.25
C CYS E 736 -14.73 53.81 21.00
N ASN E 737 -14.52 52.57 21.41
CA ASN E 737 -13.23 51.90 21.22
C ASN E 737 -13.31 50.38 21.26
N ALA E 738 -12.43 49.74 20.49
CA ALA E 738 -12.36 48.29 20.41
C ALA E 738 -11.27 47.87 19.45
N GLU E 739 -10.91 46.60 19.49
CA GLU E 739 -9.89 46.05 18.59
C GLU E 739 -10.54 45.09 17.61
N CYS E 740 -10.16 45.17 16.34
CA CYS E 740 -10.81 44.37 15.31
C CYS E 740 -9.78 43.60 14.46
N PHE F 6 -3.78 0.06 -81.08
CA PHE F 6 -4.17 -1.16 -80.39
C PHE F 6 -3.09 -1.58 -79.41
N THR F 7 -3.47 -2.37 -78.39
CA THR F 7 -2.52 -2.76 -77.35
C THR F 7 -2.00 -4.18 -77.50
N LEU F 8 -0.83 -4.41 -76.94
CA LEU F 8 -0.18 -5.71 -77.00
C LEU F 8 -0.01 -6.24 -75.59
N THR F 9 -0.43 -5.45 -74.62
CA THR F 9 -0.31 -5.81 -73.22
C THR F 9 -1.61 -5.48 -72.48
N SER F 10 -1.88 -6.19 -71.38
CA SER F 10 -3.16 -6.03 -70.67
C SER F 10 -3.02 -5.64 -69.20
N PRO F 11 -4.11 -5.14 -68.59
CA PRO F 11 -4.10 -4.69 -67.20
C PRO F 11 -3.76 -5.84 -66.25
N TYR F 12 -2.94 -5.57 -65.23
CA TYR F 12 -2.56 -6.61 -64.26
C TYR F 12 -3.08 -6.32 -62.85
N LEU F 13 -2.73 -7.18 -61.89
CA LEU F 13 -3.10 -6.98 -60.49
C LEU F 13 -1.86 -6.79 -59.63
N GLY F 14 -1.95 -5.90 -58.64
CA GLY F 14 -0.80 -5.62 -57.80
C GLY F 14 -1.14 -5.43 -56.33
N THR F 15 -0.21 -5.82 -55.47
CA THR F 15 -0.40 -5.68 -54.03
C THR F 15 -0.49 -4.20 -53.64
N CYS F 16 -1.55 -3.83 -52.94
CA CYS F 16 -1.70 -2.45 -52.44
C CYS F 16 -1.75 -2.48 -50.90
N SER F 17 -1.57 -1.33 -50.27
CA SER F 17 -1.54 -1.26 -48.82
C SER F 17 -2.81 -0.69 -48.20
N TYR F 18 -3.65 -0.08 -49.01
CA TYR F 18 -4.92 0.44 -48.52
C TYR F 18 -5.98 0.33 -49.63
N CYS F 19 -7.05 -0.41 -49.38
CA CYS F 19 -8.05 -0.68 -50.41
C CYS F 19 -9.52 -0.56 -49.96
N HIS F 20 -10.00 0.67 -49.83
CA HIS F 20 -11.37 0.91 -49.39
C HIS F 20 -11.60 0.45 -47.96
N HIS F 21 -10.80 -0.53 -47.55
CA HIS F 21 -10.68 -0.92 -46.16
C HIS F 21 -9.21 -0.80 -45.88
N THR F 22 -8.87 -0.17 -44.76
CA THR F 22 -7.47 0.10 -44.45
C THR F 22 -6.52 -1.10 -44.63
N VAL F 23 -7.08 -2.30 -44.78
CA VAL F 23 -6.29 -3.52 -44.92
C VAL F 23 -5.67 -3.64 -46.32
N PRO F 24 -4.37 -3.98 -46.38
CA PRO F 24 -3.64 -4.20 -47.64
C PRO F 24 -4.27 -5.30 -48.47
N CYS F 25 -4.38 -5.10 -49.78
CA CYS F 25 -5.07 -6.06 -50.63
C CYS F 25 -4.25 -6.41 -51.84
N PHE F 26 -4.93 -6.94 -52.85
CA PHE F 26 -4.28 -7.46 -54.04
C PHE F 26 -5.14 -7.06 -55.23
N SER F 27 -5.36 -5.76 -55.38
CA SER F 27 -6.35 -5.24 -56.33
C SER F 27 -5.76 -4.71 -57.63
N PRO F 28 -6.62 -4.48 -58.64
CA PRO F 28 -6.18 -3.74 -59.82
C PRO F 28 -6.00 -2.30 -59.41
N VAL F 29 -5.75 -1.41 -60.34
CA VAL F 29 -5.61 0.00 -59.99
C VAL F 29 -4.49 0.19 -58.96
N LYS F 30 -3.54 -0.75 -58.96
CA LYS F 30 -2.41 -0.68 -58.04
C LYS F 30 -1.52 0.47 -58.46
N ILE F 31 -1.23 1.36 -57.51
CA ILE F 31 -0.39 2.51 -57.79
C ILE F 31 1.08 2.13 -57.62
N GLU F 32 1.85 2.25 -58.71
CA GLU F 32 3.24 1.82 -58.73
C GLU F 32 4.19 2.98 -58.48
N GLN F 33 3.95 4.10 -59.17
CA GLN F 33 4.70 5.33 -58.96
C GLN F 33 3.82 6.55 -59.18
N VAL F 34 4.38 7.72 -58.89
CA VAL F 34 3.69 8.98 -59.11
C VAL F 34 4.73 10.07 -59.34
N TRP F 35 4.38 11.07 -60.14
CA TRP F 35 5.31 12.17 -60.41
C TRP F 35 4.76 13.53 -59.99
N ASP F 36 5.56 14.22 -59.18
CA ASP F 36 5.19 15.48 -58.59
C ASP F 36 6.36 16.42 -58.82
N GLU F 37 6.52 16.85 -60.07
CA GLU F 37 7.71 17.60 -60.44
C GLU F 37 7.39 18.86 -61.22
N ALA F 38 6.16 18.94 -61.74
CA ALA F 38 5.73 20.10 -62.51
C ALA F 38 5.79 21.34 -61.65
N ASP F 39 5.97 22.50 -62.29
CA ASP F 39 5.80 23.79 -61.62
C ASP F 39 4.30 23.98 -61.49
N ASP F 40 3.59 23.47 -62.49
CA ASP F 40 2.15 23.42 -62.48
C ASP F 40 1.72 22.55 -61.32
N ASN F 41 0.47 22.70 -60.90
CA ASN F 41 -0.04 21.89 -59.82
C ASN F 41 -0.57 20.52 -60.29
N THR F 42 0.08 19.93 -61.28
CA THR F 42 -0.39 18.68 -61.90
C THR F 42 0.36 17.42 -61.45
N ILE F 43 -0.28 16.27 -61.64
CA ILE F 43 0.24 14.99 -61.15
C ILE F 43 0.19 13.91 -62.23
N ARG F 44 1.23 13.08 -62.27
CA ARG F 44 1.24 11.91 -63.14
C ARG F 44 1.18 10.63 -62.29
N ILE F 45 0.18 9.79 -62.57
CA ILE F 45 -0.07 8.58 -61.81
C ILE F 45 0.14 7.33 -62.67
N GLN F 46 0.81 6.33 -62.12
CA GLN F 46 1.03 5.09 -62.84
C GLN F 46 0.30 3.92 -62.20
N THR F 47 -0.82 3.53 -62.81
CA THR F 47 -1.65 2.46 -62.26
C THR F 47 -1.43 1.13 -62.98
N SER F 48 -2.21 0.14 -62.57
CA SER F 48 -2.09 -1.21 -63.12
C SER F 48 -3.18 -1.49 -64.15
N ALA F 49 -4.15 -0.59 -64.24
CA ALA F 49 -5.27 -0.78 -65.15
C ALA F 49 -5.10 -0.02 -66.47
N GLN F 50 -5.65 -0.58 -67.54
CA GLN F 50 -5.59 0.05 -68.86
C GLN F 50 -6.82 0.89 -69.18
N PHE F 51 -6.59 2.04 -69.80
CA PHE F 51 -7.65 2.96 -70.20
C PHE F 51 -7.64 3.14 -71.72
N GLY F 52 -8.78 3.51 -72.30
CA GLY F 52 -8.87 3.76 -73.73
C GLY F 52 -9.19 2.54 -74.56
N TYR F 53 -9.41 1.41 -73.89
CA TYR F 53 -9.66 0.14 -74.58
C TYR F 53 -10.80 -0.63 -73.91
N ASP F 54 -11.52 -1.43 -74.71
CA ASP F 54 -12.65 -2.21 -74.18
C ASP F 54 -12.26 -3.61 -73.69
N GLN F 55 -12.73 -4.64 -74.39
CA GLN F 55 -12.35 -6.01 -74.08
C GLN F 55 -10.96 -6.28 -74.66
N SER F 56 -10.79 -5.91 -75.94
CA SER F 56 -9.49 -5.97 -76.60
C SER F 56 -8.83 -4.60 -76.58
N GLY F 57 -7.61 -4.54 -77.11
CA GLY F 57 -6.88 -3.27 -77.16
C GLY F 57 -7.39 -2.39 -78.27
N ALA F 58 -8.57 -1.82 -78.08
CA ALA F 58 -9.22 -1.12 -79.19
C ALA F 58 -9.19 0.39 -79.03
N ALA F 59 -10.13 1.09 -79.63
CA ALA F 59 -10.08 2.55 -79.61
C ALA F 59 -11.33 3.11 -79.00
N SER F 60 -11.50 2.85 -77.72
CA SER F 60 -12.63 3.39 -76.99
C SER F 60 -12.19 4.61 -76.19
N ALA F 61 -12.52 5.77 -76.73
CA ALA F 61 -12.18 7.05 -76.12
C ALA F 61 -12.62 7.10 -74.66
N ASN F 62 -13.69 6.38 -74.34
CA ASN F 62 -14.24 6.44 -72.99
C ASN F 62 -14.48 5.06 -72.37
N LYS F 63 -13.45 4.23 -72.40
CA LYS F 63 -13.53 2.89 -71.82
C LYS F 63 -12.19 2.45 -71.26
N TYR F 64 -12.23 1.69 -70.18
CA TYR F 64 -11.04 1.12 -69.57
C TYR F 64 -11.24 -0.37 -69.40
N ARG F 65 -10.17 -1.07 -69.04
CA ARG F 65 -10.28 -2.48 -68.71
C ARG F 65 -9.32 -2.83 -67.59
N TYR F 66 -9.58 -3.93 -66.90
CA TYR F 66 -8.85 -4.28 -65.70
C TYR F 66 -8.96 -5.78 -65.44
N MSE F 67 -8.16 -6.28 -64.52
CA MSE F 67 -8.29 -7.67 -64.12
C MSE F 67 -9.57 -7.84 -63.31
O MSE F 67 -10.28 -6.87 -63.06
CB MSE F 67 -7.07 -8.13 -63.30
CG MSE F 67 -5.84 -8.32 -64.14
SE MSE F 67 -5.73 -10.11 -64.91
CE MSE F 67 -4.47 -10.88 -63.63
N SER F 68 -9.86 -9.07 -62.91
CA SER F 68 -11.13 -9.34 -62.26
C SER F 68 -11.04 -9.21 -60.74
N LEU F 69 -12.20 -9.23 -60.10
CA LEU F 69 -12.27 -9.18 -58.65
C LEU F 69 -11.63 -10.46 -58.16
N LYS F 70 -11.85 -11.53 -58.93
CA LYS F 70 -11.26 -12.82 -58.62
C LYS F 70 -9.84 -12.92 -59.22
N GLN F 71 -9.62 -13.87 -60.11
CA GLN F 71 -8.31 -13.98 -60.76
C GLN F 71 -8.38 -14.84 -62.03
N ASP F 72 -9.59 -15.00 -62.55
CA ASP F 72 -9.83 -15.92 -63.66
C ASP F 72 -9.21 -15.44 -64.96
N HIS F 73 -8.37 -14.41 -64.87
CA HIS F 73 -7.81 -13.77 -66.06
C HIS F 73 -8.94 -13.12 -66.84
N THR F 74 -10.11 -13.05 -66.21
CA THR F 74 -11.24 -12.38 -66.82
C THR F 74 -10.92 -10.89 -66.87
N VAL F 75 -10.62 -10.39 -68.06
CA VAL F 75 -10.35 -8.96 -68.22
C VAL F 75 -11.62 -8.22 -68.61
N LYS F 76 -12.53 -8.05 -67.65
CA LYS F 76 -13.77 -7.34 -67.92
C LYS F 76 -13.54 -5.84 -68.03
N GLU F 77 -14.53 -5.13 -68.57
CA GLU F 77 -14.36 -3.74 -68.93
C GLU F 77 -15.44 -2.88 -68.30
N GLY F 78 -15.17 -1.57 -68.22
CA GLY F 78 -16.15 -0.61 -67.79
C GLY F 78 -16.07 0.65 -68.64
N THR F 79 -16.79 1.68 -68.22
CA THR F 79 -16.74 2.97 -68.90
C THR F 79 -15.81 3.91 -68.15
N MSE F 80 -14.88 4.53 -68.89
CA MSE F 80 -13.96 5.51 -68.34
C MSE F 80 -14.70 6.60 -67.59
O MSE F 80 -14.12 7.57 -67.10
CB MSE F 80 -13.15 6.15 -69.45
CG MSE F 80 -11.98 5.33 -69.91
SE MSE F 80 -10.51 5.50 -68.66
CE MSE F 80 -11.31 6.72 -67.37
N ASP F 81 -16.02 6.43 -67.52
CA ASP F 81 -16.92 7.39 -66.91
C ASP F 81 -16.88 7.27 -65.39
N ASP F 82 -16.67 6.06 -64.89
CA ASP F 82 -16.80 5.79 -63.46
C ASP F 82 -15.48 5.64 -62.71
N ILE F 83 -14.40 6.13 -63.32
CA ILE F 83 -13.08 6.12 -62.67
C ILE F 83 -12.71 7.51 -62.19
N LYS F 84 -12.54 7.64 -60.88
CA LYS F 84 -12.28 8.94 -60.31
C LYS F 84 -11.05 8.92 -59.41
N ILE F 85 -10.30 10.02 -59.42
CA ILE F 85 -9.13 10.15 -58.58
C ILE F 85 -9.44 11.02 -57.39
N SER F 86 -8.66 10.87 -56.32
CA SER F 86 -8.81 11.70 -55.16
C SER F 86 -7.54 11.62 -54.33
N THR F 87 -7.23 12.70 -53.64
CA THR F 87 -6.11 12.70 -52.69
C THR F 87 -6.64 12.96 -51.28
N SER F 88 -7.06 14.19 -51.04
CA SER F 88 -7.78 14.52 -49.81
C SER F 88 -9.02 15.31 -50.19
N GLY F 89 -9.38 15.24 -51.45
CA GLY F 89 -10.56 15.93 -51.95
C GLY F 89 -10.89 15.48 -53.34
N PRO F 90 -11.63 16.29 -54.09
CA PRO F 90 -11.91 15.90 -55.47
C PRO F 90 -10.60 15.90 -56.26
N CYS F 91 -10.60 15.26 -57.42
CA CYS F 91 -9.50 15.39 -58.36
C CYS F 91 -10.08 15.26 -59.75
N ARG F 92 -9.72 16.16 -60.65
CA ARG F 92 -10.24 16.08 -62.00
C ARG F 92 -9.13 15.62 -62.95
N ARG F 93 -9.33 14.49 -63.62
CA ARG F 93 -8.33 14.02 -64.58
C ARG F 93 -8.25 14.97 -65.75
N LEU F 94 -7.27 14.75 -66.61
CA LEU F 94 -7.17 15.51 -67.85
C LEU F 94 -6.96 14.53 -69.01
N SER F 95 -6.06 13.58 -68.83
CA SER F 95 -5.74 12.65 -69.89
C SER F 95 -5.59 11.19 -69.42
N TYR F 96 -5.90 10.26 -70.32
CA TYR F 96 -5.69 8.84 -70.08
C TYR F 96 -4.61 8.34 -71.01
N LYS F 97 -3.61 7.66 -70.48
CA LYS F 97 -2.56 7.11 -71.33
C LYS F 97 -2.34 5.63 -71.06
N GLY F 98 -3.35 4.82 -71.34
CA GLY F 98 -3.21 3.38 -71.17
C GLY F 98 -3.09 3.01 -69.70
N TYR F 99 -1.86 2.93 -69.20
CA TYR F 99 -1.63 2.61 -67.80
C TYR F 99 -1.56 3.85 -66.92
N PHE F 100 -1.51 5.02 -67.54
CA PHE F 100 -1.20 6.25 -66.83
C PHE F 100 -2.39 7.19 -66.67
N LEU F 101 -2.41 7.90 -65.55
CA LEU F 101 -3.38 8.96 -65.31
C LEU F 101 -2.66 10.29 -65.16
N LEU F 102 -3.39 11.38 -65.29
CA LEU F 102 -2.81 12.69 -65.10
C LEU F 102 -3.91 13.63 -64.66
N ALA F 103 -3.79 14.15 -63.44
CA ALA F 103 -4.83 14.99 -62.86
C ALA F 103 -4.24 16.15 -62.07
N LYS F 104 -5.12 17.07 -61.68
CA LYS F 104 -4.76 18.14 -60.76
C LYS F 104 -5.46 17.84 -59.47
N CYS F 105 -4.67 17.69 -58.42
CA CYS F 105 -5.19 17.33 -57.11
C CYS F 105 -4.81 18.37 -56.06
N PRO F 106 -5.52 18.40 -54.94
CA PRO F 106 -5.40 19.49 -53.97
C PRO F 106 -4.28 19.36 -52.92
N PRO F 107 -4.55 18.69 -51.79
CA PRO F 107 -3.61 18.85 -50.67
C PRO F 107 -2.31 18.11 -50.97
N GLY F 108 -2.32 16.82 -50.70
CA GLY F 108 -1.19 15.95 -51.01
C GLY F 108 -0.67 15.13 -49.83
N ASP F 109 -1.57 14.41 -49.16
CA ASP F 109 -1.14 13.49 -48.11
C ASP F 109 -0.99 12.05 -48.64
N SER F 110 -1.97 11.59 -49.41
CA SER F 110 -1.87 10.31 -50.11
C SER F 110 -2.56 10.43 -51.45
N VAL F 111 -2.55 9.35 -52.23
CA VAL F 111 -3.23 9.35 -53.52
C VAL F 111 -4.09 8.11 -53.66
N THR F 112 -5.34 8.31 -54.05
CA THR F 112 -6.30 7.21 -54.11
C THR F 112 -6.97 7.12 -55.47
N VAL F 113 -6.71 6.04 -56.19
CA VAL F 113 -7.37 5.79 -57.46
C VAL F 113 -8.39 4.67 -57.27
N SER F 114 -9.62 4.91 -57.68
CA SER F 114 -10.69 3.95 -57.42
C SER F 114 -11.73 3.89 -58.52
N ILE F 115 -12.49 2.79 -58.53
CA ILE F 115 -13.60 2.63 -59.44
C ILE F 115 -14.90 2.59 -58.63
N VAL F 116 -15.84 3.48 -58.97
CA VAL F 116 -17.13 3.51 -58.28
C VAL F 116 -18.27 3.10 -59.22
N SER F 117 -18.11 1.95 -59.86
CA SER F 117 -19.05 1.47 -60.87
C SER F 117 -20.42 1.10 -60.28
N SER F 118 -20.83 -0.15 -60.49
CA SER F 118 -22.16 -0.60 -60.06
C SER F 118 -22.15 -1.22 -58.66
N ASN F 119 -21.81 -0.41 -57.66
CA ASN F 119 -21.78 -0.83 -56.25
C ASN F 119 -20.47 -1.49 -55.80
N SER F 120 -19.82 -2.23 -56.70
CA SER F 120 -18.50 -2.80 -56.44
C SER F 120 -17.43 -1.73 -56.45
N ALA F 121 -16.77 -1.55 -55.30
CA ALA F 121 -15.81 -0.45 -55.13
C ALA F 121 -14.42 -0.91 -54.73
N THR F 122 -13.53 -0.98 -55.71
CA THR F 122 -12.12 -1.24 -55.44
C THR F 122 -11.35 0.08 -55.54
N SER F 123 -10.38 0.27 -54.65
CA SER F 123 -9.57 1.48 -54.65
C SER F 123 -8.20 1.22 -54.02
N CYS F 124 -7.14 1.41 -54.79
CA CYS F 124 -5.81 1.41 -54.19
C CYS F 124 -5.45 2.86 -53.85
N THR F 125 -4.71 3.04 -52.75
CA THR F 125 -4.21 4.36 -52.40
C THR F 125 -2.75 4.31 -51.95
N LEU F 126 -2.01 5.36 -52.25
CA LEU F 126 -0.57 5.37 -52.00
C LEU F 126 -0.15 6.44 -51.03
N ALA F 127 0.89 6.14 -50.26
CA ALA F 127 1.35 7.03 -49.22
C ALA F 127 2.38 8.02 -49.74
N ARG F 128 2.00 8.81 -50.74
CA ARG F 128 2.91 9.82 -51.25
C ARG F 128 2.45 11.22 -50.84
N LYS F 129 3.41 12.14 -50.70
CA LYS F 129 3.11 13.47 -50.22
C LYS F 129 3.26 14.52 -51.32
N ILE F 130 2.14 15.12 -51.71
CA ILE F 130 2.13 16.24 -52.64
C ILE F 130 2.15 17.56 -51.89
N LYS F 131 2.83 18.55 -52.44
CA LYS F 131 2.93 19.83 -51.77
C LYS F 131 2.30 20.92 -52.62
N PRO F 132 1.79 21.98 -51.97
CA PRO F 132 1.21 23.10 -52.71
C PRO F 132 2.28 23.77 -53.57
N LYS F 133 2.07 23.77 -54.87
CA LYS F 133 3.04 24.33 -55.80
C LYS F 133 2.54 25.63 -56.41
N PHE F 134 3.26 26.72 -56.18
CA PHE F 134 3.04 27.94 -56.95
C PHE F 134 4.37 28.48 -57.48
N VAL F 135 4.40 28.75 -58.78
CA VAL F 135 5.62 29.12 -59.47
C VAL F 135 6.07 30.55 -59.20
N GLY F 136 5.18 31.52 -59.36
CA GLY F 136 5.58 32.92 -59.26
C GLY F 136 6.34 33.32 -58.00
N ARG F 137 6.59 34.61 -57.88
CA ARG F 137 7.00 35.19 -56.60
C ARG F 137 5.74 35.65 -55.88
N GLU F 138 4.59 35.28 -56.44
CA GLU F 138 3.31 35.60 -55.83
C GLU F 138 2.48 34.34 -55.60
N LYS F 139 2.11 34.15 -54.34
CA LYS F 139 1.33 33.00 -53.90
C LYS F 139 -0.07 33.02 -54.49
N TYR F 140 -0.45 31.92 -55.14
CA TYR F 140 -1.80 31.78 -55.67
C TYR F 140 -2.27 30.33 -55.52
N ASP F 141 -3.59 30.15 -55.51
CA ASP F 141 -4.17 28.82 -55.33
C ASP F 141 -4.90 28.46 -56.60
N LEU F 142 -4.93 29.41 -57.52
CA LEU F 142 -5.53 29.23 -58.83
C LEU F 142 -4.95 30.23 -59.80
N PRO F 143 -4.63 29.77 -61.01
CA PRO F 143 -4.12 30.66 -62.06
C PRO F 143 -5.15 31.75 -62.30
N PRO F 144 -4.72 33.02 -62.26
CA PRO F 144 -5.65 34.14 -62.48
C PRO F 144 -6.18 34.22 -63.92
N VAL F 145 -7.41 34.70 -64.07
CA VAL F 145 -7.94 35.04 -65.39
C VAL F 145 -7.08 36.16 -65.92
N HIS F 146 -6.43 36.83 -64.98
CA HIS F 146 -5.68 38.05 -65.21
C HIS F 146 -4.19 37.72 -65.26
N GLY F 147 -3.35 38.71 -65.01
CA GLY F 147 -1.95 38.46 -64.75
C GLY F 147 -1.03 38.03 -65.88
N LYS F 148 0.23 37.78 -65.50
CA LYS F 148 1.38 37.65 -66.37
C LYS F 148 1.59 36.22 -66.91
N LYS F 149 2.35 36.10 -68.00
CA LYS F 149 2.81 34.78 -68.47
C LYS F 149 4.28 34.59 -68.10
N ILE F 150 4.59 33.43 -67.54
CA ILE F 150 5.93 33.18 -67.03
C ILE F 150 6.48 31.84 -67.53
N PRO F 151 7.82 31.73 -67.59
CA PRO F 151 8.39 30.43 -67.93
C PRO F 151 8.07 29.44 -66.82
N CYS F 152 7.57 28.27 -67.20
CA CYS F 152 7.36 27.17 -66.25
C CYS F 152 7.40 25.86 -67.03
N THR F 153 7.50 24.74 -66.31
CA THR F 153 7.38 23.44 -66.96
C THR F 153 6.10 22.77 -66.50
N VAL F 154 5.59 21.83 -67.29
CA VAL F 154 4.34 21.15 -66.98
C VAL F 154 4.17 19.87 -67.83
N TYR F 155 3.28 18.98 -67.41
CA TYR F 155 3.06 17.74 -68.13
C TYR F 155 2.23 17.93 -69.41
N ASP F 156 2.58 17.19 -70.44
CA ASP F 156 1.86 17.24 -71.71
C ASP F 156 0.43 16.73 -71.57
N ARG F 157 -0.37 16.90 -72.62
CA ARG F 157 -1.74 16.39 -72.64
C ARG F 157 -2.08 15.81 -74.01
N LEU F 158 -1.05 15.35 -74.70
CA LEU F 158 -1.21 14.70 -75.99
C LEU F 158 -0.38 13.41 -76.03
N PRO F 258 5.13 7.92 -70.93
CA PRO F 258 4.22 8.66 -70.06
C PRO F 258 3.77 9.96 -70.70
N PHE F 259 3.32 10.93 -69.91
CA PHE F 259 3.08 12.30 -70.35
C PHE F 259 4.33 13.13 -70.09
N LYS F 260 5.09 13.42 -71.13
CA LYS F 260 6.40 14.05 -70.97
C LYS F 260 6.34 15.44 -70.31
N LEU F 261 7.49 15.89 -69.81
CA LEU F 261 7.58 17.17 -69.12
C LEU F 261 8.17 18.25 -70.00
N ILE F 262 7.30 19.05 -70.61
CA ILE F 262 7.73 20.14 -71.49
C ILE F 262 7.76 21.48 -70.76
N PRO F 263 8.75 22.34 -71.08
CA PRO F 263 8.71 23.72 -70.59
C PRO F 263 7.67 24.52 -71.37
N SER F 264 6.97 25.43 -70.69
CA SER F 264 6.01 26.31 -71.36
C SER F 264 5.72 27.56 -70.55
N THR F 265 4.46 28.00 -70.60
CA THR F 265 4.11 29.25 -69.94
C THR F 265 2.99 29.08 -68.91
N CYS F 266 3.21 29.63 -67.73
CA CYS F 266 2.21 29.63 -66.67
C CYS F 266 1.83 31.06 -66.27
N MSE F 267 0.56 31.23 -65.92
CA MSE F 267 0.03 32.52 -65.54
C MSE F 267 0.14 32.78 -64.05
O MSE F 267 -0.58 32.19 -63.24
CB MSE F 267 -1.41 32.64 -66.01
CG MSE F 267 -1.71 33.90 -66.80
SE MSE F 267 -3.38 33.73 -67.78
CE MSE F 267 -3.40 35.49 -68.61
N VAL F 268 1.04 33.68 -63.67
CA VAL F 268 1.15 34.13 -62.29
C VAL F 268 0.40 35.45 -62.15
N PRO F 269 -0.09 35.77 -60.94
CA PRO F 269 -0.76 37.07 -60.77
C PRO F 269 0.29 38.16 -60.63
N VAL F 270 -0.11 39.39 -60.87
CA VAL F 270 0.79 40.52 -60.66
C VAL F 270 0.28 41.37 -59.51
N ALA F 271 1.18 41.78 -58.63
CA ALA F 271 0.81 42.39 -57.36
C ALA F 271 0.34 43.82 -57.56
N HIS F 272 -0.35 44.35 -56.55
CA HIS F 272 -0.87 45.72 -56.57
C HIS F 272 0.24 46.76 -56.40
N ALA F 273 0.68 47.32 -57.52
CA ALA F 273 1.74 48.30 -57.53
C ALA F 273 1.86 49.08 -56.21
N PRO F 274 3.02 48.99 -55.56
CA PRO F 274 3.24 49.73 -54.31
C PRO F 274 3.18 51.22 -54.54
N ASN F 275 2.41 51.91 -53.73
CA ASN F 275 2.45 53.36 -53.73
C ASN F 275 3.76 53.86 -53.11
N VAL F 276 4.67 54.33 -53.95
CA VAL F 276 6.02 54.65 -53.52
C VAL F 276 6.17 56.11 -53.17
N ILE F 277 7.10 56.40 -52.27
CA ILE F 277 7.30 57.75 -51.84
C ILE F 277 8.77 58.06 -51.70
N HIS F 278 9.27 58.91 -52.59
CA HIS F 278 10.67 59.25 -52.61
C HIS F 278 10.92 60.36 -51.61
N GLY F 279 12.10 60.34 -50.99
CA GLY F 279 12.46 61.34 -50.01
C GLY F 279 13.95 61.59 -50.00
N PHE F 280 14.45 62.12 -48.89
CA PHE F 280 15.88 62.36 -48.77
C PHE F 280 16.61 61.05 -48.59
N LYS F 281 17.27 60.58 -49.65
CA LYS F 281 17.97 59.30 -49.63
C LYS F 281 17.05 58.23 -49.03
N HIS F 282 15.83 58.18 -49.54
CA HIS F 282 14.73 57.53 -48.84
C HIS F 282 13.73 56.92 -49.81
N ILE F 283 13.27 55.71 -49.54
CA ILE F 283 12.10 55.19 -50.23
C ILE F 283 11.20 54.39 -49.32
N SER F 284 10.10 54.98 -48.88
CA SER F 284 9.09 54.21 -48.19
C SER F 284 8.23 53.52 -49.25
N LEU F 285 7.91 52.25 -49.02
CA LEU F 285 7.14 51.49 -49.99
C LEU F 285 5.83 50.99 -49.39
N GLN F 286 4.79 51.80 -49.52
CA GLN F 286 3.47 51.43 -49.02
C GLN F 286 2.90 50.27 -49.84
N LEU F 287 2.69 49.13 -49.17
CA LEU F 287 2.35 47.90 -49.87
C LEU F 287 1.02 47.37 -49.37
N ASP F 288 0.25 46.73 -50.24
CA ASP F 288 -1.08 46.30 -49.89
C ASP F 288 -1.50 45.11 -50.71
N THR F 289 -1.09 43.91 -50.29
CA THR F 289 -1.41 42.74 -51.08
C THR F 289 -2.38 41.77 -50.46
N ASP F 290 -3.37 41.46 -51.28
CA ASP F 290 -4.32 40.39 -51.06
C ASP F 290 -3.64 39.09 -50.65
N HIS F 291 -2.39 38.89 -51.06
CA HIS F 291 -1.75 37.58 -50.91
C HIS F 291 -0.28 37.69 -50.53
N LEU F 292 0.41 36.57 -50.57
CA LEU F 292 1.83 36.54 -50.24
C LEU F 292 2.74 36.90 -51.42
N THR F 293 3.33 38.09 -51.35
CA THR F 293 4.25 38.52 -52.38
C THR F 293 5.65 38.65 -51.81
N LEU F 294 6.63 38.28 -52.64
CA LEU F 294 8.03 38.42 -52.31
C LEU F 294 8.55 39.82 -52.68
N LEU F 295 9.32 40.41 -51.77
CA LEU F 295 9.87 41.74 -52.02
C LEU F 295 11.38 41.67 -51.87
N THR F 296 12.08 41.78 -52.98
CA THR F 296 13.54 41.78 -52.97
C THR F 296 14.12 43.17 -53.16
N THR F 297 15.33 43.36 -52.63
CA THR F 297 16.08 44.58 -52.84
C THR F 297 17.57 44.27 -52.88
N ARG F 298 18.33 45.28 -53.30
CA ARG F 298 19.79 45.26 -53.31
C ARG F 298 20.24 46.65 -53.71
N ARG F 299 21.37 47.09 -53.15
CA ARG F 299 21.95 48.35 -53.55
C ARG F 299 22.67 48.18 -54.87
N LEU F 300 22.83 49.26 -55.61
CA LEU F 300 23.52 49.16 -56.89
C LEU F 300 24.99 49.50 -56.71
N GLY F 301 25.34 49.86 -55.48
CA GLY F 301 26.71 50.18 -55.12
C GLY F 301 27.52 48.93 -54.90
N ALA F 302 28.70 49.08 -54.31
CA ALA F 302 29.64 47.98 -54.12
C ALA F 302 29.11 46.96 -53.13
N ASN F 303 28.63 47.45 -52.00
CA ASN F 303 28.06 46.60 -50.98
C ASN F 303 26.55 46.72 -51.05
N PRO F 304 25.87 45.70 -51.57
CA PRO F 304 24.42 45.69 -51.87
C PRO F 304 23.51 45.33 -50.70
N GLU F 305 24.03 44.65 -49.69
CA GLU F 305 23.23 44.26 -48.54
C GLU F 305 21.84 43.79 -48.96
N PRO F 306 21.78 42.77 -49.83
CA PRO F 306 20.52 42.26 -50.38
C PRO F 306 19.53 41.93 -49.27
N THR F 307 18.24 42.05 -49.57
CA THR F 307 17.21 41.88 -48.56
C THR F 307 15.90 41.35 -49.08
N THR F 308 15.70 40.05 -48.92
CA THR F 308 14.44 39.42 -49.29
C THR F 308 13.49 39.31 -48.10
N GLU F 309 12.19 39.31 -48.39
CA GLU F 309 11.09 39.16 -47.43
C GLU F 309 9.80 38.86 -48.18
N TRP F 310 8.94 38.04 -47.60
CA TRP F 310 7.59 37.88 -48.14
C TRP F 310 6.61 38.72 -47.33
N ILE F 311 5.79 39.52 -48.00
CA ILE F 311 4.85 40.37 -47.27
C ILE F 311 3.40 39.98 -47.56
N VAL F 312 2.52 40.31 -46.61
CA VAL F 312 1.07 40.18 -46.81
C VAL F 312 0.31 41.34 -46.21
N GLY F 313 -0.84 41.63 -46.80
CA GLY F 313 -1.69 42.65 -46.25
C GLY F 313 -1.04 44.01 -46.40
N LYS F 314 -1.03 44.80 -45.33
CA LYS F 314 -0.64 46.20 -45.42
C LYS F 314 0.52 46.54 -44.53
N THR F 315 1.63 46.95 -45.12
CA THR F 315 2.67 47.57 -44.34
C THR F 315 3.42 48.62 -45.14
N VAL F 316 4.42 49.18 -44.49
CA VAL F 316 5.30 50.16 -45.09
C VAL F 316 6.70 49.59 -44.99
N ARG F 317 7.56 49.97 -45.92
CA ARG F 317 8.91 49.45 -45.94
C ARG F 317 9.89 50.47 -46.47
N ASN F 318 10.51 51.22 -45.57
CA ASN F 318 11.50 52.19 -46.00
C ASN F 318 12.80 51.48 -46.40
N PHE F 319 13.59 52.14 -47.25
CA PHE F 319 14.93 51.69 -47.62
C PHE F 319 15.80 52.90 -47.86
N THR F 320 17.05 52.81 -47.43
CA THR F 320 17.99 53.90 -47.60
C THR F 320 18.21 53.98 -49.10
N VAL F 321 18.78 55.09 -49.56
CA VAL F 321 19.25 55.13 -50.94
C VAL F 321 20.66 55.69 -51.01
N ASP F 322 21.61 54.77 -51.13
CA ASP F 322 23.02 55.04 -50.85
C ASP F 322 23.68 55.98 -51.83
N ARG F 323 22.91 56.78 -52.54
CA ARG F 323 23.47 57.66 -53.56
C ARG F 323 23.69 56.92 -54.88
N ASP F 324 23.93 55.61 -54.79
CA ASP F 324 24.07 54.79 -55.99
C ASP F 324 22.71 54.21 -56.37
N GLY F 325 21.69 54.59 -55.62
CA GLY F 325 20.36 54.05 -55.85
C GLY F 325 20.23 52.61 -55.39
N LEU F 326 19.21 51.92 -55.89
CA LEU F 326 18.97 50.54 -55.51
C LEU F 326 17.81 49.92 -56.29
N GLU F 327 17.92 48.63 -56.56
CA GLU F 327 16.92 47.92 -57.31
C GLU F 327 15.95 47.31 -56.33
N TYR F 328 14.67 47.29 -56.69
CA TYR F 328 13.71 46.48 -55.95
C TYR F 328 12.76 45.74 -56.87
N ILE F 329 12.74 44.42 -56.72
CA ILE F 329 11.71 43.61 -57.35
C ILE F 329 10.58 43.47 -56.34
N TRP F 330 9.34 43.51 -56.81
CA TRP F 330 8.24 43.31 -55.89
C TRP F 330 7.17 42.38 -56.45
N GLY F 331 7.39 41.09 -56.30
CA GLY F 331 6.34 40.11 -56.54
C GLY F 331 6.13 39.89 -58.00
N ASN F 332 7.12 39.27 -58.64
CA ASN F 332 7.10 39.08 -60.09
C ASN F 332 6.48 40.27 -60.87
N HIS F 333 6.73 41.47 -60.34
CA HIS F 333 6.70 42.67 -61.13
C HIS F 333 8.01 42.67 -61.90
N GLU F 334 8.25 43.71 -62.68
CA GLU F 334 9.58 43.91 -63.25
C GLU F 334 10.38 44.81 -62.31
N PRO F 335 11.70 44.64 -62.33
CA PRO F 335 12.58 45.10 -61.25
C PRO F 335 12.94 46.57 -61.28
N VAL F 336 12.01 47.47 -60.99
CA VAL F 336 12.34 48.90 -60.92
C VAL F 336 13.49 49.21 -59.97
N ARG F 337 14.26 50.25 -60.32
CA ARG F 337 15.30 50.73 -59.41
C ARG F 337 15.24 52.25 -59.29
N VAL F 338 15.55 52.75 -58.10
CA VAL F 338 15.41 54.15 -57.78
C VAL F 338 16.72 54.74 -57.29
N TYR F 339 16.94 56.01 -57.61
CA TYR F 339 18.21 56.67 -57.29
C TYR F 339 18.01 57.87 -56.36
N ALA F 340 19.11 58.56 -56.07
CA ALA F 340 19.11 59.69 -55.14
C ALA F 340 19.42 61.01 -55.85
N GLN F 341 18.61 61.44 -56.81
CA GLN F 341 18.91 62.69 -57.53
C GLN F 341 19.06 63.90 -56.60
N GLY F 360 46.60 58.65 -87.76
CA GLY F 360 45.79 59.70 -87.17
C GLY F 360 46.30 60.12 -85.81
N TYR F 361 45.45 60.79 -85.03
CA TYR F 361 45.84 61.23 -83.70
C TYR F 361 45.46 60.20 -82.64
N GLU F 362 46.44 59.83 -81.81
CA GLU F 362 46.22 58.86 -80.74
C GLU F 362 45.97 59.59 -79.41
N HIS F 363 44.78 59.41 -78.86
CA HIS F 363 44.33 60.16 -77.69
C HIS F 363 44.04 59.22 -76.52
N ALA F 364 44.55 59.59 -75.34
CA ALA F 364 44.45 58.75 -74.16
C ALA F 364 43.58 59.35 -73.06
N THR F 365 42.40 58.78 -72.85
CA THR F 365 41.53 59.18 -71.74
C THR F 365 41.22 57.99 -70.88
N THR F 366 40.40 58.21 -69.85
CA THR F 366 39.92 57.13 -69.00
C THR F 366 38.42 57.32 -68.72
N VAL F 367 37.61 56.49 -69.36
CA VAL F 367 36.16 56.58 -69.24
C VAL F 367 35.62 55.69 -68.12
N PRO F 368 34.85 56.29 -67.20
CA PRO F 368 34.20 55.50 -66.15
C PRO F 368 33.28 54.46 -66.76
N ASN F 369 33.36 53.23 -66.24
CA ASN F 369 32.52 52.13 -66.70
C ASN F 369 31.12 52.23 -66.12
N VAL F 370 30.21 52.87 -66.85
CA VAL F 370 28.83 53.04 -66.41
C VAL F 370 27.92 53.17 -67.61
N PRO F 371 27.10 52.15 -67.86
CA PRO F 371 26.22 52.15 -69.03
C PRO F 371 25.49 53.47 -69.29
N GLN F 372 25.32 53.80 -70.56
CA GLN F 372 24.44 54.88 -71.02
C GLN F 372 24.87 56.33 -70.71
N ILE F 373 25.83 56.49 -69.80
CA ILE F 373 26.31 57.81 -69.44
C ILE F 373 27.49 58.23 -70.30
N PRO F 374 27.27 59.23 -71.18
CA PRO F 374 28.24 59.79 -72.12
C PRO F 374 29.37 60.57 -71.45
N TYR F 375 30.56 60.43 -72.02
CA TYR F 375 31.74 61.11 -71.50
C TYR F 375 32.15 62.20 -72.48
N LYS F 376 32.02 63.45 -72.07
CA LYS F 376 32.44 64.55 -72.92
C LYS F 376 33.89 64.94 -72.64
N ALA F 377 34.69 65.06 -73.69
CA ALA F 377 36.10 65.47 -73.56
C ALA F 377 36.52 66.36 -74.72
N LEU F 378 37.65 67.03 -74.56
CA LEU F 378 38.17 67.89 -75.62
C LEU F 378 39.53 67.45 -76.13
N VAL F 379 39.59 67.15 -77.42
CA VAL F 379 40.86 66.82 -78.02
C VAL F 379 41.64 68.12 -78.27
N GLU F 380 42.76 68.27 -77.57
CA GLU F 380 43.61 69.46 -77.71
C GLU F 380 44.85 69.15 -78.52
N ARG F 381 44.92 69.68 -79.73
CA ARG F 381 46.12 69.52 -80.53
C ARG F 381 46.65 70.87 -81.02
N ALA F 382 47.97 71.02 -80.99
CA ALA F 382 48.60 72.26 -81.41
C ALA F 382 48.14 72.68 -82.80
N GLY F 383 47.74 73.94 -82.92
CA GLY F 383 47.38 74.51 -84.20
C GLY F 383 46.02 74.07 -84.71
N TYR F 384 45.59 72.88 -84.30
CA TYR F 384 44.29 72.37 -84.69
C TYR F 384 43.17 72.89 -83.77
N ALA F 385 41.94 72.87 -84.27
CA ALA F 385 40.77 73.32 -83.51
C ALA F 385 40.14 72.16 -82.74
N PRO F 386 40.00 72.32 -81.40
CA PRO F 386 39.46 71.33 -80.47
C PRO F 386 38.36 70.44 -81.05
N LEU F 387 38.35 69.17 -80.65
CA LEU F 387 37.47 68.17 -81.25
C LEU F 387 36.35 67.66 -80.35
N ASN F 388 35.17 67.62 -80.95
CA ASN F 388 34.01 66.95 -80.39
C ASN F 388 34.33 65.50 -80.05
N LEU F 389 34.31 65.17 -78.76
CA LEU F 389 34.52 63.79 -78.33
C LEU F 389 33.57 63.35 -77.22
N GLU F 390 32.65 62.45 -77.55
CA GLU F 390 31.77 61.86 -76.56
C GLU F 390 31.76 60.35 -76.70
N ILE F 391 32.06 59.65 -75.61
CA ILE F 391 32.12 58.20 -75.61
C ILE F 391 31.04 57.66 -74.69
N THR F 392 30.21 56.77 -75.20
CA THR F 392 29.20 56.13 -74.36
C THR F 392 29.40 54.63 -74.31
N VAL F 393 29.78 54.13 -73.14
CA VAL F 393 29.83 52.70 -72.94
C VAL F 393 28.39 52.18 -72.95
N MSE F 394 27.94 51.89 -74.17
CA MSE F 394 26.57 51.48 -74.43
C MSE F 394 26.23 50.22 -73.67
O MSE F 394 25.10 50.06 -73.19
CB MSE F 394 26.43 51.20 -75.91
CG MSE F 394 25.36 51.99 -76.62
SE MSE F 394 24.89 50.92 -78.15
CE MSE F 394 24.31 49.29 -77.26
N SER F 395 27.19 49.32 -73.56
CA SER F 395 26.99 48.02 -72.94
C SER F 395 28.30 47.38 -72.46
N SER F 396 28.27 46.74 -71.31
CA SER F 396 29.41 45.98 -70.84
C SER F 396 29.00 44.53 -70.61
N GLU F 397 29.96 43.63 -70.81
CA GLU F 397 29.79 42.22 -70.46
C GLU F 397 31.01 41.72 -69.72
N VAL F 398 30.78 40.85 -68.75
CA VAL F 398 31.87 40.21 -68.03
C VAL F 398 31.74 38.71 -68.26
N LEU F 399 32.52 38.21 -69.21
CA LEU F 399 32.38 36.83 -69.65
C LEU F 399 33.52 35.99 -69.12
N PRO F 400 33.23 35.19 -68.10
CA PRO F 400 34.23 34.34 -67.47
C PRO F 400 34.20 32.96 -68.08
N SER F 401 35.31 32.25 -67.96
CA SER F 401 35.50 30.92 -68.53
C SER F 401 34.80 29.87 -67.69
N THR F 402 33.98 29.05 -68.34
CA THR F 402 33.18 28.09 -67.60
C THR F 402 33.56 26.64 -67.91
N ASN F 403 34.02 25.94 -66.87
CA ASN F 403 34.21 24.48 -66.91
C ASN F 403 33.01 23.78 -66.29
N GLN F 404 32.05 23.37 -67.11
CA GLN F 404 30.97 22.57 -66.56
C GLN F 404 31.58 21.32 -65.97
N GLU F 405 31.17 20.98 -64.76
CA GLU F 405 31.70 19.83 -64.05
C GLU F 405 30.77 18.64 -64.21
N TYR F 406 29.55 18.75 -63.68
CA TYR F 406 28.57 17.70 -63.86
C TYR F 406 27.16 18.23 -63.97
N ILE F 407 26.25 17.31 -64.25
CA ILE F 407 24.83 17.54 -64.15
C ILE F 407 24.38 16.96 -62.83
N THR F 408 23.20 17.35 -62.36
CA THR F 408 22.58 16.67 -61.23
C THR F 408 21.07 16.90 -61.25
N CYS F 409 20.35 15.93 -60.70
CA CYS F 409 18.90 16.03 -60.61
C CYS F 409 18.26 15.02 -59.64
N LYS F 410 16.93 14.97 -59.67
CA LYS F 410 16.22 14.00 -58.85
C LYS F 410 16.54 12.63 -59.41
N PHE F 411 17.16 11.79 -58.60
CA PHE F 411 17.48 10.43 -59.03
C PHE F 411 16.26 9.56 -58.87
N THR F 412 16.31 8.35 -59.44
CA THR F 412 15.28 7.36 -59.23
C THR F 412 15.97 6.11 -58.74
N THR F 413 15.37 5.43 -57.77
CA THR F 413 15.97 4.22 -57.24
C THR F 413 15.33 2.97 -57.87
N VAL F 414 16.15 2.13 -58.48
CA VAL F 414 15.67 0.89 -59.08
C VAL F 414 15.90 -0.28 -58.14
N VAL F 415 14.88 -1.10 -57.96
CA VAL F 415 14.96 -2.24 -57.07
C VAL F 415 14.54 -3.51 -57.77
N PRO F 416 15.52 -4.23 -58.34
CA PRO F 416 15.24 -5.44 -59.10
C PRO F 416 14.84 -6.57 -58.17
N SER F 417 13.91 -7.40 -58.60
CA SER F 417 13.44 -8.53 -57.79
C SER F 417 14.62 -9.28 -57.19
N PRO F 418 14.56 -9.53 -55.88
CA PRO F 418 15.69 -10.12 -55.16
C PRO F 418 15.97 -11.53 -55.64
N LYS F 419 17.25 -11.85 -55.81
CA LYS F 419 17.65 -13.21 -56.14
C LYS F 419 17.77 -14.00 -54.85
N ILE F 420 16.87 -14.96 -54.67
CA ILE F 420 16.88 -15.83 -53.49
C ILE F 420 17.25 -17.26 -53.86
N LYS F 421 18.17 -17.84 -53.07
CA LYS F 421 18.63 -19.19 -53.31
C LYS F 421 18.12 -20.13 -52.23
N CYS F 422 17.24 -21.06 -52.62
CA CYS F 422 16.65 -21.99 -51.67
C CYS F 422 17.69 -22.96 -51.15
N CYS F 423 18.12 -22.73 -49.90
CA CYS F 423 19.00 -23.66 -49.18
C CYS F 423 20.48 -23.50 -49.52
N GLY F 424 20.96 -22.26 -49.58
CA GLY F 424 22.37 -22.03 -49.81
C GLY F 424 22.83 -20.64 -49.41
N SER F 425 24.12 -20.37 -49.59
CA SER F 425 24.71 -19.07 -49.30
C SER F 425 24.87 -18.25 -50.58
N LEU F 426 24.57 -16.96 -50.52
CA LEU F 426 24.62 -16.10 -51.70
C LEU F 426 25.54 -14.91 -51.50
N GLU F 427 26.84 -15.11 -51.57
CA GLU F 427 27.76 -14.01 -51.34
C GLU F 427 27.80 -13.04 -52.51
N CYS F 428 27.12 -11.90 -52.32
CA CYS F 428 26.96 -10.88 -53.36
C CYS F 428 28.28 -10.27 -53.79
N GLN F 429 28.33 -9.86 -55.06
CA GLN F 429 29.56 -9.36 -55.68
C GLN F 429 29.41 -7.92 -56.16
N PRO F 430 30.45 -7.09 -55.95
CA PRO F 430 30.43 -5.69 -56.40
C PRO F 430 30.08 -5.60 -57.88
N ALA F 431 28.82 -5.31 -58.20
CA ALA F 431 28.41 -5.08 -59.59
C ALA F 431 28.50 -3.60 -59.96
N ALA F 432 29.69 -3.17 -60.36
CA ALA F 432 29.99 -1.77 -60.62
C ALA F 432 28.99 -1.06 -61.54
N HIS F 433 28.16 -0.21 -60.94
CA HIS F 433 27.33 0.72 -61.71
C HIS F 433 26.61 1.76 -60.81
N ALA F 434 25.91 2.70 -61.46
CA ALA F 434 25.29 3.88 -60.81
C ALA F 434 25.58 4.09 -59.32
N GLY F 435 24.54 4.00 -58.49
CA GLY F 435 24.70 4.00 -57.05
C GLY F 435 24.36 2.64 -56.47
N TYR F 436 25.15 1.63 -56.84
CA TYR F 436 24.82 0.23 -56.51
C TYR F 436 25.03 -0.07 -55.06
N THR F 437 24.14 -0.88 -54.50
CA THR F 437 24.32 -1.45 -53.16
C THR F 437 23.59 -2.79 -52.99
N CYS F 438 24.28 -3.74 -52.38
CA CYS F 438 23.69 -5.05 -52.10
C CYS F 438 23.86 -5.33 -50.63
N LYS F 439 23.12 -6.33 -50.14
CA LYS F 439 23.41 -6.91 -48.84
C LYS F 439 22.89 -8.33 -48.85
N VAL F 440 23.67 -9.23 -48.25
CA VAL F 440 23.33 -10.62 -48.16
C VAL F 440 22.63 -10.91 -46.84
N PHE F 441 21.38 -11.37 -46.91
CA PHE F 441 20.61 -11.65 -45.71
C PHE F 441 20.35 -13.13 -45.52
N GLY F 442 20.73 -13.66 -44.36
CA GLY F 442 20.65 -15.09 -44.11
C GLY F 442 19.48 -15.51 -43.23
N GLY F 443 19.07 -16.77 -43.40
CA GLY F 443 17.94 -17.30 -42.66
C GLY F 443 16.71 -16.47 -42.95
N VAL F 444 16.43 -16.29 -44.23
CA VAL F 444 15.35 -15.41 -44.65
C VAL F 444 13.98 -16.04 -44.44
N TYR F 445 13.59 -16.91 -45.37
CA TYR F 445 12.25 -17.48 -45.35
C TYR F 445 12.31 -18.91 -44.82
N PRO F 446 11.43 -19.24 -43.86
CA PRO F 446 11.44 -20.62 -43.37
C PRO F 446 10.79 -21.54 -44.40
N PHE F 447 9.64 -21.08 -44.90
CA PHE F 447 8.84 -21.80 -45.90
C PHE F 447 7.39 -21.54 -45.56
N MSE F 448 6.86 -20.44 -46.10
CA MSE F 448 5.51 -20.04 -45.77
C MSE F 448 4.62 -19.97 -47.00
O MSE F 448 5.01 -20.41 -48.08
CB MSE F 448 5.52 -18.70 -45.02
CG MSE F 448 4.84 -18.75 -43.66
SE MSE F 448 4.68 -17.00 -42.84
CE MSE F 448 2.91 -17.23 -42.06
N TRP F 449 3.42 -19.42 -46.83
CA TRP F 449 2.44 -19.33 -47.91
C TRP F 449 2.57 -18.04 -48.71
N GLY F 450 2.87 -18.17 -49.99
CA GLY F 450 2.84 -17.03 -50.90
C GLY F 450 3.82 -15.92 -50.58
N GLY F 451 4.85 -16.25 -49.81
CA GLY F 451 5.97 -15.35 -49.63
C GLY F 451 7.05 -15.83 -50.56
N ALA F 452 7.73 -16.90 -50.15
CA ALA F 452 8.66 -17.60 -51.02
C ALA F 452 8.42 -19.09 -50.81
N GLN F 453 8.41 -19.85 -51.92
CA GLN F 453 8.34 -21.29 -51.81
C GLN F 453 9.76 -21.83 -51.72
N CYS F 454 10.09 -22.44 -50.59
CA CYS F 454 11.42 -23.00 -50.37
C CYS F 454 11.32 -24.17 -49.40
N PHE F 455 12.44 -24.82 -49.11
CA PHE F 455 12.40 -26.07 -48.35
C PHE F 455 13.06 -26.00 -46.97
N CYS F 456 14.21 -25.33 -46.89
CA CYS F 456 14.95 -25.24 -45.64
C CYS F 456 14.53 -24.03 -44.82
N ASP F 457 14.79 -24.05 -43.52
CA ASP F 457 14.39 -22.96 -42.63
C ASP F 457 15.50 -21.94 -42.40
N SER F 458 16.53 -22.36 -41.67
CA SER F 458 17.64 -21.48 -41.32
C SER F 458 18.82 -21.65 -42.27
N GLU F 459 18.58 -22.25 -43.43
CA GLU F 459 19.61 -22.35 -44.46
C GLU F 459 19.19 -21.59 -45.72
N ASN F 460 18.59 -20.42 -45.51
CA ASN F 460 18.14 -19.58 -46.61
C ASN F 460 18.94 -18.29 -46.72
N SER F 461 18.89 -17.66 -47.89
CA SER F 461 19.61 -16.42 -48.12
C SER F 461 19.02 -15.60 -49.26
N GLN F 462 18.82 -14.32 -49.01
CA GLN F 462 18.35 -13.39 -50.03
C GLN F 462 19.40 -12.31 -50.24
N MSE F 463 19.58 -11.91 -51.50
CA MSE F 463 20.47 -10.80 -51.83
C MSE F 463 19.68 -9.58 -52.23
O MSE F 463 19.04 -9.56 -53.29
CB MSE F 463 21.46 -11.18 -52.94
CG MSE F 463 22.47 -10.07 -53.27
SE MSE F 463 23.59 -10.52 -54.79
CE MSE F 463 22.15 -11.19 -55.93
N SER F 464 19.71 -8.56 -51.39
CA SER F 464 18.99 -7.33 -51.66
C SER F 464 19.89 -6.36 -52.41
N GLU F 465 19.54 -6.07 -53.65
CA GLU F 465 20.32 -5.13 -54.46
C GLU F 465 19.44 -4.03 -55.01
N ALA F 466 20.01 -2.82 -55.08
CA ALA F 466 19.30 -1.67 -55.63
C ALA F 466 20.27 -0.55 -56.01
N TYR F 467 19.85 0.28 -56.97
CA TYR F 467 20.70 1.35 -57.48
C TYR F 467 19.87 2.58 -57.84
N VAL F 468 20.55 3.62 -58.34
CA VAL F 468 19.87 4.84 -58.74
C VAL F 468 20.11 5.14 -60.21
N GLU F 469 19.14 5.83 -60.82
CA GLU F 469 19.27 6.32 -62.18
C GLU F 469 18.91 7.80 -62.19
N LEU F 470 18.68 8.35 -63.37
CA LEU F 470 18.17 9.70 -63.47
C LEU F 470 16.67 9.62 -63.54
N SER F 471 15.98 10.68 -63.13
CA SER F 471 14.54 10.65 -63.21
C SER F 471 14.12 10.71 -64.67
N ALA F 472 12.93 10.23 -64.95
CA ALA F 472 12.38 10.25 -66.30
C ALA F 472 12.39 11.68 -66.77
N ASP F 473 12.53 12.60 -65.82
CA ASP F 473 12.40 14.01 -66.11
C ASP F 473 13.66 14.77 -65.75
N CYS F 474 14.72 14.04 -65.40
CA CYS F 474 16.00 14.67 -65.10
C CYS F 474 16.33 15.75 -66.12
N ALA F 475 15.96 15.50 -67.37
CA ALA F 475 16.35 16.37 -68.47
C ALA F 475 15.69 17.74 -68.38
N SER F 476 14.39 17.75 -68.05
CA SER F 476 13.59 18.97 -67.99
C SER F 476 13.88 19.84 -66.75
N ASP F 477 14.39 19.24 -65.68
CA ASP F 477 14.69 19.95 -64.43
C ASP F 477 15.96 19.42 -63.79
N HIS F 478 17.09 20.06 -64.08
CA HIS F 478 18.36 19.69 -63.46
C HIS F 478 19.14 20.95 -63.13
N ALA F 479 20.40 20.77 -62.77
CA ALA F 479 21.25 21.91 -62.47
C ALA F 479 22.59 21.66 -63.08
N GLN F 480 23.49 22.63 -62.99
CA GLN F 480 24.79 22.50 -63.63
C GLN F 480 25.95 22.95 -62.75
N ALA F 481 26.69 21.99 -62.21
CA ALA F 481 27.85 22.31 -61.39
C ALA F 481 28.84 22.92 -62.33
N ILE F 482 29.46 24.03 -61.93
CA ILE F 482 30.27 24.80 -62.85
C ILE F 482 31.34 25.63 -62.16
N LYS F 483 32.60 25.34 -62.47
CA LYS F 483 33.66 26.19 -61.97
C LYS F 483 33.75 27.40 -62.87
N VAL F 484 34.22 28.52 -62.31
CA VAL F 484 34.29 29.76 -63.05
C VAL F 484 35.61 30.46 -62.77
N HIS F 485 36.53 30.40 -63.72
CA HIS F 485 37.77 31.15 -63.55
C HIS F 485 37.75 32.48 -64.33
N THR F 486 38.62 33.40 -63.90
CA THR F 486 38.54 34.80 -64.32
C THR F 486 38.33 35.02 -65.83
N ALA F 487 37.75 36.17 -66.13
CA ALA F 487 37.08 36.38 -67.40
C ALA F 487 37.82 37.27 -68.39
N ALA F 488 37.06 37.71 -69.38
CA ALA F 488 37.40 38.83 -70.22
C ALA F 488 36.13 39.67 -70.23
N MSE F 489 36.26 40.94 -70.59
CA MSE F 489 35.07 41.78 -70.69
C MSE F 489 35.05 42.61 -71.95
O MSE F 489 35.95 43.39 -72.22
CB MSE F 489 34.90 42.67 -69.46
CG MSE F 489 36.15 43.37 -68.98
SE MSE F 489 35.64 44.53 -67.54
CE MSE F 489 34.44 45.60 -68.55
N LYS F 490 34.00 42.40 -72.74
CA LYS F 490 33.76 43.18 -73.95
C LYS F 490 33.00 44.43 -73.55
N VAL F 491 33.00 45.43 -74.43
CA VAL F 491 32.29 46.68 -74.19
C VAL F 491 31.71 47.21 -75.50
N GLY F 492 30.46 47.67 -75.43
CA GLY F 492 29.83 48.35 -76.54
C GLY F 492 30.12 49.84 -76.48
N LEU F 493 31.20 50.26 -77.11
CA LEU F 493 31.62 51.65 -77.09
C LEU F 493 31.04 52.43 -78.26
N ARG F 494 30.41 53.56 -77.98
CA ARG F 494 29.94 54.43 -79.05
C ARG F 494 30.61 55.79 -78.98
N ILE F 495 31.54 56.03 -79.89
CA ILE F 495 32.31 57.26 -79.91
C ILE F 495 31.85 58.21 -81.01
N VAL F 496 31.80 59.50 -80.67
CA VAL F 496 31.46 60.54 -81.63
C VAL F 496 32.57 61.56 -81.71
N TYR F 497 33.02 61.84 -82.92
CA TYR F 497 34.05 62.83 -83.17
C TYR F 497 33.63 63.75 -84.30
N GLY F 498 33.46 65.03 -83.99
CA GLY F 498 32.99 65.98 -84.97
C GLY F 498 31.67 65.56 -85.58
N ASN F 499 31.61 65.59 -86.92
CA ASN F 499 30.37 65.33 -87.65
C ASN F 499 30.02 63.84 -87.79
N THR F 500 30.88 62.97 -87.28
CA THR F 500 30.66 61.52 -87.42
C THR F 500 30.66 60.75 -86.10
N THR F 501 29.77 59.77 -86.01
CA THR F 501 29.64 58.92 -84.82
C THR F 501 29.84 57.46 -85.23
N SER F 502 30.72 56.76 -84.51
CA SER F 502 30.99 55.37 -84.83
C SER F 502 30.88 54.50 -83.59
N PHE F 503 30.81 53.18 -83.79
CA PHE F 503 30.61 52.26 -82.68
C PHE F 503 31.34 50.93 -82.82
N LEU F 504 32.19 50.60 -81.86
CA LEU F 504 32.94 49.37 -81.90
C LEU F 504 32.81 48.60 -80.58
N ASP F 505 32.87 47.28 -80.65
CA ASP F 505 33.02 46.47 -79.44
C ASP F 505 34.49 46.28 -79.16
N VAL F 506 34.87 46.24 -77.91
CA VAL F 506 36.29 46.05 -77.60
C VAL F 506 36.50 45.28 -76.31
N TYR F 507 37.31 44.22 -76.40
CA TYR F 507 37.74 43.52 -75.21
C TYR F 507 38.62 44.43 -74.37
N VAL F 508 38.48 44.35 -73.05
CA VAL F 508 39.22 45.26 -72.18
C VAL F 508 40.53 44.66 -71.65
N ASN F 509 41.56 44.75 -72.48
CA ASN F 509 42.92 44.39 -72.14
C ASN F 509 43.82 45.33 -72.94
N GLY F 510 45.05 45.50 -72.49
CA GLY F 510 45.93 46.46 -73.12
C GLY F 510 46.25 46.19 -74.59
N VAL F 511 45.61 45.18 -75.18
CA VAL F 511 46.02 44.73 -76.51
C VAL F 511 44.96 44.77 -77.61
N THR F 512 44.01 43.84 -77.58
CA THR F 512 43.13 43.65 -78.73
C THR F 512 42.36 44.91 -79.11
N PRO F 513 42.61 45.41 -80.33
CA PRO F 513 41.99 46.62 -80.86
C PRO F 513 40.61 46.33 -81.44
N GLY F 514 39.65 47.21 -81.21
CA GLY F 514 38.31 47.01 -81.71
C GLY F 514 38.27 47.25 -83.21
N THR F 515 38.33 46.17 -83.99
CA THR F 515 38.43 46.28 -85.45
C THR F 515 37.26 47.01 -86.09
N SER F 516 36.98 48.20 -85.58
CA SER F 516 36.15 49.15 -86.27
C SER F 516 36.97 49.62 -87.45
N LYS F 517 36.34 49.68 -88.63
CA LYS F 517 37.10 49.96 -89.85
C LYS F 517 37.79 51.33 -89.79
N ASP F 518 37.03 52.39 -89.54
CA ASP F 518 37.59 53.73 -89.60
C ASP F 518 38.17 54.24 -88.28
N LEU F 519 37.98 53.48 -87.20
CA LEU F 519 38.47 53.92 -85.89
C LEU F 519 39.14 52.81 -85.08
N LYS F 520 40.44 52.97 -84.82
CA LYS F 520 41.19 51.96 -84.09
C LYS F 520 41.19 52.29 -82.61
N VAL F 521 40.40 51.54 -81.84
CA VAL F 521 40.38 51.72 -80.40
C VAL F 521 40.93 50.50 -79.69
N ILE F 522 41.67 50.77 -78.62
CA ILE F 522 42.12 49.75 -77.68
C ILE F 522 41.77 50.21 -76.27
N ALA F 523 41.02 49.36 -75.57
CA ALA F 523 40.58 49.66 -74.20
C ALA F 523 41.50 49.00 -73.18
N GLY F 524 42.32 49.82 -72.53
CA GLY F 524 43.29 49.34 -71.57
C GLY F 524 42.69 48.45 -70.51
N PRO F 525 43.53 47.81 -69.70
CA PRO F 525 43.07 46.89 -68.65
C PRO F 525 42.21 47.63 -67.64
N ILE F 526 41.04 47.09 -67.36
CA ILE F 526 40.12 47.70 -66.40
C ILE F 526 40.82 48.05 -65.10
N SER F 527 40.30 49.05 -64.39
CA SER F 527 40.99 49.61 -63.22
C SER F 527 40.94 48.73 -61.96
N ALA F 528 39.97 47.83 -61.89
CA ALA F 528 39.84 46.91 -60.76
C ALA F 528 39.15 45.62 -61.16
N SER F 529 39.90 44.52 -61.12
CA SER F 529 39.34 43.22 -61.41
C SER F 529 38.21 42.90 -60.44
N PHE F 530 36.98 42.88 -60.93
CA PHE F 530 35.86 42.49 -60.09
C PHE F 530 34.89 41.52 -60.78
N THR F 531 34.40 40.55 -60.01
CA THR F 531 33.46 39.58 -60.53
C THR F 531 32.32 39.35 -59.55
N PRO F 532 31.13 39.07 -60.08
CA PRO F 532 29.95 38.73 -59.28
C PRO F 532 30.03 37.28 -58.80
N PHE F 533 30.86 36.49 -59.47
CA PHE F 533 30.85 35.05 -59.26
C PHE F 533 31.97 34.50 -58.34
N ASP F 534 31.74 33.29 -57.84
CA ASP F 534 32.73 32.56 -57.04
C ASP F 534 33.33 31.47 -57.90
N HIS F 535 34.50 31.00 -57.48
CA HIS F 535 35.18 29.94 -58.19
C HIS F 535 34.20 28.81 -58.61
N LYS F 536 33.19 28.58 -57.78
CA LYS F 536 32.21 27.53 -58.04
C LYS F 536 30.79 28.09 -58.05
N VAL F 537 30.03 27.68 -59.06
CA VAL F 537 28.69 28.22 -59.30
C VAL F 537 27.71 27.14 -59.73
N VAL F 538 26.46 27.26 -59.31
CA VAL F 538 25.43 26.37 -59.82
C VAL F 538 24.50 27.16 -60.69
N ILE F 539 24.06 26.54 -61.78
CA ILE F 539 23.02 27.12 -62.60
C ILE F 539 21.82 26.21 -62.59
N HIS F 540 20.70 26.68 -62.04
CA HIS F 540 19.47 25.90 -62.11
C HIS F 540 18.75 26.15 -63.43
N ARG F 541 17.80 27.07 -63.43
CA ARG F 541 17.04 27.26 -64.66
C ARG F 541 17.65 28.33 -65.54
N GLY F 542 17.37 29.57 -65.25
CA GLY F 542 18.11 30.64 -65.90
C GLY F 542 18.92 31.25 -64.79
N LEU F 543 18.90 30.56 -63.66
CA LEU F 543 19.34 31.18 -62.44
C LEU F 543 20.64 30.60 -61.95
N VAL F 544 21.56 31.48 -61.60
CA VAL F 544 22.86 31.08 -61.12
C VAL F 544 23.00 31.44 -59.66
N TYR F 545 23.57 30.52 -58.89
CA TYR F 545 23.84 30.77 -57.50
C TYR F 545 25.27 30.46 -57.21
N ASN F 546 25.92 31.28 -56.40
CA ASN F 546 27.24 30.94 -55.88
C ASN F 546 27.12 29.86 -54.81
N TYR F 547 27.61 28.67 -55.14
CA TYR F 547 27.41 27.47 -54.32
C TYR F 547 28.61 26.57 -54.44
N ASP F 548 29.18 26.19 -53.30
CA ASP F 548 30.40 25.39 -53.28
C ASP F 548 30.17 23.91 -53.49
N PHE F 549 29.44 23.54 -54.55
CA PHE F 549 29.15 22.14 -54.87
C PHE F 549 30.40 21.26 -54.77
N PRO F 550 30.22 20.00 -54.35
CA PRO F 550 31.39 19.15 -54.13
C PRO F 550 32.05 18.75 -55.46
N GLU F 551 33.35 18.42 -55.41
CA GLU F 551 34.07 18.01 -56.61
C GLU F 551 33.43 16.77 -57.20
N TYR F 552 33.55 16.58 -58.52
CA TYR F 552 33.03 15.37 -59.13
C TYR F 552 33.64 14.19 -58.41
N GLY F 553 32.79 13.26 -57.98
CA GLY F 553 33.25 12.06 -57.31
C GLY F 553 33.43 12.19 -55.82
N ALA F 554 33.28 13.41 -55.30
CA ALA F 554 33.39 13.61 -53.87
C ALA F 554 32.00 13.94 -53.30
N MSE F 555 31.06 13.03 -53.55
CA MSE F 555 29.68 13.29 -53.24
C MSE F 555 29.29 12.93 -51.82
O MSE F 555 29.69 11.89 -51.30
CB MSE F 555 28.78 12.54 -54.21
CG MSE F 555 29.23 12.68 -55.61
SE MSE F 555 29.41 10.93 -56.25
CE MSE F 555 30.34 10.18 -54.75
N LYS F 556 28.51 13.82 -51.22
CA LYS F 556 27.83 13.58 -49.95
C LYS F 556 26.35 13.45 -50.29
N PRO F 557 25.64 12.53 -49.59
CA PRO F 557 24.27 12.14 -49.93
C PRO F 557 23.25 13.06 -49.29
N GLY F 558 22.11 13.24 -49.94
CA GLY F 558 21.13 14.18 -49.45
C GLY F 558 21.52 15.64 -49.62
N ALA F 559 22.82 15.92 -49.70
CA ALA F 559 23.29 17.27 -50.00
C ALA F 559 23.30 17.46 -51.51
N PHE F 560 23.48 18.70 -51.98
CA PHE F 560 23.55 18.97 -53.42
C PHE F 560 24.65 18.17 -54.08
N GLY F 561 24.37 17.67 -55.29
CA GLY F 561 25.35 16.90 -56.02
C GLY F 561 25.46 15.49 -55.48
N ASP F 562 24.40 15.04 -54.81
CA ASP F 562 24.33 13.66 -54.34
C ASP F 562 24.62 12.69 -55.50
N ILE F 563 24.04 12.96 -56.65
CA ILE F 563 24.37 12.18 -57.84
C ILE F 563 24.93 13.11 -58.89
N GLN F 564 25.82 12.58 -59.72
CA GLN F 564 26.54 13.39 -60.69
C GLN F 564 26.56 12.72 -62.05
N ALA F 565 26.83 13.50 -63.09
CA ALA F 565 26.95 13.02 -64.46
C ALA F 565 27.51 14.13 -65.34
N THR F 566 28.49 13.78 -66.16
CA THR F 566 29.08 14.75 -67.09
C THR F 566 28.05 15.26 -68.09
N SER F 567 27.03 14.45 -68.37
CA SER F 567 25.86 14.96 -69.05
C SER F 567 24.60 14.13 -68.89
N LEU F 568 23.56 14.51 -69.64
CA LEU F 568 22.23 13.95 -69.47
C LEU F 568 22.15 12.58 -70.12
N THR F 569 23.08 12.33 -71.03
CA THR F 569 23.17 11.05 -71.71
C THR F 569 23.83 10.04 -70.80
N SER F 570 23.62 10.21 -69.49
CA SER F 570 24.17 9.33 -68.47
C SER F 570 25.61 8.93 -68.76
N LYS F 571 26.46 9.95 -68.89
CA LYS F 571 27.88 9.74 -69.16
C LYS F 571 28.62 9.43 -67.88
N ASP F 572 28.58 8.16 -67.47
CA ASP F 572 29.27 7.75 -66.26
C ASP F 572 28.71 8.47 -65.03
N LEU F 573 27.50 8.12 -64.62
CA LEU F 573 26.89 8.75 -63.46
C LEU F 573 27.25 8.09 -62.15
N ILE F 574 27.80 8.87 -61.24
CA ILE F 574 28.30 8.37 -59.97
C ILE F 574 27.50 8.94 -58.80
N ALA F 575 26.78 8.10 -58.08
CA ALA F 575 25.91 8.60 -57.03
C ALA F 575 26.27 8.06 -55.66
N SER F 576 25.87 8.80 -54.63
CA SER F 576 26.00 8.37 -53.23
C SER F 576 24.75 8.75 -52.47
N THR F 577 23.80 7.81 -52.34
CA THR F 577 22.50 8.16 -51.78
C THR F 577 22.15 7.43 -50.47
N ASP F 578 23.19 7.04 -49.72
CA ASP F 578 23.02 6.35 -48.44
C ASP F 578 21.86 5.35 -48.42
N ILE F 579 21.81 4.45 -49.41
CA ILE F 579 20.78 3.42 -49.40
C ILE F 579 21.11 2.40 -48.34
N ARG F 580 20.07 1.98 -47.62
CA ARG F 580 20.25 0.99 -46.56
C ARG F 580 19.24 -0.15 -46.68
N LEU F 581 19.75 -1.32 -47.05
CA LEU F 581 18.93 -2.51 -47.22
C LEU F 581 18.53 -3.11 -45.88
N LEU F 582 17.31 -3.64 -45.83
CA LEU F 582 16.79 -4.16 -44.56
C LEU F 582 16.42 -5.63 -44.71
N LYS F 583 16.63 -6.40 -43.64
CA LYS F 583 16.24 -7.80 -43.64
C LYS F 583 14.74 -7.89 -43.83
N PRO F 584 14.30 -8.54 -44.92
CA PRO F 584 12.89 -8.69 -45.24
C PRO F 584 12.21 -9.73 -44.36
N SER F 585 11.01 -9.41 -43.87
CA SER F 585 10.26 -10.35 -43.05
C SER F 585 9.54 -11.36 -43.94
N ALA F 586 9.18 -12.50 -43.36
CA ALA F 586 8.75 -13.63 -44.16
C ALA F 586 7.23 -13.80 -44.26
N LYS F 587 6.59 -12.95 -45.03
CA LYS F 587 5.21 -13.21 -45.44
C LYS F 587 5.06 -12.93 -46.93
N ASN F 588 6.03 -12.20 -47.47
CA ASN F 588 6.07 -11.86 -48.89
C ASN F 588 7.49 -11.60 -49.34
N VAL F 589 7.73 -11.69 -50.65
CA VAL F 589 9.03 -11.33 -51.21
C VAL F 589 9.05 -9.86 -51.54
N HIS F 590 9.45 -9.07 -50.55
CA HIS F 590 9.44 -7.62 -50.67
C HIS F 590 10.77 -7.14 -50.13
N VAL F 591 11.54 -6.44 -50.95
CA VAL F 591 12.84 -5.95 -50.52
C VAL F 591 12.78 -4.53 -49.97
N PRO F 592 12.99 -4.41 -48.64
CA PRO F 592 12.89 -3.15 -47.92
C PRO F 592 14.19 -2.38 -47.95
N TYR F 593 14.10 -1.08 -47.74
CA TYR F 593 15.28 -0.24 -47.73
C TYR F 593 14.91 1.17 -47.33
N THR F 594 15.78 1.82 -46.58
CA THR F 594 15.70 3.25 -46.42
C THR F 594 16.66 3.88 -47.42
N GLN F 595 16.74 5.20 -47.39
CA GLN F 595 17.59 5.95 -48.30
C GLN F 595 17.67 7.40 -47.85
N ALA F 596 18.67 8.11 -48.31
CA ALA F 596 18.78 9.53 -48.01
C ALA F 596 17.81 10.31 -48.90
N SER F 597 17.69 11.61 -48.63
CA SER F 597 16.78 12.48 -49.33
C SER F 597 17.42 12.97 -50.62
N SER F 598 16.64 13.56 -51.52
CA SER F 598 17.19 13.99 -52.81
C SER F 598 17.97 15.29 -52.73
N GLY F 599 19.28 15.17 -52.61
CA GLY F 599 20.17 16.31 -52.49
C GLY F 599 19.81 17.44 -53.41
N PHE F 600 19.22 17.10 -54.55
CA PHE F 600 18.75 18.12 -55.48
C PHE F 600 17.56 18.85 -54.89
N GLU F 601 16.42 18.18 -54.87
CA GLU F 601 15.21 18.73 -54.28
C GLU F 601 15.50 19.47 -52.99
N MSE F 602 16.41 18.91 -52.20
CA MSE F 602 16.72 19.52 -50.91
C MSE F 602 17.41 20.85 -51.12
O MSE F 602 17.13 21.83 -50.44
CB MSE F 602 17.57 18.59 -50.06
CG MSE F 602 16.82 17.40 -49.46
SE MSE F 602 16.46 17.64 -47.61
CE MSE F 602 17.84 18.89 -47.17
N TRP F 603 18.32 20.90 -52.09
CA TRP F 603 18.98 22.14 -52.38
C TRP F 603 18.00 23.11 -53.03
N LYS F 604 17.13 22.58 -53.87
CA LYS F 604 16.10 23.42 -54.49
C LYS F 604 15.28 24.17 -53.44
N ASN F 605 14.63 23.45 -52.53
CA ASN F 605 13.85 24.09 -51.45
C ASN F 605 14.71 24.99 -50.57
N ASN F 606 16.00 25.07 -50.90
CA ASN F 606 16.89 25.85 -50.06
C ASN F 606 17.94 26.61 -50.86
N SER F 607 17.76 26.65 -52.19
CA SER F 607 18.56 27.57 -53.00
C SER F 607 18.27 28.97 -52.52
N GLY F 608 19.28 29.83 -52.51
CA GLY F 608 19.05 31.18 -52.04
C GLY F 608 18.26 31.99 -53.06
N ARG F 609 18.26 33.29 -52.85
CA ARG F 609 17.86 34.19 -53.91
C ARG F 609 19.02 34.27 -54.92
N PRO F 610 18.72 34.04 -56.22
CA PRO F 610 19.72 34.03 -57.31
C PRO F 610 20.72 35.20 -57.27
N LEU F 611 21.79 35.04 -58.04
CA LEU F 611 22.80 36.07 -58.11
C LEU F 611 22.23 37.26 -58.86
N GLN F 612 21.35 36.96 -59.82
CA GLN F 612 20.70 37.99 -60.62
C GLN F 612 20.00 38.98 -59.70
N GLU F 613 19.81 38.56 -58.45
CA GLU F 613 19.13 39.40 -57.46
C GLU F 613 20.03 39.86 -56.33
N THR F 614 21.29 39.43 -56.31
CA THR F 614 22.18 39.78 -55.21
C THR F 614 23.47 40.46 -55.67
N ALA F 615 23.70 40.41 -56.98
CA ALA F 615 24.93 40.90 -57.60
C ALA F 615 25.37 42.31 -57.17
N PRO F 616 26.61 42.40 -56.67
CA PRO F 616 27.20 43.54 -55.96
C PRO F 616 27.42 44.83 -56.75
N PHE F 617 27.06 44.91 -58.02
CA PHE F 617 27.25 46.19 -58.71
C PHE F 617 26.14 46.55 -59.66
N GLY F 618 24.96 46.01 -59.42
CA GLY F 618 23.84 46.28 -60.29
C GLY F 618 24.02 45.51 -61.59
N CYS F 619 24.81 44.45 -61.51
CA CYS F 619 25.03 43.55 -62.64
C CYS F 619 23.76 42.81 -62.99
N LYS F 620 23.57 42.55 -64.27
CA LYS F 620 22.40 41.82 -64.73
C LYS F 620 22.81 40.44 -65.25
N ILE F 621 23.20 39.58 -64.32
CA ILE F 621 23.56 38.18 -64.58
C ILE F 621 22.71 37.46 -65.64
N ALA F 622 23.39 36.90 -66.64
CA ALA F 622 22.74 36.23 -67.77
C ALA F 622 23.29 34.83 -68.00
N VAL F 623 22.44 33.95 -68.51
CA VAL F 623 22.84 32.56 -68.61
C VAL F 623 22.54 31.91 -69.93
N ASN F 624 23.59 31.82 -70.73
CA ASN F 624 23.79 30.66 -71.57
C ASN F 624 25.26 30.75 -71.77
N PRO F 625 25.72 31.84 -72.40
CA PRO F 625 27.01 32.33 -71.90
C PRO F 625 26.79 32.86 -70.48
N LEU F 626 27.63 32.43 -69.54
CA LEU F 626 27.56 32.96 -68.20
C LEU F 626 28.17 34.37 -68.27
N ARG F 627 27.44 35.36 -67.82
CA ARG F 627 27.89 36.73 -68.00
C ARG F 627 27.27 37.70 -67.00
N ALA F 628 27.93 38.84 -66.83
CA ALA F 628 27.47 39.89 -65.95
C ALA F 628 27.22 41.18 -66.73
N VAL F 629 26.02 41.25 -67.30
CA VAL F 629 25.61 42.37 -68.15
C VAL F 629 25.52 43.72 -67.41
N ASP F 630 26.11 44.74 -68.01
CA ASP F 630 25.93 46.14 -67.59
C ASP F 630 26.28 46.41 -66.12
N CYS F 631 27.31 45.77 -65.60
CA CYS F 631 27.82 46.14 -64.28
C CYS F 631 28.30 47.60 -64.33
N SER F 632 28.59 48.18 -63.17
CA SER F 632 29.08 49.56 -63.11
C SER F 632 30.11 49.75 -62.02
N TYR F 633 31.39 49.77 -62.40
CA TYR F 633 32.46 49.98 -61.44
C TYR F 633 33.73 50.41 -62.15
N GLY F 634 34.58 51.17 -61.44
CA GLY F 634 35.87 51.57 -61.96
C GLY F 634 35.88 52.30 -63.29
N ASN F 635 37.07 52.73 -63.67
CA ASN F 635 37.23 53.44 -64.94
C ASN F 635 38.00 52.62 -65.95
N ILE F 636 37.68 52.86 -67.23
CA ILE F 636 38.31 52.14 -68.33
C ILE F 636 39.28 53.04 -69.10
N PRO F 637 40.56 52.67 -69.13
CA PRO F 637 41.47 53.43 -69.98
C PRO F 637 41.11 53.16 -71.43
N ILE F 638 41.22 54.18 -72.27
CA ILE F 638 40.90 54.02 -73.69
C ILE F 638 41.83 54.85 -74.55
N SER F 639 42.45 54.22 -75.54
CA SER F 639 43.25 54.94 -76.52
C SER F 639 42.53 54.97 -77.85
N ILE F 640 42.32 56.17 -78.38
CA ILE F 640 41.62 56.35 -79.64
C ILE F 640 42.48 56.91 -80.76
N ASP F 641 42.45 56.26 -81.91
CA ASP F 641 43.18 56.73 -83.08
C ASP F 641 42.20 57.42 -84.02
N ILE F 642 42.04 58.73 -83.87
CA ILE F 642 41.10 59.49 -84.68
C ILE F 642 41.72 59.90 -86.02
N PRO F 643 41.02 59.57 -87.13
CA PRO F 643 41.51 59.87 -88.47
C PRO F 643 41.76 61.36 -88.62
N ASN F 644 42.99 61.72 -88.98
CA ASN F 644 43.33 63.12 -89.15
C ASN F 644 42.33 63.82 -90.04
N ALA F 645 41.71 63.02 -90.93
CA ALA F 645 40.78 63.51 -91.94
C ALA F 645 39.51 64.15 -91.37
N ALA F 646 39.40 64.24 -90.06
CA ALA F 646 38.21 64.85 -89.47
C ALA F 646 38.56 65.99 -88.54
N PHE F 647 39.86 66.27 -88.40
CA PHE F 647 40.31 67.41 -87.60
C PHE F 647 40.34 68.70 -88.40
N ILE F 648 39.82 69.77 -87.81
CA ILE F 648 39.93 71.09 -88.41
C ILE F 648 41.04 71.90 -87.74
N ARG F 649 42.00 72.35 -88.54
CA ARG F 649 43.11 73.17 -88.06
C ARG F 649 42.86 74.67 -88.24
N THR F 650 42.76 75.35 -87.10
CA THR F 650 42.50 76.79 -87.01
C THR F 650 41.96 77.35 -88.31
N SER F 651 40.96 76.72 -88.91
CA SER F 651 40.59 77.18 -90.23
C SER F 651 39.16 77.62 -90.14
N ASP F 652 38.65 77.77 -88.92
CA ASP F 652 37.45 78.58 -88.66
C ASP F 652 37.76 80.07 -88.82
N ALA F 653 37.22 80.66 -89.89
CA ALA F 653 37.46 82.07 -90.23
C ALA F 653 37.13 82.99 -89.08
N PRO F 654 36.09 82.64 -88.31
CA PRO F 654 35.91 83.53 -87.17
C PRO F 654 37.04 83.43 -86.15
N LEU F 655 37.70 84.55 -85.90
CA LEU F 655 38.57 84.69 -84.75
C LEU F 655 37.65 84.86 -83.54
N VAL F 656 37.95 84.19 -82.43
CA VAL F 656 37.10 84.31 -81.24
C VAL F 656 37.87 84.96 -80.10
N SER F 657 37.24 85.92 -79.43
CA SER F 657 37.94 86.68 -78.39
C SER F 657 37.02 87.23 -77.30
N THR F 658 37.57 87.38 -76.10
CA THR F 658 36.91 88.08 -75.00
C THR F 658 35.61 87.43 -74.54
N VAL F 659 35.69 86.17 -74.11
CA VAL F 659 34.51 85.47 -73.62
C VAL F 659 34.30 85.71 -72.12
N LYS F 660 33.04 85.81 -71.72
CA LYS F 660 32.67 85.93 -70.31
C LYS F 660 31.47 85.04 -70.02
N CYS F 661 31.26 84.71 -68.75
CA CYS F 661 30.20 83.77 -68.39
C CYS F 661 29.19 84.36 -67.39
N GLU F 662 27.91 84.25 -67.73
CA GLU F 662 26.83 84.65 -66.83
C GLU F 662 25.81 83.53 -66.69
N VAL F 663 25.40 83.25 -65.45
CA VAL F 663 24.40 82.22 -65.20
C VAL F 663 23.03 82.82 -64.90
N SER F 664 22.05 82.48 -65.73
CA SER F 664 20.68 82.97 -65.56
C SER F 664 19.97 82.26 -64.41
N GLU F 665 19.74 80.96 -64.58
CA GLU F 665 19.08 80.15 -63.55
C GLU F 665 19.90 78.93 -63.19
N CYS F 666 19.55 78.30 -62.06
CA CYS F 666 20.23 77.08 -61.63
C CYS F 666 19.42 76.32 -60.58
N THR F 667 19.47 75.00 -60.68
CA THR F 667 18.89 74.12 -59.66
C THR F 667 19.97 73.13 -59.20
N TYR F 668 19.97 72.80 -57.92
CA TYR F 668 21.01 71.94 -57.37
C TYR F 668 20.67 70.45 -57.50
N SER F 669 21.60 69.68 -58.06
CA SER F 669 21.46 68.23 -58.21
C SER F 669 20.22 67.81 -59.01
N ALA F 670 19.99 68.48 -60.14
CA ALA F 670 18.90 68.08 -61.04
C ALA F 670 19.48 67.51 -62.32
N ASP F 671 18.61 67.10 -63.24
CA ASP F 671 19.07 66.57 -64.51
C ASP F 671 19.83 67.62 -65.31
N PHE F 672 19.14 68.71 -65.64
CA PHE F 672 19.77 69.83 -66.33
C PHE F 672 19.09 71.13 -65.95
N GLY F 673 19.25 71.53 -64.69
CA GLY F 673 18.62 72.73 -64.18
C GLY F 673 19.46 73.98 -64.35
N GLY F 674 20.70 73.80 -64.84
CA GLY F 674 21.60 74.93 -65.03
C GLY F 674 21.34 75.68 -66.32
N MSE F 675 21.45 77.01 -66.25
CA MSE F 675 21.28 77.86 -67.42
C MSE F 675 22.25 79.03 -67.40
O MSE F 675 22.11 79.94 -66.59
CB MSE F 675 19.84 78.38 -67.50
CG MSE F 675 18.98 77.70 -68.56
SE MSE F 675 17.51 78.84 -69.08
CE MSE F 675 16.55 77.62 -70.27
N ALA F 676 23.22 79.02 -68.30
CA ALA F 676 24.21 80.08 -68.39
C ALA F 676 24.31 80.63 -69.81
N THR F 677 24.76 81.88 -69.94
CA THR F 677 24.92 82.52 -71.23
C THR F 677 26.33 83.09 -71.37
N LEU F 678 26.84 83.08 -72.60
CA LEU F 678 28.21 83.51 -72.85
C LEU F 678 28.31 84.64 -73.87
N GLN F 679 28.66 85.84 -73.39
CA GLN F 679 28.87 86.97 -74.27
C GLN F 679 30.31 86.97 -74.77
N TYR F 680 30.53 87.51 -75.97
CA TYR F 680 31.85 87.48 -76.59
C TYR F 680 31.88 88.30 -77.88
N VAL F 681 32.96 88.14 -78.64
CA VAL F 681 33.10 88.80 -79.93
C VAL F 681 33.82 87.87 -80.91
N SER F 682 33.17 87.57 -82.03
CA SER F 682 33.76 86.70 -83.04
C SER F 682 33.85 87.39 -84.40
N ASP F 683 34.93 87.11 -85.14
CA ASP F 683 35.14 87.69 -86.46
C ASP F 683 34.07 87.27 -87.46
N ARG F 684 33.79 85.97 -87.51
CA ARG F 684 32.79 85.43 -88.42
C ARG F 684 31.94 84.34 -87.76
N GLU F 685 31.32 83.50 -88.59
CA GLU F 685 30.51 82.41 -88.08
C GLU F 685 31.24 81.07 -88.16
N GLY F 686 30.88 80.17 -87.25
CA GLY F 686 31.49 78.84 -87.20
C GLY F 686 30.77 77.92 -86.22
N GLN F 687 31.48 76.90 -85.77
CA GLN F 687 30.91 75.94 -84.82
C GLN F 687 31.91 75.59 -83.73
N CYS F 688 31.63 76.04 -82.51
CA CYS F 688 32.52 75.79 -81.37
C CYS F 688 32.11 74.57 -80.55
N PRO F 689 33.10 73.90 -79.96
CA PRO F 689 32.84 72.82 -79.00
C PRO F 689 32.94 73.36 -77.58
N VAL F 690 31.82 73.29 -76.84
CA VAL F 690 31.77 73.76 -75.47
C VAL F 690 31.92 72.61 -74.49
N HIS F 691 32.76 72.81 -73.47
CA HIS F 691 33.07 71.74 -72.53
C HIS F 691 33.58 72.32 -71.21
N SER F 692 33.34 71.62 -70.12
CA SER F 692 33.76 72.09 -68.79
C SER F 692 35.05 71.41 -68.32
N HIS F 693 36.01 72.21 -67.87
CA HIS F 693 37.31 71.68 -67.44
C HIS F 693 37.36 71.46 -65.93
N SER F 694 36.23 71.03 -65.36
CA SER F 694 36.15 70.71 -63.94
C SER F 694 34.92 69.84 -63.68
N SER F 695 35.12 68.73 -62.99
CA SER F 695 34.05 67.76 -62.78
C SER F 695 32.91 68.30 -61.93
N THR F 696 33.12 69.47 -61.33
CA THR F 696 32.09 70.06 -60.48
C THR F 696 30.83 70.39 -61.27
N ALA F 697 30.92 70.27 -62.59
CA ALA F 697 29.80 70.54 -63.48
C ALA F 697 30.05 69.96 -64.87
N THR F 698 28.98 69.60 -65.57
CA THR F 698 29.07 69.10 -66.94
C THR F 698 27.98 69.70 -67.83
N LEU F 699 28.30 69.95 -69.09
CA LEU F 699 27.38 70.61 -70.01
C LEU F 699 26.48 69.61 -70.74
N GLN F 700 25.24 70.01 -71.00
CA GLN F 700 24.30 69.15 -71.69
C GLN F 700 24.65 69.01 -73.16
N GLU F 701 25.21 70.07 -73.73
CA GLU F 701 25.61 70.07 -75.13
C GLU F 701 27.11 70.27 -75.26
N SER F 702 27.69 69.72 -76.33
CA SER F 702 29.13 69.80 -76.53
C SER F 702 29.53 70.71 -77.68
N THR F 703 28.57 71.04 -78.56
CA THR F 703 28.83 71.96 -79.65
C THR F 703 27.85 73.12 -79.64
N VAL F 704 28.27 74.25 -80.22
CA VAL F 704 27.43 75.45 -80.30
C VAL F 704 27.68 76.23 -81.58
N HIS F 705 26.60 76.70 -82.21
CA HIS F 705 26.71 77.49 -83.43
C HIS F 705 26.99 78.95 -83.13
N VAL F 706 28.27 79.30 -83.08
CA VAL F 706 28.69 80.65 -82.77
C VAL F 706 28.33 81.62 -83.89
N LEU F 707 27.56 82.65 -83.53
CA LEU F 707 27.22 83.72 -84.47
C LEU F 707 28.03 84.96 -84.15
N GLU F 708 27.79 86.03 -84.90
CA GLU F 708 28.48 87.29 -84.66
C GLU F 708 27.80 88.07 -83.53
N LYS F 709 26.57 87.68 -83.21
CA LYS F 709 25.79 88.34 -82.15
C LYS F 709 26.59 88.50 -80.87
N GLY F 710 27.32 87.45 -80.49
CA GLY F 710 28.08 87.46 -79.25
C GLY F 710 27.23 87.04 -78.07
N ALA F 711 26.35 86.06 -78.29
CA ALA F 711 25.49 85.54 -77.22
C ALA F 711 25.22 84.06 -77.41
N VAL F 712 25.67 83.25 -76.45
CA VAL F 712 25.49 81.81 -76.51
C VAL F 712 24.86 81.27 -75.24
N THR F 713 23.70 80.65 -75.38
CA THR F 713 22.99 80.06 -74.25
C THR F 713 23.26 78.56 -74.16
N VAL F 714 23.66 78.10 -72.99
CA VAL F 714 23.99 76.68 -72.78
C VAL F 714 23.38 76.13 -71.49
N HIS F 715 23.01 74.86 -71.52
CA HIS F 715 22.44 74.20 -70.34
C HIS F 715 23.47 73.30 -69.68
N PHE F 716 23.46 73.28 -68.35
CA PHE F 716 24.41 72.44 -67.60
C PHE F 716 23.77 71.78 -66.39
N SER F 717 24.51 70.86 -65.77
CA SER F 717 24.03 70.13 -64.60
C SER F 717 25.09 70.05 -63.52
N THR F 718 24.68 70.19 -62.27
CA THR F 718 25.61 70.13 -61.14
C THR F 718 24.96 69.42 -59.95
N ALA F 719 25.62 69.54 -58.80
CA ALA F 719 25.11 68.96 -57.57
C ALA F 719 25.73 69.68 -56.38
N SER F 720 25.74 71.00 -56.45
CA SER F 720 26.38 71.84 -55.44
C SER F 720 25.63 73.15 -55.26
N PRO F 721 25.88 73.85 -54.14
CA PRO F 721 25.19 75.13 -53.89
C PRO F 721 25.86 76.28 -54.63
N GLN F 722 27.13 76.53 -54.33
CA GLN F 722 27.88 77.57 -55.01
C GLN F 722 29.09 76.98 -55.72
N ALA F 723 28.91 76.60 -56.99
CA ALA F 723 29.94 75.90 -57.74
C ALA F 723 30.88 76.83 -58.49
N ASN F 724 32.08 76.33 -58.78
CA ASN F 724 33.09 77.05 -59.53
C ASN F 724 33.68 76.17 -60.63
N PHE F 725 33.33 76.45 -61.88
CA PHE F 725 33.81 75.65 -63.00
C PHE F 725 34.32 76.48 -64.18
N ILE F 726 35.31 75.94 -64.88
CA ILE F 726 35.93 76.62 -66.02
C ILE F 726 35.36 76.10 -67.35
N VAL F 727 34.43 76.85 -67.92
CA VAL F 727 33.85 76.50 -69.21
C VAL F 727 34.73 76.99 -70.35
N SER F 728 34.74 76.24 -71.45
CA SER F 728 35.61 76.57 -72.59
C SER F 728 34.88 76.54 -73.94
N LEU F 729 34.87 77.69 -74.62
CA LEU F 729 34.41 77.76 -76.00
C LEU F 729 35.59 77.52 -76.90
N CYS F 730 35.32 77.31 -78.18
CA CYS F 730 36.37 77.02 -79.17
C CYS F 730 37.75 76.91 -78.54
N GLY F 731 38.46 78.03 -78.47
CA GLY F 731 39.78 78.05 -77.87
C GLY F 731 39.83 78.78 -76.55
N LYS F 732 38.84 79.64 -76.31
CA LYS F 732 38.83 80.50 -75.13
C LYS F 732 38.32 79.77 -73.89
N LYS F 733 38.65 80.31 -72.72
CA LYS F 733 38.18 79.75 -71.45
C LYS F 733 37.72 80.87 -70.52
N THR F 734 36.76 80.57 -69.66
CA THR F 734 36.25 81.54 -68.69
C THR F 734 35.94 80.89 -67.35
N THR F 735 35.19 81.60 -66.51
CA THR F 735 34.75 81.07 -65.23
C THR F 735 33.31 81.51 -64.96
N CYS F 736 32.51 80.61 -64.39
CA CYS F 736 31.11 80.91 -64.13
C CYS F 736 30.77 80.81 -62.65
N ASN F 737 29.66 81.43 -62.24
CA ASN F 737 29.23 81.39 -60.85
C ASN F 737 27.75 81.65 -60.66
N ALA F 738 27.19 81.04 -59.62
CA ALA F 738 25.78 81.19 -59.27
C ALA F 738 25.46 80.35 -58.05
N GLU F 739 24.30 80.60 -57.47
CA GLU F 739 23.84 79.85 -56.30
C GLU F 739 22.64 78.99 -56.68
N CYS F 740 22.63 77.75 -56.22
CA CYS F 740 21.59 76.81 -56.61
C CYS F 740 20.92 76.15 -55.42
C1 NAG G . -20.62 -46.87 49.68
C2 NAG G . -21.82 -45.97 49.41
C3 NAG G . -22.48 -45.38 50.67
C4 NAG G . -22.75 -46.49 51.68
C5 NAG G . -21.46 -47.26 52.00
C6 NAG G . -21.82 -48.73 52.23
C7 NAG G . -20.80 -45.09 47.40
C8 NAG G . -19.86 -44.02 46.92
N2 NAG G . -21.41 -44.87 48.57
O3 NAG G . -23.68 -44.74 50.28
O4 NAG G . -23.29 -46.01 52.92
O5 NAG G . -20.38 -47.12 51.06
O6 NAG G . -23.14 -48.95 51.81
O7 NAG G . -20.98 -46.12 46.74
C1 NAG G . -24.74 -46.01 52.97
C2 NAG G . -25.22 -44.58 53.04
C3 NAG G . -26.73 -44.44 53.09
C4 NAG G . -27.48 -45.36 52.14
C5 NAG G . -26.72 -46.62 51.66
C6 NAG G . -26.92 -46.74 50.14
C7 NAG G . -23.48 -43.52 54.34
C8 NAG G . -22.98 -42.75 53.15
N2 NAG G . -24.71 -44.01 54.26
O3 NAG G . -27.07 -43.10 52.78
O4 NAG G . -28.71 -45.71 52.76
O5 NAG G . -25.31 -46.70 51.88
O6 NAG G . -26.11 -45.79 49.47
O7 NAG G . -22.78 -43.68 55.33
C1 BMA G . -29.76 -44.73 52.50
C2 BMA G . -30.99 -45.43 51.97
C3 BMA G . -32.15 -44.52 51.80
C4 BMA G . -32.38 -43.92 53.23
C5 BMA G . -31.11 -42.97 53.36
C6 BMA G . -31.24 -41.63 54.10
O2 BMA G . -31.28 -46.64 52.65
O3 BMA G . -33.29 -44.80 51.01
O4 BMA G . -33.75 -43.67 53.83
O5 BMA G . -30.02 -43.85 53.63
O6 BMA G . -31.05 -41.85 55.46
C1 MAN G . -34.05 -45.98 51.42
C2 MAN G . -33.54 -47.25 50.76
C3 MAN G . -33.17 -46.86 49.34
C4 MAN G . -34.13 -45.83 48.73
C5 MAN G . -35.24 -45.25 49.63
C6 MAN G . -36.61 -45.35 48.96
O2 MAN G . -34.55 -48.24 50.75
O3 MAN G . -33.10 -48.01 48.53
O4 MAN G . -33.36 -44.70 48.35
O5 MAN G . -35.34 -45.87 50.90
O6 MAN G . -37.23 -46.54 49.43
C1 NAG H . 7.67 -38.93 36.01
C2 NAG H . 7.86 -37.43 35.77
C3 NAG H . 6.64 -36.72 35.18
C4 NAG H . 5.55 -37.61 34.58
C5 NAG H . 5.54 -39.04 35.10
C6 NAG H . 4.61 -39.92 34.27
C7 NAG H . 9.19 -35.81 37.07
C8 NAG H . 9.15 -34.90 38.27
N2 NAG H . 8.24 -36.75 37.00
O3 NAG H . 7.11 -35.82 34.20
O4 NAG H . 4.29 -37.09 34.95
O5 NAG H . 6.86 -39.54 35.03
O6 NAG H . 5.22 -40.19 33.02
O7 NAG H . 10.07 -35.66 36.22
C1 NAG H . 4.18 -35.70 34.59
C2 NAG H . 3.41 -35.66 33.27
C3 NAG H . 3.09 -34.24 32.84
C4 NAG H . 2.43 -33.52 34.01
C5 NAG H . 3.23 -33.63 35.32
C6 NAG H . 2.41 -33.10 36.50
C7 NAG H . 3.71 -37.46 31.67
C8 NAG H . 2.24 -37.54 31.39
N2 NAG H . 4.16 -36.33 32.22
O3 NAG H . 2.23 -34.31 31.72
O4 NAG H . 2.18 -32.17 33.61
O5 NAG H . 3.54 -34.97 35.62
O6 NAG H . 1.98 -31.78 36.28
O7 NAG H . 4.46 -38.39 31.40
C1 BMA H . 0.93 -32.25 32.89
C2 BMA H . -0.24 -31.94 33.72
C3 BMA H . -1.37 -32.76 33.23
C4 BMA H . -1.44 -32.69 31.64
C5 BMA H . -0.02 -32.46 30.93
C6 BMA H . 0.02 -32.32 29.40
O2 BMA H . -0.48 -30.56 33.83
O3 BMA H . -2.58 -32.58 33.94
O4 BMA H . -2.40 -33.66 30.99
O5 BMA H . 0.80 -31.56 31.66
O6 BMA H . 1.25 -31.81 29.03
C1 MAN H . -3.12 -33.76 34.61
C2 MAN H . -3.95 -33.28 35.79
C3 MAN H . -3.02 -32.70 36.84
C4 MAN H . -2.19 -33.86 37.36
C5 MAN H . -1.39 -34.44 36.20
C6 MAN H . -0.74 -35.75 36.63
O2 MAN H . -4.69 -34.36 36.33
O3 MAN H . -3.73 -32.05 37.87
O4 MAN H . -1.34 -33.46 38.40
O5 MAN H . -2.19 -34.74 35.05
O6 MAN H . -1.73 -36.75 36.61
C1 MAN H . 1.23 -30.38 28.92
C2 MAN H . -0.08 -29.92 28.29
C3 MAN H . 0.11 -29.71 26.80
C4 MAN H . 1.08 -28.55 26.60
C5 MAN H . 2.30 -28.68 27.52
C6 MAN H . 2.41 -27.56 28.55
O2 MAN H . -0.50 -28.70 28.89
O3 MAN H . -1.12 -29.40 26.18
O4 MAN H . 1.49 -28.49 25.25
O5 MAN H . 2.34 -29.96 28.13
O6 MAN H . 3.45 -26.68 28.20
C1 NAG I . 6.17 -46.01 14.41
C2 NAG I . 5.57 -47.07 15.32
C3 NAG I . 6.51 -48.24 15.58
C4 NAG I . 7.36 -48.60 14.38
C5 NAG I . 7.87 -47.36 13.68
C6 NAG I . 8.72 -47.74 12.47
C7 NAG I . 4.11 -45.89 16.83
C8 NAG I . 3.97 -45.26 18.18
N2 NAG I . 5.27 -46.47 16.60
O3 NAG I . 5.75 -49.36 16.01
O4 NAG I . 8.46 -49.36 14.80
O5 NAG I . 6.75 -46.62 13.29
O6 NAG I . 8.10 -48.80 11.76
O7 NAG I . 3.20 -45.88 16.00
C1 NAG I . 8.22 -50.78 14.69
C2 NAG I . 9.04 -51.38 15.79
C3 NAG I . 9.37 -52.78 15.34
C4 NAG I . 8.06 -53.52 15.03
C5 NAG I . 6.89 -52.66 14.51
C6 NAG I . 5.56 -53.26 14.98
C7 NAG I . 10.42 -49.93 17.07
C8 NAG I . 11.06 -50.63 18.23
N2 NAG I . 10.26 -50.64 15.96
O3 NAG I . 10.11 -53.38 16.38
O4 NAG I . 8.39 -54.58 14.17
O5 NAG I . 6.94 -51.30 14.91
O6 NAG I . 5.84 -54.38 15.79
O7 NAG I . 10.04 -48.76 17.15
C1 BMA I . 8.54 -55.70 15.07
C2 BMA I . 7.60 -56.78 14.76
C3 BMA I . 7.26 -57.44 16.03
C4 BMA I . 8.50 -57.52 17.04
C5 BMA I . 9.80 -56.62 16.67
C6 BMA I . 11.13 -57.00 17.32
O2 BMA I . 8.04 -57.62 13.71
O3 BMA I . 6.50 -58.62 15.90
O4 BMA I . 8.12 -57.57 18.50
O5 BMA I . 9.83 -56.28 15.28
O6 BMA I . 11.89 -55.87 17.57
C1 MAN I . 5.09 -58.32 15.90
C2 MAN I . 4.28 -59.61 16.08
C3 MAN I . 4.25 -60.44 14.79
C4 MAN I . 3.70 -59.56 13.69
C5 MAN I . 4.61 -58.34 13.54
C6 MAN I . 4.12 -57.46 12.40
O2 MAN I . 2.96 -59.31 16.46
O3 MAN I . 3.42 -61.57 14.93
O4 MAN I . 3.62 -60.29 12.49
O5 MAN I . 4.64 -57.61 14.75
O6 MAN I . 2.85 -56.92 12.72
C1 NAG J . -1.31 -17.25 26.82
C2 NAG J . -1.47 -17.00 28.32
C3 NAG J . -1.85 -18.23 29.14
C4 NAG J . -2.95 -19.09 28.48
C5 NAG J . -2.87 -19.06 26.95
C6 NAG J . -4.20 -19.48 26.34
C7 NAG J . -0.22 -15.25 29.43
C8 NAG J . 1.10 -14.82 29.98
N2 NAG J . -0.24 -16.46 28.89
O3 NAG J . -2.25 -17.79 30.42
O4 NAG J . -2.79 -20.45 28.85
O5 NAG J . -2.52 -17.80 26.39
O6 NAG J . -5.08 -18.37 26.35
O7 NAG J . -1.22 -14.52 29.49
C1 NAG J . -3.67 -21.08 29.86
C2 NAG J . -3.22 -20.92 31.32
C3 NAG J . -3.97 -21.93 32.22
C4 NAG J . -5.42 -22.24 31.79
C5 NAG J . -5.73 -21.97 30.32
C6 NAG J . -7.24 -21.86 30.12
C7 NAG J . -0.93 -20.26 31.94
C8 NAG J . -1.42 -19.42 33.09
N2 NAG J . -1.80 -21.15 31.43
O3 NAG J . -3.96 -21.47 33.57
O4 NAG J . -5.71 -23.62 31.98
O5 NAG J . -5.06 -20.84 29.78
O6 NAG J . -7.83 -21.39 31.31
O7 NAG J . 0.22 -20.13 31.50
C1 BMA J . -6.11 -24.05 33.31
C2 BMA J . -7.59 -23.98 33.43
C3 BMA J . -8.06 -24.46 34.76
C4 BMA J . -7.60 -25.98 34.82
C5 BMA J . -6.00 -25.91 34.78
C6 BMA J . -5.19 -27.10 35.32
O2 BMA J . -8.21 -24.58 32.32
O3 BMA J . -9.30 -24.09 35.36
O4 BMA J . -8.35 -27.03 35.60
O5 BMA J . -5.64 -25.39 33.50
O6 BMA J . -4.53 -27.74 34.28
C1 MAN J . -10.39 -23.69 34.48
C2 MAN J . -11.53 -24.71 34.49
C3 MAN J . -12.44 -24.47 33.30
C4 MAN J . -12.39 -23.00 32.88
C5 MAN J . -10.97 -22.62 32.45
C6 MAN J . -10.67 -21.13 32.66
O2 MAN J . -12.28 -24.57 35.68
O3 MAN J . -13.76 -24.84 33.64
O4 MAN J . -13.27 -22.77 31.81
O5 MAN J . -10.04 -23.43 33.14
O6 MAN J . -9.88 -20.92 33.82
C1 NAG K . -23.11 -13.48 21.45
C2 NAG K . -22.30 -14.09 20.31
C3 NAG K . -21.83 -13.01 19.32
C4 NAG K . -22.97 -12.04 18.95
C5 NAG K . -23.72 -11.62 20.20
C6 NAG K . -24.90 -10.72 19.86
C7 NAG K . -21.18 -16.10 21.07
C8 NAG K . -19.90 -16.68 21.60
N2 NAG K . -21.15 -14.80 20.80
O3 NAG K . -21.29 -13.66 18.18
O4 NAG K . -22.53 -10.87 18.30
O5 NAG K . -24.17 -12.79 20.84
O6 NAG K . -25.72 -11.33 18.88
O7 NAG K . -22.19 -16.79 20.94
C1 NAG K . -21.90 -11.08 17.02
C2 NAG K . -22.75 -11.89 16.03
C3 NAG K . -21.98 -12.10 14.73
C4 NAG K . -21.50 -10.77 14.16
C5 NAG K . -20.80 -9.96 15.27
C6 NAG K . -20.47 -8.56 14.78
C7 NAG K . -24.33 -13.73 16.28
C8 NAG K . -25.31 -12.90 15.51
N2 NAG K . -23.11 -13.22 16.47
O3 NAG K . -22.78 -12.81 13.82
O4 NAG K . -20.62 -10.98 13.07
O5 NAG K . -21.61 -9.84 16.42
O6 NAG K . -21.64 -8.00 14.25
O7 NAG K . -24.64 -14.85 16.71
C1 BMA K . -21.16 -10.62 11.77
C2 BMA K . -22.35 -11.44 11.41
C3 BMA K . -22.69 -11.20 10.00
C4 BMA K . -23.15 -9.69 10.06
C5 BMA K . -21.80 -8.87 10.33
C6 BMA K . -21.68 -7.41 9.86
O2 BMA K . -23.49 -11.29 12.23
O3 BMA K . -23.44 -12.17 9.35
O4 BMA K . -24.32 -9.14 9.28
O5 BMA K . -21.40 -9.20 11.66
O6 BMA K . -21.07 -6.64 10.84
C1 MAN K . -23.21 -12.13 7.94
C2 MAN K . -24.54 -12.01 7.21
C3 MAN K . -25.49 -13.00 7.86
C4 MAN K . -24.88 -14.41 7.85
C5 MAN K . -23.34 -14.50 7.81
C6 MAN K . -22.99 -15.43 6.67
O2 MAN K . -24.39 -12.29 5.84
O3 MAN K . -26.70 -13.04 7.15
O4 MAN K . -25.36 -15.10 8.98
O5 MAN K . -22.63 -13.32 7.50
O6 MAN K . -23.21 -14.74 5.46
C1 NAG L . -10.73 -26.41 48.40
C2 NAG L . -9.36 -27.08 48.55
C3 NAG L . -8.64 -27.21 47.22
C4 NAG L . -9.49 -27.98 46.23
C5 NAG L . -10.97 -27.57 46.24
C6 NAG L . -11.84 -28.77 45.90
C7 NAG L . -8.24 -26.85 50.67
C8 NAG L . -8.85 -26.18 51.86
N2 NAG L . -8.54 -26.32 49.48
O3 NAG L . -7.40 -27.85 47.44
O4 NAG L . -8.95 -27.83 44.92
O5 NAG L . -11.53 -27.10 47.46
O6 NAG L . -12.83 -28.88 46.91
O7 NAG L . -7.49 -27.83 50.78
C1 NAG L . -8.23 -29.02 44.46
C2 NAG L . -8.75 -29.39 43.05
C3 NAG L . -7.79 -30.31 42.32
C4 NAG L . -6.61 -29.40 42.03
C5 NAG L . -5.96 -28.90 43.35
C6 NAG L . -5.39 -27.51 43.15
C7 NAG L . -11.11 -29.05 42.74
C8 NAG L . -10.73 -27.86 41.91
N2 NAG L . -10.12 -29.87 43.09
O3 NAG L . -8.37 -30.80 41.14
O4 NAG L . -5.67 -29.80 41.02
O5 NAG L . -6.81 -28.88 44.50
O6 NAG L . -4.47 -27.50 42.07
O7 NAG L . -12.29 -29.22 43.07
C1 BMA L . -5.21 -31.18 40.88
C2 BMA L . -4.36 -31.70 42.01
C3 BMA L . -3.58 -32.87 41.54
C4 BMA L . -4.58 -33.93 40.92
C5 BMA L . -5.45 -33.16 39.80
C6 BMA L . -6.13 -33.98 38.72
O2 BMA L . -5.06 -31.89 43.23
O3 BMA L . -2.56 -33.43 42.35
O4 BMA L . -4.20 -35.38 40.78
O5 BMA L . -6.18 -32.14 40.47
O6 BMA L . -7.45 -34.17 39.10
C1 MAN L . -1.43 -32.58 42.63
C2 MAN L . -0.23 -33.28 41.97
C3 MAN L . 1.00 -33.28 42.89
C4 MAN L . 1.07 -31.97 43.64
C5 MAN L . -0.11 -31.83 44.58
C6 MAN L . -0.37 -30.37 44.97
O2 MAN L . 0.09 -32.71 40.72
O3 MAN L . 2.16 -33.45 42.11
O4 MAN L . 2.28 -31.91 44.38
O5 MAN L . -1.29 -32.43 44.04
O6 MAN L . -0.75 -29.62 43.84
C1 NAG M . 29.95 18.10 -34.89
C2 NAG M . 30.52 19.38 -35.54
C3 NAG M . 31.59 19.22 -36.64
C4 NAG M . 32.48 18.07 -36.23
C5 NAG M . 31.55 16.87 -36.19
C6 NAG M . 32.34 15.56 -36.24
C7 NAG M . 28.60 20.76 -35.13
C8 NAG M . 27.19 21.05 -35.56
N2 NAG M . 29.40 20.17 -36.01
O3 NAG M . 32.35 20.41 -36.78
O4 NAG M . 33.67 17.69 -36.94
O5 NAG M . 30.78 16.96 -35.01
O6 NAG M . 33.43 15.63 -35.33
O7 NAG M . 28.97 21.05 -33.99
C1 NAG M . 34.33 18.44 -37.99
C2 NAG M . 33.68 18.43 -39.36
C3 NAG M . 34.83 18.45 -40.33
C4 NAG M . 35.83 19.57 -40.02
C5 NAG M . 36.00 19.90 -38.52
C6 NAG M . 36.58 21.31 -38.35
C7 NAG M . 31.76 17.32 -40.28
C8 NAG M . 31.79 17.03 -41.75
N2 NAG M . 32.92 17.23 -39.63
O3 NAG M . 34.31 18.57 -41.62
O4 NAG M . 37.09 19.21 -40.55
O5 NAG M . 34.81 19.75 -37.77
O6 NAG M . 36.42 22.06 -39.52
O7 NAG M . 30.71 17.62 -39.71
C1 BMA M . 37.53 20.21 -41.52
C2 BMA M . 38.74 20.90 -41.00
C3 BMA M . 39.09 22.06 -41.86
C4 BMA M . 39.28 21.48 -43.31
C5 BMA M . 37.89 20.83 -43.73
C6 BMA M . 37.51 20.73 -45.21
O2 BMA M . 39.82 20.03 -40.72
O3 BMA M . 40.04 22.97 -41.35
O4 BMA M . 40.20 22.14 -44.32
O5 BMA M . 37.70 19.71 -42.86
O6 BMA M . 37.76 19.44 -45.66
C1 MAN M . 39.41 23.93 -40.49
C2 MAN M . 40.12 25.27 -40.68
C3 MAN M . 41.59 25.07 -40.35
C4 MAN M . 41.68 24.65 -38.89
C5 MAN M . 40.82 23.42 -38.65
C6 MAN M . 40.76 23.12 -37.16
O2 MAN M . 39.53 26.22 -39.83
O3 MAN M . 42.34 26.25 -40.58
O4 MAN M . 43.02 24.40 -38.53
O5 MAN M . 39.49 23.58 -39.13
O6 MAN M . 39.95 24.07 -36.53
C1 NAG N . -1.36 19.01 -26.03
C2 NAG N . -2.30 19.84 -26.89
C3 NAG N . -1.57 20.79 -27.83
C4 NAG N . -0.64 21.74 -27.07
C5 NAG N . 0.15 21.00 -25.98
C6 NAG N . 0.02 21.71 -24.63
C7 NAG N . -4.32 18.61 -27.38
C8 NAG N . -4.83 17.32 -27.97
N2 NAG N . -3.08 18.94 -27.72
O3 NAG N . -2.55 21.50 -28.54
O4 NAG N . 0.31 22.30 -27.97
O5 NAG N . -0.08 19.60 -25.83
O6 NAG N . -1.34 21.70 -24.25
O7 NAG N . -5.03 19.30 -26.62
C1 NAG N . 0.27 23.74 -28.29
C2 NAG N . -0.90 24.28 -29.12
C3 NAG N . -0.41 25.57 -29.81
C4 NAG N . 0.22 26.54 -28.80
C5 NAG N . 1.07 25.85 -27.71
C6 NAG N . 1.34 26.84 -26.56
C7 NAG N . -2.64 23.31 -30.53
C8 NAG N . -3.60 24.22 -29.81
N2 NAG N . -1.35 23.36 -30.14
O3 NAG N . -1.46 26.21 -30.50
O4 NAG N . 0.98 27.50 -29.51
O5 NAG N . 0.49 24.65 -27.22
O6 NAG N . 0.32 27.80 -26.51
O7 NAG N . -3.04 22.57 -31.42
C1 BMA N . 0.30 28.78 -29.49
C2 BMA N . 1.05 29.82 -28.75
C3 BMA N . 0.13 30.89 -28.33
C4 BMA N . -0.56 31.44 -29.63
C5 BMA N . -1.19 30.19 -30.43
C6 BMA N . -2.28 30.43 -31.48
O2 BMA N . 2.20 30.28 -29.44
O3 BMA N . 0.56 31.82 -27.36
O4 BMA N . -1.20 32.82 -29.62
O5 BMA N . -0.14 29.28 -30.76
O6 BMA N . -1.82 29.93 -32.70
C1 NAG O . -1.88 32.64 -7.79
C2 NAG O . -0.54 31.93 -7.64
C3 NAG O . -0.61 30.72 -6.71
C4 NAG O . -1.46 30.94 -5.48
C5 NAG O . -2.76 31.65 -5.83
C6 NAG O . -3.54 31.98 -4.55
C7 NAG O . 0.65 32.11 -9.72
C8 NAG O . 0.78 31.59 -11.13
N2 NAG O . -0.12 31.40 -8.92
O3 NAG O . 0.71 30.33 -6.36
O4 NAG O . -1.75 29.67 -4.93
O5 NAG O . -2.48 32.84 -6.52
O6 NAG O . -2.71 32.64 -3.63
O7 NAG O . 1.23 33.12 -9.36
C1 NAG O . -1.02 29.45 -3.70
C2 NAG O . -1.18 27.98 -3.40
C3 NAG O . -0.89 27.75 -1.93
C4 NAG O . 0.56 28.17 -1.73
C5 NAG O . 0.95 29.49 -2.42
C6 NAG O . 2.47 29.59 -2.56
C7 NAG O . -2.64 27.08 -5.02
C8 NAG O . -2.05 25.73 -5.31
N2 NAG O . -2.49 27.55 -3.80
O3 NAG O . -1.09 26.39 -1.62
O4 NAG O . 0.87 28.15 -0.35
O5 NAG O . 0.37 29.67 -3.71
O6 NAG O . 2.97 28.33 -2.97
O7 NAG O . -3.21 27.71 -5.92
C1 BMA O . 1.95 27.20 -0.25
C2 BMA O . 2.72 27.25 1.00
C3 BMA O . 4.08 26.76 0.66
C4 BMA O . 3.93 25.33 0.00
C5 BMA O . 2.86 25.42 -1.19
C6 BMA O . 2.83 24.36 -2.29
O2 BMA O . 2.10 26.64 2.11
O3 BMA O . 5.10 26.95 1.60
O4 BMA O . 5.12 24.40 -0.08
O5 BMA O . 1.64 25.85 -0.60
O6 BMA O . 1.58 23.77 -2.30
C1 MAN O . 6.08 27.83 1.04
C2 MAN O . 7.38 27.54 1.77
C3 MAN O . 7.13 27.75 3.26
C4 MAN O . 6.65 29.18 3.48
C5 MAN O . 5.46 29.49 2.57
C6 MAN O . 5.05 30.97 2.66
O2 MAN O . 8.35 28.45 1.33
O3 MAN O . 8.30 27.49 3.99
O4 MAN O . 6.30 29.37 4.83
O5 MAN O . 5.77 29.19 1.22
O6 MAN O . 5.67 31.70 1.62
C1 NAG P . -6.19 39.71 -38.97
C2 NAG P . -5.78 38.99 -40.27
C3 NAG P . -4.63 38.01 -40.10
C4 NAG P . -3.47 38.84 -39.55
C5 NAG P . -3.88 39.30 -38.14
C6 NAG P . -2.78 40.13 -37.49
C7 NAG P . -7.37 38.75 -42.08
C8 NAG P . -8.85 39.03 -42.13
N2 NAG P . -6.90 38.31 -40.90
O3 NAG P . -4.34 37.44 -41.36
O4 NAG P . -2.15 38.27 -39.62
O5 NAG P . -5.07 40.09 -38.17
O6 NAG P . -3.23 41.47 -37.37
O7 NAG P . -6.66 38.92 -43.07
C1 NAG P . -1.83 37.18 -38.70
C2 NAG P . -1.69 35.84 -39.47
C3 NAG P . -0.33 35.15 -39.28
C4 NAG P . 0.66 36.28 -39.46
C5 NAG P . 0.62 37.12 -38.19
C6 NAG P . 1.55 38.32 -38.35
C7 NAG P . -3.55 34.42 -40.17
C8 NAG P . -2.94 34.30 -41.52
N2 NAG P . -2.79 34.92 -39.19
O3 NAG P . -0.14 34.15 -40.25
O4 NAG P . 1.98 35.90 -39.88
O5 NAG P . -0.71 37.54 -37.87
O6 NAG P . 1.66 38.61 -39.73
O7 NAG P . -4.72 34.06 -39.99
C1 BMA P . 2.80 35.01 -39.11
C2 BMA P . 4.20 35.32 -39.53
C3 BMA P . 5.21 34.40 -38.97
C4 BMA P . 5.03 34.55 -37.42
C5 BMA P . 3.53 34.09 -37.11
C6 BMA P . 3.26 33.47 -35.74
O2 BMA P . 4.50 36.68 -39.32
O3 BMA P . 6.55 34.32 -39.40
O4 BMA P . 6.18 34.32 -36.46
O5 BMA P . 2.66 35.07 -37.68
O6 BMA P . 3.25 34.46 -34.78
C1 MAN P . 6.83 34.56 -40.80
C2 MAN P . 8.36 34.59 -40.94
C3 MAN P . 8.82 35.70 -41.85
C4 MAN P . 7.91 35.80 -43.08
C5 MAN P . 6.46 36.06 -42.65
C6 MAN P . 5.43 35.32 -43.51
O2 MAN P . 8.85 33.35 -41.40
O3 MAN P . 10.16 35.45 -42.26
O4 MAN P . 8.34 36.87 -43.89
O5 MAN P . 6.27 35.78 -41.27
O6 MAN P . 5.43 33.93 -43.29
C1 MAN P . 1.99 34.39 -34.11
C2 MAN P . 2.11 34.90 -32.68
C3 MAN P . 0.89 34.47 -31.89
C4 MAN P . -0.25 34.09 -32.84
C5 MAN P . 0.18 32.92 -33.72
C6 MAN P . -0.68 32.81 -34.98
O2 MAN P . 2.20 36.31 -32.69
O3 MAN P . 0.48 35.52 -31.03
O4 MAN P . -1.40 33.75 -32.10
O5 MAN P . 1.54 33.05 -34.09
O6 MAN P . -0.28 31.67 -35.72
C1 NAG Q . 9.45 55.89 -43.31
C2 NAG Q . 8.88 56.46 -42.00
C3 NAG Q . 7.84 57.58 -42.18
C4 NAG Q . 8.32 58.56 -43.25
C5 NAG Q . 8.50 57.79 -44.56
C6 NAG Q . 9.64 58.42 -45.35
C7 NAG Q . 8.74 54.15 -41.10
C8 NAG Q . 7.72 53.08 -41.36
N2 NAG Q . 8.29 55.41 -41.16
O3 NAG Q . 7.55 58.25 -40.96
O4 NAG Q . 7.47 59.67 -43.57
O5 NAG Q . 8.69 56.39 -44.42
O6 NAG Q . 10.35 59.28 -44.49
O7 NAG Q . 9.91 53.87 -40.84
C1 NAG Q . 7.06 60.70 -42.61
C2 NAG Q . 5.55 60.64 -42.38
C3 NAG Q . 5.06 61.99 -41.89
C4 NAG Q . 5.62 61.85 -40.48
C5 NAG Q . 7.17 61.85 -40.50
C6 NAG Q . 7.76 61.71 -39.11
C7 NAG Q . 4.63 58.82 -43.58
C8 NAG Q . 3.76 58.25 -42.50
N2 NAG Q . 4.83 60.14 -43.53
O3 NAG Q . 3.65 62.00 -41.99
O4 NAG Q . 5.06 62.54 -39.34
O5 NAG Q . 7.68 60.80 -41.33
O6 NAG Q . 7.11 62.56 -38.18
O7 NAG Q . 5.14 58.09 -44.42
C1 BMA Q . 4.45 63.87 -39.26
C2 BMA Q . 5.33 65.05 -39.00
C3 BMA Q . 4.70 65.64 -37.80
C4 BMA Q . 3.16 65.91 -38.12
C5 BMA Q . 2.46 64.67 -38.88
C6 BMA Q . 0.93 64.69 -39.02
O2 BMA Q . 5.58 65.92 -40.09
O3 BMA Q . 5.35 66.65 -37.04
O4 BMA Q . 2.39 66.78 -37.14
O5 BMA Q . 3.28 64.24 -39.98
O6 BMA Q . 0.57 64.39 -40.32
C1 MAN Q . 6.47 66.20 -36.25
C2 MAN Q . 6.51 67.05 -34.98
C3 MAN Q . 7.55 68.15 -35.11
C4 MAN Q . 8.92 67.48 -35.20
C5 MAN Q . 8.90 66.33 -36.23
C6 MAN Q . 9.22 64.96 -35.63
O2 MAN Q . 6.81 66.25 -33.85
O3 MAN Q . 7.49 69.02 -34.00
O4 MAN Q . 9.90 68.44 -35.56
O5 MAN Q . 7.68 66.32 -36.98
O6 MAN Q . 8.07 64.23 -35.20
C1 NAG R . 11.71 23.98 -47.25
C2 NAG R . 10.67 23.07 -46.58
C3 NAG R . 9.80 23.88 -45.63
C4 NAG R . 10.74 24.39 -44.54
C5 NAG R . 11.98 25.12 -45.09
C6 NAG R . 13.10 25.02 -44.07
C7 NAG R . 10.00 21.04 -47.72
C8 NAG R . 9.84 20.51 -49.11
N2 NAG R . 9.86 22.35 -47.56
O3 NAG R . 8.75 23.11 -45.10
O4 NAG R . 10.02 25.22 -43.63
O5 NAG R . 12.54 24.61 -46.29
O6 NAG R . 13.00 23.77 -43.42
O7 NAG R . 10.27 20.27 -46.79
C1 NAG R . 9.78 24.58 -42.37
C2 NAG R . 10.42 25.40 -41.25
C3 NAG R . 10.20 24.72 -39.90
C4 NAG R . 8.70 24.68 -39.62
C5 NAG R . 7.83 24.27 -40.83
C6 NAG R . 6.56 25.12 -40.84
C7 NAG R . 12.37 26.85 -41.49
C8 NAG R . 11.86 27.84 -40.49
N2 NAG R . 11.85 25.62 -41.44
O3 NAG R . 10.87 25.48 -38.92
O4 NAG R . 8.41 23.82 -38.52
O5 NAG R . 8.39 24.38 -42.14
O6 NAG R . 5.80 24.91 -39.68
O7 NAG R . 13.25 27.19 -42.30
C1 BMA R . 7.93 24.56 -37.37
C2 BMA R . 8.89 24.51 -36.25
C3 BMA R . 8.25 24.93 -34.99
C4 BMA R . 7.35 26.22 -35.16
C5 BMA R . 6.97 26.60 -36.68
C6 BMA R . 6.77 28.09 -36.94
O2 BMA R . 10.09 25.21 -36.50
O3 BMA R . 9.13 25.04 -33.89
O4 BMA R . 6.32 26.45 -34.08
O5 BMA R . 7.76 25.94 -37.67
O6 BMA R . 8.00 28.66 -37.24
C1 MAN R . 9.19 23.85 -33.10
C2 MAN R . 10.00 24.18 -31.85
C3 MAN R . 11.40 24.64 -32.23
C4 MAN R . 12.05 23.58 -33.12
C5 MAN R . 11.11 23.20 -34.28
C6 MAN R . 11.69 22.06 -35.11
O2 MAN R . 10.10 23.05 -31.01
O3 MAN R . 12.17 24.80 -31.05
O4 MAN R . 13.30 24.06 -33.61
O5 MAN R . 9.84 22.79 -33.78
O6 MAN R . 11.54 20.84 -34.42
C1 MAN R . 7.93 29.45 -38.44
C2 MAN R . 6.72 30.40 -38.33
C3 MAN R . 6.09 30.60 -39.69
C4 MAN R . 7.22 30.71 -40.70
C5 MAN R . 7.76 29.29 -40.86
C6 MAN R . 9.08 29.27 -41.62
O2 MAN R . 7.15 31.63 -37.78
O3 MAN R . 5.26 31.75 -39.75
O4 MAN R . 6.74 31.20 -41.93
O5 MAN R . 7.86 28.64 -39.60
O6 MAN R . 9.06 28.20 -42.54
#